data_8V8J
#
_entry.id   8V8J
#
_cell.length_a   236.940
_cell.length_b   158.480
_cell.length_c   121.600
_cell.angle_alpha   90.000
_cell.angle_beta   112.830
_cell.angle_gamma   90.000
#
_symmetry.space_group_name_H-M   'C 1 2 1'
#
loop_
_entity.id
_entity.type
_entity.pdbx_description
1 polymer 'Phosphatidylinositol 4,5-bisphosphate 3-kinase catalytic subunit alpha isoform'
2 polymer 'Phosphatidylinositol 3-kinase regulatory subunit alpha'
3 non-polymer '2-({(1R)-1-[2-(4,4-dimethylpiperidin-1-yl)-3,6-dimethyl-4-oxo-4H-1-benzopyran-8-yl]ethyl}amino)benzoic acid'
4 non-polymer N-{(3S)-3-(2-methylphenyl)-6-[(oxetan-3-yl)amino]-1-oxo-2,3-dihydro-1H-isoindol-4-yl}-1-benzothiophene-3-carboxamide
5 non-polymer "(2S)-N~1~-[(4P)-2-tert-butyl-4'-methyl[4,5'-bi-1,3-thiazol]-2'-yl]pyrrolidine-1,2-dicarboxamide"
#
loop_
_entity_poly.entity_id
_entity_poly.type
_entity_poly.pdbx_seq_one_letter_code
_entity_poly.pdbx_strand_id
1 'polypeptide(L)'
;AMGSMPPRPSSGELWGIHLMPPRILVECLLPNGMIVTLECLREATLITIKHELFKEARKYPLHQLLQDESSYIFVSVTQE
AEREEFFDETRRLCDLRLFQPFLKVIEPVGNREEKILNREIGFAIGMPVCEFDMVKDPEVQDFRRNILNVCKEAVDLRDL
NSPHSRAMYVYPPNVESSPELPKHIYNKLDKGQIIVVIWVIVSPNNDKQKYTLKINHDCVPEQVIAEAIRKKTRSMLLSS
EQLKLCVLEYQGKYILKVCGCDEYFLEKYPLSQYKYIRSCIMLGRMPNLMLMAKESLYSQLPMDCFTMPSYSRRISTATP
YMNGETSTKSLWVINSALRIKILCATYVNVNIRDIDKIYVRTGIYHGGEPLCDNVNTQRVPCSNPRWNEWLNYDIYIPDL
PRAARLCLSICSVKGRKGAKEEHCPLAWGNINLFDYTDTLVSGKMALNLWPVPHGLEDLLNPIGVTGSNPNKETPCLELE
FDWFSSVVKFPDMSVIEEHANWSVSREAGFSYSHAGLSNRLARDNELRENDKEQLKAISTRDPLSEITEQEKDFLWSHRH
YCVTIPEILPKLLLSVKWNSRDEVAQMYCLVKDWPPIKPEQAMELLDCNYPDPMVRGFAVRCLEKYLTDDKLSQYLIQLV
QVLKYEQYLDNLLVRFLLKKALTNQRIGHFFFWHLKSEMHNKTVSQRFGLLLESYCRACGMYLKHLNRQVEAMEKLINLT
DILKQEKKDETQKVQMKFLVEQMRRPDFMDALQGFLSPLNPAHQLGNLRLEECRIMSSAKRPLWLNWENPDIMSELLFQN
NEIIFKNGDDLRQDMLTLQIIRIMENIWQNQGLDLRMLPYGCLSIGDCVGLIEVVRNSHTIMQIQCKGGLKGALQFNSHT
LHQWLKDKNKGEIYDAAIDLFTRSCAGYCVATFILGIGDRHNSNIMVKDDGQLFHIDFGHFLDHKKKKFGYKRERVPFVL
TQDFLIVISKGAQECTKTREFERFQEMCYKAYLAIRQHANLFINLFSMMLGSGMPELQSFDDIAYIRKTLALDKTEQEAL
EYFMKQMNDARHGGWTTKMDWIFHTIKQHALN
;
A,C
2 'polypeptide(L)'
;MNNNMSLQDAEWYWGDISREEVNEKLRDTADGTFLVRDASTKMHGDYTLTLRKGGNNKLIKIFHRDGKYGFSDPLTFSSV
VELINHYRNESLAQYNPKLDVKLLYPVSKYQQDQVVKEDNIEAVGKKLHEYNTQFQEKSREYDRLYEEYTRTSQEIQMKR
TAIEAFNETIKIFEEQCQTQERYSKEYIEKFKREGNEKEIQRIMHNYDKLKSRISEIIDSRRRLEEDLKKQAAEYREIDK
RMNSIKPDLIQLRKTRDQYLMWLTQKGVRQKKLNEWLGN
;
B,D
#
loop_
_chem_comp.id
_chem_comp.type
_chem_comp.name
_chem_comp.formula
YNZ non-polymer (2S)-N~1~-[(4P)-2-tert-butyl-4'-methyl[4,5'-bi-1,3-thiazol]-2'-yl]pyrrolidine-1,2-dicarboxamide 'C17 H23 N5 O2 S2'
YO4 non-polymer '2-({(1R)-1-[2-(4,4-dimethylpiperidin-1-yl)-3,6-dimethyl-4-oxo-4H-1-benzopyran-8-yl]ethyl}amino)benzoic acid' 'C27 H32 N2 O4'
YOR non-polymer N-{(3S)-3-(2-methylphenyl)-6-[(oxetan-3-yl)amino]-1-oxo-2,3-dihydro-1H-isoindol-4-yl}-1-benzothiophene-3-carboxamide 'C27 H23 N3 O3 S'
#
# COMPACT_ATOMS: atom_id res chain seq x y z
N PRO A 6 -29.25 40.08 -9.44
CA PRO A 6 -29.83 38.79 -9.82
C PRO A 6 -28.79 37.82 -10.34
N PRO A 7 -29.02 36.52 -10.16
CA PRO A 7 -28.08 35.51 -10.68
C PRO A 7 -27.84 35.69 -12.16
N ARG A 8 -26.57 35.75 -12.55
CA ARG A 8 -26.23 35.96 -13.94
C ARG A 8 -26.70 34.79 -14.80
N PRO A 9 -27.05 35.04 -16.06
CA PRO A 9 -27.64 33.98 -16.89
C PRO A 9 -26.64 32.94 -17.38
N SER A 10 -25.51 33.40 -17.90
CA SER A 10 -24.49 32.54 -18.49
C SER A 10 -23.24 32.52 -17.62
N SER A 11 -22.27 31.69 -18.03
CA SER A 11 -20.97 31.61 -17.38
C SER A 11 -19.87 32.34 -18.15
N GLY A 12 -20.25 33.29 -19.01
CA GLY A 12 -19.28 34.02 -19.79
C GLY A 12 -18.49 35.02 -18.98
N GLU A 13 -17.42 35.53 -19.60
CA GLU A 13 -16.55 36.49 -18.93
C GLU A 13 -17.11 37.90 -18.94
N LEU A 14 -17.69 38.32 -20.06
CA LEU A 14 -18.37 39.60 -20.16
C LEU A 14 -19.84 39.38 -20.49
N TRP A 15 -20.63 40.42 -20.33
CA TRP A 15 -22.06 40.34 -20.60
C TRP A 15 -22.27 40.24 -22.11
N GLY A 16 -22.73 39.08 -22.56
CA GLY A 16 -22.95 38.81 -23.96
C GLY A 16 -21.83 38.02 -24.62
N ILE A 17 -20.60 38.21 -24.16
CA ILE A 17 -19.43 37.56 -24.74
C ILE A 17 -19.03 36.39 -23.85
N HIS A 18 -18.87 35.21 -24.46
CA HIS A 18 -18.43 34.04 -23.71
C HIS A 18 -16.96 34.16 -23.30
N LEU A 19 -16.08 34.44 -24.26
CA LEU A 19 -14.64 34.50 -24.05
C LEU A 19 -14.11 35.87 -24.40
N MET A 20 -13.39 36.49 -23.47
CA MET A 20 -12.66 37.70 -23.78
C MET A 20 -11.62 37.43 -24.87
N PRO A 21 -11.44 38.33 -25.82
CA PRO A 21 -10.29 38.25 -26.72
C PRO A 21 -8.99 38.27 -25.92
N PRO A 22 -7.90 37.74 -26.47
CA PRO A 22 -6.64 37.68 -25.69
C PRO A 22 -6.17 39.02 -25.15
N ARG A 23 -6.60 40.14 -25.73
CA ARG A 23 -6.23 41.46 -25.24
C ARG A 23 -7.46 42.34 -25.16
N ILE A 24 -7.74 42.87 -23.97
CA ILE A 24 -8.91 43.67 -23.70
C ILE A 24 -8.50 45.09 -23.35
N LEU A 25 -9.28 46.07 -23.82
CA LEU A 25 -9.10 47.46 -23.43
C LEU A 25 -10.00 47.73 -22.22
N VAL A 26 -9.37 47.96 -21.07
CA VAL A 26 -10.09 48.17 -19.81
C VAL A 26 -10.00 49.64 -19.44
N GLU A 27 -11.16 50.31 -19.34
CA GLU A 27 -11.20 51.70 -18.91
C GLU A 27 -11.08 51.75 -17.38
N CYS A 28 -9.92 52.14 -16.89
CA CYS A 28 -9.64 52.17 -15.47
C CYS A 28 -9.92 53.56 -14.90
N LEU A 29 -10.63 53.60 -13.77
CA LEU A 29 -10.98 54.85 -13.08
C LEU A 29 -10.01 55.04 -11.91
N LEU A 30 -9.05 55.94 -12.08
CA LEU A 30 -8.03 56.17 -11.07
C LEU A 30 -8.62 56.89 -9.85
N PRO A 31 -7.97 56.79 -8.69
CA PRO A 31 -8.52 57.41 -7.48
C PRO A 31 -8.36 58.91 -7.42
N ASN A 32 -7.59 59.52 -8.31
CA ASN A 32 -7.50 60.96 -8.40
C ASN A 32 -8.61 61.57 -9.24
N GLY A 33 -9.43 60.74 -9.89
CA GLY A 33 -10.50 61.21 -10.74
C GLY A 33 -10.21 61.19 -12.22
N MET A 34 -9.15 60.49 -12.64
CA MET A 34 -8.75 60.43 -14.04
C MET A 34 -9.11 59.06 -14.60
N ILE A 35 -9.60 59.05 -15.84
CA ILE A 35 -9.94 57.81 -16.55
C ILE A 35 -8.87 57.57 -17.61
N VAL A 36 -8.18 56.43 -17.51
CA VAL A 36 -7.20 56.01 -18.49
C VAL A 36 -7.61 54.63 -19.01
N THR A 37 -7.42 54.41 -20.31
CA THR A 37 -7.75 53.15 -20.95
C THR A 37 -6.48 52.30 -21.10
N LEU A 38 -6.45 51.15 -20.44
CA LEU A 38 -5.30 50.26 -20.41
C LEU A 38 -5.61 48.96 -21.12
N GLU A 39 -4.75 48.56 -22.04
CA GLU A 39 -4.86 47.27 -22.73
C GLU A 39 -4.31 46.18 -21.82
N CYS A 40 -5.21 45.39 -21.22
CA CYS A 40 -4.83 44.31 -20.33
C CYS A 40 -4.88 42.98 -21.06
N LEU A 41 -4.02 42.05 -20.63
CA LEU A 41 -4.11 40.68 -21.10
C LEU A 41 -5.32 40.00 -20.46
N ARG A 42 -5.94 39.09 -21.23
CA ARG A 42 -7.18 38.46 -20.77
C ARG A 42 -6.96 37.65 -19.49
N GLU A 43 -5.81 37.00 -19.36
CA GLU A 43 -5.53 36.15 -18.21
C GLU A 43 -4.75 36.87 -17.13
N ALA A 44 -4.61 38.19 -17.22
CA ALA A 44 -3.77 38.92 -16.29
C ALA A 44 -4.43 39.00 -14.92
N THR A 45 -3.61 38.87 -13.87
CA THR A 45 -4.10 39.06 -12.52
C THR A 45 -4.32 40.54 -12.24
N LEU A 46 -5.06 40.81 -11.16
CA LEU A 46 -5.28 42.20 -10.76
C LEU A 46 -3.99 42.84 -10.26
N ILE A 47 -3.09 42.04 -9.69
CA ILE A 47 -1.81 42.57 -9.22
C ILE A 47 -1.03 43.16 -10.37
N THR A 48 -0.93 42.43 -11.48
CA THR A 48 -0.21 42.93 -12.65
C THR A 48 -0.97 44.08 -13.30
N ILE A 49 -2.30 43.99 -13.38
CA ILE A 49 -3.10 45.05 -13.99
C ILE A 49 -2.96 46.33 -13.18
N LYS A 50 -3.07 46.24 -11.86
CA LYS A 50 -2.90 47.42 -11.01
C LYS A 50 -1.49 47.99 -11.13
N HIS A 51 -0.49 47.11 -11.26
CA HIS A 51 0.89 47.58 -11.38
C HIS A 51 1.08 48.36 -12.68
N GLU A 52 0.70 47.75 -13.81
CA GLU A 52 0.86 48.41 -15.10
C GLU A 52 -0.07 49.61 -15.24
N LEU A 53 -1.17 49.63 -14.48
CA LEU A 53 -2.05 50.80 -14.48
C LEU A 53 -1.37 52.02 -13.85
N PHE A 54 -0.79 51.83 -12.67
CA PHE A 54 -0.13 52.95 -11.98
C PHE A 54 1.13 53.42 -12.70
N LYS A 55 1.70 52.59 -13.57
CA LYS A 55 2.80 53.06 -14.41
C LYS A 55 2.28 53.93 -15.55
N GLU A 56 1.22 53.49 -16.23
CA GLU A 56 0.58 54.32 -17.25
C GLU A 56 -0.07 55.56 -16.65
N ALA A 57 -0.52 55.48 -15.39
CA ALA A 57 -1.20 56.60 -14.76
C ALA A 57 -0.28 57.79 -14.58
N ARG A 58 1.03 57.55 -14.46
CA ARG A 58 2.00 58.63 -14.29
C ARG A 58 2.08 59.53 -15.52
N LYS A 59 1.64 59.03 -16.69
CA LYS A 59 1.58 59.87 -17.88
C LYS A 59 0.47 60.90 -17.80
N TYR A 60 -0.59 60.61 -17.05
CA TYR A 60 -1.80 61.41 -16.95
C TYR A 60 -1.71 62.42 -15.81
N PRO A 61 -2.52 63.49 -15.87
CA PRO A 61 -2.44 64.51 -14.82
C PRO A 61 -2.82 63.96 -13.45
N LEU A 62 -2.45 64.74 -12.42
CA LEU A 62 -2.78 64.41 -11.03
C LEU A 62 -2.24 63.03 -10.63
N HIS A 63 -1.04 62.72 -11.12
CA HIS A 63 -0.38 61.48 -10.76
C HIS A 63 0.41 61.60 -9.47
N GLN A 64 0.71 62.82 -9.03
CA GLN A 64 1.42 63.01 -7.76
C GLN A 64 0.54 62.65 -6.58
N LEU A 65 -0.78 62.64 -6.76
CA LEU A 65 -1.70 62.24 -5.71
C LEU A 65 -1.78 60.74 -5.53
N LEU A 66 -1.30 59.96 -6.50
CA LEU A 66 -1.42 58.51 -6.41
C LEU A 66 -0.53 57.99 -5.29
N GLN A 67 -1.15 57.26 -4.36
CA GLN A 67 -0.44 56.61 -3.28
C GLN A 67 0.15 55.28 -3.75
N ASP A 68 0.75 54.55 -2.82
CA ASP A 68 1.30 53.24 -3.14
C ASP A 68 0.18 52.33 -3.66
N GLU A 69 0.54 51.44 -4.58
CA GLU A 69 -0.44 50.51 -5.14
C GLU A 69 -1.09 49.67 -4.05
N SER A 70 -0.34 49.36 -2.99
CA SER A 70 -0.87 48.56 -1.89
C SER A 70 -2.10 49.20 -1.25
N SER A 71 -2.15 50.53 -1.22
CA SER A 71 -3.19 51.23 -0.47
C SER A 71 -4.51 51.33 -1.23
N TYR A 72 -4.69 50.58 -2.33
CA TYR A 72 -5.89 50.67 -3.13
C TYR A 72 -6.40 49.28 -3.49
N ILE A 73 -7.69 49.21 -3.79
CA ILE A 73 -8.37 48.00 -4.25
C ILE A 73 -9.21 48.35 -5.46
N PHE A 74 -9.44 47.35 -6.32
CA PHE A 74 -10.26 47.50 -7.51
C PHE A 74 -11.73 47.24 -7.21
N VAL A 75 -12.61 47.95 -7.92
CA VAL A 75 -14.06 47.82 -7.79
C VAL A 75 -14.67 47.87 -9.19
N SER A 76 -15.69 47.05 -9.43
CA SER A 76 -16.40 47.04 -10.70
C SER A 76 -17.78 46.43 -10.49
N VAL A 77 -18.56 46.40 -11.58
CA VAL A 77 -19.92 45.84 -11.57
C VAL A 77 -19.89 44.47 -12.23
N THR A 78 -20.45 43.47 -11.54
CA THR A 78 -20.51 42.12 -12.06
C THR A 78 -21.69 41.96 -13.02
N GLN A 79 -21.78 40.77 -13.63
CA GLN A 79 -22.94 40.43 -14.44
C GLN A 79 -24.20 40.27 -13.61
N GLU A 80 -24.06 40.04 -12.30
CA GLU A 80 -25.19 40.02 -11.38
C GLU A 80 -25.72 41.41 -11.07
N ALA A 81 -25.01 42.45 -11.51
CA ALA A 81 -25.37 43.85 -11.28
C ALA A 81 -25.10 44.29 -9.84
N GLU A 82 -24.12 43.66 -9.19
CA GLU A 82 -23.69 44.08 -7.86
C GLU A 82 -22.32 44.74 -7.97
N ARG A 83 -21.95 45.48 -6.94
CA ARG A 83 -20.66 46.14 -6.86
C ARG A 83 -19.71 45.28 -6.04
N GLU A 84 -18.89 44.50 -6.73
CA GLU A 84 -17.94 43.59 -6.08
C GLU A 84 -16.60 44.29 -5.87
N GLU A 85 -16.17 44.36 -4.61
CA GLU A 85 -14.85 44.87 -4.26
C GLU A 85 -13.86 43.71 -4.28
N PHE A 86 -12.95 43.72 -5.25
CA PHE A 86 -12.02 42.62 -5.50
C PHE A 86 -10.87 42.69 -4.49
N PHE A 87 -11.15 42.18 -3.28
CA PHE A 87 -10.12 42.15 -2.25
C PHE A 87 -9.00 41.19 -2.61
N ASP A 88 -9.34 39.99 -3.08
CA ASP A 88 -8.37 39.01 -3.54
C ASP A 88 -7.84 39.45 -4.91
N GLU A 89 -6.64 40.00 -4.93
CA GLU A 89 -6.05 40.53 -6.15
C GLU A 89 -5.31 39.47 -6.97
N THR A 90 -5.32 38.21 -6.53
CA THR A 90 -4.83 37.13 -7.36
C THR A 90 -5.79 36.86 -8.52
N ARG A 91 -7.09 37.11 -8.31
CA ARG A 91 -8.10 36.81 -9.31
C ARG A 91 -7.79 37.48 -10.64
N ARG A 92 -8.02 36.75 -11.73
CA ARG A 92 -7.72 37.21 -13.07
C ARG A 92 -8.87 38.04 -13.64
N LEU A 93 -8.54 38.87 -14.64
CA LEU A 93 -9.53 39.71 -15.28
C LEU A 93 -10.71 38.90 -15.82
N CYS A 94 -10.43 37.77 -16.47
CA CYS A 94 -11.50 36.97 -17.05
C CYS A 94 -12.36 36.31 -15.98
N ASP A 95 -11.81 36.05 -14.79
CA ASP A 95 -12.54 35.37 -13.74
C ASP A 95 -13.28 36.31 -12.81
N LEU A 96 -13.42 37.59 -13.19
CA LEU A 96 -14.10 38.56 -12.34
C LEU A 96 -15.60 38.62 -12.57
N ARG A 97 -16.09 38.03 -13.67
CA ARG A 97 -17.52 38.03 -14.00
C ARG A 97 -18.04 39.45 -14.23
N LEU A 98 -17.27 40.25 -14.96
CA LEU A 98 -17.60 41.65 -15.17
C LEU A 98 -18.77 41.82 -16.13
N PHE A 99 -19.54 42.89 -15.89
CA PHE A 99 -20.60 43.27 -16.82
C PHE A 99 -20.01 43.91 -18.06
N GLN A 100 -19.24 44.98 -17.88
CA GLN A 100 -18.47 45.63 -18.92
C GLN A 100 -17.05 45.87 -18.44
N PRO A 101 -16.07 45.88 -19.34
CA PRO A 101 -14.66 45.92 -18.90
C PRO A 101 -14.22 47.27 -18.36
N PHE A 102 -14.39 47.48 -17.04
CA PHE A 102 -13.91 48.68 -16.40
C PHE A 102 -13.55 48.34 -14.97
N LEU A 103 -12.62 49.11 -14.39
CA LEU A 103 -12.19 48.93 -13.03
C LEU A 103 -12.06 50.29 -12.37
N LYS A 104 -12.45 50.37 -11.10
CA LYS A 104 -12.35 51.60 -10.33
C LYS A 104 -11.38 51.39 -9.18
N VAL A 105 -10.45 52.32 -9.02
CA VAL A 105 -9.45 52.25 -7.96
C VAL A 105 -9.98 53.06 -6.78
N ILE A 106 -10.26 52.39 -5.66
CA ILE A 106 -10.75 53.05 -4.47
C ILE A 106 -9.91 52.61 -3.27
N GLU A 107 -10.15 53.28 -2.13
CA GLU A 107 -9.56 52.91 -0.85
C GLU A 107 -10.61 52.21 0.01
N PRO A 108 -10.25 51.08 0.63
CA PRO A 108 -11.25 50.26 1.33
C PRO A 108 -11.86 50.98 2.52
N VAL A 109 -13.16 50.78 2.72
CA VAL A 109 -13.90 51.30 3.86
C VAL A 109 -14.62 50.15 4.54
N GLY A 110 -14.83 50.31 5.85
CA GLY A 110 -15.61 49.33 6.61
C GLY A 110 -14.83 48.08 6.97
N ASN A 111 -15.58 47.03 7.28
CA ASN A 111 -15.00 45.78 7.78
C ASN A 111 -14.59 44.90 6.61
N ARG A 112 -13.30 44.59 6.55
CA ARG A 112 -12.75 43.77 5.47
C ARG A 112 -13.19 42.31 5.60
N GLU A 113 -13.29 41.80 6.83
CA GLU A 113 -13.62 40.39 7.02
C GLU A 113 -15.06 40.12 6.60
N GLU A 114 -15.99 40.97 7.00
CA GLU A 114 -17.39 40.77 6.64
C GLU A 114 -17.59 40.89 5.14
N LYS A 115 -16.88 41.82 4.50
CA LYS A 115 -16.96 41.96 3.05
C LYS A 115 -16.52 40.69 2.33
N ILE A 116 -15.45 40.06 2.81
CA ILE A 116 -14.94 38.84 2.18
C ILE A 116 -15.92 37.69 2.37
N LEU A 117 -16.41 37.50 3.60
CA LEU A 117 -17.27 36.36 3.88
C LEU A 117 -18.57 36.41 3.08
N ASN A 118 -19.11 37.61 2.88
CA ASN A 118 -20.37 37.73 2.14
C ASN A 118 -20.16 37.39 0.66
N ARG A 119 -19.03 37.80 0.09
CA ARG A 119 -18.73 37.45 -1.30
C ARG A 119 -18.38 35.97 -1.42
N GLU A 120 -17.79 35.38 -0.38
CA GLU A 120 -17.53 33.94 -0.41
C GLU A 120 -18.83 33.16 -0.35
N ILE A 121 -19.74 33.57 0.52
CA ILE A 121 -21.06 32.94 0.61
C ILE A 121 -21.85 33.20 -0.67
N GLY A 122 -21.84 34.44 -1.16
CA GLY A 122 -22.58 34.77 -2.37
C GLY A 122 -22.11 33.98 -3.59
N PHE A 123 -20.80 33.76 -3.70
CA PHE A 123 -20.28 33.00 -4.82
C PHE A 123 -20.67 31.53 -4.71
N ALA A 124 -20.66 30.98 -3.48
CA ALA A 124 -21.05 29.59 -3.29
C ALA A 124 -22.52 29.37 -3.65
N ILE A 125 -23.41 30.28 -3.23
CA ILE A 125 -24.83 30.13 -3.53
C ILE A 125 -25.08 30.28 -5.02
N GLY A 126 -24.54 31.35 -5.63
CA GLY A 126 -24.88 31.74 -6.97
C GLY A 126 -25.69 33.01 -7.08
N MET A 127 -25.90 33.71 -5.96
CA MET A 127 -26.62 34.97 -5.91
C MET A 127 -26.02 35.77 -4.76
N PRO A 128 -25.87 37.08 -4.89
CA PRO A 128 -25.29 37.88 -3.81
C PRO A 128 -26.19 37.92 -2.59
N VAL A 129 -25.55 38.06 -1.42
CA VAL A 129 -26.28 38.11 -0.15
C VAL A 129 -27.05 39.41 -0.02
N CYS A 130 -26.58 40.48 -0.68
CA CYS A 130 -27.24 41.79 -0.61
C CYS A 130 -28.71 41.72 -1.00
N GLU A 131 -29.08 40.77 -1.87
CA GLU A 131 -30.47 40.67 -2.30
C GLU A 131 -31.37 40.19 -1.17
N PHE A 132 -30.88 39.28 -0.33
CA PHE A 132 -31.67 38.82 0.82
C PHE A 132 -31.91 39.94 1.81
N ASP A 133 -30.94 40.85 1.97
CA ASP A 133 -31.09 41.97 2.89
C ASP A 133 -32.20 42.91 2.46
N MET A 134 -32.48 42.98 1.16
CA MET A 134 -33.50 43.88 0.65
C MET A 134 -34.91 43.29 0.71
N VAL A 135 -35.02 41.98 0.90
CA VAL A 135 -36.34 41.33 0.98
C VAL A 135 -37.03 41.79 2.27
N LYS A 136 -38.19 42.43 2.11
CA LYS A 136 -38.91 42.96 3.27
C LYS A 136 -39.79 41.93 3.95
N ASP A 137 -40.16 40.85 3.25
CA ASP A 137 -40.99 39.77 3.80
C ASP A 137 -40.48 39.38 5.18
N PRO A 138 -41.31 39.55 6.22
CA PRO A 138 -40.81 39.30 7.58
C PRO A 138 -40.51 37.84 7.85
N GLU A 139 -41.20 36.92 7.17
CA GLU A 139 -40.87 35.50 7.31
C GLU A 139 -39.45 35.21 6.86
N VAL A 140 -39.02 35.83 5.77
CA VAL A 140 -37.66 35.64 5.28
C VAL A 140 -36.65 36.13 6.31
N GLN A 141 -36.81 37.37 6.77
CA GLN A 141 -35.85 37.94 7.72
C GLN A 141 -35.89 37.22 9.05
N ASP A 142 -37.05 36.69 9.46
CA ASP A 142 -37.11 35.90 10.68
C ASP A 142 -36.35 34.59 10.53
N PHE A 143 -36.61 33.87 9.43
CA PHE A 143 -35.85 32.66 9.15
C PHE A 143 -34.35 32.91 9.20
N ARG A 144 -33.89 33.95 8.50
CA ARG A 144 -32.47 34.30 8.49
C ARG A 144 -31.94 34.51 9.90
N ARG A 145 -32.67 35.25 10.72
CA ARG A 145 -32.23 35.54 12.08
C ARG A 145 -32.32 34.30 12.97
N ASN A 146 -33.44 33.58 12.89
CA ASN A 146 -33.68 32.47 13.81
C ASN A 146 -32.83 31.25 13.50
N ILE A 147 -32.61 30.97 12.20
CA ILE A 147 -31.94 29.74 11.81
C ILE A 147 -30.52 29.66 12.35
N LEU A 148 -29.93 30.79 12.74
CA LEU A 148 -28.59 30.78 13.30
C LEU A 148 -28.51 30.02 14.62
N ASN A 149 -29.64 29.78 15.28
CA ASN A 149 -29.64 28.91 16.45
C ASN A 149 -29.15 27.52 16.11
N VAL A 150 -29.64 26.96 15.00
CA VAL A 150 -29.20 25.65 14.55
C VAL A 150 -27.72 25.69 14.19
N CYS A 151 -27.27 26.76 13.54
CA CYS A 151 -25.87 26.90 13.18
C CYS A 151 -24.96 26.88 14.41
N LYS A 152 -25.31 27.66 15.43
CA LYS A 152 -24.48 27.71 16.63
C LYS A 152 -24.51 26.38 17.38
N GLU A 153 -25.69 25.75 17.48
CA GLU A 153 -25.79 24.44 18.11
C GLU A 153 -24.84 23.44 17.46
N ALA A 154 -24.85 23.38 16.13
CA ALA A 154 -24.01 22.42 15.42
C ALA A 154 -22.53 22.76 15.60
N VAL A 155 -22.17 24.05 15.53
CA VAL A 155 -20.77 24.45 15.68
C VAL A 155 -20.28 24.11 17.09
N ASP A 156 -21.15 24.25 18.09
CA ASP A 156 -20.76 23.90 19.45
C ASP A 156 -20.49 22.41 19.59
N LEU A 157 -21.27 21.58 18.90
CA LEU A 157 -21.00 20.15 18.90
C LEU A 157 -19.71 19.84 18.13
N ARG A 158 -19.46 20.57 17.05
CA ARG A 158 -18.20 20.42 16.32
C ARG A 158 -17.01 20.72 17.21
N ASP A 159 -17.10 21.79 17.99
CA ASP A 159 -16.02 22.21 18.88
C ASP A 159 -16.25 21.77 20.31
N LEU A 160 -16.88 20.61 20.50
CA LEU A 160 -17.14 20.07 21.83
C LEU A 160 -15.92 19.28 22.32
N ASN A 161 -15.56 18.22 21.59
CA ASN A 161 -14.28 17.55 21.82
C ASN A 161 -13.31 18.20 20.85
N SER A 162 -12.66 19.26 21.33
CA SER A 162 -12.01 20.30 20.52
C SER A 162 -11.25 19.79 19.29
N PRO A 163 -10.18 18.98 19.41
CA PRO A 163 -9.49 18.56 18.19
C PRO A 163 -10.18 17.40 17.48
N HIS A 164 -10.62 16.40 18.24
CA HIS A 164 -11.12 15.17 17.64
C HIS A 164 -12.46 15.36 16.96
N SER A 165 -13.39 16.05 17.62
CA SER A 165 -14.73 16.25 17.06
C SER A 165 -14.67 17.04 15.75
N ARG A 166 -13.70 17.94 15.61
CA ARG A 166 -13.54 18.67 14.35
C ARG A 166 -13.06 17.76 13.24
N ALA A 167 -12.20 16.78 13.57
CA ALA A 167 -11.77 15.81 12.57
C ALA A 167 -12.93 14.90 12.18
N MET A 168 -13.77 14.52 13.16
CA MET A 168 -14.95 13.72 12.86
C MET A 168 -15.90 14.47 11.93
N TYR A 169 -15.96 15.79 12.06
CA TYR A 169 -16.81 16.59 11.18
C TYR A 169 -16.31 16.54 9.74
N VAL A 170 -15.02 16.78 9.54
CA VAL A 170 -14.47 16.82 8.18
C VAL A 170 -14.37 15.42 7.60
N TYR A 171 -13.93 14.44 8.40
CA TYR A 171 -13.70 13.07 7.94
C TYR A 171 -14.57 12.10 8.75
N PRO A 172 -15.87 12.05 8.49
CA PRO A 172 -16.74 11.16 9.24
C PRO A 172 -16.52 9.71 8.83
N PRO A 173 -16.62 8.76 9.76
CA PRO A 173 -16.34 7.36 9.43
C PRO A 173 -17.36 6.78 8.45
N ASN A 174 -16.89 6.43 7.26
CA ASN A 174 -17.74 5.82 6.23
C ASN A 174 -17.98 4.37 6.60
N VAL A 175 -19.11 4.10 7.27
CA VAL A 175 -19.40 2.77 7.80
C VAL A 175 -20.80 2.35 7.39
N GLU A 176 -21.04 1.04 7.46
CA GLU A 176 -22.38 0.50 7.29
C GLU A 176 -23.21 0.74 8.55
N SER A 177 -24.53 0.59 8.40
CA SER A 177 -25.43 0.90 9.50
C SER A 177 -25.29 -0.09 10.65
N SER A 178 -25.12 -1.38 10.34
CA SER A 178 -25.03 -2.38 11.39
C SER A 178 -23.72 -3.16 11.29
N PRO A 179 -23.11 -3.54 12.42
CA PRO A 179 -21.88 -4.32 12.35
C PRO A 179 -22.08 -5.78 11.92
N GLU A 180 -23.31 -6.29 11.99
CA GLU A 180 -23.60 -7.65 11.57
C GLU A 180 -23.15 -7.91 10.14
N LEU A 181 -22.49 -9.05 9.93
CA LEU A 181 -21.95 -9.43 8.63
C LEU A 181 -22.83 -10.46 7.97
N PRO A 182 -23.33 -10.21 6.75
CA PRO A 182 -24.11 -11.23 6.04
C PRO A 182 -23.39 -12.57 5.98
N LYS A 183 -24.17 -13.64 5.88
CA LYS A 183 -23.64 -15.00 6.00
C LYS A 183 -22.53 -15.28 5.00
N HIS A 184 -22.72 -14.87 3.74
CA HIS A 184 -21.73 -15.15 2.70
C HIS A 184 -20.48 -14.30 2.82
N ILE A 185 -20.53 -13.19 3.55
CA ILE A 185 -19.34 -12.35 3.73
C ILE A 185 -18.44 -12.90 4.82
N TYR A 186 -19.04 -13.42 5.91
CA TYR A 186 -18.24 -14.03 6.97
C TYR A 186 -17.48 -15.24 6.45
N ASN A 187 -18.03 -15.93 5.45
CA ASN A 187 -17.36 -17.11 4.90
C ASN A 187 -16.11 -16.73 4.11
N LYS A 188 -16.07 -15.51 3.57
CA LYS A 188 -14.94 -15.10 2.74
C LYS A 188 -13.66 -14.89 3.57
N LEU A 189 -13.79 -14.44 4.80
CA LEU A 189 -12.63 -14.22 5.66
C LEU A 189 -12.23 -15.51 6.37
N ASP A 190 -10.96 -15.56 6.79
CA ASP A 190 -10.35 -16.79 7.29
C ASP A 190 -10.67 -16.93 8.78
N LYS A 191 -11.70 -17.71 9.09
CA LYS A 191 -12.05 -18.09 10.46
C LYS A 191 -12.06 -16.88 11.40
N GLY A 192 -12.80 -15.85 11.00
CA GLY A 192 -13.01 -14.69 11.85
C GLY A 192 -11.93 -13.64 11.83
N GLN A 193 -10.99 -13.68 10.88
CA GLN A 193 -9.94 -12.67 10.84
C GLN A 193 -9.55 -12.39 9.39
N ILE A 194 -9.01 -11.18 9.17
CA ILE A 194 -8.69 -10.68 7.84
C ILE A 194 -7.23 -10.21 7.80
N ILE A 195 -6.61 -10.33 6.63
CA ILE A 195 -5.25 -9.87 6.41
C ILE A 195 -5.30 -8.40 6.00
N VAL A 196 -4.47 -7.58 6.65
CA VAL A 196 -4.49 -6.12 6.46
C VAL A 196 -3.05 -5.62 6.41
N VAL A 197 -2.79 -4.62 5.57
CA VAL A 197 -1.46 -4.06 5.36
C VAL A 197 -1.45 -2.60 5.81
N ILE A 198 -0.61 -2.29 6.80
CA ILE A 198 -0.41 -0.92 7.28
C ILE A 198 0.87 -0.37 6.65
N TRP A 199 0.79 0.87 6.15
CA TRP A 199 1.91 1.53 5.47
C TRP A 199 2.37 2.75 6.27
N VAL A 200 3.65 3.10 6.13
CA VAL A 200 4.27 4.22 6.84
C VAL A 200 5.18 4.97 5.88
N ILE A 201 5.08 6.30 5.89
CA ILE A 201 5.94 7.18 5.08
C ILE A 201 7.17 7.55 5.90
N VAL A 202 8.35 7.11 5.45
CA VAL A 202 9.54 7.22 6.29
C VAL A 202 10.15 8.63 6.24
N SER A 203 10.15 9.29 5.08
CA SER A 203 10.81 10.57 4.92
C SER A 203 9.95 11.48 4.07
N PRO A 204 10.21 12.79 4.09
CA PRO A 204 9.48 13.68 3.17
C PRO A 204 9.70 13.32 1.71
N ASN A 205 10.89 12.86 1.34
CA ASN A 205 11.12 12.25 0.03
C ASN A 205 10.42 10.89 0.06
N ASN A 206 9.09 10.94 -0.01
CA ASN A 206 8.15 9.82 0.14
C ASN A 206 8.64 8.44 -0.30
N ASP A 207 9.02 7.60 0.65
CA ASP A 207 9.09 6.15 0.46
C ASP A 207 8.37 5.46 1.62
N LYS A 208 8.04 4.18 1.44
CA LYS A 208 7.06 3.51 2.27
C LYS A 208 7.60 2.23 2.89
N GLN A 209 7.03 1.87 4.05
CA GLN A 209 7.32 0.63 4.76
C GLN A 209 6.03 -0.14 4.96
N LYS A 210 6.07 -1.46 4.77
CA LYS A 210 4.91 -2.32 4.91
C LYS A 210 4.84 -2.95 6.29
N TYR A 211 3.62 -3.24 6.73
CA TYR A 211 3.39 -4.00 7.98
C TYR A 211 2.13 -4.85 7.77
N THR A 212 2.33 -6.03 7.19
CA THR A 212 1.21 -6.93 6.93
C THR A 212 0.76 -7.59 8.23
N LEU A 213 -0.50 -7.41 8.58
CA LEU A 213 -1.06 -7.93 9.82
C LEU A 213 -2.20 -8.90 9.50
N LYS A 214 -2.50 -9.76 10.48
CA LYS A 214 -3.65 -10.65 10.45
C LYS A 214 -4.47 -10.37 11.70
N ILE A 215 -5.64 -9.76 11.51
CA ILE A 215 -6.40 -9.18 12.62
C ILE A 215 -7.84 -9.67 12.56
N ASN A 216 -8.47 -9.76 13.73
CA ASN A 216 -9.89 -10.04 13.80
C ASN A 216 -10.67 -8.94 13.09
N HIS A 217 -11.69 -9.33 12.32
CA HIS A 217 -12.43 -8.35 11.52
C HIS A 217 -13.16 -7.34 12.39
N ASP A 218 -13.54 -7.72 13.61
CA ASP A 218 -14.26 -6.82 14.50
C ASP A 218 -13.33 -6.01 15.41
N CYS A 219 -12.06 -5.91 15.06
CA CYS A 219 -11.16 -5.04 15.81
C CYS A 219 -11.44 -3.58 15.49
N VAL A 220 -11.21 -2.73 16.48
CA VAL A 220 -11.39 -1.28 16.33
C VAL A 220 -10.08 -0.70 15.79
N PRO A 221 -10.11 0.46 15.13
CA PRO A 221 -8.88 1.02 14.56
C PRO A 221 -7.74 1.15 15.55
N GLU A 222 -8.05 1.48 16.81
CA GLU A 222 -6.99 1.57 17.83
C GLU A 222 -6.32 0.22 18.04
N GLN A 223 -7.11 -0.87 18.02
CA GLN A 223 -6.53 -2.20 18.17
C GLN A 223 -5.71 -2.58 16.95
N VAL A 224 -6.10 -2.11 15.75
CA VAL A 224 -5.30 -2.37 14.55
C VAL A 224 -3.95 -1.69 14.67
N ILE A 225 -3.93 -0.44 15.16
CA ILE A 225 -2.67 0.27 15.35
C ILE A 225 -1.81 -0.45 16.38
N ALA A 226 -2.43 -0.92 17.47
CA ALA A 226 -1.69 -1.66 18.49
C ALA A 226 -0.98 -2.87 17.90
N GLU A 227 -1.65 -3.60 17.01
CA GLU A 227 -1.02 -4.76 16.38
C GLU A 227 0.12 -4.35 15.46
N ALA A 228 0.01 -3.19 14.79
CA ALA A 228 1.12 -2.71 13.97
C ALA A 228 2.29 -2.30 14.85
N ILE A 229 2.03 -1.64 15.98
CA ILE A 229 3.08 -1.29 16.92
C ILE A 229 3.74 -2.54 17.47
N ARG A 230 2.93 -3.52 17.87
CA ARG A 230 3.45 -4.78 18.39
C ARG A 230 4.43 -5.42 17.41
N LYS A 231 4.09 -5.42 16.12
CA LYS A 231 4.96 -6.05 15.13
C LYS A 231 6.31 -5.34 15.04
N LYS A 232 6.30 -4.01 15.13
CA LYS A 232 7.55 -3.25 15.05
C LYS A 232 8.35 -3.39 16.33
N THR A 233 7.70 -3.19 17.49
CA THR A 233 8.39 -3.29 18.77
C THR A 233 8.82 -4.71 19.10
N ARG A 234 8.15 -5.72 18.51
CA ARG A 234 8.58 -7.09 18.70
C ARG A 234 10.04 -7.30 18.31
N SER A 235 10.44 -6.72 17.16
CA SER A 235 11.79 -6.91 16.66
C SER A 235 12.84 -6.12 17.44
N MET A 236 12.45 -5.45 18.52
CA MET A 236 13.37 -4.61 19.28
C MET A 236 13.50 -5.13 20.70
N LEU A 237 14.59 -4.74 21.35
CA LEU A 237 14.92 -5.24 22.68
C LEU A 237 14.03 -4.61 23.75
N LEU A 238 12.92 -5.28 24.08
CA LEU A 238 11.97 -4.79 25.06
C LEU A 238 11.47 -5.95 25.91
N SER A 239 11.19 -5.66 27.17
CA SER A 239 10.59 -6.63 28.06
C SER A 239 9.09 -6.71 27.82
N SER A 240 8.47 -7.75 28.39
CA SER A 240 7.03 -7.90 28.24
C SER A 240 6.28 -6.68 28.75
N GLU A 241 6.77 -6.08 29.84
CA GLU A 241 6.14 -4.86 30.34
C GLU A 241 6.42 -3.67 29.43
N GLN A 242 7.62 -3.61 28.84
CA GLN A 242 7.94 -2.51 27.95
C GLN A 242 7.18 -2.62 26.62
N LEU A 243 7.08 -3.83 26.08
CA LEU A 243 6.23 -4.05 24.90
C LEU A 243 4.79 -3.68 25.20
N LYS A 244 4.31 -4.03 26.40
CA LYS A 244 2.97 -3.66 26.82
C LYS A 244 2.80 -2.15 26.91
N LEU A 245 3.80 -1.47 27.48
CA LEU A 245 3.68 -0.01 27.66
C LEU A 245 3.74 0.72 26.33
N CYS A 246 4.59 0.25 25.41
CA CYS A 246 4.68 0.91 24.10
C CYS A 246 3.36 0.90 23.36
N VAL A 247 2.56 -0.15 23.53
CA VAL A 247 1.24 -0.19 22.92
C VAL A 247 0.30 0.77 23.64
N LEU A 248 0.18 0.63 24.96
CA LEU A 248 -0.74 1.46 25.74
C LEU A 248 -0.49 2.94 25.49
N GLU A 249 0.76 3.37 25.54
CA GLU A 249 1.09 4.79 25.49
C GLU A 249 1.14 5.33 24.06
N TYR A 250 1.05 4.47 23.04
CA TYR A 250 1.08 4.95 21.67
C TYR A 250 -0.10 4.46 20.83
N GLN A 251 -1.06 3.74 21.43
CA GLN A 251 -2.27 3.38 20.71
C GLN A 251 -2.98 4.63 20.19
N GLY A 252 -3.26 5.58 21.08
CA GLY A 252 -4.03 6.76 20.79
C GLY A 252 -3.25 7.94 20.25
N LYS A 253 -1.99 7.74 19.88
CA LYS A 253 -1.21 8.81 19.27
C LYS A 253 -1.21 8.74 17.75
N TYR A 254 -1.75 7.68 17.16
CA TYR A 254 -1.77 7.48 15.72
C TYR A 254 -3.21 7.43 15.21
N ILE A 255 -3.34 7.30 13.88
CA ILE A 255 -4.64 7.31 13.23
C ILE A 255 -4.47 6.65 11.87
N LEU A 256 -5.52 5.97 11.42
CA LEU A 256 -5.50 5.22 10.17
C LEU A 256 -6.24 5.96 9.06
N LYS A 257 -5.90 5.60 7.83
CA LYS A 257 -6.44 6.29 6.66
C LYS A 257 -6.36 5.36 5.46
N VAL A 258 -7.39 5.39 4.61
CA VAL A 258 -7.42 4.57 3.40
C VAL A 258 -6.37 5.07 2.42
N CYS A 259 -5.49 4.18 1.98
CA CYS A 259 -4.45 4.54 1.01
C CYS A 259 -5.08 4.93 -0.32
N GLY A 260 -4.86 6.17 -0.74
CA GLY A 260 -5.28 6.64 -2.05
C GLY A 260 -6.49 7.55 -2.06
N CYS A 261 -7.01 7.96 -0.90
CA CYS A 261 -8.13 8.89 -0.83
C CYS A 261 -8.22 9.40 0.60
N ASP A 262 -9.14 10.35 0.83
CA ASP A 262 -9.28 10.99 2.13
C ASP A 262 -10.46 10.39 2.89
N GLU A 263 -10.25 9.17 3.37
CA GLU A 263 -11.21 8.47 4.23
C GLU A 263 -10.46 7.93 5.44
N TYR A 264 -10.84 8.40 6.62
CA TYR A 264 -10.13 8.11 7.86
C TYR A 264 -10.97 7.22 8.78
N PHE A 265 -10.27 6.44 9.61
CA PHE A 265 -10.91 5.56 10.59
C PHE A 265 -10.81 6.24 11.96
N LEU A 266 -11.67 7.24 12.17
CA LEU A 266 -11.59 8.02 13.39
C LEU A 266 -12.38 7.38 14.54
N GLU A 267 -13.55 6.83 14.26
CA GLU A 267 -14.39 6.32 15.33
C GLU A 267 -14.03 4.86 15.63
N LYS A 268 -14.44 4.40 16.81
CA LYS A 268 -14.05 3.09 17.32
C LYS A 268 -14.90 1.93 16.77
N TYR A 269 -15.57 2.12 15.62
CA TYR A 269 -16.35 1.05 15.02
C TYR A 269 -15.46 -0.16 14.73
N PRO A 270 -16.06 -1.35 14.66
CA PRO A 270 -15.32 -2.51 14.16
C PRO A 270 -14.82 -2.24 12.74
N LEU A 271 -13.61 -2.73 12.45
CA LEU A 271 -13.01 -2.47 11.15
C LEU A 271 -13.86 -3.02 10.00
N SER A 272 -14.55 -4.15 10.24
CA SER A 272 -15.38 -4.73 9.19
C SER A 272 -16.57 -3.85 8.87
N GLN A 273 -17.04 -3.05 9.83
CA GLN A 273 -18.18 -2.17 9.57
C GLN A 273 -17.83 -1.04 8.62
N TYR A 274 -16.56 -0.64 8.58
CA TYR A 274 -16.13 0.35 7.60
C TYR A 274 -16.30 -0.19 6.20
N LYS A 275 -16.84 0.67 5.32
CA LYS A 275 -17.23 0.22 3.98
C LYS A 275 -16.03 -0.22 3.16
N TYR A 276 -14.89 0.47 3.30
CA TYR A 276 -13.71 0.10 2.53
C TYR A 276 -13.25 -1.32 2.84
N ILE A 277 -13.24 -1.69 4.13
CA ILE A 277 -12.78 -3.03 4.49
C ILE A 277 -13.79 -4.08 4.05
N ARG A 278 -15.08 -3.82 4.30
CA ARG A 278 -16.12 -4.77 3.90
C ARG A 278 -16.12 -4.96 2.39
N SER A 279 -15.96 -3.88 1.63
CA SER A 279 -15.79 -3.99 0.19
C SER A 279 -14.59 -4.86 -0.16
N CYS A 280 -13.46 -4.62 0.52
CA CYS A 280 -12.28 -5.44 0.30
C CYS A 280 -12.55 -6.91 0.60
N ILE A 281 -13.34 -7.18 1.63
CA ILE A 281 -13.63 -8.55 2.02
C ILE A 281 -14.42 -9.27 0.93
N MET A 282 -15.52 -8.66 0.48
CA MET A 282 -16.37 -9.31 -0.51
C MET A 282 -15.66 -9.47 -1.85
N LEU A 283 -14.95 -8.42 -2.29
CA LEU A 283 -14.22 -8.49 -3.55
C LEU A 283 -12.99 -9.38 -3.48
N GLY A 284 -12.51 -9.69 -2.27
CA GLY A 284 -11.30 -10.47 -2.14
C GLY A 284 -10.03 -9.68 -2.33
N ARG A 285 -10.07 -8.37 -2.12
CA ARG A 285 -8.90 -7.52 -2.25
C ARG A 285 -8.34 -7.24 -0.86
N MET A 286 -7.04 -6.96 -0.81
CA MET A 286 -6.37 -6.77 0.48
C MET A 286 -6.42 -5.30 0.88
N PRO A 287 -7.01 -4.96 2.02
CA PRO A 287 -7.11 -3.54 2.41
C PRO A 287 -5.73 -2.96 2.71
N ASN A 288 -5.48 -1.77 2.18
CA ASN A 288 -4.23 -1.05 2.39
C ASN A 288 -4.54 0.23 3.16
N LEU A 289 -4.13 0.28 4.42
CA LEU A 289 -4.34 1.44 5.27
C LEU A 289 -3.01 2.10 5.58
N MET A 290 -3.04 3.42 5.72
CA MET A 290 -1.84 4.21 6.00
C MET A 290 -1.81 4.62 7.46
N LEU A 291 -0.65 4.44 8.10
CA LEU A 291 -0.47 4.86 9.48
C LEU A 291 -0.09 6.34 9.52
N MET A 292 -0.85 7.11 10.29
CA MET A 292 -0.69 8.55 10.38
C MET A 292 -0.68 8.97 11.85
N ALA A 293 -0.04 10.11 12.12
CA ALA A 293 0.01 10.68 13.45
C ALA A 293 -1.19 11.62 13.66
N LYS A 294 -1.84 11.48 14.81
CA LYS A 294 -2.93 12.40 15.17
C LYS A 294 -2.47 13.84 15.11
N GLU A 295 -1.24 14.10 15.56
CA GLU A 295 -0.70 15.45 15.51
C GLU A 295 -0.54 15.96 14.09
N SER A 296 -0.47 15.04 13.11
CA SER A 296 -0.34 15.45 11.72
C SER A 296 -1.69 15.80 11.11
N LEU A 297 -2.73 15.02 11.41
CA LEU A 297 -4.06 15.31 10.89
C LEU A 297 -4.62 16.58 11.51
N TYR A 298 -4.54 16.71 12.84
CA TYR A 298 -5.08 17.89 13.51
C TYR A 298 -4.36 19.17 13.12
N SER A 299 -3.11 19.06 12.65
CA SER A 299 -2.38 20.24 12.21
C SER A 299 -3.03 20.88 10.99
N GLN A 300 -3.69 20.07 10.16
CA GLN A 300 -4.34 20.57 8.95
C GLN A 300 -5.72 21.15 9.22
N LEU A 301 -6.30 20.90 10.39
CA LEU A 301 -7.61 21.44 10.72
C LEU A 301 -7.51 22.91 11.12
N PRO A 302 -8.20 23.82 10.44
CA PRO A 302 -7.95 25.26 10.64
C PRO A 302 -8.31 25.79 12.02
N MET A 303 -9.35 25.24 12.66
CA MET A 303 -10.00 25.80 13.85
C MET A 303 -10.82 27.03 13.51
N ASP A 304 -11.80 26.88 12.60
CA ASP A 304 -12.60 28.02 12.19
C ASP A 304 -13.61 28.40 13.27
N CYS A 305 -13.85 29.70 13.37
CA CYS A 305 -14.78 30.30 14.32
C CYS A 305 -16.14 30.53 13.68
N PHE A 306 -17.14 30.73 14.53
CA PHE A 306 -18.50 31.09 14.10
C PHE A 306 -18.83 32.44 14.69
N THR A 307 -18.92 33.46 13.84
CA THR A 307 -19.23 34.82 14.29
C THR A 307 -20.60 35.21 13.76
N MET A 308 -21.41 35.79 14.63
CA MET A 308 -22.75 36.19 14.25
C MET A 308 -22.68 37.39 13.29
N PRO A 309 -23.48 37.39 12.24
CA PRO A 309 -23.54 38.55 11.35
C PRO A 309 -24.40 39.65 11.99
N SER A 310 -24.59 40.73 11.24
CA SER A 310 -25.34 41.87 11.73
C SER A 310 -26.83 41.77 11.44
N TYR A 311 -27.29 40.74 10.72
CA TYR A 311 -28.73 40.54 10.60
C TYR A 311 -29.26 39.56 11.65
N SER A 312 -28.67 39.58 12.84
CA SER A 312 -29.14 38.82 13.99
C SER A 312 -29.40 39.79 15.12
N ARG A 313 -30.26 40.78 14.88
CA ARG A 313 -30.49 41.84 15.84
C ARG A 313 -31.69 41.54 16.71
N GLU A 325 -51.29 46.81 24.29
CA GLU A 325 -52.20 45.68 24.43
C GLU A 325 -53.06 45.51 23.18
N THR A 326 -52.73 44.53 22.36
CA THR A 326 -53.49 44.25 21.15
C THR A 326 -54.53 43.16 21.42
N SER A 327 -55.73 43.36 20.88
CA SER A 327 -56.83 42.42 21.05
C SER A 327 -56.59 41.17 20.21
N THR A 328 -56.60 39.99 20.85
CA THR A 328 -56.37 38.72 20.17
C THR A 328 -57.38 37.69 20.62
N LYS A 329 -58.08 37.07 19.67
CA LYS A 329 -58.94 35.93 19.92
C LYS A 329 -58.32 34.64 19.38
N SER A 330 -58.99 33.53 19.66
CA SER A 330 -58.63 32.21 19.14
C SER A 330 -59.54 31.82 17.98
N LEU A 331 -59.04 30.89 17.16
CA LEU A 331 -59.84 30.38 16.04
C LEU A 331 -60.93 29.43 16.54
N TRP A 332 -60.68 28.71 17.62
CA TRP A 332 -61.67 27.82 18.25
C TRP A 332 -62.88 28.57 18.80
N VAL A 333 -63.08 29.83 18.38
CA VAL A 333 -64.14 30.66 18.92
C VAL A 333 -65.03 31.21 17.81
N ILE A 334 -64.41 31.83 16.80
CA ILE A 334 -65.15 32.53 15.75
C ILE A 334 -66.08 31.57 15.01
N ASN A 335 -67.35 31.94 14.91
CA ASN A 335 -68.39 31.12 14.29
C ASN A 335 -68.85 31.82 13.01
N SER A 336 -68.45 31.27 11.86
CA SER A 336 -68.85 31.76 10.55
C SER A 336 -68.23 30.84 9.49
N ALA A 337 -68.80 30.88 8.30
CA ALA A 337 -68.23 30.19 7.16
C ALA A 337 -67.17 31.06 6.49
N LEU A 338 -66.30 30.40 5.73
CA LEU A 338 -65.17 31.09 5.14
C LEU A 338 -65.69 32.05 4.06
N ARG A 339 -65.20 33.29 4.08
CA ARG A 339 -65.70 34.32 3.18
C ARG A 339 -64.53 35.12 2.64
N ILE A 340 -64.43 35.22 1.31
CA ILE A 340 -63.32 35.88 0.64
C ILE A 340 -63.87 36.74 -0.50
N LYS A 341 -63.44 38.00 -0.54
CA LYS A 341 -63.83 38.93 -1.60
C LYS A 341 -62.79 38.92 -2.70
N ILE A 342 -63.25 38.85 -3.96
CA ILE A 342 -62.36 38.93 -5.12
C ILE A 342 -62.51 40.33 -5.68
N LEU A 343 -61.63 41.23 -5.24
CA LEU A 343 -61.71 42.65 -5.60
C LEU A 343 -61.49 42.90 -7.08
N CYS A 344 -60.24 42.80 -7.54
CA CYS A 344 -59.92 43.18 -8.91
C CYS A 344 -58.59 42.59 -9.33
N ALA A 345 -58.43 42.42 -10.65
CA ALA A 345 -57.19 41.99 -11.27
C ALA A 345 -56.65 43.10 -12.17
N THR A 346 -55.32 43.26 -12.18
CA THR A 346 -54.71 44.35 -12.94
C THR A 346 -54.92 44.20 -14.44
N TYR A 347 -54.46 43.08 -15.01
CA TYR A 347 -54.58 42.88 -16.46
C TYR A 347 -54.51 41.39 -16.76
N VAL A 348 -55.08 41.01 -17.90
CA VAL A 348 -55.05 39.65 -18.41
C VAL A 348 -54.83 39.69 -19.92
N ASN A 349 -53.83 38.97 -20.41
CA ASN A 349 -53.49 38.96 -21.83
C ASN A 349 -54.44 38.03 -22.57
N VAL A 350 -55.43 38.60 -23.26
CA VAL A 350 -56.37 37.83 -24.06
C VAL A 350 -56.53 38.51 -25.42
N ASN A 351 -56.99 37.73 -26.39
CA ASN A 351 -57.01 38.15 -27.79
C ASN A 351 -58.29 38.83 -28.22
N ILE A 352 -59.36 38.76 -27.42
CA ILE A 352 -60.70 39.17 -27.84
C ILE A 352 -61.10 38.26 -29.00
N ARG A 353 -60.65 37.02 -28.92
CA ARG A 353 -61.08 35.95 -29.83
C ARG A 353 -61.86 34.90 -29.08
N ASP A 354 -62.06 35.10 -27.77
CA ASP A 354 -62.85 34.21 -26.95
C ASP A 354 -64.31 34.68 -26.92
N LYS A 357 -65.32 36.29 -22.10
CA LYS A 357 -65.55 36.56 -20.69
C LYS A 357 -64.70 35.65 -19.81
N ILE A 358 -64.30 36.16 -18.64
CA ILE A 358 -63.34 35.49 -17.77
C ILE A 358 -63.94 35.40 -16.36
N TYR A 359 -63.45 34.43 -15.59
CA TYR A 359 -63.93 34.26 -14.22
C TYR A 359 -62.77 33.78 -13.37
N VAL A 360 -62.96 33.84 -12.05
CA VAL A 360 -61.95 33.44 -11.07
C VAL A 360 -62.47 32.20 -10.35
N ARG A 361 -61.82 31.07 -10.58
CA ARG A 361 -62.13 29.84 -9.86
C ARG A 361 -61.22 29.71 -8.64
N THR A 362 -61.80 29.28 -7.51
CA THR A 362 -61.10 29.19 -6.24
C THR A 362 -61.36 27.82 -5.61
N GLY A 363 -60.80 27.61 -4.42
CA GLY A 363 -60.96 26.38 -3.67
C GLY A 363 -60.01 26.28 -2.50
N ILE A 364 -60.51 25.77 -1.37
CA ILE A 364 -59.73 25.60 -0.15
C ILE A 364 -59.23 24.16 -0.09
N TYR A 365 -57.92 23.99 0.06
CA TYR A 365 -57.29 22.69 -0.01
C TYR A 365 -56.47 22.42 1.25
N HIS A 366 -56.35 21.14 1.58
CA HIS A 366 -55.46 20.66 2.64
C HIS A 366 -54.40 19.80 1.96
N GLY A 367 -53.39 20.47 1.41
CA GLY A 367 -52.38 19.79 0.63
C GLY A 367 -52.87 19.52 -0.78
N GLY A 368 -53.09 18.24 -1.10
CA GLY A 368 -53.61 17.87 -2.41
C GLY A 368 -55.12 17.77 -2.40
N GLU A 369 -55.66 17.33 -1.25
CA GLU A 369 -57.09 17.09 -1.11
C GLU A 369 -57.82 18.41 -0.87
N PRO A 370 -58.94 18.63 -1.54
CA PRO A 370 -59.76 19.82 -1.25
C PRO A 370 -60.58 19.61 0.01
N LEU A 371 -60.67 20.67 0.82
CA LEU A 371 -61.42 20.59 2.07
C LEU A 371 -62.92 20.79 1.88
N CYS A 372 -63.34 21.41 0.79
CA CYS A 372 -64.75 21.68 0.55
C CYS A 372 -64.96 21.92 -0.95
N ASP A 373 -66.17 22.34 -1.31
CA ASP A 373 -66.52 22.57 -2.71
C ASP A 373 -65.82 23.84 -3.24
N ASN A 374 -65.55 23.83 -4.54
CA ASN A 374 -64.87 24.93 -5.22
C ASN A 374 -65.89 25.90 -5.79
N VAL A 375 -65.87 27.14 -5.28
CA VAL A 375 -66.79 28.19 -5.70
C VAL A 375 -66.14 29.04 -6.79
N ASN A 376 -66.96 29.57 -7.69
CA ASN A 376 -66.53 30.43 -8.77
C ASN A 376 -67.08 31.85 -8.58
N THR A 377 -66.49 32.78 -9.32
CA THR A 377 -66.97 34.16 -9.40
C THR A 377 -67.87 34.33 -10.62
N GLN A 378 -68.49 35.50 -10.69
CA GLN A 378 -69.35 35.79 -11.84
C GLN A 378 -68.49 36.02 -13.07
N ARG A 379 -69.00 35.59 -14.23
CA ARG A 379 -68.26 35.80 -15.46
C ARG A 379 -68.37 37.27 -15.84
N VAL A 380 -67.23 37.90 -16.08
CA VAL A 380 -67.18 39.35 -16.32
C VAL A 380 -66.56 39.55 -17.69
N PRO A 381 -66.70 40.75 -18.27
CA PRO A 381 -66.16 40.99 -19.62
C PRO A 381 -64.67 40.69 -19.72
N CYS A 382 -64.23 40.44 -20.95
CA CYS A 382 -62.85 40.05 -21.18
C CYS A 382 -61.92 41.23 -20.92
N SER A 383 -62.35 42.43 -21.29
CA SER A 383 -61.54 43.64 -21.23
C SER A 383 -61.68 44.40 -19.92
N ASN A 384 -62.67 44.07 -19.09
CA ASN A 384 -62.87 44.75 -17.81
C ASN A 384 -62.71 43.72 -16.71
N PRO A 385 -61.56 43.67 -16.04
CA PRO A 385 -61.35 42.68 -14.97
C PRO A 385 -61.66 43.17 -13.55
N ARG A 386 -62.94 43.15 -13.19
CA ARG A 386 -63.37 43.48 -11.84
C ARG A 386 -64.53 42.56 -11.45
N TRP A 387 -64.54 42.13 -10.19
CA TRP A 387 -65.58 41.24 -9.69
C TRP A 387 -66.26 41.82 -8.44
N ASN A 388 -65.53 41.99 -7.34
CA ASN A 388 -66.06 42.56 -6.10
C ASN A 388 -67.30 41.80 -5.60
N GLU A 389 -67.05 40.55 -5.20
CA GLU A 389 -68.13 39.69 -4.73
C GLU A 389 -67.60 38.81 -3.61
N TRP A 390 -68.35 38.76 -2.51
CA TRP A 390 -68.00 37.89 -1.38
C TRP A 390 -68.27 36.44 -1.76
N LEU A 391 -67.23 35.63 -1.83
CA LEU A 391 -67.40 34.21 -2.07
C LEU A 391 -67.66 33.50 -0.75
N ASN A 392 -68.66 32.61 -0.75
CA ASN A 392 -69.06 31.87 0.44
C ASN A 392 -68.76 30.39 0.24
N TYR A 393 -67.73 29.90 0.93
CA TYR A 393 -67.32 28.51 0.82
C TYR A 393 -68.12 27.62 1.77
N ASP A 394 -68.31 26.37 1.35
CA ASP A 394 -69.11 25.39 2.09
C ASP A 394 -68.27 24.70 3.15
N ILE A 395 -67.86 25.48 4.16
CA ILE A 395 -66.99 24.96 5.21
C ILE A 395 -67.06 25.88 6.42
N TYR A 396 -66.87 25.29 7.60
CA TYR A 396 -66.84 26.01 8.87
C TYR A 396 -65.42 26.45 9.20
N ILE A 397 -65.29 27.65 9.76
CA ILE A 397 -63.98 28.26 10.00
C ILE A 397 -63.23 27.51 11.11
N PRO A 398 -63.82 27.25 12.28
CA PRO A 398 -63.08 26.47 13.29
C PRO A 398 -62.72 25.06 12.83
N ASP A 399 -63.42 24.50 11.84
CA ASP A 399 -63.07 23.17 11.35
C ASP A 399 -61.79 23.16 10.53
N LEU A 400 -61.16 24.31 10.33
CA LEU A 400 -59.94 24.35 9.53
C LEU A 400 -58.79 23.67 10.27
N PRO A 401 -57.95 22.92 9.56
CA PRO A 401 -56.72 22.40 10.16
C PRO A 401 -55.62 23.46 10.11
N ARG A 402 -54.44 23.07 10.60
CA ARG A 402 -53.31 23.99 10.59
C ARG A 402 -52.77 24.18 9.18
N ALA A 403 -52.80 23.13 8.36
CA ALA A 403 -52.28 23.18 6.99
C ALA A 403 -53.36 23.51 5.97
N ALA A 404 -54.22 24.49 6.26
CA ALA A 404 -55.27 24.91 5.35
C ALA A 404 -54.76 26.06 4.48
N ARG A 405 -55.06 26.00 3.19
CA ARG A 405 -54.52 26.97 2.24
C ARG A 405 -55.46 27.15 1.05
N LEU A 406 -55.48 28.38 0.54
CA LEU A 406 -56.36 28.77 -0.55
C LEU A 406 -55.66 28.65 -1.91
N CYS A 407 -56.31 27.95 -2.85
CA CYS A 407 -55.84 27.84 -4.23
C CYS A 407 -56.87 28.50 -5.13
N LEU A 408 -56.42 29.46 -5.96
CA LEU A 408 -57.29 30.17 -6.88
C LEU A 408 -56.57 30.38 -8.20
N SER A 409 -57.33 30.81 -9.21
CA SER A 409 -56.78 31.07 -10.54
C SER A 409 -57.78 31.85 -11.36
N ILE A 410 -57.27 32.66 -12.28
CA ILE A 410 -58.10 33.34 -13.27
C ILE A 410 -58.27 32.42 -14.47
N CYS A 411 -59.51 32.27 -14.94
CA CYS A 411 -59.84 31.38 -16.05
C CYS A 411 -60.64 32.15 -17.09
N SER A 412 -60.90 31.48 -18.22
CA SER A 412 -61.68 32.05 -19.30
C SER A 412 -62.64 30.99 -19.82
N VAL A 413 -63.57 31.42 -20.68
CA VAL A 413 -64.53 30.50 -21.29
C VAL A 413 -64.70 30.85 -22.77
N LYS A 414 -64.43 29.88 -23.64
CA LYS A 414 -64.47 29.97 -25.11
C LYS A 414 -64.30 31.40 -25.62
N LYS A 420 -68.18 27.65 -20.27
CA LYS A 420 -69.18 26.60 -20.30
C LYS A 420 -69.01 25.75 -21.55
N GLU A 421 -68.66 26.42 -22.64
CA GLU A 421 -68.27 25.72 -23.86
C GLU A 421 -66.86 25.15 -23.73
N GLU A 422 -65.89 26.01 -23.41
CA GLU A 422 -64.50 25.59 -23.26
C GLU A 422 -63.86 26.42 -22.16
N HIS A 423 -63.59 25.79 -21.02
CA HIS A 423 -62.93 26.44 -19.90
C HIS A 423 -61.42 26.38 -20.08
N CYS A 424 -60.72 27.38 -19.53
CA CYS A 424 -59.27 27.41 -19.66
C CYS A 424 -58.63 28.36 -18.66
N PRO A 425 -57.60 27.91 -17.93
CA PRO A 425 -56.90 28.80 -17.00
C PRO A 425 -55.76 29.56 -17.68
N LEU A 426 -55.41 30.69 -17.08
CA LEU A 426 -54.31 31.52 -17.55
C LEU A 426 -53.28 31.78 -16.48
N ALA A 427 -53.69 32.28 -15.31
CA ALA A 427 -52.78 32.62 -14.23
C ALA A 427 -53.34 32.10 -12.91
N TRP A 428 -52.46 31.52 -12.10
CA TRP A 428 -52.84 30.85 -10.85
C TRP A 428 -52.03 31.42 -9.69
N GLY A 429 -52.46 31.10 -8.47
CA GLY A 429 -51.78 31.53 -7.27
C GLY A 429 -52.37 30.96 -6.00
N ASN A 430 -51.52 30.38 -5.14
CA ASN A 430 -51.95 29.78 -3.89
C ASN A 430 -51.41 30.57 -2.70
N ILE A 431 -52.18 30.58 -1.62
CA ILE A 431 -51.81 31.30 -0.40
C ILE A 431 -52.03 30.37 0.79
N ASN A 432 -51.16 30.48 1.79
CA ASN A 432 -51.39 29.84 3.09
C ASN A 432 -52.42 30.65 3.85
N LEU A 433 -53.54 30.02 4.21
CA LEU A 433 -54.58 30.72 4.96
C LEU A 433 -54.11 31.12 6.35
N PHE A 434 -53.07 30.46 6.87
CA PHE A 434 -52.49 30.79 8.16
C PHE A 434 -51.05 31.24 7.96
N ASP A 435 -50.61 32.20 8.76
CA ASP A 435 -49.24 32.66 8.68
C ASP A 435 -48.31 31.69 9.41
N TYR A 436 -47.01 31.94 9.30
CA TYR A 436 -46.03 31.17 10.07
C TYR A 436 -46.13 31.47 11.55
N THR A 437 -46.70 32.62 11.92
CA THR A 437 -46.96 32.98 13.30
C THR A 437 -48.17 32.27 13.88
N ASP A 438 -48.92 31.52 13.06
CA ASP A 438 -50.16 30.82 13.39
C ASP A 438 -51.34 31.78 13.28
N THR A 439 -51.09 32.96 12.72
CA THR A 439 -52.14 33.95 12.49
C THR A 439 -52.90 33.62 11.22
N LEU A 440 -54.21 33.92 11.24
CA LEU A 440 -55.09 33.70 10.10
C LEU A 440 -55.20 34.99 9.29
N VAL A 441 -55.22 34.85 7.97
CA VAL A 441 -55.23 36.02 7.09
C VAL A 441 -56.41 36.92 7.41
N SER A 442 -56.19 38.23 7.36
CA SER A 442 -57.21 39.21 7.72
C SER A 442 -56.98 40.48 6.91
N GLY A 443 -57.95 40.81 6.04
CA GLY A 443 -57.99 42.06 5.31
C GLY A 443 -57.55 42.00 3.86
N LYS A 444 -57.06 43.12 3.34
CA LYS A 444 -56.73 43.23 1.92
C LYS A 444 -55.35 42.66 1.63
N MET A 445 -55.22 42.02 0.47
CA MET A 445 -53.97 41.38 0.06
C MET A 445 -53.87 41.39 -1.45
N ALA A 446 -52.70 41.77 -1.95
CA ALA A 446 -52.40 41.74 -3.38
C ALA A 446 -51.50 40.54 -3.64
N LEU A 447 -51.84 39.76 -4.66
CA LEU A 447 -51.13 38.53 -4.97
C LEU A 447 -50.78 38.54 -6.44
N ASN A 448 -49.48 38.46 -6.75
CA ASN A 448 -49.06 38.32 -8.13
C ASN A 448 -49.10 36.86 -8.51
N LEU A 449 -49.62 36.59 -9.70
CA LEU A 449 -49.91 35.23 -10.11
C LEU A 449 -48.77 34.64 -10.92
N TRP A 450 -48.70 33.33 -10.92
CA TRP A 450 -47.73 32.57 -11.70
C TRP A 450 -48.34 32.08 -13.00
N PRO A 451 -47.53 31.92 -14.04
CA PRO A 451 -48.03 31.36 -15.30
C PRO A 451 -48.22 29.86 -15.19
N VAL A 452 -49.17 29.35 -15.97
CA VAL A 452 -49.52 27.93 -15.91
C VAL A 452 -48.44 27.12 -16.62
N PRO A 453 -47.95 26.03 -16.03
CA PRO A 453 -46.90 25.24 -16.69
C PRO A 453 -47.35 24.68 -18.02
N HIS A 454 -46.35 24.29 -18.82
CA HIS A 454 -46.58 23.73 -20.14
C HIS A 454 -47.63 22.63 -20.11
N GLY A 455 -47.42 21.62 -19.27
CA GLY A 455 -48.32 20.50 -19.22
C GLY A 455 -49.24 20.52 -18.02
N LEU A 456 -50.12 21.51 -17.97
CA LEU A 456 -51.14 21.62 -16.94
C LEU A 456 -52.44 22.08 -17.61
N GLU A 457 -53.46 21.23 -17.55
CA GLU A 457 -54.78 21.57 -18.07
C GLU A 457 -55.81 21.77 -16.96
N ASP A 458 -55.44 21.53 -15.71
CA ASP A 458 -56.33 21.72 -14.58
C ASP A 458 -56.60 23.21 -14.33
N LEU A 459 -57.87 23.53 -14.02
CA LEU A 459 -58.23 24.92 -13.78
C LEU A 459 -57.48 25.48 -12.58
N LEU A 460 -57.33 24.69 -11.53
CA LEU A 460 -56.52 25.08 -10.38
C LEU A 460 -55.23 24.26 -10.36
N ASN A 461 -54.18 24.85 -9.77
CA ASN A 461 -52.90 24.18 -9.57
C ASN A 461 -52.71 24.12 -8.05
N PRO A 462 -53.31 23.12 -7.39
CA PRO A 462 -53.30 23.09 -5.92
C PRO A 462 -51.98 22.70 -5.30
N ILE A 463 -51.28 21.73 -5.90
CA ILE A 463 -50.02 21.24 -5.32
C ILE A 463 -48.85 22.11 -5.73
N GLY A 464 -49.04 23.06 -6.65
CA GLY A 464 -48.01 24.02 -7.00
C GLY A 464 -47.54 24.83 -5.80
N VAL A 465 -46.45 25.55 -6.02
CA VAL A 465 -45.79 26.30 -4.95
C VAL A 465 -46.73 27.33 -4.34
N THR A 466 -46.71 27.42 -3.01
CA THR A 466 -47.53 28.35 -2.26
C THR A 466 -46.79 29.67 -2.06
N GLY A 467 -47.50 30.77 -2.21
CA GLY A 467 -46.96 32.09 -2.01
C GLY A 467 -47.12 32.98 -3.22
N SER A 468 -46.78 34.26 -3.01
CA SER A 468 -46.89 35.26 -4.06
C SER A 468 -45.67 35.21 -4.97
N ASN A 469 -45.89 35.59 -6.23
CA ASN A 469 -44.82 35.56 -7.22
C ASN A 469 -43.87 36.73 -6.98
N PRO A 470 -42.58 36.48 -6.73
CA PRO A 470 -41.64 37.62 -6.58
C PRO A 470 -41.64 38.57 -7.76
N ASN A 471 -41.77 38.06 -8.98
CA ASN A 471 -41.87 38.92 -10.16
C ASN A 471 -43.16 39.73 -10.11
N LYS A 472 -43.04 41.04 -9.92
CA LYS A 472 -44.20 41.90 -9.75
C LYS A 472 -44.82 42.35 -11.07
N GLU A 473 -44.20 42.04 -12.21
CA GLU A 473 -44.71 42.46 -13.51
C GLU A 473 -45.61 41.40 -14.14
N THR A 474 -46.43 40.73 -13.32
CA THR A 474 -47.38 39.73 -13.78
C THR A 474 -48.78 40.15 -13.35
N PRO A 475 -49.85 39.47 -13.85
CA PRO A 475 -51.20 39.76 -13.35
C PRO A 475 -51.34 39.72 -11.84
N CYS A 476 -51.77 40.83 -11.25
CA CYS A 476 -51.89 40.98 -9.79
C CYS A 476 -53.37 41.01 -9.42
N LEU A 477 -53.84 39.93 -8.77
CA LEU A 477 -55.21 39.82 -8.33
C LEU A 477 -55.29 40.23 -6.86
N GLU A 478 -56.13 41.21 -6.57
CA GLU A 478 -56.32 41.71 -5.22
C GLU A 478 -57.60 41.14 -4.61
N LEU A 479 -57.56 40.91 -3.29
CA LEU A 479 -58.67 40.30 -2.59
C LEU A 479 -58.70 40.84 -1.16
N GLU A 480 -59.87 40.72 -0.53
CA GLU A 480 -60.09 41.18 0.83
C GLU A 480 -60.62 40.04 1.69
N PHE A 481 -60.07 39.89 2.89
CA PHE A 481 -60.52 38.86 3.81
C PHE A 481 -61.41 39.45 4.91
N ASP A 482 -62.21 38.58 5.52
CA ASP A 482 -63.14 38.99 6.57
C ASP A 482 -62.38 39.47 7.80
N TRP A 483 -62.57 40.75 8.15
CA TRP A 483 -61.95 41.33 9.34
C TRP A 483 -62.86 41.14 10.55
N PHE A 484 -62.30 40.57 11.61
CA PHE A 484 -63.01 40.38 12.87
C PHE A 484 -62.49 41.36 13.91
N SER A 485 -63.19 41.44 15.03
CA SER A 485 -62.87 42.41 16.08
C SER A 485 -61.39 42.40 16.44
N SER A 486 -60.83 41.22 16.69
CA SER A 486 -59.46 41.07 17.15
C SER A 486 -58.64 40.25 16.13
N VAL A 487 -57.43 39.87 16.55
CA VAL A 487 -56.51 39.10 15.71
C VAL A 487 -56.74 37.62 15.95
N VAL A 488 -56.84 36.85 14.85
CA VAL A 488 -57.17 35.44 14.90
C VAL A 488 -55.88 34.62 14.89
N LYS A 489 -55.84 33.57 15.71
CA LYS A 489 -54.71 32.65 15.74
C LYS A 489 -55.18 31.22 15.98
N PHE A 490 -54.49 30.29 15.34
CA PHE A 490 -54.76 28.87 15.55
C PHE A 490 -54.44 28.49 17.00
N PRO A 491 -55.29 27.70 17.64
CA PRO A 491 -55.08 27.41 19.07
C PRO A 491 -53.89 26.49 19.29
N ASP A 492 -53.21 26.69 20.42
CA ASP A 492 -52.10 25.83 20.78
C ASP A 492 -52.58 24.43 21.13
N MET A 493 -51.61 23.50 21.20
CA MET A 493 -51.96 22.09 21.37
C MET A 493 -52.71 21.81 22.66
N SER A 494 -52.47 22.60 23.70
CA SER A 494 -53.17 22.39 24.97
C SER A 494 -54.68 22.60 24.81
N VAL A 495 -55.07 23.64 24.06
CA VAL A 495 -56.48 23.87 23.78
C VAL A 495 -57.04 22.75 22.90
N ILE A 496 -56.20 22.19 22.02
CA ILE A 496 -56.63 21.11 21.14
C ILE A 496 -56.92 19.84 21.94
N GLU A 497 -56.17 19.60 23.01
CA GLU A 497 -56.41 18.42 23.83
C GLU A 497 -57.77 18.49 24.54
N GLU A 498 -58.23 19.69 24.87
CA GLU A 498 -59.52 19.83 25.56
C GLU A 498 -60.67 19.37 24.66
N HIS A 499 -60.71 19.89 23.42
CA HIS A 499 -61.75 19.48 22.49
C HIS A 499 -61.62 18.01 22.12
N ALA A 500 -60.38 17.50 22.06
CA ALA A 500 -60.12 16.11 21.72
C ALA A 500 -60.62 15.14 22.79
N ASN A 501 -60.72 15.60 24.05
CA ASN A 501 -61.11 14.73 25.15
C ASN A 501 -62.43 14.00 24.88
N TRP A 502 -63.36 14.66 24.20
CA TRP A 502 -64.57 13.98 23.75
C TRP A 502 -65.12 14.66 22.50
N ARG A 528 -64.78 -4.30 21.77
CA ARG A 528 -63.38 -4.36 21.32
C ARG A 528 -63.19 -5.57 20.40
N GLU A 529 -63.13 -6.75 21.01
CA GLU A 529 -63.12 -8.05 20.30
C GLU A 529 -61.89 -8.11 19.39
N ASN A 530 -61.98 -8.90 18.32
CA ASN A 530 -60.84 -9.30 17.48
C ASN A 530 -61.15 -8.97 16.03
N ASP A 531 -60.93 -7.71 15.66
CA ASP A 531 -60.86 -7.30 14.26
C ASP A 531 -59.41 -7.03 13.87
N LYS A 532 -58.48 -7.73 14.52
CA LYS A 532 -57.06 -7.54 14.31
C LYS A 532 -56.59 -8.15 13.00
N GLU A 533 -57.38 -9.05 12.39
CA GLU A 533 -56.97 -9.71 11.15
C GLU A 533 -56.81 -8.71 10.02
N GLN A 534 -57.76 -7.78 9.90
CA GLN A 534 -57.75 -6.81 8.81
C GLN A 534 -56.71 -5.71 9.04
N LEU A 535 -56.59 -5.24 10.28
CA LEU A 535 -55.66 -4.15 10.59
C LEU A 535 -54.22 -4.54 10.27
N LYS A 536 -53.84 -5.79 10.55
CA LYS A 536 -52.49 -6.26 10.21
C LYS A 536 -52.36 -6.65 8.74
N ALA A 537 -53.46 -6.72 8.00
CA ALA A 537 -53.38 -7.02 6.59
C ALA A 537 -53.29 -5.76 5.75
N ILE A 538 -54.03 -4.72 6.12
CA ILE A 538 -53.96 -3.46 5.40
C ILE A 538 -52.75 -2.64 5.83
N SER A 539 -52.18 -2.94 7.00
CA SER A 539 -50.94 -2.28 7.41
C SER A 539 -49.76 -2.73 6.55
N THR A 540 -49.80 -3.96 6.05
CA THR A 540 -48.75 -4.49 5.21
C THR A 540 -49.03 -4.29 3.72
N ARG A 541 -50.09 -3.54 3.39
CA ARG A 541 -50.39 -3.23 2.02
C ARG A 541 -49.56 -2.05 1.54
N ASP A 542 -49.18 -2.08 0.26
CA ASP A 542 -48.38 -1.02 -0.28
C ASP A 542 -49.15 0.30 -0.21
N PRO A 543 -48.44 1.43 -0.09
CA PRO A 543 -49.14 2.72 0.07
C PRO A 543 -50.01 3.11 -1.12
N LEU A 544 -49.77 2.54 -2.30
CA LEU A 544 -50.60 2.83 -3.46
C LEU A 544 -51.84 1.95 -3.52
N SER A 545 -52.07 1.10 -2.53
CA SER A 545 -53.29 0.29 -2.50
C SER A 545 -54.47 1.14 -2.03
N GLU A 546 -55.60 0.96 -2.69
CA GLU A 546 -56.78 1.77 -2.41
C GLU A 546 -57.34 1.48 -1.02
N ILE A 547 -57.87 2.52 -0.38
CA ILE A 547 -58.48 2.44 0.94
C ILE A 547 -59.95 2.84 0.78
N THR A 548 -60.85 1.86 0.91
CA THR A 548 -62.28 2.07 0.69
C THR A 548 -62.93 2.78 1.88
N GLU A 549 -64.10 3.36 1.62
CA GLU A 549 -64.86 4.01 2.68
C GLU A 549 -65.19 3.06 3.82
N GLN A 550 -65.47 1.80 3.51
CA GLN A 550 -65.59 0.78 4.54
C GLN A 550 -64.33 0.72 5.39
N GLU A 551 -63.16 0.67 4.74
CA GLU A 551 -61.90 0.55 5.47
C GLU A 551 -61.46 1.86 6.10
N LYS A 552 -61.81 3.00 5.49
CA LYS A 552 -61.46 4.28 6.08
C LYS A 552 -62.22 4.49 7.39
N ASP A 553 -63.54 4.29 7.36
CA ASP A 553 -64.33 4.37 8.58
C ASP A 553 -63.97 3.25 9.56
N PHE A 554 -63.63 2.07 9.04
CA PHE A 554 -63.21 0.96 9.90
C PHE A 554 -61.89 1.27 10.59
N LEU A 555 -60.99 1.99 9.92
CA LEU A 555 -59.75 2.41 10.55
C LEU A 555 -60.00 3.51 11.58
N TRP A 556 -60.82 4.50 11.22
CA TRP A 556 -61.10 5.60 12.14
C TRP A 556 -61.80 5.10 13.39
N SER A 557 -62.68 4.10 13.25
CA SER A 557 -63.39 3.56 14.42
C SER A 557 -62.45 2.79 15.32
N HIS A 558 -61.59 1.94 14.75
CA HIS A 558 -60.62 1.15 15.52
C HIS A 558 -59.27 1.82 15.55
N ARG A 559 -59.25 3.15 15.74
CA ARG A 559 -58.01 3.91 15.76
C ARG A 559 -57.30 3.82 17.11
N HIS A 560 -58.07 3.65 18.18
CA HIS A 560 -57.46 3.61 19.52
C HIS A 560 -56.65 2.34 19.71
N TYR A 561 -57.03 1.26 19.02
CA TYR A 561 -56.23 0.04 19.04
C TYR A 561 -55.05 0.10 18.09
N CYS A 562 -55.17 0.86 16.99
CA CYS A 562 -54.12 0.94 15.98
C CYS A 562 -52.76 1.34 16.57
N VAL A 563 -52.74 1.94 17.75
CA VAL A 563 -51.47 2.30 18.39
C VAL A 563 -50.59 1.07 18.58
N THR A 564 -51.21 -0.09 18.86
CA THR A 564 -50.45 -1.32 18.99
C THR A 564 -49.80 -1.75 17.68
N ILE A 565 -50.29 -1.28 16.55
CA ILE A 565 -49.67 -1.52 15.25
C ILE A 565 -49.21 -0.18 14.70
N PRO A 566 -48.05 0.33 15.15
CA PRO A 566 -47.67 1.70 14.77
C PRO A 566 -47.38 1.88 13.28
N GLU A 567 -47.11 0.81 12.55
CA GLU A 567 -46.83 0.92 11.13
C GLU A 567 -48.07 1.19 10.29
N ILE A 568 -49.26 1.25 10.90
CA ILE A 568 -50.49 1.52 10.15
C ILE A 568 -50.83 3.00 10.15
N LEU A 569 -50.02 3.84 10.80
CA LEU A 569 -50.28 5.27 10.86
C LEU A 569 -50.47 5.94 9.49
N PRO A 570 -49.65 5.67 8.47
CA PRO A 570 -49.92 6.31 7.16
C PRO A 570 -51.30 5.99 6.61
N LYS A 571 -51.74 4.74 6.76
CA LYS A 571 -53.09 4.37 6.30
C LYS A 571 -54.15 5.08 7.13
N LEU A 572 -53.96 5.15 8.45
CA LEU A 572 -54.94 5.77 9.34
C LEU A 572 -55.11 7.25 9.03
N LEU A 573 -54.01 7.96 8.76
CA LEU A 573 -54.09 9.39 8.50
C LEU A 573 -54.91 9.68 7.25
N LEU A 574 -54.78 8.82 6.23
CA LEU A 574 -55.61 8.98 5.04
C LEU A 574 -57.07 8.70 5.33
N SER A 575 -57.35 7.91 6.37
CA SER A 575 -58.71 7.59 6.79
C SER A 575 -59.26 8.59 7.78
N VAL A 576 -59.01 9.88 7.57
CA VAL A 576 -59.48 10.94 8.45
C VAL A 576 -60.03 12.07 7.60
N LYS A 577 -61.11 12.69 8.05
CA LYS A 577 -61.68 13.86 7.39
C LYS A 577 -61.02 15.09 8.00
N TRP A 578 -60.20 15.78 7.22
CA TRP A 578 -59.42 16.90 7.72
C TRP A 578 -60.19 18.21 7.73
N ASN A 579 -61.50 18.17 7.50
CA ASN A 579 -62.36 19.33 7.60
C ASN A 579 -63.30 19.19 8.80
N SER A 580 -62.78 18.67 9.91
CA SER A 580 -63.57 18.46 11.12
C SER A 580 -62.61 18.55 12.31
N ARG A 581 -62.67 19.66 13.04
CA ARG A 581 -61.85 19.83 14.24
C ARG A 581 -62.05 18.69 15.22
N ASP A 582 -63.24 18.07 15.24
CA ASP A 582 -63.50 16.94 16.11
C ASP A 582 -62.52 15.81 15.84
N GLU A 583 -62.39 15.41 14.58
CA GLU A 583 -61.49 14.32 14.23
C GLU A 583 -60.02 14.76 14.26
N VAL A 584 -59.73 15.96 13.75
CA VAL A 584 -58.36 16.45 13.71
C VAL A 584 -57.77 16.51 15.12
N ALA A 585 -58.52 17.06 16.07
CA ALA A 585 -58.03 17.17 17.43
C ALA A 585 -57.77 15.80 18.06
N GLN A 586 -58.57 14.79 17.71
CA GLN A 586 -58.34 13.46 18.27
C GLN A 586 -57.11 12.81 17.64
N MET A 587 -56.83 13.11 16.38
CA MET A 587 -55.62 12.57 15.76
C MET A 587 -54.37 13.25 16.34
N TYR A 588 -54.46 14.56 16.61
CA TYR A 588 -53.33 15.29 17.19
C TYR A 588 -52.83 14.64 18.47
N CYS A 589 -53.75 14.31 19.39
CA CYS A 589 -53.34 13.69 20.64
C CYS A 589 -52.76 12.30 20.41
N LEU A 590 -53.29 11.56 19.44
CA LEU A 590 -52.74 10.25 19.11
C LEU A 590 -51.32 10.36 18.56
N VAL A 591 -51.07 11.34 17.69
CA VAL A 591 -49.77 11.46 17.04
C VAL A 591 -48.68 11.73 18.06
N LYS A 592 -48.93 12.65 19.00
CA LYS A 592 -47.90 12.98 19.98
C LYS A 592 -47.56 11.77 20.84
N ASP A 593 -48.56 11.02 21.28
CA ASP A 593 -48.36 9.81 22.08
C ASP A 593 -48.35 8.56 21.21
N TRP A 594 -47.70 8.62 20.05
CA TRP A 594 -47.56 7.53 19.10
C TRP A 594 -46.17 6.92 19.19
N PRO A 595 -46.06 5.59 19.16
CA PRO A 595 -44.74 4.97 19.31
C PRO A 595 -43.85 5.31 18.13
N PRO A 596 -42.54 5.43 18.35
CA PRO A 596 -41.61 5.64 17.24
C PRO A 596 -41.63 4.48 16.27
N ILE A 597 -41.47 4.79 14.99
CA ILE A 597 -41.49 3.79 13.93
C ILE A 597 -40.18 3.85 13.15
N LYS A 598 -39.97 2.85 12.30
CA LYS A 598 -38.78 2.78 11.46
C LYS A 598 -38.63 4.07 10.66
N PRO A 599 -37.40 4.57 10.47
CA PRO A 599 -37.22 5.78 9.66
C PRO A 599 -37.67 5.63 8.22
N GLU A 600 -37.57 4.43 7.64
CA GLU A 600 -38.10 4.20 6.30
C GLU A 600 -39.61 4.43 6.25
N GLN A 601 -40.32 4.02 7.31
CA GLN A 601 -41.76 4.23 7.37
C GLN A 601 -42.10 5.68 7.66
N ALA A 602 -41.27 6.37 8.45
CA ALA A 602 -41.53 7.76 8.78
C ALA A 602 -41.33 8.68 7.58
N MET A 603 -40.42 8.31 6.67
CA MET A 603 -40.18 9.14 5.49
C MET A 603 -41.44 9.28 4.64
N GLU A 604 -42.32 8.28 4.67
CA GLU A 604 -43.57 8.37 3.93
C GLU A 604 -44.44 9.53 4.40
N LEU A 605 -44.37 9.86 5.69
CA LEU A 605 -45.19 10.92 6.26
C LEU A 605 -44.70 12.31 5.91
N LEU A 606 -43.76 12.43 4.98
CA LEU A 606 -43.24 13.72 4.56
C LEU A 606 -43.49 14.02 3.09
N ASP A 607 -44.21 13.16 2.37
CA ASP A 607 -44.49 13.40 0.96
C ASP A 607 -45.77 14.24 0.83
N CYS A 608 -46.36 14.29 -0.37
CA CYS A 608 -47.47 15.21 -0.67
C CYS A 608 -48.82 14.74 -0.14
N ASN A 609 -48.88 13.60 0.55
CA ASN A 609 -50.13 13.10 1.11
C ASN A 609 -50.31 13.47 2.58
N TYR A 610 -49.30 14.05 3.21
CA TYR A 610 -49.34 14.36 4.64
C TYR A 610 -48.79 15.76 4.84
N PRO A 611 -49.63 16.78 4.61
CA PRO A 611 -49.18 18.17 4.79
C PRO A 611 -49.31 18.69 6.21
N ASP A 612 -49.95 17.94 7.11
CA ASP A 612 -50.19 18.43 8.46
C ASP A 612 -48.88 18.50 9.24
N PRO A 613 -48.59 19.64 9.88
CA PRO A 613 -47.30 19.75 10.60
C PRO A 613 -47.13 18.76 11.73
N MET A 614 -48.21 18.44 12.46
CA MET A 614 -48.10 17.45 13.53
C MET A 614 -47.75 16.07 12.97
N VAL A 615 -48.20 15.77 11.75
CA VAL A 615 -47.80 14.52 11.11
C VAL A 615 -46.33 14.59 10.68
N ARG A 616 -45.91 15.72 10.12
CA ARG A 616 -44.53 15.88 9.70
C ARG A 616 -43.59 15.95 10.90
N GLY A 617 -43.96 16.75 11.91
CA GLY A 617 -43.14 16.85 13.11
C GLY A 617 -42.86 15.51 13.74
N PHE A 618 -43.86 14.62 13.73
CA PHE A 618 -43.65 13.25 14.20
C PHE A 618 -42.59 12.55 13.37
N ALA A 619 -42.72 12.64 12.04
CA ALA A 619 -41.74 12.00 11.16
C ALA A 619 -40.34 12.55 11.38
N VAL A 620 -40.22 13.87 11.57
CA VAL A 620 -38.92 14.46 11.84
C VAL A 620 -38.39 13.99 13.19
N ARG A 621 -39.27 13.90 14.19
CA ARG A 621 -38.85 13.41 15.50
C ARG A 621 -38.41 11.96 15.45
N CYS A 622 -39.06 11.15 14.60
CA CYS A 622 -38.59 9.78 14.39
C CYS A 622 -37.23 9.75 13.72
N LEU A 623 -37.02 10.62 12.73
CA LEU A 623 -35.73 10.69 12.05
C LEU A 623 -34.62 11.17 12.99
N GLU A 624 -34.92 12.18 13.81
CA GLU A 624 -33.92 12.70 14.74
C GLU A 624 -33.35 11.60 15.64
N LYS A 625 -34.19 10.66 16.05
CA LYS A 625 -33.78 9.62 16.99
C LYS A 625 -33.12 8.44 16.29
N TYR A 626 -33.83 7.83 15.34
CA TYR A 626 -33.50 6.49 14.85
C TYR A 626 -32.66 6.49 13.57
N LEU A 627 -32.88 7.44 12.67
CA LEU A 627 -32.18 7.44 11.39
C LEU A 627 -30.67 7.62 11.58
N THR A 628 -29.89 6.71 11.00
CA THR A 628 -28.44 6.81 11.04
C THR A 628 -27.94 7.84 10.04
N ASP A 629 -26.72 8.32 10.26
CA ASP A 629 -26.08 9.19 9.29
C ASP A 629 -25.80 8.46 7.98
N ASP A 630 -25.62 7.13 8.03
CA ASP A 630 -25.43 6.36 6.81
C ASP A 630 -26.69 6.40 5.95
N LYS A 631 -27.84 6.05 6.53
CA LYS A 631 -29.09 6.08 5.77
C LYS A 631 -29.49 7.50 5.40
N LEU A 632 -29.09 8.48 6.21
CA LEU A 632 -29.35 9.87 5.86
C LEU A 632 -28.69 10.24 4.54
N SER A 633 -27.39 9.92 4.41
CA SER A 633 -26.71 10.13 3.13
C SER A 633 -27.36 9.32 2.02
N GLN A 634 -27.89 8.14 2.35
CA GLN A 634 -28.52 7.29 1.34
C GLN A 634 -29.78 7.94 0.79
N TYR A 635 -30.64 8.45 1.67
CA TYR A 635 -31.93 9.02 1.29
C TYR A 635 -31.92 10.54 1.23
N LEU A 636 -30.75 11.16 1.06
CA LEU A 636 -30.69 12.62 1.01
C LEU A 636 -31.38 13.18 -0.23
N ILE A 637 -31.37 12.43 -1.34
CA ILE A 637 -32.02 12.90 -2.57
C ILE A 637 -33.50 13.15 -2.34
N GLN A 638 -34.16 12.27 -1.59
CA GLN A 638 -35.58 12.44 -1.30
C GLN A 638 -35.80 13.50 -0.23
N LEU A 639 -35.00 13.47 0.84
CA LEU A 639 -35.21 14.36 1.97
C LEU A 639 -35.07 15.83 1.57
N VAL A 640 -34.18 16.14 0.63
CA VAL A 640 -34.04 17.51 0.18
C VAL A 640 -35.25 17.93 -0.67
N GLN A 641 -35.71 17.04 -1.55
CA GLN A 641 -36.88 17.35 -2.36
C GLN A 641 -38.14 17.48 -1.51
N VAL A 642 -38.19 16.78 -0.38
CA VAL A 642 -39.34 16.82 0.50
C VAL A 642 -39.47 18.19 1.18
N LEU A 643 -38.36 18.93 1.32
CA LEU A 643 -38.40 20.26 1.91
C LEU A 643 -39.36 21.19 1.18
N LYS A 644 -39.54 20.98 -0.13
CA LYS A 644 -40.38 21.87 -0.93
C LYS A 644 -41.83 21.89 -0.44
N TYR A 645 -42.33 20.74 0.03
CA TYR A 645 -43.72 20.67 0.46
C TYR A 645 -44.00 21.52 1.69
N GLU A 646 -43.06 21.55 2.65
CA GLU A 646 -43.27 22.24 3.92
C GLU A 646 -43.77 23.66 3.70
N GLN A 647 -44.78 24.06 4.47
CA GLN A 647 -45.47 25.33 4.23
C GLN A 647 -44.53 26.52 4.37
N TYR A 648 -43.76 26.56 5.45
CA TYR A 648 -43.02 27.76 5.82
C TYR A 648 -41.52 27.53 5.68
N LEU A 649 -40.77 28.62 5.75
CA LEU A 649 -39.31 28.55 5.62
C LEU A 649 -38.69 27.88 6.84
N ASP A 650 -39.07 28.33 8.03
CA ASP A 650 -38.57 27.77 9.28
C ASP A 650 -39.49 26.64 9.71
N ASN A 651 -38.90 25.48 10.01
CA ASN A 651 -39.67 24.29 10.39
C ASN A 651 -38.72 23.26 10.98
N LEU A 652 -39.29 22.15 11.44
CA LEU A 652 -38.51 21.11 12.10
C LEU A 652 -37.60 20.37 11.13
N LEU A 653 -38.04 20.19 9.89
CA LEU A 653 -37.28 19.38 8.94
C LEU A 653 -35.98 20.08 8.54
N VAL A 654 -36.06 21.36 8.15
CA VAL A 654 -34.87 22.10 7.76
C VAL A 654 -33.90 22.19 8.92
N ARG A 655 -34.41 22.39 10.15
CA ARG A 655 -33.52 22.47 11.31
C ARG A 655 -32.84 21.14 11.58
N PHE A 656 -33.50 20.02 11.24
CA PHE A 656 -32.88 18.72 11.40
C PHE A 656 -31.78 18.50 10.35
N LEU A 657 -32.11 18.74 9.08
CA LEU A 657 -31.13 18.51 8.02
C LEU A 657 -29.96 19.49 8.11
N LEU A 658 -30.23 20.76 8.39
CA LEU A 658 -29.15 21.74 8.44
C LEU A 658 -28.16 21.42 9.55
N LYS A 659 -28.66 20.99 10.71
CA LYS A 659 -27.76 20.60 11.80
C LYS A 659 -26.93 19.40 11.41
N LYS A 660 -27.56 18.37 10.85
CA LYS A 660 -26.83 17.19 10.39
C LYS A 660 -25.85 17.55 9.28
N ALA A 661 -26.19 18.53 8.44
CA ALA A 661 -25.25 18.99 7.41
C ALA A 661 -24.08 19.74 8.03
N LEU A 662 -24.36 20.52 9.06
CA LEU A 662 -23.33 21.25 9.79
C LEU A 662 -22.63 20.39 10.83
N THR A 663 -23.02 19.12 10.96
CA THR A 663 -22.36 18.17 11.84
C THR A 663 -21.58 17.11 11.08
N ASN A 664 -21.96 16.83 9.84
CA ASN A 664 -21.28 15.84 9.01
C ASN A 664 -21.03 16.46 7.64
N GLN A 665 -19.76 16.59 7.26
CA GLN A 665 -19.44 17.25 6.00
C GLN A 665 -19.80 16.40 4.80
N ARG A 666 -19.88 15.07 4.95
CA ARG A 666 -20.30 14.25 3.82
C ARG A 666 -21.79 14.44 3.54
N ILE A 667 -22.59 14.64 4.59
CA ILE A 667 -23.98 15.04 4.39
C ILE A 667 -24.04 16.46 3.85
N GLY A 668 -23.31 17.39 4.49
CA GLY A 668 -23.36 18.78 4.07
C GLY A 668 -22.90 19.00 2.65
N HIS A 669 -21.91 18.22 2.21
CA HIS A 669 -21.37 18.39 0.84
C HIS A 669 -22.47 18.18 -0.19
N PHE A 670 -23.17 17.04 -0.13
CA PHE A 670 -24.24 16.76 -1.07
C PHE A 670 -25.49 17.57 -0.76
N PHE A 671 -25.74 17.86 0.51
CA PHE A 671 -26.79 18.80 0.89
C PHE A 671 -26.61 20.13 0.17
N PHE A 672 -25.36 20.59 0.04
CA PHE A 672 -25.08 21.82 -0.68
C PHE A 672 -25.42 21.69 -2.16
N TRP A 673 -24.90 20.64 -2.81
CA TRP A 673 -25.06 20.53 -4.26
C TRP A 673 -26.50 20.22 -4.66
N HIS A 674 -27.20 19.41 -3.86
CA HIS A 674 -28.60 19.13 -4.16
C HIS A 674 -29.45 20.39 -4.07
N LEU A 675 -29.11 21.30 -3.15
CA LEU A 675 -29.82 22.56 -3.07
C LEU A 675 -29.40 23.52 -4.18
N LYS A 676 -28.09 23.62 -4.43
CA LYS A 676 -27.59 24.55 -5.44
C LYS A 676 -28.10 24.17 -6.83
N SER A 677 -28.19 22.87 -7.13
CA SER A 677 -28.64 22.42 -8.44
C SER A 677 -30.09 22.84 -8.74
N GLU A 678 -30.84 23.27 -7.73
CA GLU A 678 -32.21 23.72 -7.91
C GLU A 678 -32.33 25.24 -7.79
N MET A 679 -31.21 25.96 -7.80
CA MET A 679 -31.26 27.41 -7.74
C MET A 679 -31.68 28.05 -9.06
N HIS A 680 -31.59 27.30 -10.16
CA HIS A 680 -32.09 27.80 -11.43
C HIS A 680 -33.60 28.00 -11.40
N ASN A 681 -34.29 27.18 -10.61
CA ASN A 681 -35.75 27.20 -10.57
C ASN A 681 -36.22 28.35 -9.69
N LYS A 682 -37.03 29.26 -10.25
CA LYS A 682 -37.54 30.39 -9.49
C LYS A 682 -38.45 29.94 -8.37
N THR A 683 -39.19 28.84 -8.56
CA THR A 683 -40.16 28.41 -7.56
C THR A 683 -39.48 28.04 -6.25
N VAL A 684 -38.27 27.50 -6.33
CA VAL A 684 -37.54 27.07 -5.14
C VAL A 684 -36.41 28.05 -4.77
N SER A 685 -35.99 28.91 -5.71
CA SER A 685 -34.85 29.81 -5.54
C SER A 685 -34.74 30.41 -4.13
N GLN A 686 -35.83 31.03 -3.65
CA GLN A 686 -35.76 31.80 -2.41
C GLN A 686 -35.42 30.91 -1.21
N ARG A 687 -36.22 29.88 -0.97
CA ARG A 687 -35.99 28.99 0.17
C ARG A 687 -34.62 28.33 0.11
N PHE A 688 -34.30 27.70 -1.03
CA PHE A 688 -33.02 27.01 -1.14
C PHE A 688 -31.86 28.00 -1.04
N GLY A 689 -32.01 29.19 -1.60
CA GLY A 689 -30.97 30.20 -1.45
C GLY A 689 -30.77 30.62 0.01
N LEU A 690 -31.87 30.81 0.73
CA LEU A 690 -31.79 31.16 2.15
C LEU A 690 -31.19 30.01 2.95
N LEU A 691 -31.52 28.77 2.58
CA LEU A 691 -30.96 27.62 3.29
C LEU A 691 -29.48 27.42 2.97
N LEU A 692 -29.10 27.63 1.71
CA LEU A 692 -27.69 27.57 1.36
C LEU A 692 -26.89 28.65 2.07
N GLU A 693 -27.48 29.84 2.23
CA GLU A 693 -26.83 30.89 3.00
C GLU A 693 -26.57 30.44 4.44
N SER A 694 -27.54 29.77 5.04
CA SER A 694 -27.37 29.27 6.40
C SER A 694 -26.21 28.28 6.49
N TYR A 695 -26.13 27.35 5.54
CA TYR A 695 -25.06 26.37 5.54
C TYR A 695 -23.70 27.03 5.32
N CYS A 696 -23.59 27.86 4.27
CA CYS A 696 -22.32 28.48 3.93
C CYS A 696 -21.80 29.37 5.06
N ARG A 697 -22.69 30.02 5.81
CA ARG A 697 -22.23 30.88 6.90
C ARG A 697 -21.69 30.10 8.08
N ALA A 698 -22.04 28.82 8.21
CA ALA A 698 -21.64 28.00 9.35
C ALA A 698 -20.76 26.81 9.02
N CYS A 699 -20.77 26.33 7.76
CA CYS A 699 -20.02 25.12 7.42
C CYS A 699 -18.54 25.25 7.78
N GLY A 700 -17.98 26.45 7.65
CA GLY A 700 -16.62 26.70 8.06
C GLY A 700 -15.64 26.89 6.92
N MET A 701 -14.49 26.23 6.99
CA MET A 701 -13.44 26.40 5.99
C MET A 701 -13.71 25.62 4.72
N TYR A 702 -14.62 24.65 4.75
CA TYR A 702 -15.00 23.93 3.54
C TYR A 702 -15.69 24.83 2.52
N LEU A 703 -16.19 25.98 2.98
CA LEU A 703 -16.74 26.98 2.06
C LEU A 703 -15.74 27.33 0.95
N LYS A 704 -14.45 27.44 1.29
CA LYS A 704 -13.45 27.73 0.27
C LYS A 704 -13.31 26.56 -0.70
N HIS A 705 -13.38 25.33 -0.20
CA HIS A 705 -13.31 24.17 -1.09
C HIS A 705 -14.51 24.12 -2.03
N LEU A 706 -15.70 24.45 -1.52
CA LEU A 706 -16.88 24.48 -2.37
C LEU A 706 -16.76 25.55 -3.45
N ASN A 707 -16.19 26.70 -3.11
CA ASN A 707 -15.99 27.75 -4.11
C ASN A 707 -15.07 27.30 -5.23
N ARG A 708 -14.01 26.56 -4.88
CA ARG A 708 -13.12 26.01 -5.89
C ARG A 708 -13.86 25.03 -6.79
N GLN A 709 -14.81 24.27 -6.24
CA GLN A 709 -15.64 23.40 -7.05
C GLN A 709 -16.54 24.20 -7.98
N VAL A 710 -17.22 25.21 -7.43
CA VAL A 710 -18.11 26.06 -8.22
C VAL A 710 -17.35 26.69 -9.37
N GLU A 711 -16.24 27.37 -9.07
CA GLU A 711 -15.43 28.00 -10.11
C GLU A 711 -14.99 26.98 -11.15
N ALA A 712 -14.66 25.77 -10.73
CA ALA A 712 -14.29 24.73 -11.69
C ALA A 712 -15.46 24.35 -12.59
N MET A 713 -16.67 24.24 -12.02
CA MET A 713 -17.84 23.93 -12.83
C MET A 713 -18.21 25.09 -13.75
N GLU A 714 -18.12 26.33 -13.24
CA GLU A 714 -18.39 27.50 -14.07
C GLU A 714 -17.52 27.51 -15.32
N LYS A 715 -16.24 27.18 -15.17
CA LYS A 715 -15.36 27.09 -16.33
C LYS A 715 -15.84 26.04 -17.32
N LEU A 716 -16.25 24.88 -16.82
CA LEU A 716 -16.69 23.80 -17.69
C LEU A 716 -18.01 24.14 -18.39
N ILE A 717 -18.92 24.80 -17.67
CA ILE A 717 -20.18 25.21 -18.29
C ILE A 717 -19.93 26.14 -19.46
N ASN A 718 -19.12 27.18 -19.23
CA ASN A 718 -18.85 28.16 -20.28
C ASN A 718 -18.12 27.52 -21.45
N LEU A 719 -17.14 26.66 -21.17
CA LEU A 719 -16.39 26.01 -22.24
C LEU A 719 -17.30 25.16 -23.12
N THR A 720 -18.22 24.42 -22.51
CA THR A 720 -19.16 23.61 -23.29
C THR A 720 -20.16 24.50 -24.02
N ASP A 721 -20.64 25.55 -23.37
CA ASP A 721 -21.54 26.50 -24.03
C ASP A 721 -20.98 26.98 -25.36
N ILE A 722 -19.67 27.24 -25.41
CA ILE A 722 -19.04 27.65 -26.66
C ILE A 722 -19.12 26.54 -27.69
N LEU A 723 -18.84 25.30 -27.28
CA LEU A 723 -18.90 24.18 -28.20
C LEU A 723 -20.31 23.92 -28.69
N LYS A 724 -21.30 24.10 -27.82
CA LYS A 724 -22.68 23.83 -28.21
C LYS A 724 -23.25 24.96 -29.05
N GLN A 725 -22.98 26.21 -28.67
CA GLN A 725 -23.42 27.36 -29.45
C GLN A 725 -22.38 27.71 -30.48
N GLU A 726 -22.02 29.00 -30.56
CA GLU A 726 -20.91 29.57 -31.32
C GLU A 726 -20.19 28.61 -32.25
N LYS A 727 -19.43 27.67 -31.69
CA LYS A 727 -18.67 26.71 -32.48
C LYS A 727 -19.47 25.42 -32.70
N LYS A 728 -20.71 25.60 -33.16
CA LYS A 728 -21.63 24.48 -33.33
C LYS A 728 -21.32 23.67 -34.59
N ASP A 729 -21.10 24.36 -35.72
CA ASP A 729 -20.92 23.70 -37.01
C ASP A 729 -19.47 23.43 -37.35
N GLU A 730 -18.61 23.31 -36.35
CA GLU A 730 -17.20 23.00 -36.58
C GLU A 730 -16.94 21.51 -36.36
N THR A 731 -15.93 20.99 -37.06
CA THR A 731 -15.63 19.57 -37.01
C THR A 731 -15.01 19.18 -35.68
N GLN A 732 -14.86 17.87 -35.47
CA GLN A 732 -14.23 17.37 -34.24
C GLN A 732 -12.80 17.86 -34.11
N LYS A 733 -12.05 17.84 -35.22
CA LYS A 733 -10.66 18.31 -35.21
C LYS A 733 -10.57 19.74 -34.71
N VAL A 734 -11.39 20.63 -35.26
CA VAL A 734 -11.29 22.06 -34.92
C VAL A 734 -11.69 22.30 -33.48
N GLN A 735 -12.75 21.64 -33.01
CA GLN A 735 -13.18 21.83 -31.63
C GLN A 735 -12.16 21.23 -30.66
N MET A 736 -11.58 20.08 -31.00
CA MET A 736 -10.51 19.52 -30.17
C MET A 736 -9.28 20.42 -30.20
N LYS A 737 -9.00 21.02 -31.35
CA LYS A 737 -7.92 22.01 -31.43
C LYS A 737 -8.22 23.20 -30.54
N PHE A 738 -9.47 23.64 -30.51
CA PHE A 738 -9.87 24.72 -29.60
C PHE A 738 -9.77 24.29 -28.15
N LEU A 739 -10.24 23.07 -27.85
CA LEU A 739 -10.18 22.56 -26.48
C LEU A 739 -8.76 22.54 -25.95
N VAL A 740 -7.84 21.91 -26.70
CA VAL A 740 -6.45 21.82 -26.28
C VAL A 740 -5.87 23.22 -26.07
N GLU A 741 -6.13 24.13 -27.01
CA GLU A 741 -5.60 25.48 -26.90
C GLU A 741 -6.20 26.22 -25.71
N GLN A 742 -7.51 26.09 -25.49
CA GLN A 742 -8.17 26.86 -24.45
C GLN A 742 -7.90 26.29 -23.06
N MET A 743 -7.88 24.95 -22.93
CA MET A 743 -7.59 24.35 -21.64
C MET A 743 -6.16 24.65 -21.20
N ARG A 744 -5.24 24.79 -22.14
CA ARG A 744 -3.85 25.04 -21.83
C ARG A 744 -3.63 26.41 -21.21
N ARG A 745 -4.57 27.34 -21.41
CA ARG A 745 -4.41 28.68 -20.88
C ARG A 745 -4.33 28.66 -19.35
N PRO A 746 -3.55 29.58 -18.76
CA PRO A 746 -3.31 29.48 -17.31
C PRO A 746 -4.55 29.67 -16.45
N ASP A 747 -5.53 30.46 -16.90
CA ASP A 747 -6.74 30.64 -16.11
C ASP A 747 -7.48 29.33 -15.94
N PHE A 748 -7.48 28.49 -16.98
CA PHE A 748 -8.18 27.21 -16.92
C PHE A 748 -7.38 26.19 -16.14
N MET A 749 -6.08 26.09 -16.40
CA MET A 749 -5.23 25.14 -15.69
C MET A 749 -5.26 25.40 -14.19
N ASP A 750 -5.19 26.67 -13.78
CA ASP A 750 -5.23 26.98 -12.35
C ASP A 750 -6.59 26.68 -11.75
N ALA A 751 -7.67 26.94 -12.49
CA ALA A 751 -9.01 26.78 -11.94
C ALA A 751 -9.40 25.32 -11.76
N LEU A 752 -9.00 24.46 -12.70
CA LEU A 752 -9.41 23.06 -12.71
C LEU A 752 -8.26 22.11 -12.41
N GLN A 753 -7.43 22.47 -11.43
CA GLN A 753 -6.39 21.60 -10.91
C GLN A 753 -6.29 21.85 -9.41
N GLY A 754 -6.29 20.77 -8.64
CA GLY A 754 -6.20 20.89 -7.19
C GLY A 754 -7.51 21.26 -6.54
N PHE A 755 -8.52 20.41 -6.68
CA PHE A 755 -9.79 20.58 -5.98
C PHE A 755 -10.44 19.22 -5.78
N LEU A 756 -11.53 19.21 -5.03
CA LEU A 756 -12.20 17.96 -4.68
C LEU A 756 -13.34 17.66 -5.65
N SER A 757 -13.44 16.39 -6.03
CA SER A 757 -14.48 15.93 -6.93
C SER A 757 -15.86 16.11 -6.31
N PRO A 758 -16.78 16.83 -6.96
CA PRO A 758 -18.16 16.89 -6.43
C PRO A 758 -18.84 15.53 -6.34
N LEU A 759 -18.44 14.57 -7.18
CA LEU A 759 -19.02 13.23 -7.09
C LEU A 759 -18.67 12.55 -5.78
N ASN A 760 -17.46 12.80 -5.27
CA ASN A 760 -17.02 12.27 -3.98
C ASN A 760 -15.84 13.08 -3.48
N PRO A 761 -16.05 14.00 -2.53
CA PRO A 761 -14.97 14.90 -2.12
C PRO A 761 -13.82 14.22 -1.40
N ALA A 762 -13.93 12.94 -1.09
CA ALA A 762 -12.78 12.19 -0.60
C ALA A 762 -11.74 11.99 -1.69
N HIS A 763 -12.18 11.96 -2.96
CA HIS A 763 -11.26 11.83 -4.08
C HIS A 763 -10.71 13.20 -4.45
N GLN A 764 -9.39 13.34 -4.39
CA GLN A 764 -8.72 14.60 -4.71
C GLN A 764 -8.35 14.63 -6.18
N LEU A 765 -8.64 15.76 -6.84
CA LEU A 765 -8.33 15.95 -8.25
C LEU A 765 -7.08 16.83 -8.35
N GLY A 766 -5.96 16.23 -8.76
CA GLY A 766 -4.71 16.94 -8.89
C GLY A 766 -4.53 17.65 -10.21
N ASN A 767 -3.44 17.34 -10.91
CA ASN A 767 -3.15 17.96 -12.20
C ASN A 767 -3.89 17.25 -13.32
N LEU A 768 -4.20 18.01 -14.37
CA LEU A 768 -4.90 17.46 -15.53
C LEU A 768 -3.95 16.68 -16.42
N ARG A 769 -4.31 15.44 -16.73
CA ARG A 769 -3.64 14.70 -17.81
C ARG A 769 -4.32 15.10 -19.11
N LEU A 770 -3.88 16.25 -19.64
CA LEU A 770 -4.52 16.84 -20.81
C LEU A 770 -4.48 15.90 -22.02
N GLU A 771 -3.45 15.06 -22.12
CA GLU A 771 -3.36 14.11 -23.21
C GLU A 771 -4.56 13.17 -23.25
N GLU A 772 -5.24 12.96 -22.11
CA GLU A 772 -6.43 12.13 -22.06
C GLU A 772 -7.72 12.91 -22.24
N CYS A 773 -7.75 14.18 -21.83
CA CYS A 773 -8.96 14.99 -21.94
C CYS A 773 -9.38 15.15 -23.40
N ARG A 774 -10.69 15.05 -23.64
CA ARG A 774 -11.21 15.14 -24.99
C ARG A 774 -12.71 15.43 -24.94
N ILE A 775 -13.25 15.90 -26.07
CA ILE A 775 -14.68 16.10 -26.24
C ILE A 775 -15.29 14.81 -26.79
N MET A 776 -16.38 14.36 -26.18
CA MET A 776 -17.01 13.13 -26.60
C MET A 776 -17.85 13.34 -27.85
N SER A 777 -18.14 12.23 -28.55
CA SER A 777 -18.79 12.30 -29.86
C SER A 777 -20.19 12.90 -29.78
N SER A 778 -20.91 12.65 -28.68
CA SER A 778 -22.30 13.09 -28.54
C SER A 778 -22.50 14.53 -28.96
N ALA A 779 -23.66 14.81 -29.57
CA ALA A 779 -23.98 16.14 -30.04
C ALA A 779 -24.12 17.13 -28.89
N LYS A 780 -24.35 16.65 -27.67
CA LYS A 780 -24.44 17.51 -26.50
C LYS A 780 -23.08 18.00 -26.03
N ARG A 781 -22.00 17.58 -26.69
CA ARG A 781 -20.63 18.02 -26.43
C ARG A 781 -20.21 17.79 -24.98
N PRO A 782 -20.10 16.54 -24.53
CA PRO A 782 -19.58 16.29 -23.18
C PRO A 782 -18.06 16.38 -23.14
N LEU A 783 -17.54 16.61 -21.94
CA LEU A 783 -16.11 16.77 -21.70
C LEU A 783 -15.60 15.58 -20.90
N TRP A 784 -14.68 14.81 -21.49
CA TRP A 784 -13.94 13.79 -20.77
C TRP A 784 -12.74 14.44 -20.09
N LEU A 785 -12.61 14.27 -18.77
CA LEU A 785 -11.56 14.91 -18.01
C LEU A 785 -10.83 13.89 -17.16
N ASN A 786 -9.50 13.88 -17.26
CA ASN A 786 -8.64 13.00 -16.48
C ASN A 786 -7.78 13.83 -15.53
N TRP A 787 -7.59 13.32 -14.32
CA TRP A 787 -6.82 14.00 -13.29
C TRP A 787 -5.81 13.05 -12.67
N GLU A 788 -4.64 13.59 -12.33
CA GLU A 788 -3.72 12.88 -11.47
C GLU A 788 -4.28 12.84 -10.05
N ASN A 789 -4.07 11.72 -9.36
CA ASN A 789 -4.46 11.62 -7.96
C ASN A 789 -3.30 12.09 -7.08
N PRO A 790 -3.41 13.27 -6.45
CA PRO A 790 -2.29 13.81 -5.68
C PRO A 790 -2.06 13.13 -4.34
N ASP A 791 -2.81 12.08 -4.02
CA ASP A 791 -2.58 11.34 -2.78
C ASP A 791 -1.15 10.81 -2.73
N ILE A 792 -0.60 10.76 -1.52
CA ILE A 792 0.80 10.33 -1.36
C ILE A 792 0.97 8.89 -1.81
N MET A 793 -0.09 8.09 -1.71
CA MET A 793 -0.06 6.67 -2.07
C MET A 793 -1.21 6.36 -3.02
N SER A 794 -1.28 7.12 -4.11
CA SER A 794 -2.25 6.83 -5.16
C SER A 794 -1.94 5.52 -5.88
N GLU A 795 -0.68 5.09 -5.85
CA GLU A 795 -0.27 3.84 -6.48
C GLU A 795 -1.18 2.68 -6.10
N LEU A 796 -1.65 2.65 -4.86
CA LEU A 796 -2.38 1.51 -4.33
C LEU A 796 -3.89 1.68 -4.42
N LEU A 797 -4.36 2.60 -5.27
CA LEU A 797 -5.79 2.80 -5.45
C LEU A 797 -6.07 3.50 -6.77
N PHE A 798 -6.75 4.65 -6.71
CA PHE A 798 -7.04 5.46 -7.90
C PHE A 798 -5.76 6.05 -8.46
N GLN A 799 -5.31 5.54 -9.60
CA GLN A 799 -4.20 6.16 -10.30
C GLN A 799 -4.69 7.31 -11.19
N ASN A 800 -5.89 7.21 -11.73
CA ASN A 800 -6.49 8.24 -12.57
C ASN A 800 -7.94 8.47 -12.16
N ASN A 801 -8.30 9.74 -11.97
CA ASN A 801 -9.67 10.15 -11.70
C ASN A 801 -10.28 10.68 -13.00
N GLU A 802 -11.24 9.94 -13.56
CA GLU A 802 -11.89 10.32 -14.81
C GLU A 802 -13.36 10.64 -14.55
N ILE A 803 -13.82 11.78 -15.08
CA ILE A 803 -15.18 12.26 -14.89
C ILE A 803 -15.73 12.75 -16.22
N ILE A 804 -17.02 12.51 -16.46
CA ILE A 804 -17.71 13.00 -17.66
C ILE A 804 -18.50 14.23 -17.27
N PHE A 805 -18.10 15.40 -17.76
CA PHE A 805 -18.91 16.60 -17.61
C PHE A 805 -19.78 16.76 -18.84
N LYS A 806 -21.10 16.72 -18.65
CA LYS A 806 -22.06 16.88 -19.73
C LYS A 806 -22.95 18.09 -19.46
N ASN A 807 -23.07 18.97 -20.44
CA ASN A 807 -23.93 20.14 -20.37
C ASN A 807 -25.01 20.01 -21.44
N GLY A 808 -26.24 19.72 -21.00
CA GLY A 808 -27.35 19.64 -21.93
C GLY A 808 -28.47 18.71 -21.49
N ASP A 809 -28.11 17.53 -20.99
CA ASP A 809 -29.08 16.52 -20.59
C ASP A 809 -29.38 16.62 -19.10
N ASP A 810 -30.63 16.32 -18.75
CA ASP A 810 -31.06 16.31 -17.36
C ASP A 810 -30.65 14.99 -16.72
N LEU A 811 -29.85 15.08 -15.65
CA LEU A 811 -29.31 13.90 -14.98
C LEU A 811 -30.07 13.54 -13.71
N ARG A 812 -31.18 14.21 -13.43
CA ARG A 812 -31.97 13.87 -12.25
C ARG A 812 -32.51 12.44 -12.31
N GLN A 813 -32.82 11.95 -13.52
CA GLN A 813 -33.35 10.60 -13.64
C GLN A 813 -32.29 9.55 -13.31
N ASP A 814 -31.07 9.74 -13.81
CA ASP A 814 -29.99 8.80 -13.51
C ASP A 814 -29.69 8.76 -12.01
N MET A 815 -29.65 9.92 -11.36
CA MET A 815 -29.40 9.97 -9.92
C MET A 815 -30.35 9.07 -9.15
N LEU A 816 -31.65 9.24 -9.38
CA LEU A 816 -32.64 8.44 -8.66
C LEU A 816 -32.52 6.96 -9.03
N THR A 817 -32.32 6.66 -10.31
CA THR A 817 -32.15 5.28 -10.74
C THR A 817 -30.93 4.65 -10.07
N LEU A 818 -29.77 5.31 -10.16
CA LEU A 818 -28.56 4.78 -9.56
C LEU A 818 -28.69 4.67 -8.04
N GLN A 819 -29.50 5.53 -7.42
CA GLN A 819 -29.74 5.41 -5.99
C GLN A 819 -30.54 4.14 -5.68
N ILE A 820 -31.63 3.91 -6.41
CA ILE A 820 -32.47 2.73 -6.18
C ILE A 820 -31.68 1.47 -6.47
N ILE A 821 -30.91 1.46 -7.57
CA ILE A 821 -30.04 0.33 -7.87
C ILE A 821 -29.10 0.04 -6.70
N ARG A 822 -28.55 1.09 -6.10
CA ARG A 822 -27.69 0.92 -4.93
C ARG A 822 -28.47 0.33 -3.77
N ILE A 823 -29.69 0.81 -3.55
CA ILE A 823 -30.52 0.30 -2.46
C ILE A 823 -30.90 -1.16 -2.72
N MET A 824 -31.22 -1.50 -3.97
CA MET A 824 -31.51 -2.89 -4.31
C MET A 824 -30.34 -3.79 -3.99
N GLU A 825 -29.13 -3.37 -4.35
CA GLU A 825 -27.94 -4.15 -4.01
C GLU A 825 -27.79 -4.32 -2.51
N ASN A 826 -28.08 -3.27 -1.74
CA ASN A 826 -27.96 -3.35 -0.29
C ASN A 826 -28.92 -4.37 0.29
N ILE A 827 -30.16 -4.39 -0.20
CA ILE A 827 -31.17 -5.33 0.32
C ILE A 827 -30.73 -6.76 0.04
N TRP A 828 -30.30 -7.03 -1.20
CA TRP A 828 -29.84 -8.37 -1.55
C TRP A 828 -28.65 -8.78 -0.69
N GLN A 829 -27.70 -7.86 -0.48
CA GLN A 829 -26.49 -8.20 0.24
C GLN A 829 -26.78 -8.54 1.70
N ASN A 830 -27.69 -7.80 2.33
CA ASN A 830 -28.05 -8.08 3.72
C ASN A 830 -28.80 -9.39 3.88
N GLN A 831 -29.41 -9.90 2.81
CA GLN A 831 -30.09 -11.18 2.84
C GLN A 831 -29.20 -12.32 2.38
N GLY A 832 -27.89 -12.15 2.41
CA GLY A 832 -26.96 -13.19 2.01
C GLY A 832 -27.09 -13.57 0.54
N LEU A 833 -27.35 -12.60 -0.32
CA LEU A 833 -27.49 -12.82 -1.75
C LEU A 833 -26.50 -11.93 -2.47
N ASP A 834 -25.45 -12.53 -3.04
CA ASP A 834 -24.35 -11.80 -3.65
C ASP A 834 -24.68 -11.52 -5.12
N LEU A 835 -25.21 -10.33 -5.38
CA LEU A 835 -25.45 -9.84 -6.74
C LEU A 835 -24.76 -8.50 -6.86
N ARG A 836 -23.66 -8.46 -7.60
CA ARG A 836 -22.77 -7.31 -7.63
C ARG A 836 -23.30 -6.30 -8.65
N MET A 837 -23.91 -5.22 -8.16
CA MET A 837 -24.31 -4.10 -8.99
C MET A 837 -23.20 -3.06 -9.06
N LEU A 838 -23.35 -2.11 -9.98
CA LEU A 838 -22.41 -1.00 -10.15
C LEU A 838 -23.17 0.31 -10.27
N PRO A 839 -23.65 0.86 -9.16
CA PRO A 839 -24.31 2.19 -9.18
C PRO A 839 -23.29 3.34 -9.22
N TYR A 840 -22.73 3.56 -10.41
CA TYR A 840 -21.69 4.57 -10.57
C TYR A 840 -22.18 5.95 -10.15
N GLY A 841 -21.23 6.80 -9.77
CA GLY A 841 -21.58 8.12 -9.27
C GLY A 841 -22.19 9.00 -10.35
N CYS A 842 -23.17 9.81 -9.94
CA CYS A 842 -23.77 10.81 -10.81
C CYS A 842 -24.34 11.92 -9.95
N LEU A 843 -24.07 13.17 -10.32
CA LEU A 843 -24.51 14.32 -9.54
C LEU A 843 -24.89 15.46 -10.47
N SER A 844 -26.14 15.92 -10.36
CA SER A 844 -26.58 17.11 -11.07
C SER A 844 -26.20 18.35 -10.29
N ILE A 845 -25.61 19.33 -10.99
CA ILE A 845 -25.15 20.56 -10.36
C ILE A 845 -25.94 21.79 -10.82
N GLY A 846 -26.88 21.61 -11.73
CA GLY A 846 -27.66 22.74 -12.20
C GLY A 846 -28.71 22.31 -13.19
N ASP A 847 -29.22 23.28 -13.95
CA ASP A 847 -30.26 23.01 -14.93
C ASP A 847 -29.66 22.21 -16.08
N CYS A 848 -29.85 20.90 -16.05
CA CYS A 848 -29.34 19.98 -17.07
C CYS A 848 -27.81 20.06 -17.17
N VAL A 849 -27.16 20.17 -16.02
CA VAL A 849 -25.71 20.18 -15.91
C VAL A 849 -25.32 19.24 -14.78
N GLY A 850 -24.25 18.46 -14.98
CA GLY A 850 -23.81 17.55 -13.93
C GLY A 850 -22.58 16.78 -14.33
N LEU A 851 -22.22 15.83 -13.47
CA LEU A 851 -21.02 15.00 -13.63
C LEU A 851 -21.38 13.53 -13.57
N ILE A 852 -20.54 12.71 -14.22
CA ILE A 852 -20.73 11.26 -14.28
C ILE A 852 -19.39 10.59 -13.98
N GLU A 853 -19.38 9.69 -12.99
CA GLU A 853 -18.18 8.94 -12.67
C GLU A 853 -17.86 7.97 -13.80
N VAL A 854 -16.60 7.94 -14.22
CA VAL A 854 -16.15 7.01 -15.27
C VAL A 854 -15.73 5.70 -14.63
N VAL A 855 -16.30 4.59 -15.12
CA VAL A 855 -15.90 3.26 -14.68
C VAL A 855 -14.70 2.83 -15.51
N ARG A 856 -13.59 2.52 -14.83
CA ARG A 856 -12.38 2.11 -15.53
C ARG A 856 -12.50 0.68 -16.06
N ASN A 857 -11.84 0.44 -17.19
CA ASN A 857 -11.72 -0.89 -17.79
C ASN A 857 -13.08 -1.48 -18.16
N SER A 858 -14.04 -0.62 -18.53
CA SER A 858 -15.37 -1.05 -18.92
C SER A 858 -15.64 -0.62 -20.36
N HIS A 859 -16.34 -1.49 -21.09
CA HIS A 859 -16.66 -1.23 -22.49
C HIS A 859 -18.09 -1.67 -22.76
N THR A 860 -18.77 -0.95 -23.66
CA THR A 860 -20.10 -1.37 -24.07
C THR A 860 -20.03 -2.67 -24.86
N ILE A 861 -21.17 -3.37 -24.90
CA ILE A 861 -21.26 -4.59 -25.72
C ILE A 861 -20.94 -4.26 -27.17
N MET A 862 -21.42 -3.10 -27.64
CA MET A 862 -21.04 -2.61 -28.95
C MET A 862 -19.53 -2.49 -29.09
N GLN A 863 -18.88 -1.87 -28.10
CA GLN A 863 -17.43 -1.72 -28.14
C GLN A 863 -16.73 -3.07 -28.12
N ILE A 864 -17.27 -4.03 -27.35
CA ILE A 864 -16.70 -5.37 -27.30
C ILE A 864 -16.69 -5.98 -28.70
N GLN A 865 -17.80 -5.83 -29.42
CA GLN A 865 -17.97 -6.42 -30.75
C GLN A 865 -17.20 -5.68 -31.84
N CYS A 866 -16.68 -4.48 -31.57
CA CYS A 866 -15.89 -3.77 -32.58
C CYS A 866 -14.50 -4.37 -32.77
N LYS A 867 -13.91 -4.94 -31.71
CA LYS A 867 -12.58 -5.53 -31.80
C LYS A 867 -12.48 -6.63 -32.84
N GLY A 868 -13.12 -7.76 -32.58
CA GLY A 868 -13.08 -8.93 -33.45
C GLY A 868 -12.02 -9.96 -33.09
N GLY A 869 -10.85 -9.52 -32.68
CA GLY A 869 -9.78 -10.46 -32.35
C GLY A 869 -9.05 -11.02 -33.55
N LEU A 870 -8.84 -10.21 -34.60
CA LEU A 870 -8.26 -10.67 -35.86
C LEU A 870 -9.06 -11.84 -36.44
N LYS A 871 -10.38 -11.72 -36.41
CA LYS A 871 -11.27 -12.62 -37.12
C LYS A 871 -11.92 -11.93 -38.30
N GLY A 872 -11.13 -11.19 -39.08
CA GLY A 872 -11.64 -10.54 -40.28
C GLY A 872 -11.42 -9.04 -40.29
N ALA A 873 -12.27 -8.32 -39.58
CA ALA A 873 -12.11 -6.87 -39.39
C ALA A 873 -13.04 -6.40 -38.27
N LEU A 874 -14.34 -6.41 -38.55
CA LEU A 874 -15.37 -6.14 -37.55
C LEU A 874 -16.34 -7.30 -37.39
N GLN A 875 -16.27 -8.32 -38.24
CA GLN A 875 -17.23 -9.42 -38.20
C GLN A 875 -17.27 -10.07 -36.83
N PHE A 876 -18.49 -10.25 -36.32
CA PHE A 876 -18.71 -10.81 -35.00
C PHE A 876 -19.95 -11.70 -35.03
N ASN A 877 -20.19 -12.38 -33.92
CA ASN A 877 -21.41 -13.15 -33.69
C ASN A 877 -21.44 -13.55 -32.23
N SER A 878 -22.64 -13.46 -31.63
CA SER A 878 -22.94 -13.79 -30.23
C SER A 878 -21.78 -14.30 -29.40
N HIS A 879 -21.13 -15.38 -29.85
CA HIS A 879 -20.01 -15.99 -29.13
C HIS A 879 -18.87 -15.02 -28.84
N THR A 880 -18.76 -13.93 -29.60
CA THR A 880 -17.60 -13.04 -29.48
C THR A 880 -17.50 -12.45 -28.07
N LEU A 881 -18.62 -12.00 -27.52
CA LEU A 881 -18.63 -11.50 -26.13
C LEU A 881 -17.98 -12.48 -25.17
N HIS A 882 -18.32 -13.77 -25.30
CA HIS A 882 -17.70 -14.79 -24.46
C HIS A 882 -16.22 -14.96 -24.81
N GLN A 883 -15.88 -15.01 -26.10
CA GLN A 883 -14.49 -15.15 -26.51
C GLN A 883 -13.64 -14.00 -26.01
N TRP A 884 -14.16 -12.77 -26.10
CA TRP A 884 -13.44 -11.61 -25.57
C TRP A 884 -13.20 -11.76 -24.07
N LEU A 885 -14.23 -12.17 -23.33
CA LEU A 885 -14.08 -12.33 -21.89
C LEU A 885 -13.07 -13.41 -21.55
N LYS A 886 -13.07 -14.51 -22.30
CA LYS A 886 -12.08 -15.57 -22.05
C LYS A 886 -10.69 -15.14 -22.48
N ASP A 887 -10.58 -14.41 -23.59
CA ASP A 887 -9.28 -13.96 -24.08
C ASP A 887 -8.64 -12.94 -23.15
N LYS A 888 -9.42 -12.26 -22.31
CA LYS A 888 -8.88 -11.31 -21.36
C LYS A 888 -8.92 -11.80 -19.92
N ASN A 889 -9.53 -12.96 -19.67
CA ASN A 889 -9.42 -13.66 -18.39
C ASN A 889 -9.02 -15.09 -18.72
N LYS A 890 -7.72 -15.40 -18.59
CA LYS A 890 -7.21 -16.73 -18.85
C LYS A 890 -6.82 -17.42 -17.54
N GLY A 891 -6.75 -18.75 -17.60
CA GLY A 891 -6.37 -19.51 -16.43
C GLY A 891 -7.53 -19.76 -15.49
N GLU A 892 -7.21 -19.81 -14.19
CA GLU A 892 -8.25 -19.91 -13.17
C GLU A 892 -8.98 -18.59 -12.95
N ILE A 893 -8.43 -17.47 -13.44
CA ILE A 893 -9.15 -16.20 -13.43
C ILE A 893 -10.49 -16.34 -14.15
N TYR A 894 -10.50 -17.12 -15.24
CA TYR A 894 -11.70 -17.31 -16.05
C TYR A 894 -12.90 -17.72 -15.20
N ASP A 895 -12.74 -18.78 -14.38
CA ASP A 895 -13.87 -19.30 -13.61
C ASP A 895 -14.49 -18.25 -12.71
N ALA A 896 -13.65 -17.47 -12.01
CA ALA A 896 -14.18 -16.41 -11.16
C ALA A 896 -14.71 -15.24 -11.97
N ALA A 897 -14.15 -15.01 -13.16
CA ALA A 897 -14.64 -13.93 -14.01
C ALA A 897 -16.03 -14.23 -14.55
N ILE A 898 -16.29 -15.48 -14.95
CA ILE A 898 -17.62 -15.87 -15.40
C ILE A 898 -18.62 -15.73 -14.26
N ASP A 899 -18.22 -16.11 -13.05
CA ASP A 899 -19.10 -15.97 -11.89
C ASP A 899 -19.52 -14.51 -11.69
N LEU A 900 -18.56 -13.60 -11.76
CA LEU A 900 -18.86 -12.17 -11.61
C LEU A 900 -19.90 -11.71 -12.63
N PHE A 901 -19.78 -12.17 -13.87
CA PHE A 901 -20.74 -11.79 -14.90
C PHE A 901 -22.15 -12.25 -14.55
N THR A 902 -22.30 -13.52 -14.21
CA THR A 902 -23.62 -14.08 -13.91
C THR A 902 -24.26 -13.35 -12.73
N ARG A 903 -23.49 -13.11 -11.66
CA ARG A 903 -24.02 -12.42 -10.50
C ARG A 903 -24.43 -10.99 -10.85
N SER A 904 -23.57 -10.27 -11.59
CA SER A 904 -23.88 -8.90 -11.98
C SER A 904 -25.04 -8.86 -12.96
N CYS A 905 -25.08 -9.77 -13.92
CA CYS A 905 -26.16 -9.79 -14.90
C CYS A 905 -27.50 -10.07 -14.23
N ALA A 906 -27.55 -11.07 -13.36
CA ALA A 906 -28.78 -11.40 -12.65
C ALA A 906 -29.33 -10.20 -11.89
N GLY A 907 -28.46 -9.47 -11.21
CA GLY A 907 -28.90 -8.29 -10.47
C GLY A 907 -29.53 -7.24 -11.37
N TYR A 908 -28.83 -6.88 -12.45
CA TYR A 908 -29.37 -5.88 -13.37
C TYR A 908 -30.60 -6.40 -14.11
N CYS A 909 -30.57 -7.67 -14.54
CA CYS A 909 -31.73 -8.26 -15.22
C CYS A 909 -33.00 -8.10 -14.38
N VAL A 910 -32.93 -8.49 -13.10
CA VAL A 910 -34.08 -8.33 -12.21
C VAL A 910 -34.42 -6.85 -12.04
N ALA A 911 -33.44 -6.05 -11.62
CA ALA A 911 -33.65 -4.62 -11.38
C ALA A 911 -34.31 -3.92 -12.57
N THR A 912 -33.67 -3.96 -13.74
CA THR A 912 -34.19 -3.29 -14.92
C THR A 912 -35.65 -3.68 -15.21
N PHE A 913 -35.99 -4.96 -15.02
CA PHE A 913 -37.35 -5.41 -15.29
C PHE A 913 -38.35 -4.76 -14.35
N ILE A 914 -38.06 -4.75 -13.05
CA ILE A 914 -38.98 -4.19 -12.07
C ILE A 914 -39.25 -2.72 -12.35
N LEU A 915 -38.24 -2.00 -12.84
CA LEU A 915 -38.30 -0.56 -13.07
C LEU A 915 -38.75 -0.20 -14.48
N GLY A 916 -38.75 -1.16 -15.40
CA GLY A 916 -39.09 -0.90 -16.78
C GLY A 916 -37.93 -0.45 -17.64
N ILE A 917 -36.71 -0.58 -17.16
CA ILE A 917 -35.52 -0.14 -17.89
C ILE A 917 -34.85 -1.36 -18.51
N GLY A 918 -35.66 -2.29 -19.02
CA GLY A 918 -35.08 -3.54 -19.47
C GLY A 918 -34.77 -3.58 -20.95
N ASP A 919 -35.59 -2.91 -21.76
CA ASP A 919 -35.39 -2.97 -23.20
C ASP A 919 -34.16 -2.14 -23.56
N ARG A 920 -32.98 -2.68 -23.27
CA ARG A 920 -31.70 -2.02 -23.52
C ARG A 920 -30.96 -2.77 -24.63
N HIS A 921 -29.89 -2.15 -25.14
CA HIS A 921 -29.19 -2.70 -26.29
C HIS A 921 -27.68 -2.57 -26.07
N ASN A 922 -26.91 -3.08 -27.05
CA ASN A 922 -25.46 -3.19 -26.91
C ASN A 922 -24.81 -1.89 -26.44
N SER A 923 -25.36 -0.75 -26.84
CA SER A 923 -24.73 0.53 -26.52
C SER A 923 -24.91 0.89 -25.04
N ASN A 924 -25.95 0.37 -24.39
CA ASN A 924 -26.32 0.77 -23.05
C ASN A 924 -25.99 -0.29 -22.00
N ILE A 925 -25.29 -1.35 -22.38
CA ILE A 925 -24.83 -2.39 -21.46
C ILE A 925 -23.32 -2.48 -21.54
N MET A 926 -22.65 -2.41 -20.39
CA MET A 926 -21.20 -2.39 -20.32
C MET A 926 -20.68 -3.60 -19.53
N VAL A 927 -19.46 -4.02 -19.87
CA VAL A 927 -18.78 -5.13 -19.21
C VAL A 927 -17.37 -4.70 -18.84
N LYS A 928 -17.00 -4.87 -17.58
CA LYS A 928 -15.63 -4.60 -17.18
C LYS A 928 -14.71 -5.73 -17.61
N ASP A 929 -13.40 -5.44 -17.62
CA ASP A 929 -12.42 -6.44 -18.02
C ASP A 929 -12.47 -7.67 -17.11
N ASP A 930 -12.67 -7.46 -15.80
CA ASP A 930 -12.83 -8.60 -14.91
C ASP A 930 -14.13 -9.34 -15.19
N GLY A 931 -15.12 -8.66 -15.75
CA GLY A 931 -16.34 -9.31 -16.21
C GLY A 931 -17.58 -8.94 -15.42
N GLN A 932 -17.71 -7.68 -15.04
CA GLN A 932 -18.88 -7.20 -14.31
C GLN A 932 -19.81 -6.46 -15.26
N LEU A 933 -21.04 -6.94 -15.37
CA LEU A 933 -22.04 -6.31 -16.22
C LEU A 933 -22.72 -5.16 -15.47
N PHE A 934 -23.01 -4.09 -16.20
CA PHE A 934 -23.78 -2.98 -15.63
C PHE A 934 -24.35 -2.13 -16.75
N HIS A 935 -25.61 -1.72 -16.58
CA HIS A 935 -26.29 -0.86 -17.54
C HIS A 935 -25.98 0.61 -17.25
N ILE A 936 -26.02 1.42 -18.31
CA ILE A 936 -25.64 2.84 -18.24
C ILE A 936 -26.67 3.68 -18.98
N ASP A 937 -26.57 4.99 -18.78
CA ASP A 937 -27.30 5.99 -19.55
C ASP A 937 -28.81 5.77 -19.48
N PHE A 938 -29.32 5.75 -18.25
CA PHE A 938 -30.74 5.46 -18.03
C PHE A 938 -31.62 6.61 -18.50
N GLY A 939 -31.12 7.85 -18.44
CA GLY A 939 -31.91 8.98 -18.91
C GLY A 939 -32.22 8.94 -20.38
N HIS A 940 -31.29 8.41 -21.19
CA HIS A 940 -31.50 8.30 -22.63
C HIS A 940 -32.70 7.41 -22.94
N PHE A 941 -32.85 6.32 -22.20
CA PHE A 941 -33.99 5.43 -22.40
C PHE A 941 -35.30 6.11 -22.04
N LEU A 942 -35.32 6.86 -20.94
CA LEU A 942 -36.56 7.50 -20.50
C LEU A 942 -36.98 8.61 -21.45
N ASP A 943 -36.03 9.26 -22.12
CA ASP A 943 -36.38 10.26 -23.12
C ASP A 943 -37.02 9.62 -24.35
N HIS A 944 -36.70 8.37 -24.63
CA HIS A 944 -37.23 7.65 -25.78
C HIS A 944 -38.24 6.60 -25.33
N LYS A 945 -39.38 7.08 -24.84
CA LYS A 945 -40.48 6.20 -24.49
C LYS A 945 -41.83 6.92 -24.63
N PHE A 949 -47.93 6.20 -25.39
CA PHE A 949 -49.38 6.33 -25.49
C PHE A 949 -50.08 5.34 -24.56
N GLY A 950 -49.72 4.06 -24.67
CA GLY A 950 -50.23 3.05 -23.77
C GLY A 950 -51.10 2.00 -24.41
N TYR A 951 -50.53 1.17 -25.27
CA TYR A 951 -51.25 0.02 -25.83
C TYR A 951 -50.29 -1.08 -26.26
N LYS A 952 -49.02 -0.76 -26.48
CA LYS A 952 -48.03 -1.77 -26.83
C LYS A 952 -47.30 -2.27 -25.59
N ARG A 953 -46.05 -2.72 -25.77
CA ARG A 953 -45.13 -3.25 -24.76
C ARG A 953 -45.48 -4.68 -24.35
N GLU A 954 -46.61 -5.23 -24.80
CA GLU A 954 -47.01 -6.60 -24.45
C GLU A 954 -45.95 -7.65 -24.83
N ARG A 955 -45.01 -7.32 -25.71
CA ARG A 955 -43.93 -8.22 -26.08
C ARG A 955 -42.64 -7.42 -26.23
N VAL A 956 -41.62 -7.76 -25.44
CA VAL A 956 -40.33 -7.07 -25.45
C VAL A 956 -39.20 -8.05 -25.73
N PRO A 957 -38.61 -8.03 -26.93
CA PRO A 957 -37.54 -8.99 -27.24
C PRO A 957 -36.17 -8.50 -26.78
N PHE A 958 -35.49 -9.31 -25.98
CA PHE A 958 -34.13 -9.03 -25.54
C PHE A 958 -33.18 -9.85 -26.40
N VAL A 959 -32.49 -9.19 -27.33
CA VAL A 959 -31.65 -9.92 -28.28
C VAL A 959 -30.38 -10.44 -27.62
N LEU A 960 -29.90 -9.76 -26.58
CA LEU A 960 -28.63 -10.13 -25.95
C LEU A 960 -28.76 -11.28 -24.97
N THR A 961 -29.93 -11.91 -24.86
CA THR A 961 -30.07 -13.09 -24.03
C THR A 961 -29.11 -14.19 -24.51
N GLN A 962 -29.10 -14.45 -25.82
CA GLN A 962 -28.23 -15.47 -26.38
C GLN A 962 -26.76 -15.21 -26.08
N ASP A 963 -26.33 -13.95 -26.22
CA ASP A 963 -24.94 -13.60 -25.98
C ASP A 963 -24.53 -13.86 -24.54
N PHE A 964 -25.43 -13.58 -23.59
CA PHE A 964 -25.08 -13.75 -22.18
C PHE A 964 -25.14 -15.21 -21.75
N LEU A 965 -26.09 -15.97 -22.29
CA LEU A 965 -26.16 -17.40 -21.99
C LEU A 965 -24.86 -18.12 -22.32
N ILE A 966 -24.19 -17.69 -23.39
CA ILE A 966 -22.92 -18.29 -23.75
C ILE A 966 -21.85 -17.91 -22.73
N VAL A 967 -21.96 -16.72 -22.16
CA VAL A 967 -21.01 -16.28 -21.12
C VAL A 967 -21.25 -17.05 -19.83
N ILE A 968 -22.52 -17.15 -19.39
CA ILE A 968 -22.84 -17.84 -18.15
C ILE A 968 -22.40 -19.30 -18.20
N SER A 969 -22.55 -19.93 -19.35
CA SER A 969 -22.27 -21.35 -19.53
C SER A 969 -21.31 -21.49 -20.71
N LYS A 970 -20.07 -21.88 -20.43
CA LYS A 970 -19.04 -21.97 -21.46
C LYS A 970 -19.53 -22.78 -22.66
N GLY A 971 -19.36 -22.19 -23.86
CA GLY A 971 -19.68 -22.88 -25.09
C GLY A 971 -21.06 -23.49 -25.04
N ALA A 972 -21.11 -24.82 -25.13
CA ALA A 972 -22.33 -25.61 -25.09
C ALA A 972 -23.33 -25.19 -26.16
N GLN A 973 -23.42 -26.00 -27.22
CA GLN A 973 -24.36 -25.72 -28.30
C GLN A 973 -25.77 -25.52 -27.76
N GLU A 974 -26.25 -26.48 -26.98
CA GLU A 974 -27.54 -26.36 -26.31
C GLU A 974 -27.28 -25.89 -24.87
N CYS A 975 -27.11 -24.58 -24.73
CA CYS A 975 -26.94 -23.94 -23.43
C CYS A 975 -28.25 -23.44 -22.87
N THR A 976 -29.38 -23.80 -23.50
CA THR A 976 -30.69 -23.33 -23.02
C THR A 976 -30.95 -23.78 -21.59
N LYS A 977 -30.58 -25.01 -21.25
CA LYS A 977 -30.71 -25.55 -19.89
C LYS A 977 -29.40 -26.22 -19.49
N THR A 978 -28.65 -25.57 -18.60
CA THR A 978 -27.43 -26.12 -18.02
C THR A 978 -27.49 -25.94 -16.51
N ARG A 979 -26.54 -26.58 -15.81
CA ARG A 979 -26.42 -26.36 -14.38
C ARG A 979 -25.99 -24.94 -14.06
N GLU A 980 -25.16 -24.33 -14.91
CA GLU A 980 -24.78 -22.94 -14.70
C GLU A 980 -25.97 -22.01 -14.92
N PHE A 981 -26.87 -22.36 -15.84
CA PHE A 981 -28.07 -21.55 -16.05
C PHE A 981 -29.08 -21.72 -14.93
N GLU A 982 -29.27 -22.97 -14.47
CA GLU A 982 -30.19 -23.22 -13.37
C GLU A 982 -29.81 -22.41 -12.13
N ARG A 983 -28.52 -22.19 -11.91
CA ARG A 983 -28.07 -21.36 -10.81
C ARG A 983 -28.43 -19.90 -11.05
N PHE A 984 -28.23 -19.42 -12.28
CA PHE A 984 -28.55 -18.04 -12.63
C PHE A 984 -30.02 -17.73 -12.44
N GLN A 985 -30.90 -18.65 -12.83
CA GLN A 985 -32.33 -18.42 -12.68
C GLN A 985 -32.73 -18.32 -11.21
N GLU A 986 -32.21 -19.24 -10.38
CA GLU A 986 -32.52 -19.20 -8.96
C GLU A 986 -32.04 -17.91 -8.29
N MET A 987 -30.87 -17.41 -8.69
CA MET A 987 -30.41 -16.12 -8.19
C MET A 987 -31.41 -15.02 -8.48
N CYS A 988 -31.98 -15.01 -9.69
CA CYS A 988 -32.95 -13.99 -10.05
C CYS A 988 -34.24 -14.16 -9.26
N TYR A 989 -34.66 -15.41 -9.05
CA TYR A 989 -35.88 -15.68 -8.28
C TYR A 989 -35.73 -15.15 -6.86
N LYS A 990 -34.62 -15.48 -6.19
CA LYS A 990 -34.37 -14.99 -4.85
C LYS A 990 -34.37 -13.47 -4.81
N ALA A 991 -33.77 -12.84 -5.82
CA ALA A 991 -33.68 -11.38 -5.86
C ALA A 991 -35.03 -10.74 -6.10
N TYR A 992 -35.75 -11.18 -7.14
CA TYR A 992 -37.05 -10.61 -7.47
C TYR A 992 -37.98 -10.61 -6.26
N LEU A 993 -38.01 -11.71 -5.52
CA LEU A 993 -38.87 -11.78 -4.33
C LEU A 993 -38.32 -10.90 -3.20
N ALA A 994 -37.00 -10.72 -3.14
CA ALA A 994 -36.41 -9.88 -2.10
C ALA A 994 -36.83 -8.42 -2.26
N ILE A 995 -36.85 -7.92 -3.50
CA ILE A 995 -37.31 -6.56 -3.75
C ILE A 995 -38.81 -6.46 -3.51
N ARG A 996 -39.55 -7.52 -3.84
CA ARG A 996 -40.99 -7.56 -3.59
C ARG A 996 -41.30 -7.40 -2.11
N GLN A 997 -40.46 -8.00 -1.25
CA GLN A 997 -40.67 -7.88 0.18
C GLN A 997 -40.50 -6.44 0.66
N HIS A 998 -39.55 -5.72 0.07
CA HIS A 998 -39.28 -4.33 0.41
C HIS A 998 -39.91 -3.36 -0.57
N ALA A 999 -41.06 -3.73 -1.14
CA ALA A 999 -41.70 -2.90 -2.17
C ALA A 999 -42.14 -1.55 -1.61
N ASN A 1000 -42.61 -1.52 -0.36
CA ASN A 1000 -43.08 -0.28 0.24
C ASN A 1000 -42.00 0.80 0.22
N LEU A 1001 -40.76 0.41 0.50
CA LEU A 1001 -39.65 1.37 0.47
C LEU A 1001 -39.54 2.06 -0.88
N PHE A 1002 -39.49 1.27 -1.96
CA PHE A 1002 -39.29 1.84 -3.29
C PHE A 1002 -40.46 2.71 -3.71
N ILE A 1003 -41.69 2.31 -3.36
CA ILE A 1003 -42.86 3.15 -3.65
C ILE A 1003 -42.73 4.50 -2.95
N ASN A 1004 -42.35 4.48 -1.68
CA ASN A 1004 -42.17 5.72 -0.93
C ASN A 1004 -41.03 6.55 -1.49
N LEU A 1005 -39.95 5.89 -1.92
CA LEU A 1005 -38.82 6.61 -2.51
C LEU A 1005 -39.24 7.38 -3.75
N PHE A 1006 -40.04 6.75 -4.62
CA PHE A 1006 -40.53 7.45 -5.80
C PHE A 1006 -41.57 8.50 -5.43
N SER A 1007 -42.43 8.20 -4.45
CA SER A 1007 -43.46 9.15 -4.06
C SER A 1007 -42.87 10.44 -3.54
N MET A 1008 -41.74 10.35 -2.83
CA MET A 1008 -41.09 11.56 -2.34
C MET A 1008 -40.47 12.35 -3.49
N MET A 1009 -40.09 11.66 -4.57
CA MET A 1009 -39.51 12.31 -5.74
C MET A 1009 -40.56 12.81 -6.71
N LEU A 1010 -41.74 13.19 -6.22
CA LEU A 1010 -42.75 13.82 -7.03
C LEU A 1010 -42.69 15.34 -6.97
N GLY A 1011 -42.12 15.89 -5.89
CA GLY A 1011 -41.88 17.32 -5.84
C GLY A 1011 -40.97 17.80 -6.96
N SER A 1012 -39.92 17.04 -7.25
CA SER A 1012 -39.05 17.38 -8.36
C SER A 1012 -39.80 17.30 -9.68
N GLY A 1013 -39.59 18.30 -10.53
CA GLY A 1013 -40.30 18.38 -11.80
C GLY A 1013 -39.77 17.44 -12.86
N MET A 1014 -39.96 16.14 -12.67
CA MET A 1014 -39.55 15.18 -13.69
C MET A 1014 -40.73 14.81 -14.58
N PRO A 1015 -40.51 14.73 -15.89
CA PRO A 1015 -41.63 14.40 -16.80
C PRO A 1015 -42.14 12.98 -16.63
N GLU A 1016 -41.33 12.08 -16.07
CA GLU A 1016 -41.73 10.70 -15.85
C GLU A 1016 -42.23 10.45 -14.43
N LEU A 1017 -42.35 11.51 -13.62
CA LEU A 1017 -42.82 11.42 -12.23
C LEU A 1017 -43.66 12.65 -11.94
N GLN A 1018 -44.96 12.57 -12.22
CA GLN A 1018 -45.87 13.67 -11.96
C GLN A 1018 -47.04 13.24 -11.09
N SER A 1019 -47.68 12.13 -11.44
CA SER A 1019 -48.78 11.56 -10.67
C SER A 1019 -48.37 10.21 -10.11
N PHE A 1020 -49.22 9.68 -9.22
CA PHE A 1020 -49.00 8.34 -8.69
C PHE A 1020 -49.26 7.27 -9.74
N ASP A 1021 -50.01 7.58 -10.79
CA ASP A 1021 -50.25 6.63 -11.86
C ASP A 1021 -48.96 6.21 -12.54
N ASP A 1022 -47.95 7.09 -12.54
CA ASP A 1022 -46.64 6.71 -13.07
C ASP A 1022 -45.96 5.70 -12.18
N ILE A 1023 -46.05 5.88 -10.86
CA ILE A 1023 -45.40 4.96 -9.93
C ILE A 1023 -46.12 3.63 -9.88
N ALA A 1024 -47.41 3.60 -10.21
CA ALA A 1024 -48.20 2.38 -10.13
C ALA A 1024 -47.59 1.22 -10.91
N TYR A 1025 -46.76 1.52 -11.92
CA TYR A 1025 -46.18 0.49 -12.77
C TYR A 1025 -45.47 -0.59 -11.97
N ILE A 1026 -44.78 -0.20 -10.89
CA ILE A 1026 -44.06 -1.17 -10.07
C ILE A 1026 -44.99 -2.27 -9.57
N ARG A 1027 -46.25 -1.93 -9.29
CA ARG A 1027 -47.19 -2.92 -8.80
C ARG A 1027 -47.46 -4.02 -9.82
N LYS A 1028 -47.35 -3.70 -11.11
CA LYS A 1028 -47.50 -4.73 -12.14
C LYS A 1028 -46.30 -5.66 -12.15
N THR A 1029 -45.09 -5.10 -12.19
CA THR A 1029 -43.88 -5.91 -12.24
C THR A 1029 -43.73 -6.77 -10.99
N LEU A 1030 -43.89 -6.16 -9.81
CA LEU A 1030 -43.79 -6.90 -8.56
C LEU A 1030 -45.02 -7.74 -8.27
N ALA A 1031 -46.16 -7.42 -8.90
CA ALA A 1031 -47.41 -8.18 -8.73
C ALA A 1031 -47.83 -8.22 -7.26
N LEU A 1032 -48.07 -7.04 -6.71
CA LEU A 1032 -48.37 -6.93 -5.28
C LEU A 1032 -49.75 -7.49 -4.96
N ASP A 1033 -50.72 -7.33 -5.87
CA ASP A 1033 -52.05 -7.89 -5.64
C ASP A 1033 -52.04 -9.41 -5.73
N LYS A 1034 -51.18 -9.97 -6.58
CA LYS A 1034 -51.11 -11.41 -6.75
C LYS A 1034 -50.41 -12.07 -5.57
N THR A 1035 -50.62 -13.39 -5.45
CA THR A 1035 -50.09 -14.14 -4.33
C THR A 1035 -48.56 -14.18 -4.38
N GLU A 1036 -47.95 -14.39 -3.22
CA GLU A 1036 -46.50 -14.46 -3.13
C GLU A 1036 -45.92 -15.55 -4.02
N GLN A 1037 -46.55 -16.73 -4.01
CA GLN A 1037 -46.10 -17.81 -4.90
C GLN A 1037 -46.47 -17.50 -6.35
N GLU A 1038 -47.65 -16.93 -6.56
CA GLU A 1038 -48.09 -16.58 -7.92
C GLU A 1038 -47.20 -15.50 -8.53
N ALA A 1039 -46.67 -14.59 -7.71
CA ALA A 1039 -45.80 -13.54 -8.23
C ALA A 1039 -44.54 -14.13 -8.85
N LEU A 1040 -43.96 -15.15 -8.22
CA LEU A 1040 -42.81 -15.82 -8.81
C LEU A 1040 -43.19 -16.56 -10.09
N GLU A 1041 -44.35 -17.20 -10.11
CA GLU A 1041 -44.81 -17.86 -11.33
C GLU A 1041 -45.04 -16.85 -12.44
N TYR A 1042 -45.53 -15.65 -12.07
CA TYR A 1042 -45.65 -14.56 -13.03
C TYR A 1042 -44.30 -14.16 -13.58
N PHE A 1043 -43.32 -13.97 -12.69
CA PHE A 1043 -41.98 -13.56 -13.10
C PHE A 1043 -41.38 -14.52 -14.11
N MET A 1044 -41.42 -15.82 -13.81
CA MET A 1044 -40.85 -16.82 -14.71
C MET A 1044 -41.47 -16.75 -16.11
N LYS A 1045 -42.76 -16.44 -16.18
CA LYS A 1045 -43.43 -16.35 -17.48
C LYS A 1045 -42.93 -15.14 -18.26
N GLN A 1046 -42.86 -13.98 -17.60
CA GLN A 1046 -42.39 -12.76 -18.26
C GLN A 1046 -40.99 -12.96 -18.83
N MET A 1047 -40.10 -13.62 -18.08
CA MET A 1047 -38.74 -13.83 -18.54
C MET A 1047 -38.68 -14.82 -19.70
N ASN A 1048 -39.45 -15.91 -19.60
CA ASN A 1048 -39.45 -16.92 -20.66
C ASN A 1048 -39.89 -16.32 -21.99
N ASP A 1049 -40.90 -15.44 -21.96
CA ASP A 1049 -41.36 -14.80 -23.18
C ASP A 1049 -40.27 -13.90 -23.78
N ALA A 1050 -39.57 -13.14 -22.92
CA ALA A 1050 -38.51 -12.27 -23.41
C ALA A 1050 -37.35 -13.06 -23.98
N ARG A 1051 -37.05 -14.23 -23.40
CA ARG A 1051 -35.97 -15.07 -23.92
C ARG A 1051 -36.31 -15.59 -25.32
N HIS A 1052 -37.46 -16.25 -25.45
CA HIS A 1052 -37.85 -16.81 -26.74
C HIS A 1052 -38.04 -15.73 -27.79
N GLY A 1053 -38.48 -14.54 -27.38
CA GLY A 1053 -38.58 -13.44 -28.33
C GLY A 1053 -37.23 -13.00 -28.86
N GLY A 1054 -36.18 -13.10 -28.03
CA GLY A 1054 -34.86 -12.68 -28.48
C GLY A 1054 -34.28 -13.57 -29.57
N TRP A 1055 -34.43 -14.89 -29.41
CA TRP A 1055 -33.95 -15.83 -30.41
C TRP A 1055 -34.41 -15.47 -31.81
N THR A 1056 -35.70 -15.17 -31.97
CA THR A 1056 -36.28 -15.02 -33.30
C THR A 1056 -35.91 -13.69 -33.95
N THR A 1057 -35.87 -12.60 -33.18
CA THR A 1057 -35.75 -11.27 -33.75
C THR A 1057 -34.35 -11.02 -34.31
N LYS A 1058 -34.31 -10.23 -35.39
CA LYS A 1058 -33.08 -9.77 -36.02
C LYS A 1058 -32.80 -8.35 -35.53
N MET A 1059 -31.62 -8.14 -34.95
CA MET A 1059 -31.41 -6.94 -34.13
C MET A 1059 -31.23 -5.69 -34.99
N ASP A 1060 -30.27 -5.75 -35.94
CA ASP A 1060 -29.69 -4.59 -36.63
C ASP A 1060 -28.76 -3.85 -35.69
N TRP A 1061 -27.55 -3.59 -36.18
CA TRP A 1061 -26.41 -3.21 -35.34
C TRP A 1061 -26.42 -1.74 -34.95
N ILE A 1062 -26.71 -0.85 -35.90
CA ILE A 1062 -26.57 0.58 -35.67
C ILE A 1062 -27.87 1.19 -35.16
N PHE A 1063 -28.94 1.09 -35.96
CA PHE A 1063 -30.18 1.82 -35.69
C PHE A 1063 -31.11 1.12 -34.71
N HIS A 1064 -30.80 -0.10 -34.30
CA HIS A 1064 -31.60 -0.85 -33.32
C HIS A 1064 -33.02 -1.06 -33.81
N THR A 1065 -33.18 -1.28 -35.11
CA THR A 1065 -34.48 -1.53 -35.70
C THR A 1065 -34.60 -3.02 -36.01
N ILE A 1066 -35.61 -3.67 -35.45
CA ILE A 1066 -35.72 -5.12 -35.52
C ILE A 1066 -36.48 -5.51 -36.78
N LYS A 1067 -35.84 -6.32 -37.63
CA LYS A 1067 -36.46 -6.82 -38.84
C LYS A 1067 -37.35 -8.03 -38.57
N GLN A 1068 -36.96 -8.85 -37.59
CA GLN A 1068 -37.71 -10.03 -37.17
C GLN A 1068 -37.72 -11.09 -38.28
N MET B 5 -82.09 -4.04 -14.13
CA MET B 5 -81.18 -4.82 -13.29
C MET B 5 -80.71 -6.08 -14.02
N SER B 6 -79.63 -5.91 -14.79
CA SER B 6 -79.04 -6.96 -15.62
C SER B 6 -77.54 -7.05 -15.34
N LEU B 7 -76.97 -8.21 -15.72
CA LEU B 7 -75.54 -8.42 -15.50
C LEU B 7 -74.71 -7.34 -16.19
N GLN B 8 -74.89 -7.15 -17.50
CA GLN B 8 -74.28 -6.05 -18.23
C GLN B 8 -75.30 -5.46 -19.19
N ASP B 9 -75.56 -4.15 -19.08
CA ASP B 9 -76.42 -3.45 -20.02
C ASP B 9 -75.71 -2.32 -20.76
N ALA B 10 -74.73 -1.68 -20.12
CA ALA B 10 -73.99 -0.50 -20.57
C ALA B 10 -74.77 0.77 -20.30
N GLU B 11 -75.02 1.07 -19.02
CA GLU B 11 -75.58 2.35 -18.61
C GLU B 11 -74.65 3.08 -17.65
N TRP B 12 -74.26 2.46 -16.53
CA TRP B 12 -73.18 3.00 -15.70
C TRP B 12 -72.15 1.92 -15.38
N TYR B 13 -71.91 0.99 -16.30
CA TYR B 13 -71.10 -0.19 -16.01
C TYR B 13 -70.01 -0.34 -17.06
N TRP B 14 -68.79 -0.01 -16.67
CA TRP B 14 -67.58 -0.33 -17.38
C TRP B 14 -66.98 -1.58 -16.74
N GLY B 15 -65.81 -2.00 -17.21
CA GLY B 15 -65.13 -3.15 -16.65
C GLY B 15 -64.50 -2.81 -15.32
N ASP B 16 -63.37 -3.43 -15.02
CA ASP B 16 -62.59 -3.07 -13.83
C ASP B 16 -61.41 -2.19 -14.23
N ILE B 17 -61.72 -1.18 -15.07
CA ILE B 17 -60.71 -0.24 -15.52
C ILE B 17 -60.01 0.42 -14.33
N SER B 18 -58.82 0.97 -14.59
CA SER B 18 -57.96 1.43 -13.51
C SER B 18 -58.56 2.65 -12.80
N ARG B 19 -57.87 3.08 -11.74
CA ARG B 19 -58.18 4.27 -10.97
C ARG B 19 -57.73 5.54 -11.67
N GLU B 20 -57.08 5.40 -12.83
CA GLU B 20 -56.68 6.55 -13.62
C GLU B 20 -57.81 7.02 -14.51
N GLU B 21 -58.64 6.08 -14.97
CA GLU B 21 -59.79 6.38 -15.82
C GLU B 21 -61.08 6.37 -15.01
N VAL B 22 -60.99 6.84 -13.76
CA VAL B 22 -62.12 6.94 -12.85
C VAL B 22 -62.09 8.33 -12.25
N ASN B 23 -60.96 8.70 -11.66
CA ASN B 23 -60.79 10.06 -11.15
C ASN B 23 -60.97 11.07 -12.27
N GLU B 24 -60.52 10.73 -13.49
CA GLU B 24 -60.65 11.60 -14.65
C GLU B 24 -62.05 11.58 -15.25
N LYS B 25 -62.92 10.67 -14.80
CA LYS B 25 -64.29 10.61 -15.27
C LYS B 25 -65.25 11.31 -14.33
N LEU B 26 -64.75 11.82 -13.20
CA LEU B 26 -65.57 12.60 -12.29
C LEU B 26 -64.72 13.69 -11.64
N ARG B 27 -63.78 14.24 -12.40
CA ARG B 27 -62.94 15.33 -11.92
C ARG B 27 -63.63 16.63 -12.30
N ASP B 28 -63.81 17.51 -11.31
CA ASP B 28 -64.56 18.75 -11.48
C ASP B 28 -65.99 18.43 -11.92
N THR B 29 -66.73 17.83 -10.99
CA THR B 29 -68.10 17.40 -11.20
C THR B 29 -68.88 17.67 -9.92
N ALA B 30 -70.20 17.56 -10.00
CA ALA B 30 -71.04 17.80 -8.83
C ALA B 30 -71.07 16.55 -7.94
N ASP B 31 -71.99 16.54 -6.98
CA ASP B 31 -72.14 15.40 -6.06
C ASP B 31 -72.70 14.18 -6.79
N GLY B 32 -71.99 13.70 -7.81
CA GLY B 32 -72.43 12.55 -8.56
C GLY B 32 -71.38 12.05 -9.54
N THR B 33 -71.81 11.77 -10.77
CA THR B 33 -70.95 11.22 -11.81
C THR B 33 -70.24 9.98 -11.28
N PHE B 34 -70.95 8.86 -11.26
CA PHE B 34 -70.49 7.63 -10.65
C PHE B 34 -70.48 6.49 -11.66
N LEU B 35 -69.82 5.40 -11.27
CA LEU B 35 -69.68 4.21 -12.11
C LEU B 35 -69.35 3.02 -11.22
N VAL B 36 -69.49 1.82 -11.79
CA VAL B 36 -69.28 0.57 -11.07
C VAL B 36 -67.91 0.01 -11.41
N ARG B 37 -67.29 -0.64 -10.43
CA ARG B 37 -65.96 -1.20 -10.57
C ARG B 37 -65.89 -2.50 -9.78
N ASP B 38 -64.70 -3.11 -9.78
CA ASP B 38 -64.41 -4.32 -9.03
C ASP B 38 -63.25 -4.02 -8.08
N ALA B 39 -63.03 -4.94 -7.13
CA ALA B 39 -61.95 -4.75 -6.17
C ALA B 39 -61.27 -6.08 -5.90
N SER B 40 -60.22 -6.03 -5.09
CA SER B 40 -59.44 -7.22 -4.73
C SER B 40 -60.12 -8.02 -3.62
N ASP B 46 -66.22 -9.51 -6.35
CA ASP B 46 -66.21 -8.24 -5.60
C ASP B 46 -66.86 -7.11 -6.39
N TYR B 47 -67.37 -6.12 -5.65
CA TYR B 47 -68.00 -4.95 -6.21
C TYR B 47 -67.47 -3.69 -5.56
N THR B 48 -67.48 -2.61 -6.34
CA THR B 48 -67.00 -1.30 -5.89
C THR B 48 -67.90 -0.23 -6.49
N LEU B 49 -68.20 0.78 -5.70
CA LEU B 49 -69.03 1.90 -6.13
C LEU B 49 -68.23 3.19 -5.92
N THR B 50 -68.25 4.07 -6.91
CA THR B 50 -67.53 5.33 -6.84
C THR B 50 -68.50 6.45 -6.48
N LEU B 51 -68.05 7.32 -5.58
CA LEU B 51 -68.89 8.38 -5.02
C LEU B 51 -68.15 9.71 -5.10
N ARG B 52 -68.88 10.78 -4.80
CA ARG B 52 -68.29 12.11 -4.72
C ARG B 52 -69.12 12.94 -3.75
N LYS B 53 -68.51 13.33 -2.64
CA LYS B 53 -69.18 14.20 -1.67
C LYS B 53 -68.12 14.93 -0.87
N GLY B 54 -68.46 16.14 -0.43
CA GLY B 54 -67.50 16.95 0.29
C GLY B 54 -66.43 17.56 -0.59
N GLY B 55 -66.66 17.61 -1.90
CA GLY B 55 -65.62 18.04 -2.82
C GLY B 55 -64.53 17.02 -3.08
N ASN B 56 -64.67 15.80 -2.54
CA ASN B 56 -63.66 14.77 -2.64
C ASN B 56 -64.16 13.59 -3.45
N ASN B 57 -63.24 12.70 -3.80
CA ASN B 57 -63.54 11.48 -4.54
C ASN B 57 -63.43 10.29 -3.59
N LYS B 58 -64.57 9.72 -3.21
CA LYS B 58 -64.64 8.62 -2.27
C LYS B 58 -64.92 7.32 -3.01
N LEU B 59 -64.68 6.20 -2.32
CA LEU B 59 -64.77 4.87 -2.91
C LEU B 59 -65.35 3.91 -1.90
N ILE B 60 -66.37 3.15 -2.30
CA ILE B 60 -67.08 2.25 -1.41
C ILE B 60 -67.02 0.82 -1.94
N LYS B 61 -66.89 -0.13 -1.00
CA LYS B 61 -66.86 -1.55 -1.30
C LYS B 61 -68.20 -2.18 -0.92
N ILE B 62 -68.60 -3.18 -1.70
CA ILE B 62 -69.85 -3.91 -1.48
C ILE B 62 -69.51 -5.38 -1.39
N PHE B 63 -69.72 -5.98 -0.23
CA PHE B 63 -69.44 -7.40 -0.07
C PHE B 63 -70.59 -8.20 -0.67
N HIS B 64 -70.25 -9.11 -1.59
CA HIS B 64 -71.24 -9.92 -2.30
C HIS B 64 -71.28 -11.35 -1.78
N ARG B 65 -71.18 -11.55 -0.47
CA ARG B 65 -71.13 -12.88 0.08
C ARG B 65 -72.54 -13.30 0.47
N ASP B 66 -72.78 -14.62 0.43
CA ASP B 66 -74.11 -15.21 0.60
C ASP B 66 -75.02 -14.88 -0.58
N GLY B 67 -74.42 -14.51 -1.71
CA GLY B 67 -75.18 -14.07 -2.87
C GLY B 67 -76.03 -12.85 -2.63
N LYS B 68 -75.62 -11.96 -1.74
CA LYS B 68 -76.41 -10.80 -1.36
C LYS B 68 -75.47 -9.62 -1.13
N TYR B 69 -76.06 -8.42 -0.98
CA TYR B 69 -75.31 -7.18 -1.01
C TYR B 69 -75.70 -6.26 0.14
N GLY B 70 -74.84 -5.26 0.37
CA GLY B 70 -75.09 -4.25 1.38
C GLY B 70 -73.86 -3.44 1.75
N PHE B 71 -74.07 -2.18 2.15
CA PHE B 71 -72.99 -1.31 2.60
C PHE B 71 -72.71 -1.51 4.08
N SER B 72 -73.72 -1.27 4.91
CA SER B 72 -73.56 -1.25 6.36
C SER B 72 -73.44 -2.67 6.89
N ASP B 73 -73.35 -2.79 8.22
CA ASP B 73 -73.21 -4.10 8.84
C ASP B 73 -74.40 -5.01 8.56
N PRO B 74 -75.66 -4.63 8.79
CA PRO B 74 -76.77 -5.54 8.51
C PRO B 74 -77.06 -5.67 7.03
N LEU B 75 -76.92 -6.90 6.52
CA LEU B 75 -77.21 -7.21 5.12
C LEU B 75 -78.67 -6.91 4.79
N THR B 76 -78.90 -6.02 3.82
CA THR B 76 -80.25 -5.52 3.54
C THR B 76 -80.65 -5.58 2.07
N PHE B 77 -79.95 -6.33 1.23
CA PHE B 77 -80.33 -6.50 -0.17
C PHE B 77 -79.96 -7.89 -0.66
N SER B 78 -80.35 -8.18 -1.91
CA SER B 78 -80.04 -9.46 -2.55
C SER B 78 -80.02 -9.29 -4.06
N SER B 79 -79.43 -8.20 -4.54
CA SER B 79 -79.25 -7.95 -5.97
C SER B 79 -78.34 -6.74 -6.13
N VAL B 80 -77.86 -6.54 -7.36
CA VAL B 80 -76.89 -5.47 -7.63
C VAL B 80 -77.59 -4.14 -7.80
N VAL B 81 -78.51 -4.05 -8.78
CA VAL B 81 -79.03 -2.76 -9.21
C VAL B 81 -80.22 -2.29 -8.38
N GLU B 82 -80.64 -3.05 -7.37
CA GLU B 82 -81.64 -2.58 -6.43
C GLU B 82 -81.02 -2.16 -5.10
N LEU B 83 -79.69 -2.08 -5.05
CA LEU B 83 -78.97 -1.47 -3.94
C LEU B 83 -78.78 0.02 -4.15
N ILE B 84 -78.69 0.45 -5.41
CA ILE B 84 -78.53 1.86 -5.72
C ILE B 84 -79.82 2.63 -5.44
N ASN B 85 -80.98 1.98 -5.68
CA ASN B 85 -82.24 2.71 -5.64
C ASN B 85 -82.59 3.20 -4.24
N HIS B 86 -82.11 2.50 -3.20
CA HIS B 86 -82.45 2.89 -1.84
C HIS B 86 -81.78 4.21 -1.46
N TYR B 87 -80.46 4.26 -1.53
CA TYR B 87 -79.72 5.48 -1.24
C TYR B 87 -79.83 6.53 -2.34
N ARG B 88 -80.31 6.17 -3.54
CA ARG B 88 -80.50 7.18 -4.57
C ARG B 88 -81.49 8.25 -4.13
N ASN B 89 -82.65 7.83 -3.64
CA ASN B 89 -83.60 8.76 -3.05
C ASN B 89 -83.74 8.52 -1.55
N LEU B 99 -75.01 11.19 7.51
CA LEU B 99 -75.22 12.01 6.32
C LEU B 99 -74.88 11.24 5.05
N ASP B 100 -75.64 10.18 4.78
CA ASP B 100 -75.46 9.35 3.59
C ASP B 100 -76.13 10.08 2.43
N VAL B 101 -75.34 10.87 1.69
CA VAL B 101 -75.87 11.74 0.64
C VAL B 101 -76.12 10.93 -0.63
N LYS B 102 -77.09 11.41 -1.42
CA LYS B 102 -77.62 10.72 -2.58
C LYS B 102 -76.70 10.86 -3.79
N LEU B 103 -76.84 9.91 -4.71
CA LEU B 103 -76.19 9.95 -6.02
C LEU B 103 -77.06 10.73 -7.01
N LEU B 104 -76.42 11.51 -7.87
CA LEU B 104 -77.19 12.38 -8.77
C LEU B 104 -77.23 11.85 -10.19
N TYR B 105 -76.18 12.11 -10.96
CA TYR B 105 -76.16 11.80 -12.38
C TYR B 105 -75.11 10.74 -12.63
N PRO B 106 -75.40 9.69 -13.39
CA PRO B 106 -74.40 8.69 -13.72
C PRO B 106 -73.59 9.07 -14.96
N VAL B 107 -72.50 8.34 -15.17
CA VAL B 107 -71.62 8.54 -16.32
C VAL B 107 -71.91 7.43 -17.31
N SER B 108 -72.31 7.82 -18.52
CA SER B 108 -72.88 6.90 -19.48
C SER B 108 -71.80 6.14 -20.21
N LYS B 109 -72.23 5.16 -21.01
CA LYS B 109 -71.36 4.37 -21.88
C LYS B 109 -71.77 4.56 -23.33
N TYR B 110 -72.46 5.67 -23.65
CA TYR B 110 -72.90 6.01 -25.01
C TYR B 110 -72.78 7.52 -25.16
N GLN B 111 -71.58 8.00 -25.48
CA GLN B 111 -71.34 9.42 -25.70
C GLN B 111 -70.06 9.58 -26.50
N GLN B 112 -69.98 10.67 -27.26
CA GLN B 112 -68.77 11.02 -27.99
C GLN B 112 -67.59 11.17 -27.03
N GLU B 122 -69.92 3.12 -38.39
CA GLU B 122 -69.88 2.07 -39.41
C GLU B 122 -68.44 1.81 -39.84
N ALA B 123 -67.64 1.24 -38.92
CA ALA B 123 -66.24 0.92 -39.16
C ALA B 123 -65.45 2.17 -39.55
N VAL B 124 -65.38 3.11 -38.60
CA VAL B 124 -64.85 4.45 -38.84
C VAL B 124 -63.93 4.81 -37.69
N GLY B 125 -62.63 4.68 -37.92
CA GLY B 125 -61.60 5.14 -37.00
C GLY B 125 -60.79 6.13 -37.78
N LYS B 126 -61.21 6.35 -39.03
CA LYS B 126 -60.52 7.20 -39.98
C LYS B 126 -60.96 8.66 -39.96
N LYS B 127 -62.16 8.97 -39.47
CA LYS B 127 -62.53 10.38 -39.36
C LYS B 127 -61.86 11.04 -38.17
N LEU B 128 -61.66 10.31 -37.08
CA LEU B 128 -60.99 10.86 -35.92
C LEU B 128 -59.48 10.94 -36.13
N HIS B 129 -58.97 10.29 -37.18
CA HIS B 129 -57.62 10.56 -37.65
C HIS B 129 -57.42 12.03 -37.98
N GLU B 130 -58.50 12.77 -38.23
CA GLU B 130 -58.42 14.20 -38.50
C GLU B 130 -58.40 15.05 -37.23
N TYR B 131 -58.99 14.54 -36.14
CA TYR B 131 -58.85 15.18 -34.84
C TYR B 131 -57.48 14.92 -34.22
N ASN B 132 -56.88 13.77 -34.50
CA ASN B 132 -55.54 13.53 -33.98
C ASN B 132 -54.51 14.27 -34.83
N THR B 133 -54.79 14.43 -36.12
CA THR B 133 -53.98 15.30 -36.96
C THR B 133 -54.06 16.74 -36.48
N GLN B 134 -55.25 17.18 -36.06
CA GLN B 134 -55.40 18.52 -35.49
C GLN B 134 -54.69 18.63 -34.15
N PHE B 135 -54.82 17.60 -33.30
CA PHE B 135 -54.15 17.62 -32.01
C PHE B 135 -52.65 17.80 -32.17
N GLN B 136 -52.05 17.04 -33.10
CA GLN B 136 -50.63 17.19 -33.36
C GLN B 136 -50.32 18.57 -33.95
N GLU B 137 -51.18 19.04 -34.87
CA GLU B 137 -50.98 20.34 -35.48
C GLU B 137 -51.26 21.48 -34.51
N LYS B 138 -51.92 21.20 -33.40
CA LYS B 138 -52.09 22.18 -32.33
C LYS B 138 -51.03 22.05 -31.25
N SER B 139 -50.51 20.84 -31.04
CA SER B 139 -49.37 20.66 -30.13
C SER B 139 -48.10 21.30 -30.68
N ARG B 140 -47.80 21.07 -31.97
CA ARG B 140 -46.60 21.63 -32.57
C ARG B 140 -46.62 23.16 -32.53
N GLU B 141 -47.73 23.74 -33.00
CA GLU B 141 -47.82 25.20 -33.06
C GLU B 141 -47.79 25.81 -31.66
N TYR B 142 -48.37 25.11 -30.67
CA TYR B 142 -48.28 25.57 -29.29
C TYR B 142 -46.88 25.40 -28.74
N ASP B 143 -46.21 24.29 -29.09
CA ASP B 143 -44.83 24.10 -28.64
C ASP B 143 -43.90 25.13 -29.28
N ARG B 144 -44.14 25.46 -30.55
CA ARG B 144 -43.37 26.54 -31.17
C ARG B 144 -43.61 27.87 -30.48
N LEU B 145 -44.86 28.11 -30.05
CA LEU B 145 -45.16 29.35 -29.33
C LEU B 145 -44.59 29.33 -27.92
N TYR B 146 -44.67 28.17 -27.25
CA TYR B 146 -44.10 28.05 -25.92
C TYR B 146 -42.58 28.18 -25.96
N GLU B 147 -41.96 27.78 -27.08
CA GLU B 147 -40.53 27.97 -27.25
C GLU B 147 -40.18 29.45 -27.27
N GLU B 148 -40.89 30.23 -28.09
CA GLU B 148 -40.66 31.68 -28.18
C GLU B 148 -41.25 32.43 -27.00
N TYR B 149 -41.96 31.73 -26.12
CA TYR B 149 -42.44 32.33 -24.87
C TYR B 149 -41.35 32.25 -23.82
N THR B 150 -40.75 31.07 -23.66
CA THR B 150 -39.62 30.90 -22.76
C THR B 150 -38.42 31.72 -23.23
N ARG B 151 -38.13 31.69 -24.54
CA ARG B 151 -37.00 32.46 -25.07
C ARG B 151 -37.18 33.96 -24.84
N THR B 152 -38.39 34.47 -25.05
CA THR B 152 -38.66 35.87 -24.72
C THR B 152 -38.64 36.11 -23.22
N SER B 153 -39.19 35.17 -22.44
CA SER B 153 -39.22 35.33 -20.98
C SER B 153 -37.81 35.43 -20.41
N GLN B 154 -36.89 34.57 -20.87
CA GLN B 154 -35.51 34.64 -20.41
C GLN B 154 -34.87 35.97 -20.81
N GLU B 155 -35.02 36.35 -22.08
CA GLU B 155 -34.38 37.56 -22.57
C GLU B 155 -34.91 38.82 -21.90
N ILE B 156 -36.17 38.82 -21.47
CA ILE B 156 -36.71 39.96 -20.74
C ILE B 156 -36.04 40.08 -19.38
N GLN B 157 -35.93 38.95 -18.66
CA GLN B 157 -35.23 38.96 -17.39
C GLN B 157 -33.75 39.33 -17.55
N MET B 158 -33.13 38.92 -18.66
CA MET B 158 -31.76 39.33 -18.91
C MET B 158 -31.65 40.86 -19.01
N LYS B 159 -32.53 41.46 -19.80
CA LYS B 159 -32.48 42.91 -20.00
C LYS B 159 -32.81 43.67 -18.71
N ARG B 160 -33.67 43.13 -17.87
CA ARG B 160 -33.99 43.83 -16.63
C ARG B 160 -32.75 43.97 -15.75
N THR B 161 -31.95 42.92 -15.65
CA THR B 161 -30.73 42.98 -14.84
C THR B 161 -29.68 43.88 -15.49
N ALA B 162 -29.62 43.87 -16.83
CA ALA B 162 -28.63 44.68 -17.53
C ALA B 162 -28.85 46.16 -17.30
N ILE B 163 -30.10 46.59 -17.18
CA ILE B 163 -30.38 47.99 -16.87
C ILE B 163 -29.87 48.33 -15.48
N GLU B 164 -30.12 47.46 -14.50
CA GLU B 164 -29.61 47.67 -13.15
C GLU B 164 -28.09 47.73 -13.13
N ALA B 165 -27.43 46.96 -13.99
CA ALA B 165 -25.98 47.05 -14.09
C ALA B 165 -25.55 48.38 -14.68
N PHE B 166 -26.25 48.84 -15.73
CA PHE B 166 -25.96 50.15 -16.29
C PHE B 166 -26.19 51.25 -15.26
N ASN B 167 -27.26 51.12 -14.47
CA ASN B 167 -27.55 52.12 -13.45
C ASN B 167 -26.43 52.17 -12.40
N GLU B 168 -25.99 51.00 -11.92
CA GLU B 168 -24.90 50.97 -10.96
C GLU B 168 -23.59 51.45 -11.59
N THR B 169 -23.40 51.20 -12.88
CA THR B 169 -22.23 51.72 -13.59
C THR B 169 -22.22 53.25 -13.59
N ILE B 170 -23.36 53.85 -13.94
CA ILE B 170 -23.44 55.31 -14.01
C ILE B 170 -23.20 55.92 -12.64
N LYS B 171 -23.76 55.31 -11.60
CA LYS B 171 -23.55 55.80 -10.24
C LYS B 171 -22.07 55.83 -9.89
N ILE B 172 -21.32 54.83 -10.34
CA ILE B 172 -19.87 54.80 -10.09
C ILE B 172 -19.16 55.88 -10.90
N PHE B 173 -19.52 56.02 -12.18
CA PHE B 173 -18.91 57.04 -13.02
C PHE B 173 -19.24 58.44 -12.55
N GLU B 174 -20.41 58.63 -11.92
CA GLU B 174 -20.75 59.92 -11.37
C GLU B 174 -20.04 60.17 -10.05
N GLU B 175 -19.81 59.10 -9.27
CA GLU B 175 -18.98 59.21 -8.09
C GLU B 175 -17.51 59.45 -8.45
N GLN B 176 -17.12 59.09 -9.68
CA GLN B 176 -15.78 59.42 -10.18
C GLN B 176 -15.66 60.90 -10.52
N CYS B 177 -16.72 61.48 -11.10
CA CYS B 177 -16.70 62.91 -11.41
C CYS B 177 -16.54 63.75 -10.16
N GLN B 178 -17.21 63.37 -9.07
CA GLN B 178 -17.05 64.05 -7.80
C GLN B 178 -15.60 63.98 -7.32
N THR B 179 -14.97 62.80 -7.47
CA THR B 179 -13.57 62.67 -7.07
C THR B 179 -12.66 63.54 -7.93
N GLN B 180 -13.00 63.72 -9.20
CA GLN B 180 -12.23 64.60 -10.07
C GLN B 180 -12.35 66.04 -9.61
N GLU B 181 -13.59 66.54 -9.52
CA GLU B 181 -13.83 67.91 -9.09
C GLU B 181 -13.26 68.18 -7.70
N ARG B 182 -13.21 67.16 -6.85
CA ARG B 182 -12.70 67.33 -5.49
C ARG B 182 -11.19 67.52 -5.50
N TYR B 183 -10.46 66.63 -6.16
CA TYR B 183 -9.00 66.67 -6.14
C TYR B 183 -8.44 67.72 -7.09
N SER B 184 -9.05 67.89 -8.26
CA SER B 184 -8.48 68.77 -9.27
C SER B 184 -8.60 70.25 -8.90
N LYS B 185 -9.44 70.59 -7.91
CA LYS B 185 -9.64 71.99 -7.56
C LYS B 185 -8.32 72.64 -7.16
N GLU B 186 -7.58 72.03 -6.23
CA GLU B 186 -6.37 72.64 -5.72
C GLU B 186 -5.27 72.73 -6.80
N TYR B 187 -5.28 71.83 -7.79
CA TYR B 187 -4.27 71.92 -8.83
C TYR B 187 -4.67 72.91 -9.92
N ILE B 188 -5.96 72.95 -10.28
CA ILE B 188 -6.41 73.97 -11.23
C ILE B 188 -6.32 75.35 -10.59
N GLU B 189 -6.71 75.46 -9.33
CA GLU B 189 -6.51 76.68 -8.54
C GLU B 189 -5.04 76.80 -8.16
N LYS B 190 -4.16 76.62 -9.14
CA LYS B 190 -2.71 76.75 -8.96
C LYS B 190 -2.06 76.87 -10.32
N PHE B 191 -2.56 76.11 -11.30
CA PHE B 191 -2.13 76.31 -12.67
C PHE B 191 -2.70 77.60 -13.24
N LYS B 192 -3.85 78.03 -12.71
CA LYS B 192 -4.38 79.34 -13.02
C LYS B 192 -3.46 80.44 -12.50
N ARG B 193 -3.06 80.33 -11.24
CA ARG B 193 -2.12 81.27 -10.63
C ARG B 193 -0.70 81.02 -11.09
N GLU B 194 -0.54 80.67 -12.37
CA GLU B 194 0.76 80.29 -12.89
C GLU B 194 0.77 80.42 -14.41
N GLY B 195 -0.42 80.48 -15.01
CA GLY B 195 -0.55 80.69 -16.44
C GLY B 195 -0.34 79.47 -17.30
N ASN B 196 -0.09 78.30 -16.71
CA ASN B 196 0.10 77.07 -17.47
C ASN B 196 -1.27 76.58 -17.94
N GLU B 197 -1.72 77.15 -19.06
CA GLU B 197 -3.06 76.85 -19.55
C GLU B 197 -3.12 75.44 -20.14
N LYS B 198 -2.18 75.10 -21.01
CA LYS B 198 -2.19 73.79 -21.65
C LYS B 198 -1.66 72.71 -20.70
N GLU B 199 -1.90 72.92 -19.43
CA GLU B 199 -1.80 71.90 -18.40
C GLU B 199 -3.15 71.65 -17.76
N ILE B 200 -3.95 72.71 -17.60
CA ILE B 200 -5.36 72.58 -17.24
C ILE B 200 -6.12 71.89 -18.37
N GLN B 201 -5.74 72.19 -19.61
CA GLN B 201 -6.37 71.55 -20.76
C GLN B 201 -6.26 70.03 -20.65
N ARG B 202 -5.10 69.53 -20.21
CA ARG B 202 -4.94 68.10 -19.99
C ARG B 202 -5.95 67.58 -18.98
N ILE B 203 -6.19 68.35 -17.91
CA ILE B 203 -7.15 67.94 -16.89
C ILE B 203 -8.57 68.00 -17.45
N MET B 204 -8.90 69.07 -18.16
CA MET B 204 -10.23 69.21 -18.74
C MET B 204 -10.47 68.19 -19.85
N HIS B 205 -9.44 67.93 -20.66
CA HIS B 205 -9.59 66.95 -21.74
C HIS B 205 -9.93 65.57 -21.20
N ASN B 206 -9.41 65.22 -20.03
CA ASN B 206 -9.75 63.95 -19.41
C ASN B 206 -11.14 63.97 -18.78
N TYR B 207 -11.47 65.04 -18.06
CA TYR B 207 -12.79 65.16 -17.45
C TYR B 207 -13.89 65.09 -18.51
N ASP B 208 -13.64 65.70 -19.68
CA ASP B 208 -14.59 65.59 -20.79
C ASP B 208 -14.72 64.15 -21.26
N LYS B 209 -13.59 63.44 -21.38
CA LYS B 209 -13.64 62.03 -21.75
C LYS B 209 -14.48 61.23 -20.77
N LEU B 210 -14.33 61.49 -19.47
CA LEU B 210 -15.14 60.85 -18.45
C LEU B 210 -16.62 61.16 -18.64
N LYS B 211 -16.96 62.44 -18.78
CA LYS B 211 -18.34 62.84 -19.00
C LYS B 211 -18.90 62.34 -20.32
N SER B 212 -18.06 62.26 -21.36
CA SER B 212 -18.55 61.75 -22.63
C SER B 212 -18.88 60.27 -22.54
N ARG B 213 -18.11 59.52 -21.74
CA ARG B 213 -18.39 58.11 -21.54
C ARG B 213 -19.70 57.90 -20.79
N ILE B 214 -20.01 58.81 -19.85
CA ILE B 214 -21.26 58.70 -19.10
C ILE B 214 -22.46 58.88 -20.03
N SER B 215 -22.37 59.82 -20.96
CA SER B 215 -23.44 59.99 -21.94
C SER B 215 -23.57 58.78 -22.85
N GLU B 216 -22.46 58.11 -23.15
CA GLU B 216 -22.53 56.91 -23.98
C GLU B 216 -23.18 55.76 -23.22
N ILE B 217 -22.95 55.68 -21.91
CA ILE B 217 -23.58 54.64 -21.11
C ILE B 217 -25.07 54.91 -20.97
N ILE B 218 -25.42 56.16 -20.65
CA ILE B 218 -26.84 56.51 -20.48
C ILE B 218 -27.60 56.33 -21.79
N ASP B 219 -26.99 56.74 -22.91
CA ASP B 219 -27.63 56.53 -24.21
C ASP B 219 -27.78 55.05 -24.52
N SER B 220 -26.82 54.23 -24.09
CA SER B 220 -26.93 52.79 -24.31
C SER B 220 -28.01 52.18 -23.43
N ARG B 221 -28.12 52.65 -22.19
CA ARG B 221 -29.16 52.15 -21.29
C ARG B 221 -30.55 52.57 -21.76
N ARG B 222 -30.68 53.76 -22.35
CA ARG B 222 -31.98 54.19 -22.85
C ARG B 222 -32.43 53.34 -24.02
N ARG B 223 -31.50 52.98 -24.91
CA ARG B 223 -31.82 52.09 -26.02
C ARG B 223 -32.26 50.71 -25.53
N LEU B 224 -31.64 50.22 -24.45
CA LEU B 224 -32.04 48.94 -23.90
C LEU B 224 -33.43 49.00 -23.28
N GLU B 225 -33.80 50.15 -22.70
CA GLU B 225 -35.16 50.32 -22.19
C GLU B 225 -36.17 50.30 -23.33
N GLU B 226 -35.78 50.76 -24.52
CA GLU B 226 -36.66 50.63 -25.68
C GLU B 226 -36.83 49.18 -26.09
N ASP B 227 -35.74 48.42 -26.10
CA ASP B 227 -35.81 47.00 -26.45
C ASP B 227 -36.55 46.19 -25.39
N LEU B 228 -36.57 46.68 -24.14
CA LEU B 228 -37.29 45.97 -23.07
C LEU B 228 -38.79 46.04 -23.29
N LYS B 229 -39.34 47.25 -23.45
CA LYS B 229 -40.78 47.42 -23.56
C LYS B 229 -41.32 47.01 -24.92
N LYS B 230 -40.48 47.02 -25.96
CA LYS B 230 -40.93 46.52 -27.26
C LYS B 230 -41.02 45.01 -27.26
N GLN B 231 -40.19 44.34 -26.45
CA GLN B 231 -40.25 42.89 -26.34
C GLN B 231 -41.30 42.46 -25.34
N ALA B 232 -41.48 43.23 -24.25
CA ALA B 232 -42.54 42.93 -23.30
C ALA B 232 -43.92 43.00 -23.96
N ALA B 233 -44.08 43.86 -24.97
CA ALA B 233 -45.32 43.88 -25.73
C ALA B 233 -45.45 42.63 -26.59
N GLU B 234 -44.38 42.26 -27.29
CA GLU B 234 -44.39 41.03 -28.08
C GLU B 234 -44.55 39.80 -27.20
N TYR B 235 -44.01 39.86 -25.97
CA TYR B 235 -44.18 38.76 -25.03
C TYR B 235 -45.65 38.49 -24.74
N ARG B 236 -46.43 39.56 -24.55
CA ARG B 236 -47.86 39.39 -24.26
C ARG B 236 -48.62 38.91 -25.48
N GLU B 237 -48.21 39.34 -26.69
CA GLU B 237 -48.85 38.86 -27.90
C GLU B 237 -48.69 37.35 -28.05
N ILE B 238 -47.54 36.83 -27.62
CA ILE B 238 -47.33 35.38 -27.59
C ILE B 238 -48.26 34.74 -26.57
N ASP B 239 -48.38 35.35 -25.39
CA ASP B 239 -49.28 34.83 -24.37
C ASP B 239 -50.73 34.88 -24.82
N LYS B 240 -51.14 35.96 -25.51
CA LYS B 240 -52.49 36.05 -26.03
C LYS B 240 -52.81 34.88 -26.96
N ARG B 241 -51.95 34.64 -27.95
CA ARG B 241 -52.18 33.56 -28.89
C ARG B 241 -52.12 32.20 -28.21
N MET B 242 -51.32 32.07 -27.15
CA MET B 242 -51.27 30.81 -26.42
C MET B 242 -52.57 30.57 -25.65
N ASN B 243 -53.05 31.60 -24.96
CA ASN B 243 -54.32 31.48 -24.25
C ASN B 243 -55.49 31.29 -25.20
N SER B 244 -55.34 31.68 -26.46
CA SER B 244 -56.40 31.47 -27.45
C SER B 244 -56.39 30.04 -27.96
N ILE B 245 -55.21 29.46 -28.09
CA ILE B 245 -55.05 28.11 -28.63
C ILE B 245 -55.21 27.04 -27.55
N LYS B 246 -54.87 27.38 -26.30
CA LYS B 246 -54.87 26.39 -25.22
C LYS B 246 -56.23 25.71 -25.04
N PRO B 247 -57.37 26.42 -25.01
CA PRO B 247 -58.65 25.72 -24.85
C PRO B 247 -58.90 24.63 -25.88
N ASP B 248 -58.47 24.87 -27.13
CA ASP B 248 -58.70 23.88 -28.19
C ASP B 248 -57.91 22.60 -27.94
N LEU B 249 -56.67 22.73 -27.46
CA LEU B 249 -55.86 21.54 -27.20
C LEU B 249 -56.47 20.66 -26.12
N ILE B 250 -57.08 21.28 -25.11
CA ILE B 250 -57.61 20.51 -23.98
C ILE B 250 -58.88 19.76 -24.38
N GLN B 251 -59.70 20.34 -25.27
CA GLN B 251 -60.90 19.65 -25.73
C GLN B 251 -60.61 18.63 -26.83
N LEU B 252 -59.53 18.82 -27.60
CA LEU B 252 -59.13 17.81 -28.59
C LEU B 252 -58.56 16.57 -27.93
N ARG B 253 -58.17 16.66 -26.65
CA ARG B 253 -57.77 15.48 -25.92
C ARG B 253 -58.90 14.48 -25.77
N LYS B 254 -60.15 14.94 -25.71
CA LYS B 254 -61.24 13.99 -25.55
C LYS B 254 -61.63 13.37 -26.89
N THR B 255 -61.32 14.05 -27.99
CA THR B 255 -61.80 13.62 -29.29
C THR B 255 -60.84 12.69 -30.03
N ARG B 256 -59.70 12.34 -29.42
CA ARG B 256 -58.84 11.32 -29.98
C ARG B 256 -59.01 9.97 -29.25
N ASP B 257 -60.17 9.78 -28.62
CA ASP B 257 -60.48 8.54 -27.90
C ASP B 257 -60.27 7.32 -28.79
N GLN B 258 -59.91 6.21 -28.15
CA GLN B 258 -59.63 4.96 -28.84
C GLN B 258 -60.58 3.88 -28.35
N TYR B 259 -60.99 3.01 -29.27
CA TYR B 259 -61.70 1.79 -28.92
C TYR B 259 -60.70 0.68 -28.62
N LEU B 260 -61.07 -0.20 -27.69
CA LEU B 260 -60.15 -1.20 -27.20
C LEU B 260 -60.25 -2.50 -27.99
N MET B 261 -59.24 -3.35 -27.81
CA MET B 261 -59.12 -4.69 -28.39
C MET B 261 -58.89 -4.68 -29.89
N TRP B 262 -58.51 -3.55 -30.48
CA TRP B 262 -58.22 -3.46 -31.90
C TRP B 262 -56.76 -3.04 -32.06
N LEU B 263 -55.98 -3.87 -32.75
CA LEU B 263 -54.53 -3.75 -32.73
C LEU B 263 -54.01 -2.93 -33.90
N THR B 264 -53.13 -1.98 -33.60
CA THR B 264 -52.41 -1.17 -34.59
C THR B 264 -53.31 -0.30 -35.45
N GLN B 265 -53.23 1.02 -35.24
CA GLN B 265 -53.97 1.99 -36.03
C GLN B 265 -53.07 3.21 -36.24
N LYS B 266 -53.25 3.88 -37.37
CA LYS B 266 -52.44 5.03 -37.71
C LYS B 266 -53.11 6.34 -37.35
N PRO C 6 25.92 -37.09 2.69
CA PRO C 6 25.74 -35.65 2.69
C PRO C 6 25.16 -35.14 4.01
N PRO C 7 25.48 -33.89 4.38
CA PRO C 7 24.88 -33.32 5.59
C PRO C 7 23.36 -33.37 5.54
N ARG C 8 22.77 -33.90 6.60
CA ARG C 8 21.33 -34.08 6.66
C ARG C 8 20.62 -32.73 6.62
N PRO C 9 19.38 -32.68 6.10
CA PRO C 9 18.74 -31.38 5.87
C PRO C 9 18.29 -30.69 7.15
N SER C 10 17.60 -31.42 8.02
CA SER C 10 17.09 -30.86 9.26
C SER C 10 17.80 -31.49 10.46
N SER C 11 17.50 -30.96 11.64
CA SER C 11 18.02 -31.48 12.89
C SER C 11 16.99 -32.31 13.65
N GLY C 12 15.99 -32.84 12.95
CA GLY C 12 14.96 -33.62 13.59
C GLY C 12 15.46 -34.99 14.02
N GLU C 13 14.63 -35.65 14.83
CA GLU C 13 14.98 -36.97 15.35
C GLU C 13 14.71 -38.07 14.33
N LEU C 14 13.61 -37.96 13.60
CA LEU C 14 13.33 -38.84 12.47
C LEU C 14 13.20 -38.01 11.20
N TRP C 15 13.20 -38.69 10.06
CA TRP C 15 13.08 -38.02 8.77
C TRP C 15 11.66 -37.49 8.62
N GLY C 16 11.51 -36.17 8.59
CA GLY C 16 10.23 -35.51 8.46
C GLY C 16 9.64 -35.04 9.77
N ILE C 17 9.91 -35.74 10.87
CA ILE C 17 9.37 -35.41 12.17
C ILE C 17 10.46 -34.70 12.97
N HIS C 18 10.12 -33.52 13.51
CA HIS C 18 11.06 -32.79 14.35
C HIS C 18 11.29 -33.50 15.68
N LEU C 19 10.21 -33.83 16.38
CA LEU C 19 10.28 -34.44 17.70
C LEU C 19 9.60 -35.80 17.70
N MET C 20 10.31 -36.82 18.15
CA MET C 20 9.69 -38.11 18.39
C MET C 20 8.59 -37.95 19.43
N PRO C 21 7.46 -38.62 19.27
CA PRO C 21 6.47 -38.71 20.35
C PRO C 21 7.09 -39.31 21.59
N PRO C 22 6.54 -39.04 22.78
CA PRO C 22 7.16 -39.56 24.01
C PRO C 22 7.34 -41.06 24.02
N ARG C 23 6.54 -41.81 23.26
CA ARG C 23 6.69 -43.26 23.13
C ARG C 23 6.58 -43.64 21.66
N ILE C 24 7.64 -44.22 21.11
CA ILE C 24 7.73 -44.59 19.70
C ILE C 24 7.87 -46.10 19.59
N LEU C 25 7.24 -46.66 18.55
CA LEU C 25 7.34 -48.09 18.25
C LEU C 25 8.53 -48.33 17.32
N VAL C 26 9.54 -49.03 17.82
CA VAL C 26 10.75 -49.35 17.06
C VAL C 26 10.68 -50.82 16.67
N GLU C 27 10.68 -51.08 15.37
CA GLU C 27 10.68 -52.43 14.82
C GLU C 27 12.09 -52.99 14.88
N CYS C 28 12.34 -53.93 15.79
CA CYS C 28 13.66 -54.49 15.99
C CYS C 28 13.85 -55.76 15.17
N LEU C 29 14.97 -55.84 14.45
CA LEU C 29 15.30 -57.00 13.62
C LEU C 29 16.34 -57.85 14.37
N LEU C 30 15.87 -58.94 14.98
CA LEU C 30 16.71 -59.81 15.76
C LEU C 30 17.60 -60.68 14.87
N PRO C 31 18.70 -61.21 15.41
CA PRO C 31 19.60 -62.04 14.60
C PRO C 31 19.09 -63.44 14.34
N ASN C 32 18.01 -63.87 15.00
CA ASN C 32 17.41 -65.16 14.68
C ASN C 32 16.45 -65.09 13.51
N GLY C 33 16.15 -63.89 13.02
CA GLY C 33 15.25 -63.70 11.90
C GLY C 33 13.83 -63.31 12.26
N MET C 34 13.58 -62.92 13.51
CA MET C 34 12.24 -62.55 13.96
C MET C 34 12.17 -61.04 14.13
N ILE C 35 11.05 -60.46 13.71
CA ILE C 35 10.80 -59.03 13.81
C ILE C 35 9.80 -58.81 14.95
N VAL C 36 10.19 -58.01 15.94
CA VAL C 36 9.31 -57.65 17.05
C VAL C 36 9.21 -56.13 17.11
N THR C 37 8.01 -55.65 17.44
CA THR C 37 7.74 -54.21 17.58
C THR C 37 7.79 -53.85 19.06
N LEU C 38 8.72 -52.98 19.43
CA LEU C 38 8.96 -52.61 20.81
C LEU C 38 8.60 -51.14 21.02
N GLU C 39 7.77 -50.86 22.03
CA GLU C 39 7.42 -49.50 22.40
C GLU C 39 8.55 -48.94 23.26
N CYS C 40 9.37 -48.08 22.65
CA CYS C 40 10.52 -47.49 23.32
C CYS C 40 10.20 -46.05 23.75
N LEU C 41 10.84 -45.65 24.85
CA LEU C 41 10.82 -44.25 25.25
C LEU C 41 11.70 -43.42 24.31
N ARG C 42 11.27 -42.19 24.05
CA ARG C 42 12.02 -41.32 23.14
C ARG C 42 13.41 -41.02 23.68
N GLU C 43 13.53 -40.87 25.00
CA GLU C 43 14.81 -40.53 25.63
C GLU C 43 15.55 -41.76 26.14
N ALA C 44 15.11 -42.95 25.77
CA ALA C 44 15.69 -44.19 26.30
C ALA C 44 17.06 -44.43 25.70
N THR C 45 17.97 -44.96 26.52
CA THR C 45 19.28 -45.34 26.05
C THR C 45 19.20 -46.64 25.23
N LEU C 46 20.26 -46.90 24.45
CA LEU C 46 20.31 -48.14 23.69
C LEU C 46 20.52 -49.36 24.59
N ILE C 47 21.19 -49.16 25.74
CA ILE C 47 21.38 -50.26 26.68
C ILE C 47 20.04 -50.79 27.16
N THR C 48 19.14 -49.89 27.55
CA THR C 48 17.82 -50.30 28.02
C THR C 48 16.99 -50.89 26.88
N ILE C 49 17.07 -50.29 25.69
CA ILE C 49 16.34 -50.82 24.55
C ILE C 49 16.81 -52.22 24.22
N LYS C 50 18.13 -52.43 24.23
CA LYS C 50 18.68 -53.77 24.01
C LYS C 50 18.23 -54.73 25.11
N HIS C 51 18.13 -54.23 26.35
CA HIS C 51 17.73 -55.07 27.47
C HIS C 51 16.29 -55.56 27.33
N GLU C 52 15.35 -54.62 27.20
CA GLU C 52 13.94 -55.01 27.10
C GLU C 52 13.61 -55.65 25.77
N LEU C 53 14.43 -55.44 24.73
CA LEU C 53 14.22 -56.14 23.47
C LEU C 53 14.40 -57.64 23.66
N PHE C 54 15.50 -58.04 24.28
CA PHE C 54 15.78 -59.46 24.49
C PHE C 54 14.80 -60.09 25.48
N LYS C 55 14.08 -59.27 26.26
CA LYS C 55 13.00 -59.81 27.08
C LYS C 55 11.78 -60.14 26.25
N GLU C 56 11.36 -59.21 25.39
CA GLU C 56 10.26 -59.48 24.48
C GLU C 56 10.62 -60.55 23.47
N ALA C 57 11.91 -60.70 23.17
CA ALA C 57 12.34 -61.70 22.20
C ALA C 57 12.07 -63.12 22.70
N ARG C 58 12.09 -63.34 24.01
CA ARG C 58 11.79 -64.68 24.51
C ARG C 58 10.33 -65.05 24.32
N LYS C 59 9.44 -64.07 24.21
CA LYS C 59 8.05 -64.37 23.93
C LYS C 59 7.87 -64.85 22.49
N TYR C 60 8.75 -64.42 21.60
CA TYR C 60 8.72 -64.80 20.20
C TYR C 60 9.54 -66.06 19.99
N PRO C 61 9.28 -66.80 18.90
CA PRO C 61 9.99 -68.07 18.68
C PRO C 61 11.49 -67.89 18.52
N LEU C 62 12.19 -69.02 18.61
CA LEU C 62 13.64 -69.10 18.39
C LEU C 62 14.43 -68.23 19.36
N HIS C 63 14.02 -68.22 20.63
CA HIS C 63 14.75 -67.45 21.63
C HIS C 63 15.92 -68.22 22.23
N GLN C 64 15.93 -69.55 22.09
CA GLN C 64 17.03 -70.35 22.63
C GLN C 64 18.32 -70.17 21.87
N LEU C 65 18.26 -69.71 20.61
CA LEU C 65 19.48 -69.46 19.84
C LEU C 65 20.15 -68.15 20.21
N LEU C 66 19.42 -67.22 20.81
CA LEU C 66 19.96 -65.90 21.13
C LEU C 66 20.95 -65.98 22.29
N GLN C 67 22.14 -65.41 22.09
CA GLN C 67 23.09 -65.30 23.19
C GLN C 67 22.73 -64.09 24.05
N ASP C 68 23.58 -63.82 25.04
CA ASP C 68 23.38 -62.68 25.92
C ASP C 68 23.36 -61.37 25.13
N GLU C 69 22.56 -60.42 25.62
CA GLU C 69 22.45 -59.11 24.96
C GLU C 69 23.80 -58.41 24.85
N SER C 70 24.71 -58.66 25.79
CA SER C 70 26.02 -58.00 25.78
C SER C 70 26.78 -58.27 24.49
N SER C 71 26.59 -59.44 23.89
CA SER C 71 27.35 -59.88 22.73
C SER C 71 26.83 -59.33 21.41
N TYR C 72 26.00 -58.28 21.43
CA TYR C 72 25.37 -57.76 20.22
C TYR C 72 25.49 -56.25 20.15
N ILE C 73 25.33 -55.72 18.93
CA ILE C 73 25.37 -54.29 18.65
C ILE C 73 24.15 -53.93 17.82
N PHE C 74 23.68 -52.68 17.98
CA PHE C 74 22.58 -52.16 17.18
C PHE C 74 23.10 -51.50 15.91
N VAL C 75 22.31 -51.63 14.83
CA VAL C 75 22.63 -51.02 13.54
C VAL C 75 21.35 -50.48 12.94
N SER C 76 21.44 -49.30 12.32
CA SER C 76 20.30 -48.70 11.64
C SER C 76 20.82 -47.69 10.63
N VAL C 77 19.90 -47.07 9.89
CA VAL C 77 20.21 -46.09 8.86
C VAL C 77 19.90 -44.69 9.39
N THR C 78 20.86 -43.79 9.24
CA THR C 78 20.69 -42.41 9.67
C THR C 78 19.92 -41.60 8.63
N GLN C 79 19.62 -40.34 8.97
CA GLN C 79 19.07 -39.41 7.99
C GLN C 79 20.09 -39.03 6.94
N GLU C 80 21.38 -39.18 7.24
CA GLU C 80 22.45 -38.96 6.27
C GLU C 80 22.63 -40.13 5.31
N ALA C 81 21.95 -41.25 5.55
CA ALA C 81 22.00 -42.45 4.72
C ALA C 81 23.33 -43.18 4.88
N GLU C 82 23.46 -43.96 5.95
CA GLU C 82 24.64 -44.79 6.16
C GLU C 82 24.29 -45.92 7.11
N ARG C 83 25.17 -46.92 7.16
CA ARG C 83 25.03 -48.02 8.11
C ARG C 83 25.85 -47.67 9.33
N GLU C 84 25.20 -47.08 10.33
CA GLU C 84 25.88 -46.68 11.56
C GLU C 84 25.75 -47.83 12.57
N GLU C 85 26.90 -48.37 12.98
CA GLU C 85 26.96 -49.38 14.02
C GLU C 85 27.08 -48.68 15.36
N PHE C 86 26.03 -48.73 16.17
CA PHE C 86 25.97 -48.00 17.43
C PHE C 86 26.76 -48.75 18.50
N PHE C 87 28.08 -48.60 18.46
CA PHE C 87 28.92 -49.18 19.50
C PHE C 87 28.71 -48.47 20.83
N ASP C 88 28.69 -47.14 20.82
CA ASP C 88 28.40 -46.39 22.04
C ASP C 88 26.90 -46.52 22.31
N GLU C 89 26.55 -47.42 23.23
CA GLU C 89 25.16 -47.68 23.56
C GLU C 89 24.63 -46.76 24.66
N THR C 90 25.45 -45.83 25.13
CA THR C 90 24.95 -44.79 26.03
C THR C 90 24.02 -43.83 25.30
N ARG C 91 24.26 -43.60 24.01
CA ARG C 91 23.48 -42.63 23.25
C ARG C 91 21.99 -42.97 23.28
N ARG C 92 21.17 -41.93 23.37
CA ARG C 92 19.73 -42.10 23.48
C ARG C 92 19.09 -42.28 22.10
N LEU C 93 17.90 -42.89 22.10
CA LEU C 93 17.17 -43.14 20.87
C LEU C 93 16.96 -41.87 20.06
N CYS C 94 16.56 -40.78 20.71
CA CYS C 94 16.28 -39.55 19.99
C CYS C 94 17.54 -38.94 19.39
N ASP C 95 18.70 -39.22 19.98
CA ASP C 95 19.97 -38.68 19.52
C ASP C 95 20.64 -39.57 18.47
N LEU C 96 19.92 -40.55 17.93
CA LEU C 96 20.50 -41.47 16.96
C LEU C 96 20.41 -40.96 15.53
N ARG C 97 19.55 -39.97 15.27
CA ARG C 97 19.41 -39.39 13.94
C ARG C 97 18.92 -40.42 12.93
N LEU C 98 17.95 -41.24 13.35
CA LEU C 98 17.45 -42.32 12.51
C LEU C 98 16.60 -41.79 11.37
N PHE C 99 16.61 -42.52 10.25
CA PHE C 99 15.72 -42.20 9.14
C PHE C 99 14.29 -42.61 9.47
N GLN C 100 14.08 -43.88 9.76
CA GLN C 100 12.81 -44.39 10.27
C GLN C 100 13.06 -45.31 11.44
N PRO C 101 12.11 -45.40 12.38
CA PRO C 101 12.39 -46.10 13.65
C PRO C 101 12.49 -47.62 13.52
N PHE C 102 13.70 -48.11 13.25
CA PHE C 102 13.98 -49.54 13.21
C PHE C 102 15.44 -49.77 13.58
N LEU C 103 15.72 -50.95 14.14
CA LEU C 103 17.07 -51.33 14.55
C LEU C 103 17.33 -52.79 14.20
N LYS C 104 18.56 -53.09 13.81
CA LYS C 104 19.00 -54.45 13.51
C LYS C 104 20.09 -54.88 14.49
N VAL C 105 19.95 -56.08 15.03
CA VAL C 105 20.88 -56.62 16.01
C VAL C 105 21.96 -57.46 15.31
N ILE C 106 23.21 -57.02 15.40
CA ILE C 106 24.34 -57.74 14.83
C ILE C 106 25.41 -57.93 15.90
N GLU C 107 26.45 -58.72 15.54
CA GLU C 107 27.62 -58.97 16.37
C GLU C 107 28.72 -57.96 16.04
N PRO C 108 29.68 -57.75 16.94
CA PRO C 108 30.74 -56.78 16.63
C PRO C 108 31.58 -57.24 15.45
N VAL C 109 31.86 -56.30 14.54
CA VAL C 109 32.74 -56.55 13.41
C VAL C 109 33.78 -55.46 13.36
N GLY C 110 34.98 -55.82 12.92
CA GLY C 110 36.01 -54.80 12.75
C GLY C 110 36.60 -54.34 14.09
N ASN C 111 37.23 -53.17 14.04
CA ASN C 111 37.91 -52.59 15.19
C ASN C 111 36.92 -51.78 16.01
N ARG C 112 36.80 -52.09 17.30
CA ARG C 112 35.80 -51.44 18.13
C ARG C 112 36.16 -49.97 18.39
N GLU C 113 37.44 -49.68 18.62
CA GLU C 113 37.84 -48.32 18.98
C GLU C 113 37.76 -47.38 17.79
N GLU C 114 38.32 -47.77 16.65
CA GLU C 114 38.35 -46.87 15.49
C GLU C 114 36.94 -46.58 14.97
N LYS C 115 36.05 -47.58 15.02
CA LYS C 115 34.67 -47.35 14.60
C LYS C 115 34.02 -46.25 15.43
N ILE C 116 34.27 -46.23 16.73
CA ILE C 116 33.72 -45.19 17.59
C ILE C 116 34.32 -43.83 17.21
N LEU C 117 35.64 -43.80 17.02
CA LEU C 117 36.32 -42.54 16.70
C LEU C 117 35.84 -42.00 15.35
N ASN C 118 35.59 -42.87 14.37
CA ASN C 118 35.18 -42.42 13.06
C ASN C 118 33.79 -41.80 13.07
N ARG C 119 32.86 -42.37 13.83
CA ARG C 119 31.53 -41.75 13.90
C ARG C 119 31.58 -40.45 14.69
N GLU C 120 32.49 -40.34 15.66
CA GLU C 120 32.68 -39.07 16.35
C GLU C 120 33.29 -38.02 15.43
N ILE C 121 34.29 -38.41 14.65
CA ILE C 121 34.88 -37.48 13.69
C ILE C 121 33.84 -37.07 12.65
N GLY C 122 33.09 -38.04 12.13
CA GLY C 122 32.05 -37.73 11.18
C GLY C 122 30.99 -36.81 11.76
N PHE C 123 30.65 -37.00 13.03
CA PHE C 123 29.66 -36.15 13.67
C PHE C 123 30.18 -34.72 13.85
N ALA C 124 31.47 -34.58 14.19
CA ALA C 124 32.05 -33.25 14.33
C ALA C 124 32.06 -32.52 13.00
N ILE C 125 32.38 -33.22 11.92
CA ILE C 125 32.40 -32.62 10.59
C ILE C 125 30.99 -32.23 10.17
N GLY C 126 30.05 -33.17 10.29
CA GLY C 126 28.73 -33.05 9.72
C GLY C 126 28.50 -33.96 8.54
N MET C 127 29.44 -34.86 8.26
CA MET C 127 29.40 -35.80 7.16
C MET C 127 30.15 -37.05 7.57
N PRO C 128 29.64 -38.23 7.23
CA PRO C 128 30.34 -39.46 7.62
C PRO C 128 31.66 -39.62 6.88
N VAL C 129 32.62 -40.28 7.55
CA VAL C 129 33.93 -40.48 6.96
C VAL C 129 33.87 -41.54 5.86
N CYS C 130 32.95 -42.50 5.98
CA CYS C 130 32.83 -43.56 4.98
C CYS C 130 32.60 -43.01 3.58
N GLU C 131 31.93 -41.85 3.48
CA GLU C 131 31.68 -41.25 2.18
C GLU C 131 32.96 -40.72 1.55
N PHE C 132 33.89 -40.23 2.37
CA PHE C 132 35.18 -39.79 1.84
C PHE C 132 35.96 -40.95 1.22
N ASP C 133 35.83 -42.16 1.78
CA ASP C 133 36.59 -43.29 1.26
C ASP C 133 36.16 -43.65 -0.16
N MET C 134 34.91 -43.36 -0.52
CA MET C 134 34.40 -43.70 -1.84
C MET C 134 34.75 -42.67 -2.91
N VAL C 135 35.23 -41.49 -2.51
CA VAL C 135 35.60 -40.46 -3.48
C VAL C 135 36.78 -40.99 -4.31
N LYS C 136 36.57 -41.09 -5.63
CA LYS C 136 37.55 -41.71 -6.51
C LYS C 136 38.64 -40.75 -6.94
N ASP C 137 38.36 -39.45 -6.95
CA ASP C 137 39.31 -38.41 -7.30
C ASP C 137 40.62 -38.59 -6.54
N PRO C 138 41.74 -38.81 -7.23
CA PRO C 138 42.99 -39.11 -6.51
C PRO C 138 43.52 -37.93 -5.72
N GLU C 139 43.23 -36.70 -6.13
CA GLU C 139 43.67 -35.54 -5.35
C GLU C 139 43.08 -35.57 -3.94
N VAL C 140 41.81 -35.97 -3.82
CA VAL C 140 41.20 -36.11 -2.50
C VAL C 140 41.91 -37.20 -1.71
N GLN C 141 42.05 -38.39 -2.30
CA GLN C 141 42.68 -39.50 -1.59
C GLN C 141 44.14 -39.22 -1.29
N ASP C 142 44.83 -38.48 -2.16
CA ASP C 142 46.20 -38.08 -1.87
C ASP C 142 46.25 -37.09 -0.71
N PHE C 143 45.43 -36.04 -0.79
CA PHE C 143 45.35 -35.06 0.29
C PHE C 143 45.10 -35.72 1.64
N ARG C 144 44.13 -36.63 1.70
CA ARG C 144 43.81 -37.33 2.95
C ARG C 144 45.05 -38.00 3.54
N ARG C 145 45.79 -38.72 2.72
CA ARG C 145 47.00 -39.39 3.21
C ARG C 145 48.12 -38.40 3.48
N ASN C 146 48.31 -37.43 2.59
CA ASN C 146 49.47 -36.55 2.69
C ASN C 146 49.35 -35.57 3.86
N ILE C 147 48.14 -35.06 4.11
CA ILE C 147 47.96 -34.05 5.15
C ILE C 147 48.23 -34.60 6.53
N LEU C 148 48.19 -35.93 6.69
CA LEU C 148 48.49 -36.53 7.98
C LEU C 148 49.95 -36.32 8.39
N ASN C 149 50.83 -35.98 7.44
CA ASN C 149 52.19 -35.62 7.79
C ASN C 149 52.22 -34.37 8.67
N VAL C 150 51.44 -33.36 8.30
CA VAL C 150 51.34 -32.16 9.14
C VAL C 150 50.72 -32.50 10.49
N CYS C 151 49.72 -33.39 10.50
CA CYS C 151 49.14 -33.84 11.75
C CYS C 151 50.20 -34.48 12.63
N LYS C 152 51.03 -35.34 12.04
CA LYS C 152 52.11 -35.99 12.78
C LYS C 152 53.12 -34.97 13.27
N GLU C 153 53.47 -34.01 12.40
CA GLU C 153 54.39 -32.94 12.79
C GLU C 153 53.85 -32.15 13.99
N ALA C 154 52.59 -31.73 13.92
CA ALA C 154 52.02 -30.93 14.99
C ALA C 154 51.91 -31.70 16.30
N VAL C 155 51.48 -32.98 16.22
CA VAL C 155 51.35 -33.79 17.43
C VAL C 155 52.70 -33.99 18.10
N ASP C 156 53.78 -34.09 17.32
CA ASP C 156 55.11 -34.25 17.88
C ASP C 156 55.51 -33.02 18.68
N LEU C 157 55.13 -31.84 18.23
CA LEU C 157 55.40 -30.62 18.99
C LEU C 157 54.59 -30.61 20.28
N ARG C 158 53.34 -31.08 20.22
CA ARG C 158 52.51 -31.18 21.42
C ARG C 158 53.15 -32.09 22.46
N ASP C 159 53.71 -33.22 22.03
CA ASP C 159 54.29 -34.20 22.92
C ASP C 159 55.81 -34.10 23.01
N LEU C 160 56.35 -32.88 22.90
CA LEU C 160 57.78 -32.66 23.00
C LEU C 160 58.23 -32.46 24.45
N ASN C 161 57.69 -31.45 25.12
CA ASN C 161 57.87 -31.23 26.55
C ASN C 161 56.72 -31.93 27.28
N SER C 162 56.96 -33.14 27.79
CA SER C 162 55.97 -34.14 28.16
C SER C 162 54.70 -33.51 28.75
N PRO C 163 54.73 -32.86 29.95
CA PRO C 163 53.48 -32.25 30.45
C PRO C 163 53.23 -30.85 29.92
N HIS C 164 54.27 -30.02 29.89
CA HIS C 164 54.09 -28.58 29.69
C HIS C 164 53.63 -28.26 28.27
N SER C 165 54.26 -28.88 27.27
CA SER C 165 53.87 -28.60 25.88
C SER C 165 52.43 -29.01 25.61
N ARG C 166 51.94 -30.07 26.28
CA ARG C 166 50.54 -30.44 26.13
C ARG C 166 49.63 -29.42 26.81
N ALA C 167 50.07 -28.86 27.94
CA ALA C 167 49.28 -27.82 28.60
C ALA C 167 49.23 -26.55 27.77
N MET C 168 50.34 -26.20 27.12
CA MET C 168 50.35 -25.04 26.24
C MET C 168 49.38 -25.21 25.08
N TYR C 169 49.21 -26.44 24.59
CA TYR C 169 48.27 -26.70 23.50
C TYR C 169 46.83 -26.45 23.94
N VAL C 170 46.44 -27.02 25.08
CA VAL C 170 45.06 -26.89 25.54
C VAL C 170 44.79 -25.47 26.05
N TYR C 171 45.74 -24.90 26.79
CA TYR C 171 45.58 -23.57 27.40
C TYR C 171 46.68 -22.64 26.92
N PRO C 172 46.59 -22.16 25.68
CA PRO C 172 47.62 -21.27 25.15
C PRO C 172 47.53 -19.89 25.79
N PRO C 173 48.67 -19.24 26.04
CA PRO C 173 48.66 -17.93 26.70
C PRO C 173 48.04 -16.82 25.86
N ASN C 174 46.90 -16.29 26.31
CA ASN C 174 46.22 -15.18 25.64
C ASN C 174 46.97 -13.89 25.96
N VAL C 175 47.85 -13.46 25.06
CA VAL C 175 48.71 -12.31 25.28
C VAL C 175 48.60 -11.35 24.11
N GLU C 176 49.01 -10.12 24.35
CA GLU C 176 49.13 -9.14 23.27
C GLU C 176 50.36 -9.44 22.43
N SER C 177 50.39 -8.85 21.23
CA SER C 177 51.46 -9.17 20.29
C SER C 177 52.80 -8.63 20.77
N SER C 178 52.83 -7.43 21.34
CA SER C 178 54.08 -6.83 21.77
C SER C 178 54.02 -6.49 23.26
N PRO C 179 55.15 -6.62 23.97
CA PRO C 179 55.18 -6.20 25.38
C PRO C 179 55.13 -4.70 25.56
N GLU C 180 55.33 -3.92 24.50
CA GLU C 180 55.25 -2.47 24.58
C GLU C 180 53.95 -2.03 25.24
N LEU C 181 54.07 -1.19 26.27
CA LEU C 181 52.92 -0.66 26.97
C LEU C 181 52.78 0.81 26.59
N PRO C 182 51.70 1.22 25.92
CA PRO C 182 51.50 2.64 25.64
C PRO C 182 51.53 3.48 26.90
N LYS C 183 52.00 4.73 26.75
CA LYS C 183 52.18 5.60 27.91
C LYS C 183 50.89 5.81 28.68
N HIS C 184 49.76 5.91 27.98
CA HIS C 184 48.51 6.17 28.68
C HIS C 184 48.10 4.97 29.54
N ILE C 185 48.63 3.79 29.24
CA ILE C 185 48.40 2.61 30.07
C ILE C 185 49.45 2.53 31.18
N TYR C 186 50.71 2.85 30.86
CA TYR C 186 51.78 2.82 31.85
C TYR C 186 51.57 3.84 32.96
N ASN C 187 50.97 4.99 32.65
CA ASN C 187 50.76 6.01 33.66
C ASN C 187 49.65 5.64 34.64
N LYS C 188 48.72 4.77 34.25
CA LYS C 188 47.61 4.43 35.13
C LYS C 188 48.07 3.60 36.31
N LEU C 189 49.10 2.77 36.14
CA LEU C 189 49.64 1.98 37.23
C LEU C 189 50.66 2.78 38.03
N ASP C 190 50.90 2.32 39.26
CA ASP C 190 51.66 3.07 40.26
C ASP C 190 53.15 2.84 40.07
N LYS C 191 53.84 3.81 39.49
CA LYS C 191 55.31 3.86 39.43
C LYS C 191 55.90 2.55 38.91
N GLY C 192 55.37 2.08 37.78
CA GLY C 192 55.94 0.92 37.12
C GLY C 192 55.55 -0.42 37.70
N GLN C 193 54.55 -0.47 38.58
CA GLN C 193 54.13 -1.72 39.20
C GLN C 193 52.63 -1.71 39.45
N ILE C 194 52.05 -2.90 39.53
CA ILE C 194 50.60 -3.07 39.64
C ILE C 194 50.30 -3.98 40.82
N ILE C 195 49.14 -3.73 41.44
CA ILE C 195 48.66 -4.54 42.56
C ILE C 195 47.89 -5.75 42.02
N VAL C 196 48.19 -6.93 42.55
CA VAL C 196 47.64 -8.19 42.08
C VAL C 196 47.24 -9.03 43.28
N VAL C 197 46.16 -9.78 43.15
CA VAL C 197 45.61 -10.61 44.23
C VAL C 197 45.70 -12.07 43.82
N ILE C 198 46.48 -12.86 44.58
CA ILE C 198 46.58 -14.30 44.38
C ILE C 198 45.65 -14.99 45.37
N TRP C 199 44.87 -15.95 44.89
CA TRP C 199 43.90 -16.67 45.71
C TRP C 199 44.32 -18.13 45.87
N VAL C 200 43.90 -18.72 46.98
CA VAL C 200 44.22 -20.10 47.34
C VAL C 200 42.96 -20.76 47.89
N ILE C 201 42.68 -21.99 47.45
CA ILE C 201 41.57 -22.76 47.99
C ILE C 201 42.10 -23.51 49.20
N VAL C 202 41.63 -23.12 50.38
CA VAL C 202 42.24 -23.63 51.61
C VAL C 202 41.72 -25.03 51.94
N SER C 203 40.47 -25.33 51.65
CA SER C 203 39.85 -26.58 52.07
C SER C 203 39.02 -27.16 50.94
N PRO C 204 38.69 -28.45 51.00
CA PRO C 204 37.79 -29.03 50.00
C PRO C 204 36.41 -28.38 49.98
N ASN C 205 35.95 -27.85 51.13
CA ASN C 205 34.69 -27.09 51.17
C ASN C 205 34.77 -25.76 50.42
N ASN C 206 35.89 -25.51 49.74
CA ASN C 206 36.11 -24.28 48.97
C ASN C 206 35.96 -23.03 49.85
N ASP C 207 36.94 -22.84 50.73
CA ASP C 207 37.16 -21.56 51.37
C ASP C 207 38.45 -21.00 50.82
N LYS C 208 38.59 -19.68 50.86
CA LYS C 208 39.64 -19.02 50.10
C LYS C 208 40.42 -18.06 51.00
N GLN C 209 41.69 -17.89 50.65
CA GLN C 209 42.60 -16.98 51.31
C GLN C 209 43.26 -16.06 50.29
N LYS C 210 43.44 -14.79 50.65
CA LYS C 210 44.01 -13.79 49.77
C LYS C 210 45.51 -13.64 49.98
N TYR C 211 46.21 -13.20 48.93
CA TYR C 211 47.62 -12.82 48.99
C TYR C 211 47.81 -11.63 48.04
N THR C 212 47.57 -10.44 48.56
CA THR C 212 47.67 -9.20 47.80
C THR C 212 49.13 -8.82 47.59
N LEU C 213 49.54 -8.68 46.32
CA LEU C 213 50.93 -8.36 46.00
C LEU C 213 51.02 -7.05 45.23
N LYS C 214 52.20 -6.41 45.31
CA LYS C 214 52.55 -5.25 44.52
C LYS C 214 53.87 -5.56 43.81
N ILE C 215 53.81 -5.80 42.50
CA ILE C 215 54.94 -6.32 41.74
C ILE C 215 55.10 -5.53 40.44
N ASN C 216 56.33 -5.55 39.91
CA ASN C 216 56.61 -4.93 38.62
C ASN C 216 55.70 -5.51 37.54
N HIS C 217 55.19 -4.63 36.68
CA HIS C 217 54.25 -5.05 35.65
C HIS C 217 54.87 -6.03 34.68
N ASP C 218 56.18 -5.96 34.46
CA ASP C 218 56.86 -6.84 33.52
C ASP C 218 57.39 -8.11 34.17
N CYS C 219 56.84 -8.50 35.32
CA CYS C 219 57.19 -9.76 35.94
C CYS C 219 56.62 -10.92 35.15
N VAL C 220 57.34 -12.05 35.16
CA VAL C 220 56.87 -13.26 34.50
C VAL C 220 56.02 -14.02 35.51
N PRO C 221 55.10 -14.89 35.07
CA PRO C 221 54.23 -15.58 36.03
C PRO C 221 54.96 -16.34 37.12
N GLU C 222 56.13 -16.91 36.82
CA GLU C 222 56.91 -17.60 37.84
C GLU C 222 57.35 -16.63 38.93
N GLN C 223 57.73 -15.42 38.55
CA GLN C 223 58.12 -14.41 39.53
C GLN C 223 56.92 -13.95 40.35
N VAL C 224 55.73 -13.95 39.76
CA VAL C 224 54.53 -13.62 40.52
C VAL C 224 54.29 -14.67 41.59
N ILE C 225 54.46 -15.95 41.24
CA ILE C 225 54.33 -17.03 42.21
C ILE C 225 55.40 -16.93 43.27
N ALA C 226 56.65 -16.65 42.86
CA ALA C 226 57.75 -16.51 43.81
C ALA C 226 57.46 -15.44 44.84
N GLU C 227 56.92 -14.30 44.40
CA GLU C 227 56.59 -13.24 45.34
C GLU C 227 55.46 -13.65 46.28
N ALA C 228 54.52 -14.47 45.79
CA ALA C 228 53.48 -14.99 46.66
C ALA C 228 54.05 -15.96 47.69
N ILE C 229 54.99 -16.81 47.27
CA ILE C 229 55.67 -17.70 48.20
C ILE C 229 56.43 -16.88 49.23
N ARG C 230 57.17 -15.87 48.76
CA ARG C 230 57.91 -14.99 49.66
C ARG C 230 57.00 -14.36 50.72
N LYS C 231 55.80 -13.93 50.32
CA LYS C 231 54.91 -13.29 51.28
C LYS C 231 54.46 -14.24 52.38
N LYS C 232 54.21 -15.50 52.03
CA LYS C 232 53.80 -16.47 53.04
C LYS C 232 54.97 -16.90 53.91
N THR C 233 56.11 -17.22 53.28
CA THR C 233 57.27 -17.67 54.03
C THR C 233 57.88 -16.57 54.90
N ARG C 234 57.63 -15.30 54.56
CA ARG C 234 58.11 -14.20 55.41
C ARG C 234 57.64 -14.35 56.85
N SER C 235 56.37 -14.70 57.03
CA SER C 235 55.75 -14.83 58.35
C SER C 235 56.22 -16.05 59.12
N MET C 236 57.22 -16.79 58.63
CA MET C 236 57.65 -18.02 59.25
C MET C 236 59.08 -17.88 59.75
N LEU C 237 59.42 -18.70 60.74
CA LEU C 237 60.75 -18.68 61.36
C LEU C 237 61.71 -19.37 60.41
N LEU C 238 62.33 -18.59 59.54
CA LEU C 238 63.24 -19.12 58.52
C LEU C 238 64.42 -18.18 58.34
N SER C 239 65.58 -18.77 58.02
CA SER C 239 66.75 -17.99 57.70
C SER C 239 66.67 -17.49 56.25
N SER C 240 67.52 -16.52 55.93
CA SER C 240 67.56 -15.97 54.58
C SER C 240 67.89 -17.03 53.54
N GLU C 241 68.78 -17.96 53.89
CA GLU C 241 69.13 -19.03 52.95
C GLU C 241 67.99 -20.02 52.79
N GLN C 242 67.26 -20.29 53.87
CA GLN C 242 66.11 -21.19 53.77
C GLN C 242 64.96 -20.52 53.02
N LEU C 243 64.74 -19.23 53.27
CA LEU C 243 63.76 -18.47 52.49
C LEU C 243 64.11 -18.51 51.01
N LYS C 244 65.41 -18.40 50.68
CA LYS C 244 65.84 -18.49 49.30
C LYS C 244 65.51 -19.86 48.71
N LEU C 245 65.71 -20.93 49.51
CA LEU C 245 65.41 -22.27 49.02
C LEU C 245 63.91 -22.48 48.83
N CYS C 246 63.10 -21.95 49.74
CA CYS C 246 61.66 -22.10 49.62
C CYS C 246 61.13 -21.51 48.32
N VAL C 247 61.75 -20.42 47.84
CA VAL C 247 61.36 -19.85 46.56
C VAL C 247 61.87 -20.71 45.41
N LEU C 248 63.18 -20.95 45.37
CA LEU C 248 63.79 -21.68 44.25
C LEU C 248 63.13 -23.03 43.99
N GLU C 249 62.98 -23.84 45.04
CA GLU C 249 62.56 -25.22 44.86
C GLU C 249 61.05 -25.39 44.76
N TYR C 250 60.28 -24.32 44.97
CA TYR C 250 58.83 -24.37 44.87
C TYR C 250 58.25 -23.34 43.91
N GLN C 251 59.09 -22.56 43.22
CA GLN C 251 58.60 -21.64 42.20
C GLN C 251 57.84 -22.38 41.11
N GLY C 252 58.48 -23.40 40.52
CA GLY C 252 57.93 -24.11 39.38
C GLY C 252 57.00 -25.25 39.73
N LYS C 253 56.61 -25.38 40.99
CA LYS C 253 55.66 -26.39 41.41
C LYS C 253 54.23 -25.86 41.45
N TYR C 254 54.05 -24.55 41.28
CA TYR C 254 52.77 -23.88 41.30
C TYR C 254 52.48 -23.30 39.91
N ILE C 255 51.29 -22.72 39.76
CA ILE C 255 50.84 -22.24 38.45
C ILE C 255 49.70 -21.26 38.66
N LEU C 256 49.61 -20.26 37.78
CA LEU C 256 48.61 -19.20 37.89
C LEU C 256 47.48 -19.40 36.88
N LYS C 257 46.32 -18.83 37.21
CA LYS C 257 45.11 -19.00 36.43
C LYS C 257 44.17 -17.84 36.73
N VAL C 258 43.48 -17.35 35.68
CA VAL C 258 42.52 -16.27 35.85
C VAL C 258 41.31 -16.78 36.62
N CYS C 259 40.95 -16.08 37.69
CA CYS C 259 39.80 -16.45 38.50
C CYS C 259 38.51 -16.28 37.70
N GLY C 260 37.77 -17.38 37.51
CA GLY C 260 36.47 -17.34 36.89
C GLY C 260 36.40 -17.84 35.47
N CYS C 261 37.49 -18.35 34.92
CA CYS C 261 37.52 -18.93 33.58
C CYS C 261 38.83 -19.71 33.43
N ASP C 262 38.97 -20.37 32.28
CA ASP C 262 40.13 -21.24 32.02
C ASP C 262 41.14 -20.48 31.17
N GLU C 263 41.84 -19.55 31.82
CA GLU C 263 42.92 -18.80 31.21
C GLU C 263 44.13 -18.91 32.12
N TYR C 264 45.21 -19.51 31.62
CA TYR C 264 46.38 -19.81 32.42
C TYR C 264 47.59 -19.01 31.96
N PHE C 265 48.49 -18.72 32.91
CA PHE C 265 49.72 -17.98 32.66
C PHE C 265 50.88 -18.97 32.61
N LEU C 266 50.96 -19.69 31.49
CA LEU C 266 51.94 -20.77 31.36
C LEU C 266 53.29 -20.28 30.88
N GLU C 267 53.31 -19.37 29.92
CA GLU C 267 54.53 -18.98 29.23
C GLU C 267 55.24 -17.83 29.96
N LYS C 268 56.50 -17.61 29.58
CA LYS C 268 57.44 -16.69 30.20
C LYS C 268 57.17 -15.21 29.80
N TYR C 269 56.00 -14.92 29.24
CA TYR C 269 55.69 -13.55 28.88
C TYR C 269 55.63 -12.66 30.13
N PRO C 270 55.89 -11.37 29.99
CA PRO C 270 55.61 -10.43 31.08
C PRO C 270 54.13 -10.44 31.45
N LEU C 271 53.86 -10.24 32.73
CA LEU C 271 52.48 -10.25 33.21
C LEU C 271 51.62 -9.19 32.52
N SER C 272 52.22 -8.04 32.19
CA SER C 272 51.45 -6.98 31.55
C SER C 272 51.05 -7.34 30.12
N GLN C 273 51.83 -8.21 29.46
CA GLN C 273 51.51 -8.59 28.09
C GLN C 273 50.28 -9.48 28.02
N TYR C 274 49.97 -10.20 29.09
CA TYR C 274 48.74 -10.98 29.14
C TYR C 274 47.53 -10.06 29.05
N LYS C 275 46.55 -10.44 28.23
CA LYS C 275 45.45 -9.52 27.92
C LYS C 275 44.61 -9.22 29.16
N TYR C 276 44.41 -10.22 30.02
CA TYR C 276 43.60 -9.99 31.22
C TYR C 276 44.21 -8.91 32.10
N ILE C 277 45.53 -8.95 32.29
CA ILE C 277 46.19 -7.97 33.15
C ILE C 277 46.20 -6.60 32.48
N ARG C 278 46.53 -6.54 31.19
CA ARG C 278 46.53 -5.26 30.49
C ARG C 278 45.14 -4.63 30.48
N SER C 279 44.10 -5.45 30.28
CA SER C 279 42.73 -4.97 30.41
C SER C 279 42.47 -4.40 31.80
N CYS C 280 42.89 -5.14 32.83
CA CYS C 280 42.71 -4.67 34.20
C CYS C 280 43.41 -3.34 34.43
N ILE C 281 44.60 -3.17 33.83
CA ILE C 281 45.37 -1.95 34.04
C ILE C 281 44.64 -0.74 33.47
N MET C 282 44.23 -0.82 32.19
CA MET C 282 43.57 0.32 31.57
C MET C 282 42.22 0.59 32.23
N LEU C 283 41.48 -0.47 32.59
CA LEU C 283 40.21 -0.28 33.29
C LEU C 283 40.42 0.19 34.72
N GLY C 284 41.63 0.01 35.27
CA GLY C 284 41.90 0.41 36.63
C GLY C 284 41.41 -0.58 37.67
N ARG C 285 41.17 -1.82 37.28
CA ARG C 285 40.68 -2.87 38.18
C ARG C 285 41.81 -3.80 38.61
N MET C 286 41.60 -4.46 39.74
CA MET C 286 42.62 -5.30 40.34
C MET C 286 42.52 -6.72 39.80
N PRO C 287 43.54 -7.24 39.12
CA PRO C 287 43.47 -8.61 38.60
C PRO C 287 43.47 -9.64 39.73
N ASN C 288 42.61 -10.64 39.59
CA ASN C 288 42.46 -11.71 40.57
C ASN C 288 42.90 -13.03 39.94
N LEU C 289 44.03 -13.56 40.39
CA LEU C 289 44.59 -14.81 39.91
C LEU C 289 44.51 -15.88 40.99
N MET C 290 44.32 -17.12 40.56
CA MET C 290 44.24 -18.25 41.49
C MET C 290 45.54 -19.04 41.43
N LEU C 291 46.08 -19.35 42.61
CA LEU C 291 47.28 -20.16 42.69
C LEU C 291 46.91 -21.63 42.64
N MET C 292 47.54 -22.37 41.73
CA MET C 292 47.20 -23.76 41.47
C MET C 292 48.47 -24.60 41.45
N ALA C 293 48.33 -25.89 41.74
CA ALA C 293 49.46 -26.81 41.68
C ALA C 293 49.58 -27.37 40.27
N LYS C 294 50.81 -27.38 39.73
CA LYS C 294 51.05 -27.98 38.42
C LYS C 294 50.57 -29.43 38.37
N GLU C 295 50.76 -30.17 39.46
CA GLU C 295 50.33 -31.56 39.50
C GLU C 295 48.81 -31.67 39.40
N SER C 296 48.07 -30.61 39.72
CA SER C 296 46.63 -30.64 39.62
C SER C 296 46.16 -30.40 38.18
N LEU C 297 46.80 -29.46 37.48
CA LEU C 297 46.44 -29.20 36.09
C LEU C 297 46.81 -30.39 35.20
N TYR C 298 48.03 -30.91 35.35
CA TYR C 298 48.48 -32.01 34.52
C TYR C 298 47.67 -33.27 34.76
N SER C 299 47.06 -33.42 35.93
CA SER C 299 46.22 -34.58 36.18
C SER C 299 44.99 -34.60 35.28
N GLN C 300 44.47 -33.42 34.91
CA GLN C 300 43.32 -33.35 34.02
C GLN C 300 43.69 -33.43 32.55
N LEU C 301 44.97 -33.31 32.20
CA LEU C 301 45.37 -33.44 30.81
C LEU C 301 45.32 -34.92 30.45
N PRO C 302 44.52 -35.30 29.45
CA PRO C 302 44.20 -36.73 29.26
C PRO C 302 45.37 -37.62 28.87
N MET C 303 46.29 -37.10 28.04
CA MET C 303 47.30 -37.91 27.34
C MET C 303 46.61 -38.70 26.24
N ASP C 304 45.97 -37.99 25.31
CA ASP C 304 45.23 -38.64 24.23
C ASP C 304 46.19 -39.25 23.21
N CYS C 305 45.74 -40.34 22.57
CA CYS C 305 46.58 -40.99 21.59
C CYS C 305 46.26 -40.49 20.18
N PHE C 306 47.28 -40.52 19.33
CA PHE C 306 47.16 -40.19 17.91
C PHE C 306 47.77 -41.33 17.09
N THR C 307 46.92 -42.12 16.45
CA THR C 307 47.34 -43.26 15.63
C THR C 307 46.89 -43.07 14.18
N MET C 308 47.75 -43.49 13.25
CA MET C 308 47.44 -43.36 11.84
C MET C 308 46.25 -44.24 11.47
N PRO C 309 45.36 -43.76 10.61
CA PRO C 309 44.19 -44.55 10.19
C PRO C 309 44.50 -45.62 9.16
N SER C 310 43.47 -46.21 8.58
CA SER C 310 43.60 -47.29 7.61
C SER C 310 43.81 -46.83 6.18
N TYR C 311 43.72 -45.53 5.91
CA TYR C 311 44.02 -44.98 4.59
C TYR C 311 45.47 -44.44 4.53
N SER C 312 46.41 -45.34 4.82
CA SER C 312 47.83 -45.01 4.70
C SER C 312 48.52 -45.90 3.68
N ARG C 313 48.03 -45.88 2.44
CA ARG C 313 48.58 -46.73 1.38
C ARG C 313 49.61 -45.97 0.56
N GLU C 325 58.05 -44.65 -14.84
CA GLU C 325 58.69 -44.55 -16.14
C GLU C 325 57.66 -44.31 -17.23
N THR C 326 57.55 -43.06 -17.67
CA THR C 326 56.54 -42.65 -18.63
C THR C 326 57.12 -41.55 -19.51
N SER C 327 56.76 -41.54 -20.79
CA SER C 327 57.26 -40.52 -21.70
C SER C 327 56.70 -39.17 -21.29
N THR C 328 57.58 -38.26 -20.88
CA THR C 328 57.20 -36.95 -20.40
C THR C 328 58.13 -35.89 -20.96
N LYS C 329 57.56 -34.85 -21.56
CA LYS C 329 58.28 -33.65 -21.93
C LYS C 329 57.92 -32.54 -20.95
N SER C 330 58.57 -31.39 -21.11
CA SER C 330 58.24 -30.21 -20.34
C SER C 330 57.39 -29.27 -21.18
N LEU C 331 56.70 -28.36 -20.50
CA LEU C 331 55.88 -27.37 -21.20
C LEU C 331 56.76 -26.38 -21.95
N TRP C 332 57.99 -26.17 -21.47
CA TRP C 332 58.95 -25.32 -22.16
C TRP C 332 59.30 -25.85 -23.55
N VAL C 333 58.99 -27.10 -23.85
CA VAL C 333 59.38 -27.71 -25.13
C VAL C 333 58.13 -28.21 -25.85
N ILE C 334 57.43 -27.31 -26.51
CA ILE C 334 56.16 -27.57 -27.21
C ILE C 334 55.85 -26.35 -28.09
N ASN C 335 55.59 -26.59 -29.38
CA ASN C 335 55.31 -25.51 -30.33
C ASN C 335 53.89 -25.63 -30.85
N SER C 336 52.98 -24.82 -30.30
CA SER C 336 51.60 -24.69 -30.78
C SER C 336 50.86 -23.74 -29.85
N ALA C 337 49.77 -23.19 -30.38
CA ALA C 337 48.81 -22.45 -29.57
C ALA C 337 47.76 -23.41 -29.01
N LEU C 338 47.16 -23.03 -27.88
CA LEU C 338 46.21 -23.92 -27.21
C LEU C 338 44.91 -24.05 -28.00
N ARG C 339 44.43 -25.28 -28.12
CA ARG C 339 43.25 -25.61 -28.91
C ARG C 339 42.43 -26.67 -28.16
N ILE C 340 41.13 -26.42 -27.99
CA ILE C 340 40.25 -27.29 -27.22
C ILE C 340 38.98 -27.53 -28.02
N LYS C 341 38.58 -28.80 -28.15
CA LYS C 341 37.38 -29.18 -28.89
C LYS C 341 36.20 -29.28 -27.94
N ILE C 342 35.08 -28.68 -28.32
CA ILE C 342 33.85 -28.71 -27.54
C ILE C 342 32.93 -29.74 -28.19
N LEU C 343 32.94 -30.97 -27.66
CA LEU C 343 32.21 -32.07 -28.29
C LEU C 343 30.72 -31.80 -28.30
N CYS C 344 30.05 -31.99 -27.17
CA CYS C 344 28.60 -31.87 -27.09
C CYS C 344 28.20 -31.83 -25.62
N ALA C 345 27.01 -31.29 -25.38
CA ALA C 345 26.41 -31.28 -24.06
C ALA C 345 25.18 -32.18 -24.07
N THR C 346 24.96 -32.89 -22.96
CA THR C 346 23.88 -33.87 -22.90
C THR C 346 22.53 -33.20 -23.10
N TYR C 347 22.23 -32.19 -22.29
CA TYR C 347 20.96 -31.48 -22.40
C TYR C 347 21.09 -30.09 -21.83
N VAL C 348 20.26 -29.18 -22.32
CA VAL C 348 20.15 -27.82 -21.82
C VAL C 348 18.67 -27.46 -21.82
N ASN C 349 18.16 -27.07 -20.65
CA ASN C 349 16.74 -26.77 -20.48
C ASN C 349 16.48 -25.34 -20.95
N VAL C 350 15.85 -25.20 -22.11
CA VAL C 350 15.54 -23.91 -22.71
C VAL C 350 14.07 -23.88 -23.13
N ASN C 351 13.58 -22.67 -23.38
CA ASN C 351 12.16 -22.41 -23.58
C ASN C 351 11.70 -22.59 -25.02
N ILE C 352 12.64 -22.71 -25.97
CA ILE C 352 12.38 -22.70 -27.40
C ILE C 352 11.76 -21.35 -27.75
N ARG C 353 12.15 -20.31 -27.00
CA ARG C 353 11.80 -18.93 -27.33
C ARG C 353 13.08 -18.12 -27.54
N ASP C 354 13.93 -18.56 -28.46
CA ASP C 354 15.18 -17.85 -28.72
C ASP C 354 15.83 -18.26 -30.04
N LYS C 357 19.07 -18.78 -29.75
CA LYS C 357 20.22 -19.55 -30.19
C LYS C 357 21.30 -19.57 -29.12
N ILE C 358 21.93 -20.73 -28.91
CA ILE C 358 22.89 -20.89 -27.82
C ILE C 358 24.25 -21.27 -28.37
N TYR C 359 25.28 -20.89 -27.64
CA TYR C 359 26.67 -21.13 -28.01
C TYR C 359 27.51 -21.24 -26.75
N VAL C 360 28.76 -21.69 -26.92
CA VAL C 360 29.71 -21.89 -25.83
C VAL C 360 30.79 -20.82 -25.92
N ARG C 361 30.82 -19.94 -24.93
CA ARG C 361 31.89 -18.95 -24.79
C ARG C 361 33.00 -19.52 -23.93
N THR C 362 34.24 -19.26 -24.34
CA THR C 362 35.42 -19.81 -23.66
C THR C 362 36.42 -18.70 -23.38
N GLY C 363 37.52 -19.06 -22.71
CA GLY C 363 38.55 -18.11 -22.39
C GLY C 363 39.54 -18.62 -21.36
N ILE C 364 40.82 -18.30 -21.53
CA ILE C 364 41.88 -18.70 -20.60
C ILE C 364 42.14 -17.53 -19.66
N TYR C 365 42.06 -17.79 -18.35
CA TYR C 365 42.16 -16.75 -17.34
C TYR C 365 43.26 -17.05 -16.33
N HIS C 366 43.83 -15.98 -15.78
CA HIS C 366 44.77 -16.04 -14.67
C HIS C 366 44.11 -15.34 -13.48
N GLY C 367 43.23 -16.06 -12.80
CA GLY C 367 42.46 -15.49 -11.73
C GLY C 367 41.30 -14.66 -12.23
N GLY C 368 41.38 -13.34 -12.03
CA GLY C 368 40.34 -12.45 -12.53
C GLY C 368 40.66 -11.88 -13.90
N GLU C 369 41.93 -11.60 -14.16
CA GLU C 369 42.33 -11.01 -15.42
C GLU C 369 42.46 -12.09 -16.50
N PRO C 370 41.96 -11.82 -17.71
CA PRO C 370 42.08 -12.80 -18.80
C PRO C 370 43.47 -12.84 -19.40
N LEU C 371 43.92 -14.06 -19.72
CA LEU C 371 45.23 -14.26 -20.32
C LEU C 371 45.26 -14.00 -21.81
N CYS C 372 44.11 -14.05 -22.48
CA CYS C 372 44.05 -13.84 -23.92
C CYS C 372 42.63 -13.46 -24.30
N ASP C 373 42.37 -13.34 -25.60
CA ASP C 373 41.04 -13.00 -26.07
C ASP C 373 40.09 -14.17 -25.88
N ASN C 374 38.82 -13.85 -25.68
CA ASN C 374 37.79 -14.85 -25.45
C ASN C 374 37.20 -15.24 -26.81
N VAL C 375 37.44 -16.47 -27.23
CA VAL C 375 36.92 -16.95 -28.51
C VAL C 375 35.62 -17.69 -28.25
N ASN C 376 34.69 -17.57 -29.19
CA ASN C 376 33.39 -18.21 -29.10
C ASN C 376 33.22 -19.27 -30.19
N THR C 377 32.23 -20.11 -30.00
CA THR C 377 31.84 -21.09 -31.02
C THR C 377 30.66 -20.55 -31.83
N GLN C 378 30.35 -21.25 -32.92
CA GLN C 378 29.26 -20.86 -33.79
C GLN C 378 27.90 -21.20 -33.16
N ARG C 379 26.90 -20.37 -33.49
CA ARG C 379 25.55 -20.51 -32.98
C ARG C 379 24.82 -21.70 -33.59
N VAL C 380 24.16 -22.48 -32.75
CA VAL C 380 23.40 -23.65 -33.18
C VAL C 380 21.96 -23.48 -32.72
N PRO C 381 21.02 -24.24 -33.30
CA PRO C 381 19.62 -24.12 -32.87
C PRO C 381 19.44 -24.38 -31.38
N CYS C 382 18.30 -23.91 -30.87
CA CYS C 382 18.05 -23.94 -29.43
C CYS C 382 17.91 -25.35 -28.87
N SER C 383 17.36 -26.29 -29.64
CA SER C 383 17.02 -27.58 -29.07
C SER C 383 18.15 -28.60 -29.09
N ASN C 384 19.19 -28.40 -29.89
CA ASN C 384 20.32 -29.31 -29.95
C ASN C 384 21.64 -28.57 -29.75
N PRO C 385 22.31 -28.74 -28.62
CA PRO C 385 23.60 -28.07 -28.39
C PRO C 385 24.77 -28.89 -28.93
N ARG C 386 25.20 -28.60 -30.16
CA ARG C 386 26.29 -29.34 -30.79
C ARG C 386 27.32 -28.40 -31.37
N TRP C 387 28.61 -28.72 -31.13
CA TRP C 387 29.68 -27.90 -31.70
C TRP C 387 30.75 -28.75 -32.36
N ASN C 388 31.50 -29.52 -31.57
CA ASN C 388 32.56 -30.39 -32.07
C ASN C 388 33.52 -29.60 -32.97
N GLU C 389 34.19 -28.64 -32.33
CA GLU C 389 34.99 -27.67 -33.07
C GLU C 389 36.24 -27.28 -32.29
N TRP C 390 37.39 -27.34 -32.95
CA TRP C 390 38.65 -26.90 -32.37
C TRP C 390 38.70 -25.38 -32.34
N LEU C 391 38.70 -24.79 -31.15
CA LEU C 391 38.86 -23.36 -30.97
C LEU C 391 40.34 -22.99 -30.95
N ASN C 392 40.65 -21.83 -31.55
CA ASN C 392 42.02 -21.37 -31.68
C ASN C 392 42.25 -20.19 -30.73
N TYR C 393 42.97 -20.45 -29.64
CA TYR C 393 43.28 -19.43 -28.65
C TYR C 393 44.52 -18.66 -29.07
N ASP C 394 44.60 -17.40 -28.61
CA ASP C 394 45.66 -16.50 -29.05
C ASP C 394 46.99 -16.75 -28.34
N ILE C 395 46.95 -17.24 -27.11
CA ILE C 395 48.17 -17.40 -26.33
C ILE C 395 48.95 -18.62 -26.80
N TYR C 396 50.27 -18.56 -26.63
CA TYR C 396 51.19 -19.63 -26.97
C TYR C 396 51.33 -20.55 -25.74
N ILE C 397 51.47 -21.86 -25.99
CA ILE C 397 51.41 -22.82 -24.90
C ILE C 397 52.55 -22.64 -23.90
N PRO C 398 53.82 -22.56 -24.30
CA PRO C 398 54.88 -22.30 -23.31
C PRO C 398 54.70 -20.99 -22.56
N ASP C 399 53.97 -20.03 -23.11
CA ASP C 399 53.72 -18.76 -22.45
C ASP C 399 52.74 -18.87 -21.29
N LEU C 400 52.19 -20.07 -21.02
CA LEU C 400 51.22 -20.23 -19.95
C LEU C 400 51.90 -20.08 -18.60
N PRO C 401 51.24 -19.45 -17.64
CA PRO C 401 51.73 -19.44 -16.26
C PRO C 401 51.29 -20.71 -15.54
N ARG C 402 51.68 -20.83 -14.27
CA ARG C 402 51.28 -21.98 -13.48
C ARG C 402 49.81 -21.89 -13.08
N ALA C 403 49.30 -20.69 -12.82
CA ALA C 403 47.92 -20.50 -12.41
C ALA C 403 47.00 -20.26 -13.59
N ALA C 404 47.15 -21.04 -14.65
CA ALA C 404 46.30 -20.92 -15.82
C ALA C 404 45.13 -21.90 -15.73
N ARG C 405 43.94 -21.41 -16.08
CA ARG C 405 42.73 -22.19 -15.94
C ARG C 405 41.72 -21.76 -16.98
N LEU C 406 40.92 -22.71 -17.45
CA LEU C 406 39.96 -22.48 -18.53
C LEU C 406 38.60 -22.13 -17.96
N CYS C 407 38.03 -21.03 -18.44
CA CYS C 407 36.69 -20.58 -18.06
C CYS C 407 35.78 -20.64 -19.28
N LEU C 408 34.65 -21.33 -19.15
CA LEU C 408 33.69 -21.44 -20.24
C LEU C 408 32.28 -21.34 -19.68
N SER C 409 31.31 -21.13 -20.58
CA SER C 409 29.91 -21.02 -20.20
C SER C 409 29.05 -21.09 -21.45
N ILE C 410 27.81 -21.57 -21.28
CA ILE C 410 26.80 -21.58 -22.33
C ILE C 410 26.04 -20.25 -22.30
N CYS C 411 25.83 -19.65 -23.47
CA CYS C 411 25.19 -18.36 -23.58
C CYS C 411 24.00 -18.43 -24.53
N SER C 412 23.24 -17.34 -24.60
CA SER C 412 22.04 -17.26 -25.43
C SER C 412 21.97 -15.90 -26.12
N VAL C 413 20.95 -15.74 -26.96
CA VAL C 413 20.68 -14.48 -27.67
C VAL C 413 19.18 -14.22 -27.58
N LYS C 414 18.81 -13.02 -27.11
CA LYS C 414 17.42 -12.61 -26.87
C LYS C 414 16.47 -13.75 -26.49
N LYS C 420 22.82 -11.45 -31.84
CA LYS C 420 23.01 -10.01 -31.98
C LYS C 420 21.77 -9.24 -31.52
N GLU C 421 21.24 -9.59 -30.34
CA GLU C 421 20.14 -8.83 -29.78
C GLU C 421 20.30 -8.60 -28.28
N GLU C 422 20.28 -9.68 -27.50
CA GLU C 422 20.36 -9.59 -26.04
C GLU C 422 21.04 -10.85 -25.53
N HIS C 423 22.27 -10.73 -25.05
CA HIS C 423 23.02 -11.87 -24.55
C HIS C 423 22.69 -12.15 -23.09
N CYS C 424 22.81 -13.42 -22.70
CA CYS C 424 22.48 -13.89 -21.36
C CYS C 424 23.11 -15.26 -21.10
N PRO C 425 23.73 -15.46 -19.94
CA PRO C 425 24.34 -16.76 -19.64
C PRO C 425 23.33 -17.75 -19.07
N LEU C 426 23.67 -19.04 -19.21
CA LEU C 426 22.83 -20.11 -18.70
C LEU C 426 23.56 -21.00 -17.71
N ALA C 427 24.66 -21.65 -18.14
CA ALA C 427 25.42 -22.55 -17.28
C ALA C 427 26.90 -22.36 -17.52
N TRP C 428 27.69 -22.34 -16.44
CA TRP C 428 29.13 -22.13 -16.52
C TRP C 428 29.86 -23.26 -15.80
N GLY C 429 31.17 -23.33 -16.03
CA GLY C 429 32.04 -24.31 -15.41
C GLY C 429 33.50 -24.07 -15.75
N ASN C 430 34.36 -24.04 -14.73
CA ASN C 430 35.78 -23.75 -14.90
C ASN C 430 36.63 -24.97 -14.57
N ILE C 431 37.77 -25.09 -15.25
CA ILE C 431 38.70 -26.19 -15.05
C ILE C 431 40.12 -25.64 -14.94
N ASN C 432 40.93 -26.27 -14.10
CA ASN C 432 42.36 -25.98 -14.01
C ASN C 432 43.11 -26.65 -15.16
N LEU C 433 43.84 -25.86 -15.95
CA LEU C 433 44.62 -26.43 -17.05
C LEU C 433 45.76 -27.31 -16.56
N PHE C 434 46.21 -27.15 -15.32
CA PHE C 434 47.26 -27.98 -14.74
C PHE C 434 46.73 -28.74 -13.54
N ASP C 435 47.23 -29.97 -13.37
CA ASP C 435 46.87 -30.81 -12.24
C ASP C 435 47.69 -30.43 -11.00
N TYR C 436 47.36 -31.07 -9.87
CA TYR C 436 48.18 -30.92 -8.68
C TYR C 436 49.54 -31.58 -8.84
N THR C 437 49.65 -32.56 -9.73
CA THR C 437 50.94 -33.13 -10.10
C THR C 437 51.73 -32.25 -11.07
N ASP C 438 51.09 -31.19 -11.58
CA ASP C 438 51.61 -30.26 -12.58
C ASP C 438 51.39 -30.83 -13.98
N THR C 439 50.58 -31.88 -14.06
CA THR C 439 50.24 -32.50 -15.35
C THR C 439 49.16 -31.69 -16.05
N LEU C 440 49.23 -31.65 -17.38
CA LEU C 440 48.28 -30.94 -18.22
C LEU C 440 47.19 -31.89 -18.71
N VAL C 441 45.96 -31.38 -18.77
CA VAL C 441 44.82 -32.19 -19.20
C VAL C 441 45.08 -32.75 -20.59
N SER C 442 44.60 -33.98 -20.82
CA SER C 442 44.87 -34.67 -22.08
C SER C 442 43.70 -35.57 -22.42
N GLY C 443 43.00 -35.27 -23.51
CA GLY C 443 42.02 -36.22 -23.99
C GLY C 443 40.59 -35.96 -23.59
N LYS C 444 39.85 -37.05 -23.40
CA LYS C 444 38.43 -36.99 -23.12
C LYS C 444 38.19 -36.65 -21.66
N MET C 445 37.19 -35.81 -21.41
CA MET C 445 36.91 -35.33 -20.06
C MET C 445 35.44 -34.93 -19.96
N ALA C 446 34.79 -35.33 -18.87
CA ALA C 446 33.40 -34.99 -18.59
C ALA C 446 33.31 -33.92 -17.51
N LEU C 447 32.51 -32.88 -17.77
CA LEU C 447 32.39 -31.73 -16.86
C LEU C 447 30.92 -31.37 -16.65
N ASN C 448 30.47 -31.37 -15.39
CA ASN C 448 29.15 -30.87 -15.02
C ASN C 448 29.18 -29.38 -14.73
N LEU C 449 28.16 -28.67 -15.20
CA LEU C 449 28.08 -27.22 -15.12
C LEU C 449 27.27 -26.75 -13.92
N TRP C 450 27.53 -25.43 -13.46
CA TRP C 450 26.94 -24.67 -12.36
C TRP C 450 25.91 -23.68 -12.90
N PRO C 451 24.88 -23.32 -12.10
CA PRO C 451 23.93 -22.29 -12.53
C PRO C 451 24.45 -20.86 -12.42
N VAL C 452 23.54 -19.89 -12.39
CA VAL C 452 23.89 -18.47 -12.37
C VAL C 452 23.29 -17.83 -11.11
N PRO C 453 24.06 -17.03 -10.36
CA PRO C 453 23.50 -16.34 -9.18
C PRO C 453 22.41 -15.36 -9.57
N HIS C 454 21.67 -14.91 -8.55
CA HIS C 454 20.58 -13.95 -8.73
C HIS C 454 20.98 -12.76 -9.59
N GLY C 455 21.99 -12.01 -9.17
CA GLY C 455 22.38 -10.81 -9.88
C GLY C 455 23.66 -10.95 -10.65
N LEU C 456 23.64 -11.73 -11.73
CA LEU C 456 24.81 -11.90 -12.58
C LEU C 456 24.40 -11.82 -14.04
N GLU C 457 24.88 -10.78 -14.74
CA GLU C 457 24.67 -10.63 -16.16
C GLU C 457 25.94 -10.85 -16.96
N ASP C 458 27.07 -11.12 -16.31
CA ASP C 458 28.31 -11.33 -17.02
C ASP C 458 28.18 -12.61 -17.84
N LEU C 459 28.58 -12.53 -19.12
CA LEU C 459 28.43 -13.66 -20.03
C LEU C 459 29.31 -14.83 -19.61
N LEU C 460 30.53 -14.54 -19.18
CA LEU C 460 31.45 -15.54 -18.65
C LEU C 460 31.57 -15.39 -17.14
N ASN C 461 31.94 -16.47 -16.47
CA ASN C 461 32.09 -16.50 -15.02
C ASN C 461 33.55 -16.71 -14.61
N PRO C 462 34.36 -15.65 -14.53
CA PRO C 462 35.76 -15.83 -14.15
C PRO C 462 35.90 -16.07 -12.65
N ILE C 463 35.14 -15.30 -11.86
CA ILE C 463 35.20 -15.38 -10.40
C ILE C 463 34.16 -16.42 -9.98
N GLY C 464 34.57 -17.69 -9.97
CA GLY C 464 33.68 -18.74 -9.50
C GLY C 464 34.47 -19.97 -9.11
N VAL C 465 33.77 -20.87 -8.42
CA VAL C 465 34.42 -22.07 -7.90
C VAL C 465 34.99 -22.89 -9.05
N THR C 466 36.23 -23.34 -8.89
CA THR C 466 36.89 -24.15 -9.91
C THR C 466 36.65 -25.63 -9.64
N GLY C 467 36.36 -26.37 -10.68
CA GLY C 467 36.15 -27.81 -10.58
C GLY C 467 34.79 -28.23 -11.13
N SER C 468 34.62 -29.54 -11.20
CA SER C 468 33.39 -30.12 -11.71
C SER C 468 32.32 -30.18 -10.63
N ASN C 469 31.07 -30.09 -11.05
CA ASN C 469 29.94 -30.11 -10.12
C ASN C 469 29.69 -31.53 -9.66
N PRO C 470 29.73 -31.80 -8.35
CA PRO C 470 29.39 -33.15 -7.86
C PRO C 470 28.04 -33.65 -8.33
N ASN C 471 27.04 -32.78 -8.41
CA ASN C 471 25.74 -33.16 -8.93
C ASN C 471 25.85 -33.56 -10.40
N LYS C 472 25.69 -34.85 -10.68
CA LYS C 472 25.84 -35.36 -12.03
C LYS C 472 24.57 -35.24 -12.86
N GLU C 473 23.46 -34.82 -12.26
CA GLU C 473 22.19 -34.65 -12.96
C GLU C 473 21.99 -33.22 -13.44
N THR C 474 23.06 -32.60 -13.93
CA THR C 474 23.06 -31.25 -14.46
C THR C 474 23.53 -31.31 -15.91
N PRO C 475 23.44 -30.21 -16.69
CA PRO C 475 24.03 -30.23 -18.03
C PRO C 475 25.49 -30.66 -17.98
N CYS C 476 25.80 -31.77 -18.66
CA CYS C 476 27.13 -32.38 -18.63
C CYS C 476 27.80 -32.14 -19.97
N LEU C 477 28.79 -31.25 -19.99
CA LEU C 477 29.52 -30.91 -21.20
C LEU C 477 30.85 -31.66 -21.23
N GLU C 478 31.05 -32.46 -22.27
CA GLU C 478 32.29 -33.18 -22.50
C GLU C 478 33.11 -32.49 -23.58
N LEU C 479 34.44 -32.57 -23.44
CA LEU C 479 35.34 -31.83 -24.31
C LEU C 479 36.64 -32.60 -24.46
N GLU C 480 37.44 -32.17 -25.45
CA GLU C 480 38.73 -32.78 -25.75
C GLU C 480 39.83 -31.74 -25.60
N PHE C 481 40.89 -32.12 -24.89
CA PHE C 481 42.08 -31.29 -24.70
C PHE C 481 43.21 -31.74 -25.62
N ASP C 482 44.16 -30.85 -25.83
CA ASP C 482 45.28 -31.12 -26.73
C ASP C 482 46.13 -32.29 -26.22
N TRP C 483 46.09 -33.41 -26.94
CA TRP C 483 46.94 -34.54 -26.65
C TRP C 483 48.19 -34.45 -27.53
N PHE C 484 49.35 -34.41 -26.90
CA PHE C 484 50.63 -34.36 -27.60
C PHE C 484 51.39 -35.66 -27.41
N SER C 485 52.52 -35.75 -28.12
CA SER C 485 53.35 -36.96 -28.14
C SER C 485 53.56 -37.55 -26.75
N SER C 486 53.99 -36.74 -25.79
CA SER C 486 54.27 -37.21 -24.45
C SER C 486 53.36 -36.49 -23.45
N VAL C 487 53.62 -36.71 -22.16
CA VAL C 487 52.86 -36.10 -21.09
C VAL C 487 53.58 -34.82 -20.66
N VAL C 488 52.82 -33.73 -20.54
CA VAL C 488 53.38 -32.41 -20.27
C VAL C 488 53.35 -32.16 -18.77
N LYS C 489 54.41 -31.53 -18.26
CA LYS C 489 54.48 -31.14 -16.86
C LYS C 489 55.14 -29.77 -16.77
N PHE C 490 54.63 -28.95 -15.85
CA PHE C 490 55.18 -27.60 -15.66
C PHE C 490 56.61 -27.70 -15.14
N PRO C 491 57.52 -26.87 -15.65
CA PRO C 491 58.94 -27.04 -15.32
C PRO C 491 59.26 -26.70 -13.88
N ASP C 492 60.24 -27.41 -13.33
CA ASP C 492 60.73 -27.17 -11.98
C ASP C 492 61.47 -25.84 -11.91
N MET C 493 61.71 -25.38 -10.68
CA MET C 493 62.24 -24.03 -10.46
C MET C 493 63.63 -23.86 -11.06
N SER C 494 64.44 -24.93 -11.10
CA SER C 494 65.77 -24.83 -11.69
C SER C 494 65.69 -24.54 -13.18
N VAL C 495 64.75 -25.19 -13.89
CA VAL C 495 64.56 -24.90 -15.31
C VAL C 495 64.04 -23.49 -15.50
N ILE C 496 63.22 -22.99 -14.57
CA ILE C 496 62.73 -21.61 -14.67
C ILE C 496 63.86 -20.63 -14.42
N GLU C 497 64.78 -20.97 -13.51
CA GLU C 497 65.92 -20.09 -13.24
C GLU C 497 66.86 -20.00 -14.43
N GLU C 498 66.98 -21.08 -15.21
CA GLU C 498 67.82 -21.05 -16.39
C GLU C 498 67.26 -20.10 -17.43
N HIS C 499 65.97 -20.23 -17.74
CA HIS C 499 65.33 -19.37 -18.73
C HIS C 499 65.31 -17.90 -18.28
N ALA C 500 65.21 -17.64 -16.98
CA ALA C 500 65.12 -16.25 -16.52
C ALA C 500 66.39 -15.49 -16.84
N ASN C 501 67.54 -16.16 -16.84
CA ASN C 501 68.79 -15.52 -17.23
C ASN C 501 68.69 -15.06 -18.68
N TRP C 502 68.63 -13.74 -18.88
CA TRP C 502 68.40 -13.09 -20.17
C TRP C 502 68.70 -13.92 -21.42
N ARG C 528 67.68 3.99 -14.10
CA ARG C 528 67.78 4.17 -12.66
C ARG C 528 68.09 5.63 -12.34
N GLU C 529 67.22 6.53 -12.78
CA GLU C 529 67.44 7.96 -12.65
C GLU C 529 66.95 8.44 -11.28
N ASN C 530 66.65 9.73 -11.15
CA ASN C 530 66.02 10.25 -9.94
C ASN C 530 64.50 10.21 -10.13
N ASP C 531 63.99 8.99 -10.14
CA ASP C 531 62.56 8.71 -10.04
C ASP C 531 62.21 8.02 -8.73
N LYS C 532 63.04 8.20 -7.70
CA LYS C 532 62.83 7.50 -6.44
C LYS C 532 61.74 8.13 -5.61
N GLU C 533 61.41 9.40 -5.85
CA GLU C 533 60.30 10.03 -5.15
C GLU C 533 58.97 9.40 -5.55
N GLN C 534 58.82 9.04 -6.83
CA GLN C 534 57.57 8.47 -7.30
C GLN C 534 57.39 7.02 -6.83
N LEU C 535 58.48 6.23 -6.86
CA LEU C 535 58.38 4.84 -6.40
C LEU C 535 58.01 4.80 -4.92
N LYS C 536 58.50 5.74 -4.13
CA LYS C 536 58.14 5.82 -2.73
C LYS C 536 56.77 6.45 -2.52
N ALA C 537 56.15 6.97 -3.58
CA ALA C 537 54.79 7.50 -3.54
C ALA C 537 53.75 6.49 -4.01
N ILE C 538 54.02 5.74 -5.08
CA ILE C 538 53.06 4.76 -5.57
C ILE C 538 53.08 3.46 -4.76
N SER C 539 54.14 3.19 -4.01
CA SER C 539 54.15 2.03 -3.12
C SER C 539 53.20 2.22 -1.95
N THR C 540 53.02 3.47 -1.51
CA THR C 540 52.19 3.80 -0.36
C THR C 540 50.74 4.14 -0.74
N ARG C 541 50.36 3.95 -2.00
CA ARG C 541 48.98 4.15 -2.41
C ARG C 541 48.16 2.91 -2.09
N ASP C 542 46.89 3.14 -1.71
CA ASP C 542 46.01 2.05 -1.28
C ASP C 542 45.79 1.03 -2.40
N PRO C 543 45.47 -0.21 -2.04
CA PRO C 543 45.33 -1.26 -3.09
C PRO C 543 44.26 -0.96 -4.12
N LEU C 544 43.26 -0.13 -3.79
CA LEU C 544 42.24 0.26 -4.74
C LEU C 544 42.63 1.49 -5.57
N SER C 545 43.86 1.97 -5.42
CA SER C 545 44.34 3.10 -6.20
C SER C 545 44.69 2.66 -7.62
N GLU C 546 44.36 3.52 -8.59
CA GLU C 546 44.55 3.19 -9.99
C GLU C 546 46.03 3.02 -10.33
N ILE C 547 46.33 2.01 -11.15
CA ILE C 547 47.67 1.76 -11.65
C ILE C 547 47.60 1.83 -13.17
N THR C 548 48.10 2.91 -13.75
CA THR C 548 48.03 3.08 -15.19
C THR C 548 49.17 2.34 -15.87
N GLU C 549 48.99 2.05 -17.16
CA GLU C 549 50.07 1.50 -17.97
C GLU C 549 51.26 2.44 -17.98
N GLN C 550 51.01 3.75 -17.90
CA GLN C 550 52.09 4.72 -17.70
C GLN C 550 52.94 4.31 -16.51
N GLU C 551 52.30 4.01 -15.38
CA GLU C 551 53.01 3.58 -14.18
C GLU C 551 53.34 2.09 -14.21
N LYS C 552 52.53 1.27 -14.89
CA LYS C 552 52.80 -0.17 -14.94
C LYS C 552 54.11 -0.46 -15.68
N ASP C 553 54.28 0.11 -16.87
CA ASP C 553 55.54 -0.05 -17.57
C ASP C 553 56.68 0.61 -16.80
N PHE C 554 56.37 1.70 -16.09
CA PHE C 554 57.35 2.37 -15.25
C PHE C 554 57.76 1.49 -14.08
N LEU C 555 56.84 0.68 -13.54
CA LEU C 555 57.18 -0.26 -12.48
C LEU C 555 57.98 -1.44 -13.00
N TRP C 556 57.54 -2.02 -14.13
CA TRP C 556 58.23 -3.17 -14.69
C TRP C 556 59.65 -2.85 -15.11
N SER C 557 59.90 -1.61 -15.57
CA SER C 557 61.24 -1.23 -15.99
C SER C 557 62.20 -1.19 -14.80
N HIS C 558 61.77 -0.63 -13.68
CA HIS C 558 62.59 -0.55 -12.47
C HIS C 558 62.25 -1.67 -11.50
N ARG C 559 62.15 -2.91 -12.01
CA ARG C 559 61.72 -4.01 -11.16
C ARG C 559 62.83 -4.52 -10.25
N HIS C 560 64.09 -4.46 -10.70
CA HIS C 560 65.19 -4.91 -9.85
C HIS C 560 65.48 -3.94 -8.72
N TYR C 561 65.13 -2.65 -8.89
CA TYR C 561 65.30 -1.68 -7.83
C TYR C 561 64.21 -1.80 -6.76
N CYS C 562 63.03 -2.28 -7.14
CA CYS C 562 61.91 -2.39 -6.21
C CYS C 562 62.24 -3.17 -4.94
N VAL C 563 63.30 -3.98 -4.96
CA VAL C 563 63.69 -4.74 -3.77
C VAL C 563 64.00 -3.81 -2.60
N THR C 564 64.57 -2.63 -2.88
CA THR C 564 64.87 -1.67 -1.82
C THR C 564 63.60 -1.14 -1.16
N ILE C 565 62.47 -1.18 -1.86
CA ILE C 565 61.17 -0.82 -1.28
C ILE C 565 60.30 -2.06 -1.30
N PRO C 566 60.46 -2.99 -0.35
CA PRO C 566 59.74 -4.27 -0.45
C PRO C 566 58.23 -4.15 -0.34
N GLU C 567 57.72 -3.03 0.19
CA GLU C 567 56.29 -2.86 0.34
C GLU C 567 55.56 -2.61 -0.98
N ILE C 568 56.30 -2.51 -2.09
CA ILE C 568 55.70 -2.25 -3.39
C ILE C 568 55.42 -3.54 -4.16
N LEU C 569 55.75 -4.70 -3.60
CA LEU C 569 55.52 -5.97 -4.28
C LEU C 569 54.08 -6.17 -4.73
N PRO C 570 53.05 -5.90 -3.93
CA PRO C 570 51.67 -6.04 -4.45
C PRO C 570 51.39 -5.14 -5.65
N LYS C 571 51.86 -3.88 -5.62
CA LYS C 571 51.69 -3.02 -6.79
C LYS C 571 52.47 -3.53 -7.98
N LEU C 572 53.70 -3.99 -7.75
CA LEU C 572 54.53 -4.47 -8.85
C LEU C 572 53.94 -5.72 -9.51
N LEU C 573 53.42 -6.64 -8.71
CA LEU C 573 52.88 -7.88 -9.26
C LEU C 573 51.70 -7.62 -10.19
N LEU C 574 50.86 -6.64 -9.86
CA LEU C 574 49.76 -6.28 -10.77
C LEU C 574 50.27 -5.67 -12.06
N SER C 575 51.46 -5.06 -12.03
CA SER C 575 52.07 -4.47 -13.22
C SER C 575 52.93 -5.47 -13.98
N VAL C 576 52.47 -6.70 -14.12
CA VAL C 576 53.20 -7.75 -14.82
C VAL C 576 52.21 -8.48 -15.72
N LYS C 577 52.66 -8.82 -16.93
CA LYS C 577 51.85 -9.57 -17.89
C LYS C 577 52.12 -11.06 -17.69
N TRP C 578 51.11 -11.77 -17.18
CA TRP C 578 51.25 -13.18 -16.81
C TRP C 578 51.04 -14.13 -17.98
N ASN C 579 50.99 -13.63 -19.21
CA ASN C 579 50.92 -14.46 -20.40
C ASN C 579 52.21 -14.39 -21.20
N SER C 580 53.34 -14.41 -20.51
CA SER C 580 54.66 -14.30 -21.13
C SER C 580 55.65 -15.04 -20.25
N ARG C 581 56.09 -16.22 -20.72
CA ARG C 581 57.08 -17.00 -19.98
C ARG C 581 58.32 -16.20 -19.62
N ASP C 582 58.73 -15.27 -20.48
CA ASP C 582 59.90 -14.45 -20.18
C ASP C 582 59.68 -13.61 -18.93
N GLU C 583 58.57 -12.89 -18.86
CA GLU C 583 58.32 -12.03 -17.71
C GLU C 583 57.97 -12.83 -16.47
N VAL C 584 57.16 -13.87 -16.62
CA VAL C 584 56.77 -14.70 -15.48
C VAL C 584 58.00 -15.27 -14.79
N ALA C 585 58.92 -15.86 -15.57
CA ALA C 585 60.12 -16.44 -15.00
C ALA C 585 60.97 -15.39 -14.30
N GLN C 586 60.98 -14.17 -14.83
CA GLN C 586 61.79 -13.11 -14.23
C GLN C 586 61.21 -12.64 -12.90
N MET C 587 59.88 -12.60 -12.79
CA MET C 587 59.26 -12.25 -11.52
C MET C 587 59.38 -13.37 -10.51
N TYR C 588 59.32 -14.62 -10.98
CA TYR C 588 59.53 -15.78 -10.11
C TYR C 588 60.84 -15.66 -9.33
N CYS C 589 61.92 -15.31 -10.03
CA CYS C 589 63.22 -15.19 -9.38
C CYS C 589 63.25 -14.03 -8.40
N LEU C 590 62.58 -12.92 -8.73
CA LEU C 590 62.51 -11.80 -7.80
C LEU C 590 61.73 -12.19 -6.55
N VAL C 591 60.60 -12.89 -6.72
CA VAL C 591 59.78 -13.29 -5.58
C VAL C 591 60.56 -14.21 -4.65
N LYS C 592 61.35 -15.13 -5.21
CA LYS C 592 62.10 -16.07 -4.40
C LYS C 592 63.04 -15.35 -3.43
N ASP C 593 63.85 -14.43 -3.94
CA ASP C 593 64.79 -13.67 -3.14
C ASP C 593 64.27 -12.29 -2.79
N TRP C 594 63.00 -12.21 -2.38
CA TRP C 594 62.37 -10.95 -2.01
C TRP C 594 62.38 -10.78 -0.50
N PRO C 595 62.68 -9.57 -0.02
CA PRO C 595 62.80 -9.37 1.42
C PRO C 595 61.48 -9.63 2.12
N PRO C 596 61.53 -10.10 3.37
CA PRO C 596 60.29 -10.31 4.12
C PRO C 596 59.54 -9.00 4.33
N ILE C 597 58.21 -9.09 4.31
CA ILE C 597 57.34 -7.94 4.50
C ILE C 597 56.42 -8.21 5.68
N LYS C 598 55.80 -7.14 6.17
CA LYS C 598 54.86 -7.26 7.29
C LYS C 598 53.77 -8.27 6.94
N PRO C 599 53.34 -9.10 7.90
CA PRO C 599 52.24 -10.03 7.62
C PRO C 599 50.95 -9.32 7.24
N GLU C 600 50.72 -8.12 7.76
CA GLU C 600 49.55 -7.34 7.35
C GLU C 600 49.62 -7.02 5.86
N GLN C 601 50.81 -6.68 5.37
CA GLN C 601 50.98 -6.43 3.94
C GLN C 601 51.00 -7.72 3.13
N ALA C 602 51.51 -8.81 3.71
CA ALA C 602 51.58 -10.07 2.99
C ALA C 602 50.20 -10.68 2.76
N MET C 603 49.25 -10.43 3.66
CA MET C 603 47.90 -10.97 3.51
C MET C 603 47.24 -10.50 2.22
N GLU C 604 47.62 -9.32 1.72
CA GLU C 604 47.05 -8.82 0.47
C GLU C 604 47.32 -9.76 -0.69
N LEU C 605 48.45 -10.47 -0.66
CA LEU C 605 48.85 -11.36 -1.74
C LEU C 605 48.08 -12.68 -1.76
N LEU C 606 47.02 -12.80 -0.97
CA LEU C 606 46.23 -14.02 -0.93
C LEU C 606 44.78 -13.81 -1.36
N ASP C 607 44.44 -12.61 -1.84
CA ASP C 607 43.09 -12.31 -2.28
C ASP C 607 42.95 -12.71 -3.76
N CYS C 608 41.91 -12.22 -4.41
CA CYS C 608 41.58 -12.63 -5.78
C CYS C 608 42.43 -11.95 -6.84
N ASN C 609 43.41 -11.13 -6.44
CA ASN C 609 44.29 -10.47 -7.41
C ASN C 609 45.60 -11.21 -7.64
N TYR C 610 45.91 -12.24 -6.86
CA TYR C 610 47.19 -12.94 -6.94
C TYR C 610 46.97 -14.44 -6.87
N PRO C 611 46.62 -15.07 -7.99
CA PRO C 611 46.39 -16.53 -7.99
C PRO C 611 47.65 -17.38 -8.18
N ASP C 612 48.79 -16.77 -8.50
CA ASP C 612 49.99 -17.55 -8.78
C ASP C 612 50.50 -18.20 -7.49
N PRO C 613 50.71 -19.52 -7.48
CA PRO C 613 51.14 -20.18 -6.23
C PRO C 613 52.49 -19.72 -5.73
N MET C 614 53.44 -19.46 -6.62
CA MET C 614 54.76 -19.00 -6.20
C MET C 614 54.68 -17.66 -5.47
N VAL C 615 53.69 -16.82 -5.81
CA VAL C 615 53.44 -15.61 -5.04
C VAL C 615 52.82 -15.95 -3.70
N ARG C 616 51.89 -16.91 -3.68
CA ARG C 616 51.24 -17.30 -2.44
C ARG C 616 52.21 -17.97 -1.48
N GLY C 617 53.05 -18.88 -1.98
CA GLY C 617 54.05 -19.51 -1.14
C GLY C 617 54.91 -18.52 -0.40
N PHE C 618 55.29 -17.43 -1.07
CA PHE C 618 55.98 -16.33 -0.39
C PHE C 618 55.11 -15.73 0.69
N ALA C 619 53.85 -15.44 0.36
CA ALA C 619 52.94 -14.82 1.33
C ALA C 619 52.75 -15.72 2.54
N VAL C 620 52.66 -17.03 2.33
CA VAL C 620 52.55 -17.96 3.45
C VAL C 620 53.83 -17.94 4.28
N ARG C 621 54.98 -17.89 3.60
CA ARG C 621 56.27 -17.87 4.31
C ARG C 621 56.42 -16.60 5.16
N CYS C 622 55.88 -15.48 4.70
CA CYS C 622 55.86 -14.28 5.55
C CYS C 622 55.00 -14.51 6.78
N LEU C 623 53.84 -15.14 6.60
CA LEU C 623 52.99 -15.46 7.74
C LEU C 623 53.64 -16.51 8.64
N GLU C 624 54.25 -17.53 8.04
CA GLU C 624 54.92 -18.56 8.82
C GLU C 624 55.98 -17.98 9.74
N LYS C 625 56.70 -16.96 9.28
CA LYS C 625 57.80 -16.38 10.04
C LYS C 625 57.33 -15.30 11.01
N TYR C 626 56.66 -14.26 10.48
CA TYR C 626 56.45 -13.02 11.23
C TYR C 626 55.11 -12.95 11.93
N LEU C 627 54.06 -13.55 11.37
CA LEU C 627 52.73 -13.45 11.97
C LEU C 627 52.70 -14.10 13.34
N THR C 628 52.21 -13.36 14.34
CA THR C 628 52.08 -13.89 15.68
C THR C 628 50.85 -14.79 15.77
N ASP C 629 50.85 -15.65 16.80
CA ASP C 629 49.66 -16.45 17.07
C ASP C 629 48.48 -15.59 17.47
N ASP C 630 48.75 -14.43 18.09
CA ASP C 630 47.67 -13.50 18.42
C ASP C 630 47.01 -12.95 17.16
N LYS C 631 47.81 -12.41 16.24
CA LYS C 631 47.26 -11.84 15.01
C LYS C 631 46.60 -12.91 14.15
N LEU C 632 47.06 -14.16 14.26
CA LEU C 632 46.44 -15.25 13.51
C LEU C 632 44.98 -15.43 13.91
N SER C 633 44.71 -15.50 15.22
CA SER C 633 43.32 -15.56 15.69
C SER C 633 42.54 -14.33 15.24
N GLN C 634 43.19 -13.17 15.21
CA GLN C 634 42.50 -11.94 14.83
C GLN C 634 42.07 -11.99 13.37
N TYR C 635 42.96 -12.44 12.48
CA TYR C 635 42.69 -12.49 11.05
C TYR C 635 42.30 -13.89 10.59
N LEU C 636 41.85 -14.75 11.52
CA LEU C 636 41.44 -16.10 11.13
C LEU C 636 40.17 -16.05 10.29
N ILE C 637 39.32 -15.05 10.49
CA ILE C 637 38.11 -14.92 9.69
C ILE C 637 38.44 -14.79 8.22
N GLN C 638 39.48 -14.01 7.90
CA GLN C 638 39.90 -13.86 6.51
C GLN C 638 40.69 -15.06 6.01
N LEU C 639 41.63 -15.56 6.81
CA LEU C 639 42.53 -16.62 6.36
C LEU C 639 41.78 -17.89 6.01
N VAL C 640 40.72 -18.21 6.76
CA VAL C 640 39.92 -19.38 6.43
C VAL C 640 39.14 -19.16 5.15
N GLN C 641 38.60 -17.95 4.97
CA GLN C 641 37.86 -17.63 3.75
C GLN C 641 38.79 -17.61 2.53
N VAL C 642 40.06 -17.29 2.72
CA VAL C 642 41.01 -17.21 1.63
C VAL C 642 41.32 -18.58 1.04
N LEU C 643 41.14 -19.65 1.82
CA LEU C 643 41.40 -21.00 1.33
C LEU C 643 40.58 -21.31 0.08
N LYS C 644 39.41 -20.69 -0.05
CA LYS C 644 38.53 -20.95 -1.20
C LYS C 644 39.22 -20.60 -2.51
N TYR C 645 40.01 -19.53 -2.53
CA TYR C 645 40.67 -19.11 -3.77
C TYR C 645 41.70 -20.14 -4.22
N GLU C 646 42.42 -20.74 -3.27
CA GLU C 646 43.51 -21.66 -3.57
C GLU C 646 43.06 -22.73 -4.57
N GLN C 647 43.90 -22.95 -5.58
CA GLN C 647 43.53 -23.82 -6.70
C GLN C 647 43.32 -25.26 -6.23
N TYR C 648 44.26 -25.81 -5.48
CA TYR C 648 44.28 -27.23 -5.15
C TYR C 648 44.08 -27.45 -3.66
N LEU C 649 43.84 -28.71 -3.31
CA LEU C 649 43.61 -29.08 -1.92
C LEU C 649 44.88 -28.95 -1.09
N ASP C 650 45.98 -29.52 -1.58
CA ASP C 650 47.25 -29.47 -0.87
C ASP C 650 48.03 -28.23 -1.28
N ASN C 651 48.47 -27.47 -0.29
CA ASN C 651 49.21 -26.22 -0.51
C ASN C 651 49.80 -25.79 0.82
N LEU C 652 50.59 -24.72 0.76
CA LEU C 652 51.30 -24.24 1.95
C LEU C 652 50.35 -23.60 2.96
N LEU C 653 49.29 -22.94 2.49
CA LEU C 653 48.43 -22.18 3.39
C LEU C 653 47.63 -23.10 4.31
N VAL C 654 46.98 -24.12 3.74
CA VAL C 654 46.21 -25.05 4.57
C VAL C 654 47.12 -25.76 5.57
N ARG C 655 48.32 -26.15 5.13
CA ARG C 655 49.27 -26.81 6.02
C ARG C 655 49.77 -25.87 7.11
N PHE C 656 49.84 -24.57 6.80
CA PHE C 656 50.22 -23.60 7.82
C PHE C 656 49.10 -23.40 8.83
N LEU C 657 47.88 -23.19 8.36
CA LEU C 657 46.74 -22.99 9.26
C LEU C 657 46.46 -24.25 10.07
N LEU C 658 46.48 -25.42 9.42
CA LEU C 658 46.16 -26.66 10.12
C LEU C 658 47.18 -26.95 11.22
N LYS C 659 48.45 -26.69 10.97
CA LYS C 659 49.46 -26.89 12.00
C LYS C 659 49.21 -25.98 13.20
N LYS C 660 49.00 -24.68 12.94
CA LYS C 660 48.67 -23.77 14.02
C LYS C 660 47.36 -24.13 14.70
N ALA C 661 46.42 -24.69 13.96
CA ALA C 661 45.16 -25.15 14.56
C ALA C 661 45.40 -26.39 15.43
N LEU C 662 46.24 -27.31 14.96
CA LEU C 662 46.55 -28.51 15.72
C LEU C 662 47.64 -28.32 16.75
N THR C 663 48.26 -27.13 16.82
CA THR C 663 49.25 -26.83 17.84
C THR C 663 48.77 -25.79 18.84
N ASN C 664 47.75 -25.01 18.50
CA ASN C 664 47.16 -24.01 19.39
C ASN C 664 45.66 -24.26 19.34
N GLN C 665 45.08 -24.68 20.47
CA GLN C 665 43.69 -25.10 20.48
C GLN C 665 42.73 -23.92 20.37
N ARG C 666 43.16 -22.73 20.81
CA ARG C 666 42.28 -21.57 20.66
C ARG C 666 42.16 -21.13 19.21
N ILE C 667 43.22 -21.31 18.42
CA ILE C 667 43.09 -21.15 16.97
C ILE C 667 42.22 -22.27 16.40
N GLY C 668 42.52 -23.52 16.79
CA GLY C 668 41.78 -24.66 16.26
C GLY C 668 40.29 -24.61 16.53
N HIS C 669 39.89 -24.07 17.69
CA HIS C 669 38.47 -24.00 18.03
C HIS C 669 37.70 -23.20 16.98
N PHE C 670 38.15 -21.97 16.70
CA PHE C 670 37.48 -21.15 15.70
C PHE C 670 37.81 -21.61 14.29
N PHE C 671 39.01 -22.15 14.07
CA PHE C 671 39.33 -22.81 12.81
C PHE C 671 38.30 -23.89 12.51
N PHE C 672 37.88 -24.64 13.54
CA PHE C 672 36.84 -25.65 13.36
C PHE C 672 35.50 -25.01 13.00
N TRP C 673 35.05 -24.04 13.79
CA TRP C 673 33.71 -23.49 13.62
C TRP C 673 33.60 -22.68 12.33
N HIS C 674 34.65 -21.94 11.97
CA HIS C 674 34.61 -21.20 10.72
C HIS C 674 34.51 -22.12 9.51
N LEU C 675 35.11 -23.31 9.60
CA LEU C 675 35.00 -24.29 8.53
C LEU C 675 33.65 -24.99 8.56
N LYS C 676 33.20 -25.43 9.74
CA LYS C 676 31.94 -26.16 9.84
C LYS C 676 30.75 -25.30 9.43
N SER C 677 30.79 -24.01 9.78
CA SER C 677 29.66 -23.13 9.48
C SER C 677 29.41 -23.00 7.98
N GLU C 678 30.37 -23.41 7.15
CA GLU C 678 30.24 -23.34 5.70
C GLU C 678 30.04 -24.72 5.08
N MET C 679 29.75 -25.75 5.88
CA MET C 679 29.50 -27.08 5.35
C MET C 679 28.13 -27.20 4.69
N HIS C 680 27.23 -26.26 4.98
CA HIS C 680 25.93 -26.25 4.30
C HIS C 680 26.06 -26.00 2.80
N ASN C 681 27.08 -25.27 2.38
CA ASN C 681 27.26 -24.92 0.98
C ASN C 681 27.87 -26.08 0.22
N LYS C 682 27.20 -26.50 -0.87
CA LYS C 682 27.69 -27.62 -1.67
C LYS C 682 29.03 -27.32 -2.31
N THR C 683 29.25 -26.06 -2.71
CA THR C 683 30.45 -25.72 -3.47
C THR C 683 31.73 -25.87 -2.63
N VAL C 684 31.66 -25.56 -1.34
CA VAL C 684 32.84 -25.59 -0.49
C VAL C 684 32.86 -26.82 0.43
N SER C 685 31.72 -27.46 0.67
CA SER C 685 31.57 -28.57 1.60
C SER C 685 32.73 -29.57 1.61
N GLN C 686 33.05 -30.12 0.44
CA GLN C 686 33.98 -31.25 0.37
C GLN C 686 35.36 -30.87 0.88
N ARG C 687 35.95 -29.81 0.33
CA ARG C 687 37.30 -29.41 0.75
C ARG C 687 37.33 -29.10 2.24
N PHE C 688 36.36 -28.30 2.71
CA PHE C 688 36.29 -27.98 4.14
C PHE C 688 36.05 -29.23 4.97
N GLY C 689 35.22 -30.14 4.46
CA GLY C 689 35.01 -31.40 5.17
C GLY C 689 36.27 -32.23 5.29
N LEU C 690 37.05 -32.30 4.20
CA LEU C 690 38.33 -33.00 4.25
C LEU C 690 39.31 -32.31 5.19
N LEU C 691 39.26 -30.98 5.26
CA LEU C 691 40.12 -30.25 6.18
C LEU C 691 39.65 -30.43 7.61
N LEU C 692 38.32 -30.43 7.82
CA LEU C 692 37.79 -30.70 9.15
C LEU C 692 38.11 -32.13 9.58
N GLU C 693 38.08 -33.07 8.63
CA GLU C 693 38.48 -34.45 8.94
C GLU C 693 39.92 -34.51 9.41
N SER C 694 40.82 -33.78 8.73
CA SER C 694 42.22 -33.78 9.13
C SER C 694 42.39 -33.22 10.52
N TYR C 695 41.69 -32.13 10.84
CA TYR C 695 41.79 -31.53 12.17
C TYR C 695 41.22 -32.47 13.24
N CYS C 696 40.00 -32.96 13.02
CA CYS C 696 39.35 -33.81 14.02
C CYS C 696 40.14 -35.08 14.29
N ARG C 697 40.81 -35.63 13.28
CA ARG C 697 41.55 -36.87 13.47
C ARG C 697 42.82 -36.67 14.30
N ALA C 698 43.31 -35.43 14.40
CA ALA C 698 44.55 -35.15 15.11
C ALA C 698 44.40 -34.25 16.32
N CYS C 699 43.32 -33.46 16.41
CA CYS C 699 43.19 -32.49 17.50
C CYS C 699 43.30 -33.15 18.88
N GLY C 700 42.81 -34.38 19.02
CA GLY C 700 42.97 -35.09 20.27
C GLY C 700 41.67 -35.21 21.04
N MET C 701 41.71 -34.92 22.34
CA MET C 701 40.52 -35.05 23.17
C MET C 701 39.55 -33.89 22.99
N TYR C 702 40.00 -32.77 22.42
CA TYR C 702 39.09 -31.67 22.15
C TYR C 702 38.05 -32.04 21.10
N LEU C 703 38.32 -33.09 20.30
CA LEU C 703 37.31 -33.64 19.41
C LEU C 703 36.02 -33.96 20.16
N LYS C 704 36.15 -34.54 21.35
CA LYS C 704 34.97 -34.90 22.13
C LYS C 704 34.28 -33.65 22.67
N HIS C 705 35.05 -32.63 23.04
CA HIS C 705 34.47 -31.37 23.49
C HIS C 705 33.70 -30.69 22.38
N LEU C 706 34.24 -30.70 21.16
CA LEU C 706 33.53 -30.12 20.02
C LEU C 706 32.23 -30.85 19.75
N ASN C 707 32.23 -32.18 19.89
CA ASN C 707 31.00 -32.96 19.72
C ASN C 707 29.95 -32.54 20.73
N ARG C 708 30.36 -32.32 21.98
CA ARG C 708 29.42 -31.87 23.00
C ARG C 708 28.81 -30.53 22.60
N GLN C 709 29.61 -29.66 21.97
CA GLN C 709 29.10 -28.38 21.49
C GLN C 709 28.15 -28.57 20.31
N VAL C 710 28.56 -29.38 19.33
CA VAL C 710 27.75 -29.61 18.13
C VAL C 710 26.36 -30.11 18.51
N GLU C 711 26.32 -31.20 19.28
CA GLU C 711 25.04 -31.75 19.72
C GLU C 711 24.22 -30.72 20.46
N ALA C 712 24.88 -29.87 21.26
CA ALA C 712 24.17 -28.80 21.95
C ALA C 712 23.57 -27.81 20.95
N MET C 713 24.31 -27.47 19.89
CA MET C 713 23.76 -26.60 18.87
C MET C 713 22.65 -27.30 18.08
N GLU C 714 22.84 -28.60 17.78
CA GLU C 714 21.81 -29.37 17.10
C GLU C 714 20.48 -29.31 17.84
N LYS C 715 20.52 -29.45 19.17
CA LYS C 715 19.30 -29.36 19.97
C LYS C 715 18.67 -27.99 19.84
N LEU C 716 19.48 -26.92 19.91
CA LEU C 716 18.94 -25.57 19.82
C LEU C 716 18.38 -25.29 18.44
N ILE C 717 19.02 -25.79 17.39
CA ILE C 717 18.52 -25.61 16.03
C ILE C 717 17.14 -26.23 15.89
N ASN C 718 17.00 -27.49 16.27
CA ASN C 718 15.73 -28.18 16.13
C ASN C 718 14.65 -27.55 17.00
N LEU C 719 15.01 -27.17 18.23
CA LEU C 719 14.04 -26.58 19.14
C LEU C 719 13.47 -25.29 18.56
N THR C 720 14.32 -24.45 17.98
CA THR C 720 13.84 -23.22 17.36
C THR C 720 13.05 -23.49 16.08
N ASP C 721 13.51 -24.45 15.26
CA ASP C 721 12.78 -24.83 14.06
C ASP C 721 11.32 -25.14 14.37
N ILE C 722 11.07 -25.82 15.50
CA ILE C 722 9.70 -26.11 15.91
C ILE C 722 8.94 -24.82 16.20
N LEU C 723 9.58 -23.89 16.90
CA LEU C 723 8.93 -22.62 17.23
C LEU C 723 8.67 -21.79 15.98
N LYS C 724 9.60 -21.82 15.02
CA LYS C 724 9.44 -21.02 13.81
C LYS C 724 8.45 -21.66 12.84
N GLN C 725 8.52 -22.98 12.68
CA GLN C 725 7.59 -23.70 11.83
C GLN C 725 6.37 -24.13 12.64
N GLU C 726 5.99 -25.41 12.55
CA GLU C 726 4.97 -26.07 13.36
C GLU C 726 4.19 -25.15 14.30
N LYS C 727 4.87 -24.65 15.33
CA LYS C 727 4.25 -23.78 16.33
C LYS C 727 4.42 -22.31 16.00
N LYS C 728 4.10 -21.93 14.77
CA LYS C 728 4.32 -20.55 14.32
C LYS C 728 3.27 -19.61 14.89
N ASP C 729 1.99 -19.99 14.81
CA ASP C 729 0.88 -19.12 15.18
C ASP C 729 0.45 -19.31 16.63
N GLU C 730 1.34 -19.79 17.50
CA GLU C 730 1.03 -19.95 18.90
C GLU C 730 1.54 -18.74 19.68
N THR C 731 0.88 -18.45 20.80
CA THR C 731 1.20 -17.23 21.53
C THR C 731 2.55 -17.36 22.25
N GLN C 732 3.02 -16.23 22.77
CA GLN C 732 4.26 -16.22 23.53
C GLN C 732 4.17 -17.09 24.77
N LYS C 733 3.04 -17.02 25.48
CA LYS C 733 2.88 -17.81 26.70
C LYS C 733 2.79 -19.29 26.39
N VAL C 734 2.13 -19.66 25.29
CA VAL C 734 2.01 -21.07 24.93
C VAL C 734 3.33 -21.63 24.46
N GLN C 735 4.10 -20.85 23.68
CA GLN C 735 5.40 -21.31 23.22
C GLN C 735 6.39 -21.42 24.38
N MET C 736 6.31 -20.50 25.34
CA MET C 736 7.14 -20.61 26.53
C MET C 736 6.77 -21.83 27.36
N LYS C 737 5.48 -22.16 27.42
CA LYS C 737 5.04 -23.37 28.11
C LYS C 737 5.64 -24.61 27.46
N PHE C 738 5.69 -24.63 26.12
CA PHE C 738 6.31 -25.73 25.41
C PHE C 738 7.82 -25.77 25.66
N LEU C 739 8.47 -24.62 25.65
CA LEU C 739 9.92 -24.55 25.85
C LEU C 739 10.32 -25.19 27.17
N VAL C 740 9.72 -24.73 28.28
CA VAL C 740 10.07 -25.24 29.60
C VAL C 740 9.86 -26.75 29.67
N GLU C 741 8.73 -27.23 29.16
CA GLU C 741 8.45 -28.66 29.20
C GLU C 741 9.45 -29.45 28.38
N GLN C 742 9.83 -28.93 27.20
CA GLN C 742 10.73 -29.67 26.33
C GLN C 742 12.17 -29.60 26.84
N MET C 743 12.59 -28.46 27.38
CA MET C 743 13.94 -28.33 27.91
C MET C 743 14.16 -29.23 29.12
N ARG C 744 13.12 -29.45 29.93
CA ARG C 744 13.27 -30.23 31.15
C ARG C 744 13.57 -31.70 30.89
N ARG C 745 13.23 -32.21 29.71
CA ARG C 745 13.47 -33.60 29.38
C ARG C 745 14.94 -33.94 29.52
N PRO C 746 15.28 -35.17 29.92
CA PRO C 746 16.68 -35.49 30.21
C PRO C 746 17.61 -35.42 29.01
N ASP C 747 17.11 -35.71 27.80
CA ASP C 747 17.96 -35.64 26.62
C ASP C 747 18.46 -34.22 26.38
N PHE C 748 17.62 -33.23 26.68
CA PHE C 748 18.01 -31.83 26.48
C PHE C 748 18.90 -31.34 27.61
N MET C 749 18.53 -31.64 28.86
CA MET C 749 19.33 -31.21 30.00
C MET C 749 20.75 -31.74 29.91
N ASP C 750 20.91 -33.01 29.56
CA ASP C 750 22.25 -33.59 29.45
C ASP C 750 23.01 -32.98 28.29
N ALA C 751 22.34 -32.68 27.18
CA ALA C 751 23.03 -32.17 26.00
C ALA C 751 23.51 -30.74 26.19
N LEU C 752 22.72 -29.91 26.88
CA LEU C 752 23.02 -28.49 27.03
C LEU C 752 23.36 -28.11 28.47
N GLN C 753 24.12 -28.95 29.16
CA GLN C 753 24.67 -28.64 30.47
C GLN C 753 26.05 -29.26 30.58
N GLY C 754 27.02 -28.46 31.01
CA GLY C 754 28.37 -28.97 31.17
C GLY C 754 29.11 -29.07 29.86
N PHE C 755 29.31 -27.95 29.17
CA PHE C 755 30.11 -27.91 27.96
C PHE C 755 30.71 -26.52 27.80
N LEU C 756 31.57 -26.38 26.80
CA LEU C 756 32.31 -25.15 26.58
C LEU C 756 31.59 -24.24 25.60
N SER C 757 31.60 -22.94 25.90
CA SER C 757 30.96 -21.94 25.06
C SER C 757 31.62 -21.87 23.69
N PRO C 758 30.89 -22.08 22.60
CA PRO C 758 31.48 -21.86 21.27
C PRO C 758 31.96 -20.44 21.06
N LEU C 759 31.35 -19.46 21.73
CA LEU C 759 31.81 -18.08 21.62
C LEU C 759 33.21 -17.93 22.20
N ASN C 760 33.51 -18.64 23.28
CA ASN C 760 34.82 -18.61 23.92
C ASN C 760 34.99 -19.85 24.79
N PRO C 761 35.75 -20.85 24.33
CA PRO C 761 35.85 -22.12 25.07
C PRO C 761 36.55 -22.00 26.41
N ALA C 762 37.12 -20.85 26.74
CA ALA C 762 37.61 -20.64 28.10
C ALA C 762 36.47 -20.56 29.10
N HIS C 763 35.29 -20.10 28.66
CA HIS C 763 34.13 -20.01 29.52
C HIS C 763 33.41 -21.36 29.57
N GLN C 764 33.27 -21.93 30.76
CA GLN C 764 32.57 -23.19 30.94
C GLN C 764 31.10 -22.92 31.23
N LEU C 765 30.23 -23.65 30.54
CA LEU C 765 28.78 -23.54 30.71
C LEU C 765 28.30 -24.69 31.57
N GLY C 766 27.88 -24.38 32.80
CA GLY C 766 27.41 -25.41 33.72
C GLY C 766 25.96 -25.79 33.52
N ASN C 767 25.17 -25.69 34.60
CA ASN C 767 23.75 -26.03 34.57
C ASN C 767 22.92 -24.86 34.08
N LEU C 768 21.79 -25.16 33.45
CA LEU C 768 20.89 -24.14 32.93
C LEU C 768 20.10 -23.49 34.06
N ARG C 769 20.13 -22.16 34.10
CA ARG C 769 19.23 -21.38 34.94
C ARG C 769 17.93 -21.23 34.17
N LEU C 770 17.10 -22.27 34.23
CA LEU C 770 15.89 -22.31 33.42
C LEU C 770 14.96 -21.15 33.74
N GLU C 771 14.97 -20.66 34.98
CA GLU C 771 14.15 -19.50 35.33
C GLU C 771 14.52 -18.28 34.49
N GLU C 772 15.76 -18.22 34.00
CA GLU C 772 16.20 -17.12 33.16
C GLU C 772 16.04 -17.39 31.68
N CYS C 773 16.15 -18.65 31.26
CA CYS C 773 16.01 -19.00 29.86
C CYS C 773 14.61 -18.66 29.35
N ARG C 774 14.54 -18.07 28.17
CA ARG C 774 13.25 -17.69 27.60
C ARG C 774 13.39 -17.47 26.11
N ILE C 775 12.23 -17.43 25.43
CA ILE C 775 12.17 -17.09 24.01
C ILE C 775 12.04 -15.58 23.89
N MET C 776 12.86 -14.98 23.03
CA MET C 776 12.85 -13.54 22.87
C MET C 776 11.68 -13.09 22.01
N SER C 777 11.33 -11.81 22.15
CA SER C 777 10.14 -11.28 21.47
C SER C 777 10.27 -11.36 19.96
N SER C 778 11.47 -11.17 19.43
CA SER C 778 11.74 -11.10 18.00
C SER C 778 11.03 -12.17 17.19
N ALA C 779 10.62 -11.82 15.97
CA ALA C 779 9.86 -12.73 15.12
C ALA C 779 10.66 -13.96 14.70
N LYS C 780 11.98 -13.89 14.72
CA LYS C 780 12.80 -15.06 14.39
C LYS C 780 12.89 -16.07 15.53
N ARG C 781 12.26 -15.80 16.67
CA ARG C 781 12.22 -16.69 17.82
C ARG C 781 13.62 -17.01 18.33
N PRO C 782 14.37 -16.02 18.83
CA PRO C 782 15.68 -16.31 19.43
C PRO C 782 15.54 -16.86 20.84
N LEU C 783 16.59 -17.55 21.28
CA LEU C 783 16.64 -18.17 22.60
C LEU C 783 17.64 -17.44 23.48
N TRP C 784 17.15 -16.86 24.56
CA TRP C 784 17.98 -16.34 25.64
C TRP C 784 18.31 -17.49 26.59
N LEU C 785 19.59 -17.74 26.82
CA LEU C 785 20.04 -18.88 27.62
C LEU C 785 21.03 -18.43 28.68
N ASN C 786 20.79 -18.84 29.93
CA ASN C 786 21.66 -18.55 31.05
C ASN C 786 22.27 -19.84 31.58
N TRP C 787 23.54 -19.77 31.98
CA TRP C 787 24.28 -20.92 32.49
C TRP C 787 25.01 -20.56 33.77
N GLU C 788 25.11 -21.54 34.67
CA GLU C 788 26.00 -21.42 35.81
C GLU C 788 27.46 -21.50 35.34
N ASN C 789 28.32 -20.69 35.96
CA ASN C 789 29.75 -20.81 35.73
C ASN C 789 30.32 -21.80 36.73
N PRO C 790 30.70 -23.02 36.32
CA PRO C 790 31.15 -24.02 37.28
C PRO C 790 32.55 -23.75 37.84
N ASP C 791 33.18 -22.64 37.47
CA ASP C 791 34.48 -22.30 38.05
C ASP C 791 34.37 -22.15 39.56
N ILE C 792 35.43 -22.54 40.25
CA ILE C 792 35.43 -22.50 41.71
C ILE C 792 35.29 -21.08 42.22
N MET C 793 35.75 -20.11 41.43
CA MET C 793 35.73 -18.70 41.83
C MET C 793 35.05 -17.85 40.76
N SER C 794 33.83 -18.24 40.39
CA SER C 794 33.02 -17.43 39.49
C SER C 794 32.60 -16.13 40.15
N GLU C 795 32.57 -16.09 41.48
CA GLU C 795 32.20 -14.88 42.22
C GLU C 795 32.93 -13.65 41.70
N LEU C 796 34.20 -13.81 41.31
CA LEU C 796 35.06 -12.69 40.97
C LEU C 796 35.16 -12.46 39.46
N LEU C 797 34.25 -13.03 38.68
CA LEU C 797 34.27 -12.82 37.23
C LEU C 797 32.91 -13.14 36.62
N PHE C 798 32.88 -14.02 35.63
CA PHE C 798 31.63 -14.46 35.02
C PHE C 798 30.83 -15.24 36.05
N GLN C 799 29.82 -14.59 36.62
CA GLN C 799 28.86 -15.29 37.48
C GLN C 799 27.73 -15.91 36.66
N ASN C 800 27.39 -15.29 35.53
CA ASN C 800 26.33 -15.75 34.65
C ASN C 800 26.85 -15.73 33.22
N ASN C 801 26.68 -16.84 32.52
CA ASN C 801 26.96 -16.92 31.09
C ASN C 801 25.64 -16.83 30.34
N GLU C 802 25.41 -15.70 29.67
CA GLU C 802 24.19 -15.46 28.92
C GLU C 802 24.52 -15.37 27.44
N ILE C 803 23.78 -16.10 26.62
CA ILE C 803 24.00 -16.16 25.18
C ILE C 803 22.66 -16.05 24.46
N ILE C 804 22.66 -15.35 23.33
CA ILE C 804 21.49 -15.27 22.46
C ILE C 804 21.72 -16.21 21.30
N PHE C 805 20.94 -17.29 21.23
CA PHE C 805 20.95 -18.19 20.09
C PHE C 805 19.88 -17.76 19.10
N LYS C 806 20.30 -17.40 17.89
CA LYS C 806 19.39 -16.97 16.84
C LYS C 806 19.49 -17.92 15.64
N ASN C 807 18.34 -18.42 15.19
CA ASN C 807 18.23 -19.24 14.00
C ASN C 807 17.36 -18.52 13.00
N GLY C 808 17.97 -17.97 11.95
CA GLY C 808 17.21 -17.30 10.92
C GLY C 808 17.96 -16.20 10.18
N ASP C 809 18.69 -15.36 10.91
CA ASP C 809 19.41 -14.25 10.34
C ASP C 809 20.86 -14.62 10.07
N ASP C 810 21.42 -14.04 9.00
CA ASP C 810 22.82 -14.27 8.66
C ASP C 810 23.71 -13.39 9.53
N LEU C 811 24.60 -14.02 10.29
CA LEU C 811 25.45 -13.31 11.24
C LEU C 811 26.87 -13.12 10.73
N ARG C 812 27.15 -13.48 9.48
CA ARG C 812 28.49 -13.26 8.93
C ARG C 812 28.84 -11.78 8.87
N GLN C 813 27.85 -10.93 8.61
CA GLN C 813 28.11 -9.49 8.56
C GLN C 813 28.45 -8.95 9.95
N ASP C 814 27.71 -9.38 10.98
CA ASP C 814 28.01 -8.94 12.34
C ASP C 814 29.42 -9.37 12.75
N MET C 815 29.80 -10.61 12.44
CA MET C 815 31.14 -11.09 12.74
C MET C 815 32.21 -10.17 12.17
N LEU C 816 32.10 -9.86 10.88
CA LEU C 816 33.12 -9.04 10.22
C LEU C 816 33.15 -7.63 10.79
N THR C 817 31.98 -7.03 11.01
CA THR C 817 31.93 -5.70 11.61
C THR C 817 32.58 -5.66 12.98
N LEU C 818 32.20 -6.60 13.86
CA LEU C 818 32.79 -6.66 15.20
C LEU C 818 34.29 -6.89 15.14
N GLN C 819 34.78 -7.57 14.10
CA GLN C 819 36.22 -7.75 13.93
C GLN C 819 36.90 -6.42 13.63
N ILE C 820 36.36 -5.66 12.67
CA ILE C 820 36.94 -4.37 12.32
C ILE C 820 36.88 -3.41 13.50
N ILE C 821 35.74 -3.39 14.21
CA ILE C 821 35.61 -2.57 15.41
C ILE C 821 36.70 -2.89 16.41
N ARG C 822 36.97 -4.20 16.61
CA ARG C 822 38.04 -4.59 17.53
C ARG C 822 39.40 -4.12 17.05
N ILE C 823 39.66 -4.21 15.75
CA ILE C 823 40.93 -3.77 15.19
C ILE C 823 41.07 -2.26 15.33
N MET C 824 40.00 -1.52 15.10
CA MET C 824 40.03 -0.07 15.28
C MET C 824 40.42 0.29 16.72
N GLU C 825 39.79 -0.38 17.70
CA GLU C 825 40.17 -0.17 19.09
C GLU C 825 41.63 -0.53 19.32
N ASN C 826 42.09 -1.61 18.68
CA ASN C 826 43.48 -2.03 18.84
C ASN C 826 44.44 -0.98 18.29
N ILE C 827 44.12 -0.42 17.12
CA ILE C 827 44.98 0.59 16.51
C ILE C 827 45.05 1.85 17.36
N TRP C 828 43.89 2.32 17.83
CA TRP C 828 43.85 3.52 18.67
C TRP C 828 44.66 3.32 19.96
N GLN C 829 44.50 2.15 20.60
CA GLN C 829 45.16 1.92 21.88
C GLN C 829 46.68 1.91 21.71
N ASN C 830 47.18 1.32 20.62
CA ASN C 830 48.61 1.27 20.39
C ASN C 830 49.20 2.64 20.07
N GLN C 831 48.36 3.58 19.63
CA GLN C 831 48.77 4.96 19.40
C GLN C 831 48.47 5.86 20.60
N GLY C 832 48.29 5.28 21.78
CA GLY C 832 48.01 6.06 22.97
C GLY C 832 46.70 6.81 22.94
N LEU C 833 45.66 6.19 22.38
CA LEU C 833 44.33 6.79 22.29
C LEU C 833 43.33 5.88 22.98
N ASP C 834 42.81 6.32 24.12
CA ASP C 834 41.92 5.50 24.95
C ASP C 834 40.49 5.69 24.47
N LEU C 835 40.04 4.80 23.58
CA LEU C 835 38.67 4.78 23.10
C LEU C 835 38.13 3.36 23.27
N ARG C 836 37.26 3.18 24.25
CA ARG C 836 36.80 1.84 24.64
C ARG C 836 35.61 1.43 23.77
N MET C 837 35.87 0.53 22.83
CA MET C 837 34.83 -0.11 22.04
C MET C 837 34.36 -1.38 22.75
N LEU C 838 33.26 -1.95 22.27
CA LEU C 838 32.72 -3.20 22.81
C LEU C 838 32.40 -4.15 21.67
N PRO C 839 33.42 -4.81 21.10
CA PRO C 839 33.17 -5.83 20.07
C PRO C 839 32.73 -7.16 20.67
N TYR C 840 31.46 -7.21 21.08
CA TYR C 840 30.92 -8.39 21.75
C TYR C 840 31.04 -9.62 20.86
N GLY C 841 31.07 -10.79 21.49
CA GLY C 841 31.25 -12.02 20.75
C GLY C 841 30.09 -12.33 19.83
N CYS C 842 30.43 -12.88 18.65
CA CYS C 842 29.44 -13.36 17.70
C CYS C 842 30.10 -14.43 16.84
N LEU C 843 29.40 -15.53 16.63
CA LEU C 843 29.94 -16.67 15.90
C LEU C 843 28.84 -17.32 15.08
N SER C 844 29.04 -17.38 13.76
CA SER C 844 28.14 -18.12 12.90
C SER C 844 28.52 -19.59 12.89
N ILE C 845 27.55 -20.47 13.11
CA ILE C 845 27.79 -21.90 13.18
C ILE C 845 27.14 -22.65 12.03
N GLY C 846 26.41 -21.97 11.16
CA GLY C 846 25.75 -22.65 10.06
C GLY C 846 25.02 -21.67 9.17
N ASP C 847 24.10 -22.20 8.38
CA ASP C 847 23.33 -21.38 7.45
C ASP C 847 22.39 -20.49 8.24
N CYS C 848 22.81 -19.24 8.46
CA CYS C 848 22.02 -18.26 9.19
C CYS C 848 21.68 -18.72 10.60
N VAL C 849 22.64 -19.38 11.25
CA VAL C 849 22.52 -19.83 12.63
C VAL C 849 23.81 -19.43 13.36
N GLY C 850 23.67 -19.00 14.61
CA GLY C 850 24.84 -18.60 15.36
C GLY C 850 24.48 -18.17 16.77
N LEU C 851 25.50 -17.63 17.46
CA LEU C 851 25.39 -17.22 18.85
C LEU C 851 25.82 -15.77 18.99
N ILE C 852 25.27 -15.11 20.02
CA ILE C 852 25.60 -13.72 20.33
C ILE C 852 25.86 -13.62 21.84
N GLU C 853 27.04 -13.14 22.20
CA GLU C 853 27.35 -12.90 23.61
C GLU C 853 26.51 -11.77 24.18
N VAL C 854 25.91 -12.01 25.34
CA VAL C 854 25.08 -11.01 26.01
C VAL C 854 25.97 -10.13 26.87
N VAL C 855 25.89 -8.82 26.66
CA VAL C 855 26.58 -7.86 27.51
C VAL C 855 25.71 -7.59 28.73
N ARG C 856 26.23 -7.90 29.91
CA ARG C 856 25.46 -7.75 31.13
C ARG C 856 25.38 -6.27 31.54
N ASN C 857 24.27 -5.93 32.18
CA ASN C 857 24.06 -4.59 32.75
C ASN C 857 24.07 -3.51 31.67
N SER C 858 23.62 -3.84 30.46
CA SER C 858 23.56 -2.91 29.36
C SER C 858 22.12 -2.77 28.87
N HIS C 859 21.73 -1.56 28.50
CA HIS C 859 20.38 -1.29 28.01
C HIS C 859 20.43 -0.34 26.83
N THR C 860 19.50 -0.54 25.90
CA THR C 860 19.34 0.39 24.78
C THR C 860 18.77 1.72 25.28
N ILE C 861 18.98 2.76 24.47
CA ILE C 861 18.41 4.07 24.77
C ILE C 861 16.89 3.98 24.86
N MET C 862 16.29 3.14 24.01
CA MET C 862 14.86 2.86 24.12
C MET C 862 14.48 2.39 25.52
N GLN C 863 15.19 1.39 26.03
CA GLN C 863 14.92 0.89 27.37
C GLN C 863 15.25 1.94 28.43
N ILE C 864 16.35 2.68 28.24
CA ILE C 864 16.71 3.74 29.18
C ILE C 864 15.59 4.77 29.25
N GLN C 865 15.05 5.15 28.09
CA GLN C 865 13.95 6.11 28.07
C GLN C 865 12.64 5.47 28.50
N CYS C 866 12.56 4.13 28.52
CA CYS C 866 11.35 3.47 29.00
C CYS C 866 11.22 3.54 30.51
N LYS C 867 12.33 3.54 31.24
CA LYS C 867 12.25 3.69 32.69
C LYS C 867 11.56 5.02 32.99
N GLY C 868 12.23 6.12 32.64
CA GLY C 868 11.69 7.45 32.86
C GLY C 868 12.15 8.07 34.16
N GLY C 869 12.27 7.26 35.20
CA GLY C 869 12.59 7.76 36.52
C GLY C 869 11.38 8.33 37.24
N LEU C 870 10.19 7.79 36.94
CA LEU C 870 8.94 8.25 37.51
C LEU C 870 8.76 9.76 37.36
N LYS C 871 8.94 10.23 36.13
CA LYS C 871 8.60 11.60 35.77
C LYS C 871 7.24 11.68 35.12
N GLY C 872 6.73 10.54 34.66
CA GLY C 872 5.40 10.35 34.14
C GLY C 872 5.11 8.88 34.36
N ALA C 873 5.67 8.06 33.49
CA ALA C 873 5.67 6.60 33.60
C ALA C 873 6.56 6.07 32.49
N LEU C 874 6.23 6.45 31.26
CA LEU C 874 7.07 6.24 30.10
C LEU C 874 7.46 7.54 29.44
N GLN C 875 6.86 8.66 29.83
CA GLN C 875 7.17 9.96 29.26
C GLN C 875 8.64 10.32 29.52
N PHE C 876 9.32 10.77 28.47
CA PHE C 876 10.76 11.05 28.55
C PHE C 876 11.08 12.30 27.73
N ASN C 877 12.34 12.71 27.80
CA ASN C 877 12.86 13.79 26.98
C ASN C 877 14.38 13.77 27.04
N SER C 878 15.02 14.04 25.91
CA SER C 878 16.47 14.12 25.69
C SER C 878 17.33 13.98 26.94
N HIS C 879 17.16 14.91 27.91
CA HIS C 879 17.97 14.91 29.13
C HIS C 879 17.92 13.60 29.90
N THR C 880 16.90 12.78 29.66
CA THR C 880 16.70 11.58 30.48
C THR C 880 17.92 10.66 30.44
N LEU C 881 18.49 10.44 29.25
CA LEU C 881 19.70 9.63 29.14
C LEU C 881 20.78 10.09 30.11
N HIS C 882 21.03 11.40 30.16
CA HIS C 882 22.00 11.93 31.11
C HIS C 882 21.49 11.81 32.54
N GLN C 883 20.23 12.16 32.77
CA GLN C 883 19.65 12.06 34.11
C GLN C 883 19.69 10.63 34.61
N TRP C 884 19.39 9.67 33.73
CA TRP C 884 19.51 8.26 34.09
C TRP C 884 20.94 7.91 34.45
N LEU C 885 21.91 8.37 33.65
CA LEU C 885 23.31 8.10 33.94
C LEU C 885 23.72 8.73 35.27
N LYS C 886 23.21 9.94 35.55
CA LYS C 886 23.49 10.59 36.83
C LYS C 886 22.79 9.86 37.97
N ASP C 887 21.58 9.36 37.73
CA ASP C 887 20.82 8.66 38.76
C ASP C 887 21.46 7.35 39.18
N LYS C 888 22.34 6.79 38.34
CA LYS C 888 23.03 5.55 38.69
C LYS C 888 24.36 5.78 39.38
N ASN C 889 25.02 6.91 39.12
CA ASN C 889 26.42 7.11 39.51
C ASN C 889 26.61 8.48 40.16
N LYS C 890 26.70 8.51 41.49
CA LYS C 890 27.01 9.71 42.24
C LYS C 890 28.42 9.61 42.82
N GLY C 891 28.96 10.78 43.18
CA GLY C 891 30.29 10.85 43.77
C GLY C 891 31.38 10.89 42.72
N GLU C 892 32.52 10.26 43.01
CA GLU C 892 33.60 10.20 42.04
C GLU C 892 33.26 9.33 40.83
N ILE C 893 32.33 8.38 41.00
CA ILE C 893 31.96 7.50 39.89
C ILE C 893 31.40 8.30 38.73
N TYR C 894 30.62 9.34 39.04
CA TYR C 894 29.97 10.16 38.01
C TYR C 894 30.99 10.67 36.99
N ASP C 895 32.05 11.34 37.47
CA ASP C 895 33.02 11.95 36.57
C ASP C 895 33.64 10.91 35.63
N ALA C 896 34.03 9.76 36.16
CA ALA C 896 34.60 8.71 35.33
C ALA C 896 33.56 8.07 34.43
N ALA C 897 32.29 8.05 34.88
CA ALA C 897 31.22 7.49 34.06
C ALA C 897 30.97 8.36 32.84
N ILE C 898 30.98 9.69 33.01
CA ILE C 898 30.83 10.59 31.88
C ILE C 898 32.01 10.43 30.92
N ASP C 899 33.22 10.31 31.47
CA ASP C 899 34.41 10.10 30.65
C ASP C 899 34.30 8.83 29.81
N LEU C 900 33.92 7.72 30.45
CA LEU C 900 33.76 6.46 29.73
C LEU C 900 32.76 6.59 28.59
N PHE C 901 31.66 7.31 28.83
CA PHE C 901 30.67 7.54 27.79
C PHE C 901 31.28 8.29 26.62
N THR C 902 31.97 9.40 26.91
CA THR C 902 32.58 10.20 25.85
C THR C 902 33.59 9.39 25.05
N ARG C 903 34.44 8.62 25.72
CA ARG C 903 35.43 7.82 25.01
C ARG C 903 34.78 6.75 24.15
N SER C 904 33.79 6.03 24.70
CA SER C 904 33.14 4.99 23.93
C SER C 904 32.32 5.57 22.77
N CYS C 905 31.62 6.68 23.02
CA CYS C 905 30.84 7.31 21.96
C CYS C 905 31.75 7.82 20.85
N ALA C 906 32.82 8.54 21.22
CA ALA C 906 33.76 9.05 20.24
C ALA C 906 34.32 7.93 19.36
N GLY C 907 34.68 6.80 19.98
CA GLY C 907 35.20 5.68 19.21
C GLY C 907 34.20 5.16 18.20
N TYR C 908 32.97 4.91 18.65
CA TYR C 908 31.96 4.40 17.73
C TYR C 908 31.59 5.43 16.68
N CYS C 909 31.40 6.69 17.09
CA CYS C 909 31.06 7.76 16.14
C CYS C 909 32.03 7.79 14.96
N VAL C 910 33.34 7.78 15.25
CA VAL C 910 34.34 7.74 14.19
C VAL C 910 34.21 6.45 13.38
N ALA C 911 34.30 5.31 14.06
CA ALA C 911 34.19 4.00 13.42
C ALA C 911 32.93 3.91 12.57
N THR C 912 31.77 4.11 13.20
CA THR C 912 30.48 3.98 12.52
C THR C 912 30.42 4.81 11.25
N PHE C 913 30.98 6.02 11.26
CA PHE C 913 30.95 6.87 10.08
C PHE C 913 31.79 6.27 8.95
N ILE C 914 33.02 5.85 9.26
CA ILE C 914 33.93 5.33 8.24
C ILE C 914 33.34 4.13 7.54
N LEU C 915 32.57 3.32 8.26
CA LEU C 915 32.01 2.10 7.68
C LEU C 915 30.63 2.32 7.07
N GLY C 916 29.97 3.44 7.39
CA GLY C 916 28.66 3.72 6.85
C GLY C 916 27.52 3.11 7.61
N ILE C 917 27.75 2.59 8.81
CA ILE C 917 26.75 1.88 9.60
C ILE C 917 26.20 2.82 10.67
N GLY C 918 26.06 4.10 10.31
CA GLY C 918 25.77 5.16 11.26
C GLY C 918 24.32 5.49 11.52
N ASP C 919 23.46 5.37 10.51
CA ASP C 919 22.08 5.77 10.68
C ASP C 919 21.36 4.79 11.62
N ARG C 920 21.66 4.90 12.91
CA ARG C 920 21.14 4.03 13.94
C ARG C 920 20.16 4.77 14.82
N HIS C 921 19.41 4.03 15.63
CA HIS C 921 18.34 4.61 16.39
C HIS C 921 18.33 4.02 17.79
N ASN C 922 17.38 4.50 18.60
CA ASN C 922 17.29 4.17 20.02
C ASN C 922 17.43 2.69 20.30
N SER C 923 16.94 1.84 19.37
CA SER C 923 16.96 0.40 19.60
C SER C 923 18.35 -0.20 19.46
N ASN C 924 19.23 0.40 18.65
CA ASN C 924 20.50 -0.22 18.30
C ASN C 924 21.72 0.44 18.92
N ILE C 925 21.53 1.37 19.86
CA ILE C 925 22.61 1.95 20.62
C ILE C 925 22.37 1.64 22.09
N MET C 926 23.35 1.04 22.74
CA MET C 926 23.22 0.57 24.12
C MET C 926 24.21 1.30 25.01
N VAL C 927 23.82 1.47 26.27
CA VAL C 927 24.65 2.11 27.28
C VAL C 927 24.65 1.25 28.53
N LYS C 928 25.83 0.90 29.01
CA LYS C 928 25.97 0.14 30.24
C LYS C 928 25.72 1.03 31.45
N ASP C 929 25.49 0.40 32.60
CA ASP C 929 25.24 1.16 33.82
C ASP C 929 26.42 2.06 34.16
N ASP C 930 27.64 1.57 33.96
CA ASP C 930 28.82 2.42 34.16
C ASP C 930 28.88 3.53 33.13
N GLY C 931 28.28 3.31 31.96
CA GLY C 931 28.13 4.36 30.96
C GLY C 931 28.95 4.13 29.71
N GLN C 932 29.04 2.88 29.25
CA GLN C 932 29.79 2.56 28.04
C GLN C 932 28.82 2.38 26.87
N LEU C 933 28.99 3.22 25.85
CA LEU C 933 28.15 3.16 24.66
C LEU C 933 28.68 2.14 23.66
N PHE C 934 27.76 1.44 22.99
CA PHE C 934 28.16 0.52 21.94
C PHE C 934 26.96 0.19 21.04
N HIS C 935 27.22 0.13 19.74
CA HIS C 935 26.20 -0.23 18.76
C HIS C 935 26.11 -1.75 18.62
N ILE C 936 24.92 -2.23 18.24
CA ILE C 936 24.63 -3.66 18.14
C ILE C 936 23.87 -3.94 16.85
N ASP C 937 23.79 -5.23 16.52
CA ASP C 937 22.93 -5.77 15.46
C ASP C 937 23.21 -5.06 14.12
N PHE C 938 24.47 -5.17 13.69
CA PHE C 938 24.89 -4.48 12.47
C PHE C 938 24.27 -5.08 11.22
N GLY C 939 23.98 -6.38 11.24
CA GLY C 939 23.34 -7.00 10.08
C GLY C 939 21.95 -6.46 9.82
N HIS C 940 21.22 -6.10 10.88
CA HIS C 940 19.89 -5.52 10.70
C HIS C 940 19.95 -4.23 9.90
N PHE C 941 20.95 -3.40 10.16
CA PHE C 941 21.12 -2.17 9.39
C PHE C 941 21.42 -2.47 7.94
N LEU C 942 22.30 -3.44 7.68
CA LEU C 942 22.72 -3.74 6.31
C LEU C 942 21.60 -4.35 5.49
N ASP C 943 20.69 -5.10 6.13
CA ASP C 943 19.54 -5.64 5.42
C ASP C 943 18.57 -4.55 5.00
N HIS C 944 18.53 -3.44 5.73
CA HIS C 944 17.64 -2.32 5.45
C HIS C 944 18.45 -1.16 4.88
N LYS C 945 18.95 -1.35 3.65
CA LYS C 945 19.65 -0.29 2.95
C LYS C 945 19.47 -0.44 1.44
N ARG C 953 18.65 8.25 2.69
CA ARG C 953 18.44 8.90 1.40
C ARG C 953 19.57 9.85 1.07
N GLU C 954 19.41 11.11 1.47
CA GLU C 954 20.35 12.16 1.14
C GLU C 954 21.47 12.25 2.17
N ARG C 955 21.17 12.84 3.34
CA ARG C 955 22.14 13.05 4.41
C ARG C 955 21.45 12.76 5.74
N VAL C 956 21.14 11.49 5.96
CA VAL C 956 20.30 11.06 7.08
C VAL C 956 20.95 11.49 8.37
N PRO C 957 20.39 12.48 9.08
CA PRO C 957 21.05 13.02 10.27
C PRO C 957 20.83 12.14 11.50
N PHE C 958 21.73 12.33 12.47
CA PHE C 958 21.69 11.58 13.73
C PHE C 958 20.85 12.36 14.73
N VAL C 959 19.65 11.85 15.00
CA VAL C 959 18.70 12.56 15.87
C VAL C 959 19.15 12.49 17.32
N LEU C 960 19.88 11.45 17.70
CA LEU C 960 20.32 11.23 19.08
C LEU C 960 21.56 12.02 19.43
N THR C 961 22.02 12.93 18.56
CA THR C 961 23.18 13.77 18.87
C THR C 961 22.96 14.59 20.13
N GLN C 962 21.80 15.27 20.22
CA GLN C 962 21.51 16.10 21.38
C GLN C 962 21.52 15.29 22.67
N ASP C 963 20.95 14.08 22.64
CA ASP C 963 20.90 13.26 23.85
C ASP C 963 22.29 12.98 24.38
N PHE C 964 23.26 12.77 23.48
CA PHE C 964 24.63 12.50 23.90
C PHE C 964 25.34 13.79 24.30
N LEU C 965 25.07 14.88 23.57
CA LEU C 965 25.65 16.18 23.90
C LEU C 965 25.35 16.59 25.33
N ILE C 966 24.17 16.22 25.85
CA ILE C 966 23.85 16.55 27.23
C ILE C 966 24.71 15.73 28.20
N VAL C 967 25.04 14.50 27.84
CA VAL C 967 25.89 13.68 28.70
C VAL C 967 27.31 14.23 28.68
N ILE C 968 27.89 14.37 27.49
CA ILE C 968 29.22 14.95 27.33
C ILE C 968 29.13 16.41 27.72
N SER C 969 29.54 16.73 28.96
CA SER C 969 29.39 18.02 29.62
C SER C 969 27.96 18.21 30.09
N LYS C 970 27.75 18.04 31.39
CA LYS C 970 26.42 18.10 31.98
C LYS C 970 25.74 19.45 31.76
N GLY C 971 24.48 19.40 31.35
CA GLY C 971 23.60 20.56 31.23
C GLY C 971 24.11 21.77 30.46
N ALA C 972 24.15 22.93 31.14
CA ALA C 972 24.56 24.19 30.52
C ALA C 972 23.71 24.51 29.28
N GLN C 973 22.48 23.99 29.27
CA GLN C 973 21.50 24.11 28.19
C GLN C 973 22.09 24.07 26.77
N GLU C 974 22.94 25.04 26.45
CA GLU C 974 23.63 25.08 25.16
C GLU C 974 25.01 24.50 25.38
N CYS C 975 25.12 23.18 25.26
CA CYS C 975 26.38 22.47 25.41
C CYS C 975 27.14 22.35 24.10
N THR C 976 26.69 23.04 23.05
CA THR C 976 27.42 23.04 21.78
C THR C 976 28.82 23.60 21.95
N LYS C 977 28.99 24.57 22.86
CA LYS C 977 30.29 25.19 23.09
C LYS C 977 30.62 25.03 24.58
N THR C 978 31.44 24.01 24.86
CA THR C 978 31.96 23.77 26.20
C THR C 978 33.44 23.42 26.08
N ARG C 979 34.11 23.30 27.23
CA ARG C 979 35.49 22.82 27.22
C ARG C 979 35.58 21.31 27.10
N GLU C 980 34.53 20.59 27.48
CA GLU C 980 34.51 19.13 27.35
C GLU C 980 34.20 18.68 25.93
N PHE C 981 33.44 19.47 25.18
CA PHE C 981 33.11 19.12 23.81
C PHE C 981 34.32 19.19 22.90
N GLU C 982 35.13 20.25 23.05
CA GLU C 982 36.35 20.38 22.25
C GLU C 982 37.30 19.20 22.46
N ARG C 983 37.35 18.66 23.69
CA ARG C 983 38.14 17.46 23.92
C ARG C 983 37.52 16.25 23.22
N PHE C 984 36.19 16.14 23.26
CA PHE C 984 35.53 15.05 22.54
C PHE C 984 35.85 15.09 21.06
N GLN C 985 35.88 16.29 20.47
CA GLN C 985 36.25 16.42 19.06
C GLN C 985 37.69 15.97 18.82
N GLU C 986 38.62 16.38 19.70
CA GLU C 986 40.01 15.97 19.55
C GLU C 986 40.15 14.45 19.59
N MET C 987 39.35 13.80 20.45
CA MET C 987 39.33 12.34 20.46
C MET C 987 38.94 11.79 19.10
N CYS C 988 37.92 12.37 18.47
CA CYS C 988 37.46 11.89 17.18
C CYS C 988 38.45 12.24 16.07
N TYR C 989 39.04 13.44 16.12
CA TYR C 989 40.00 13.83 15.09
C TYR C 989 41.22 12.92 15.09
N LYS C 990 41.85 12.72 16.25
CA LYS C 990 42.99 11.83 16.33
C LYS C 990 42.63 10.41 15.90
N ALA C 991 41.45 9.94 16.28
CA ALA C 991 41.04 8.58 15.94
C ALA C 991 40.79 8.43 14.45
N TYR C 992 39.99 9.34 13.87
CA TYR C 992 39.70 9.29 12.45
C TYR C 992 40.97 9.24 11.61
N LEU C 993 41.96 10.06 11.96
CA LEU C 993 43.22 10.04 11.21
C LEU C 993 44.01 8.77 11.46
N ALA C 994 43.86 8.16 12.65
CA ALA C 994 44.57 6.92 12.93
C ALA C 994 44.08 5.79 12.03
N ILE C 995 42.77 5.70 11.81
CA ILE C 995 42.23 4.70 10.89
C ILE C 995 42.65 5.02 9.46
N ARG C 996 42.72 6.31 9.13
CA ARG C 996 43.15 6.73 7.80
C ARG C 996 44.58 6.26 7.52
N GLN C 997 45.46 6.32 8.53
CA GLN C 997 46.84 5.89 8.34
C GLN C 997 46.92 4.39 8.07
N HIS C 998 46.09 3.60 8.73
CA HIS C 998 46.07 2.15 8.55
C HIS C 998 44.94 1.72 7.61
N ALA C 999 44.60 2.56 6.65
CA ALA C 999 43.48 2.27 5.74
C ALA C 999 43.77 1.03 4.89
N ASN C 1000 45.03 0.84 4.50
CA ASN C 1000 45.39 -0.31 3.67
C ASN C 1000 44.99 -1.63 4.33
N LEU C 1001 45.20 -1.73 5.65
CA LEU C 1001 44.78 -2.94 6.36
C LEU C 1001 43.29 -3.20 6.19
N PHE C 1002 42.46 -2.19 6.45
CA PHE C 1002 41.02 -2.37 6.37
C PHE C 1002 40.58 -2.67 4.94
N ILE C 1003 41.21 -2.04 3.95
CA ILE C 1003 40.90 -2.35 2.56
C ILE C 1003 41.22 -3.81 2.26
N ASN C 1004 42.40 -4.26 2.69
CA ASN C 1004 42.79 -5.65 2.45
C ASN C 1004 41.90 -6.62 3.22
N LEU C 1005 41.49 -6.24 4.44
CA LEU C 1005 40.60 -7.09 5.22
C LEU C 1005 39.28 -7.32 4.50
N PHE C 1006 38.70 -6.25 3.93
CA PHE C 1006 37.48 -6.41 3.16
C PHE C 1006 37.74 -7.12 1.83
N SER C 1007 38.90 -6.85 1.22
CA SER C 1007 39.23 -7.48 -0.05
C SER C 1007 39.32 -9.00 0.09
N MET C 1008 39.84 -9.48 1.22
CA MET C 1008 39.93 -10.91 1.44
C MET C 1008 38.56 -11.53 1.69
N MET C 1009 37.61 -10.76 2.21
CA MET C 1009 36.27 -11.25 2.50
C MET C 1009 35.34 -11.19 1.29
N LEU C 1010 35.87 -11.38 0.09
CA LEU C 1010 35.04 -11.49 -1.11
C LEU C 1010 34.71 -12.93 -1.49
N GLY C 1011 35.56 -13.89 -1.10
CA GLY C 1011 35.22 -15.29 -1.30
C GLY C 1011 33.93 -15.68 -0.62
N SER C 1012 33.72 -15.19 0.59
CA SER C 1012 32.47 -15.45 1.30
C SER C 1012 31.28 -14.86 0.55
N GLY C 1013 30.21 -15.64 0.46
CA GLY C 1013 29.04 -15.21 -0.28
C GLY C 1013 28.20 -14.19 0.46
N MET C 1014 28.75 -12.99 0.64
CA MET C 1014 27.97 -11.94 1.27
C MET C 1014 27.34 -11.03 0.22
N PRO C 1015 26.07 -10.65 0.40
CA PRO C 1015 25.42 -9.79 -0.60
C PRO C 1015 25.98 -8.38 -0.64
N GLU C 1016 26.62 -7.92 0.44
CA GLU C 1016 27.18 -6.57 0.49
C GLU C 1016 28.68 -6.53 0.19
N LEU C 1017 29.28 -7.66 -0.17
CA LEU C 1017 30.71 -7.73 -0.47
C LEU C 1017 30.91 -8.72 -1.62
N GLN C 1018 30.79 -8.22 -2.84
CA GLN C 1018 31.00 -9.04 -4.03
C GLN C 1018 32.01 -8.45 -4.99
N SER C 1019 31.95 -7.14 -5.25
CA SER C 1019 32.91 -6.46 -6.11
C SER C 1019 33.76 -5.51 -5.30
N PHE C 1020 34.84 -5.04 -5.91
CA PHE C 1020 35.65 -4.02 -5.27
C PHE C 1020 34.95 -2.67 -5.22
N ASP C 1021 33.98 -2.44 -6.10
CA ASP C 1021 33.22 -1.21 -6.06
C ASP C 1021 32.42 -1.09 -4.78
N ASP C 1022 32.03 -2.23 -4.18
CA ASP C 1022 31.37 -2.21 -2.89
C ASP C 1022 32.32 -1.75 -1.79
N ILE C 1023 33.58 -2.19 -1.87
CA ILE C 1023 34.57 -1.81 -0.86
C ILE C 1023 34.97 -0.34 -1.00
N ALA C 1024 34.82 0.24 -2.20
CA ALA C 1024 35.30 1.59 -2.48
C ALA C 1024 34.79 2.65 -1.49
N TYR C 1025 33.68 2.40 -0.81
CA TYR C 1025 33.07 3.40 0.06
C TYR C 1025 34.06 3.97 1.08
N ILE C 1026 34.94 3.12 1.63
CA ILE C 1026 35.91 3.58 2.62
C ILE C 1026 36.79 4.69 2.04
N ARG C 1027 37.10 4.63 0.75
CA ARG C 1027 37.97 5.65 0.16
C ARG C 1027 37.32 7.02 0.21
N LYS C 1028 35.98 7.07 0.18
CA LYS C 1028 35.28 8.35 0.31
C LYS C 1028 35.33 8.86 1.74
N THR C 1029 34.98 8.01 2.71
CA THR C 1029 34.95 8.42 4.11
C THR C 1029 36.35 8.79 4.60
N LEU C 1030 37.33 7.93 4.33
CA LEU C 1030 38.69 8.21 4.75
C LEU C 1030 39.36 9.28 3.89
N ALA C 1031 38.83 9.53 2.69
CA ALA C 1031 39.34 10.56 1.80
C ALA C 1031 40.82 10.32 1.47
N LEU C 1032 41.07 9.17 0.84
CA LEU C 1032 42.45 8.76 0.59
C LEU C 1032 43.12 9.63 -0.46
N ASP C 1033 42.37 10.07 -1.47
CA ASP C 1033 42.97 10.93 -2.48
C ASP C 1033 43.21 12.34 -1.96
N LYS C 1034 42.36 12.81 -1.05
CA LYS C 1034 42.53 14.14 -0.47
C LYS C 1034 43.64 14.15 0.58
N THR C 1035 44.18 15.34 0.83
CA THR C 1035 45.28 15.51 1.77
C THR C 1035 44.82 15.25 3.20
N GLU C 1036 45.80 14.94 4.07
CA GLU C 1036 45.51 14.71 5.48
C GLU C 1036 44.79 15.91 6.09
N GLN C 1037 45.22 17.12 5.72
CA GLN C 1037 44.53 18.31 6.21
C GLN C 1037 43.14 18.43 5.59
N GLU C 1038 43.02 18.12 4.30
CA GLU C 1038 41.69 18.13 3.67
C GLU C 1038 40.82 17.03 4.23
N ALA C 1039 41.40 15.88 4.57
CA ALA C 1039 40.64 14.79 5.16
C ALA C 1039 40.04 15.20 6.50
N LEU C 1040 40.81 15.92 7.31
CA LEU C 1040 40.28 16.41 8.59
C LEU C 1040 39.17 17.42 8.37
N GLU C 1041 39.35 18.33 7.40
CA GLU C 1041 38.30 19.28 7.07
C GLU C 1041 37.06 18.58 6.50
N TYR C 1042 37.27 17.50 5.73
CA TYR C 1042 36.15 16.74 5.19
C TYR C 1042 35.32 16.13 6.31
N PHE C 1043 35.97 15.47 7.27
CA PHE C 1043 35.26 14.86 8.39
C PHE C 1043 34.45 15.88 9.16
N MET C 1044 35.08 17.01 9.51
CA MET C 1044 34.38 18.07 10.24
C MET C 1044 33.14 18.56 9.50
N LYS C 1045 33.20 18.55 8.16
CA LYS C 1045 32.04 18.98 7.37
C LYS C 1045 30.87 18.02 7.53
N GLN C 1046 31.12 16.72 7.37
CA GLN C 1046 30.07 15.72 7.54
C GLN C 1046 29.44 15.79 8.93
N MET C 1047 30.27 16.00 9.96
CA MET C 1047 29.75 16.03 11.32
C MET C 1047 28.83 17.22 11.55
N ASN C 1048 29.22 18.40 11.05
CA ASN C 1048 28.38 19.58 11.20
C ASN C 1048 27.02 19.38 10.55
N ASP C 1049 26.98 18.76 9.37
CA ASP C 1049 25.71 18.49 8.71
C ASP C 1049 24.86 17.52 9.53
N ALA C 1050 25.49 16.47 10.07
CA ALA C 1050 24.75 15.52 10.90
C ALA C 1050 24.31 16.15 12.21
N ARG C 1051 25.14 17.01 12.78
CA ARG C 1051 24.78 17.69 14.02
C ARG C 1051 23.60 18.65 13.81
N HIS C 1052 23.76 19.61 12.90
CA HIS C 1052 22.69 20.58 12.66
C HIS C 1052 21.45 19.94 12.07
N GLY C 1053 21.62 18.90 11.23
CA GLY C 1053 20.48 18.19 10.70
C GLY C 1053 19.66 17.46 11.75
N GLY C 1054 20.33 16.95 12.79
CA GLY C 1054 19.62 16.21 13.82
C GLY C 1054 18.69 17.09 14.63
N TRP C 1055 19.14 18.30 14.98
CA TRP C 1055 18.33 19.25 15.74
C TRP C 1055 16.95 19.43 15.11
N THR C 1056 16.91 19.64 13.79
CA THR C 1056 15.67 20.02 13.12
C THR C 1056 14.73 18.82 12.96
N THR C 1057 15.26 17.65 12.63
CA THR C 1057 14.40 16.52 12.29
C THR C 1057 13.69 15.98 13.53
N LYS C 1058 12.45 15.53 13.33
CA LYS C 1058 11.65 14.92 14.39
C LYS C 1058 11.69 13.41 14.28
N MET C 1059 11.99 12.74 15.39
CA MET C 1059 12.39 11.33 15.35
C MET C 1059 11.21 10.40 15.06
N ASP C 1060 10.15 10.50 15.87
CA ASP C 1060 9.13 9.46 16.02
C ASP C 1060 9.75 8.21 16.62
N TRP C 1061 9.21 7.76 17.75
CA TRP C 1061 9.95 6.87 18.65
C TRP C 1061 9.87 5.41 18.21
N ILE C 1062 8.72 4.95 17.72
CA ILE C 1062 8.53 3.53 17.43
C ILE C 1062 9.02 3.20 16.03
N PHE C 1063 8.42 3.83 15.01
CA PHE C 1063 8.69 3.46 13.64
C PHE C 1063 9.92 4.16 13.06
N HIS C 1064 10.50 5.10 13.80
CA HIS C 1064 11.75 5.77 13.39
C HIS C 1064 11.59 6.50 12.06
N THR C 1065 10.42 7.11 11.87
CA THR C 1065 10.11 7.86 10.66
C THR C 1065 10.23 9.36 10.93
N ILE C 1066 11.07 10.04 10.16
CA ILE C 1066 11.40 11.44 10.39
C ILE C 1066 10.42 12.32 9.60
N LYS C 1067 9.70 13.20 10.31
CA LYS C 1067 8.78 14.16 9.70
C LYS C 1067 9.48 15.44 9.27
N GLN C 1068 10.47 15.90 10.04
CA GLN C 1068 11.21 17.14 9.76
C GLN C 1068 10.25 18.31 9.91
N MET D 5 37.93 20.77 -32.46
CA MET D 5 38.70 20.40 -31.26
C MET D 5 38.23 21.18 -30.03
N SER D 6 37.33 20.60 -29.24
CA SER D 6 36.83 21.28 -28.07
C SER D 6 37.24 20.50 -26.84
N LEU D 7 37.49 21.23 -25.75
CA LEU D 7 37.97 20.61 -24.51
C LEU D 7 36.97 19.57 -24.01
N GLN D 8 35.69 19.88 -24.08
CA GLN D 8 34.62 18.97 -23.68
C GLN D 8 33.82 18.62 -24.92
N ASP D 9 33.94 17.38 -25.37
CA ASP D 9 33.35 16.94 -26.63
C ASP D 9 31.87 16.63 -26.50
N ALA D 10 31.46 16.05 -25.38
CA ALA D 10 30.11 15.52 -25.18
C ALA D 10 29.76 14.49 -26.24
N GLU D 11 30.77 13.79 -26.76
CA GLU D 11 30.57 12.70 -27.72
C GLU D 11 31.18 11.41 -27.17
N TRP D 12 32.51 11.31 -27.12
CA TRP D 12 33.21 10.24 -26.42
C TRP D 12 33.84 10.76 -25.13
N TYR D 13 33.16 11.71 -24.50
CA TYR D 13 33.70 12.49 -23.38
C TYR D 13 32.61 12.58 -22.33
N TRP D 14 32.75 11.89 -21.20
CA TRP D 14 31.84 12.12 -20.08
C TRP D 14 32.41 13.14 -19.12
N GLY D 15 31.69 13.37 -18.01
CA GLY D 15 32.10 14.36 -17.03
C GLY D 15 33.28 13.96 -16.17
N ASP D 16 33.02 13.63 -14.90
CA ASP D 16 34.06 13.15 -13.99
C ASP D 16 34.06 11.64 -13.83
N ILE D 17 32.86 11.03 -13.82
CA ILE D 17 32.59 9.60 -13.74
C ILE D 17 33.73 8.76 -13.16
N SER D 18 33.59 8.35 -11.90
CA SER D 18 34.62 7.60 -11.19
C SER D 18 34.75 6.20 -11.81
N ARG D 19 35.56 5.35 -11.19
CA ARG D 19 35.75 4.00 -11.70
C ARG D 19 34.54 3.10 -11.50
N GLU D 20 33.46 3.60 -10.91
CA GLU D 20 32.20 2.86 -10.80
C GLU D 20 31.22 3.23 -11.91
N GLU D 21 31.71 3.75 -13.04
CA GLU D 21 30.84 4.12 -14.16
C GLU D 21 31.58 4.07 -15.49
N VAL D 22 32.44 3.07 -15.67
CA VAL D 22 33.23 2.95 -16.88
C VAL D 22 33.17 1.53 -17.43
N ASN D 23 33.49 0.55 -16.58
CA ASN D 23 33.45 -0.85 -17.01
C ASN D 23 32.07 -1.26 -17.53
N GLU D 24 31.00 -0.72 -16.95
CA GLU D 24 29.66 -1.09 -17.36
C GLU D 24 29.22 -0.43 -18.67
N LYS D 25 30.00 0.54 -19.18
CA LYS D 25 29.71 1.16 -20.47
C LYS D 25 30.60 0.67 -21.61
N LEU D 26 31.51 -0.27 -21.33
CA LEU D 26 32.38 -0.86 -22.35
C LEU D 26 32.61 -2.34 -22.06
N ARG D 27 31.58 -3.02 -21.57
CA ARG D 27 31.67 -4.44 -21.19
C ARG D 27 31.34 -5.36 -22.36
N ASP D 28 32.18 -6.39 -22.54
CA ASP D 28 32.04 -7.40 -23.59
C ASP D 28 32.10 -6.76 -24.98
N THR D 29 33.30 -6.33 -25.35
CA THR D 29 33.52 -5.68 -26.64
C THR D 29 34.84 -6.15 -27.24
N ALA D 30 34.98 -5.85 -28.54
CA ALA D 30 36.19 -6.13 -29.32
C ALA D 30 37.20 -5.01 -29.11
N ASP D 31 38.14 -4.87 -30.04
CA ASP D 31 39.14 -3.81 -29.93
C ASP D 31 38.48 -2.44 -30.01
N GLY D 32 38.91 -1.53 -29.13
CA GLY D 32 38.41 -0.17 -29.10
C GLY D 32 37.68 0.13 -27.79
N THR D 33 36.54 0.82 -27.92
CA THR D 33 35.68 1.23 -26.81
C THR D 33 36.41 2.02 -25.72
N PHE D 34 36.58 3.33 -25.93
CA PHE D 34 37.32 4.18 -25.01
C PHE D 34 36.43 5.31 -24.52
N LEU D 35 36.90 6.00 -23.47
CA LEU D 35 36.23 7.19 -22.96
C LEU D 35 37.22 7.98 -22.11
N VAL D 36 36.87 9.25 -21.88
CA VAL D 36 37.73 10.19 -21.16
C VAL D 36 37.21 10.34 -19.73
N ARG D 37 38.12 10.64 -18.80
CA ARG D 37 37.81 10.68 -17.38
C ARG D 37 38.55 11.84 -16.72
N ASP D 38 38.32 12.01 -15.42
CA ASP D 38 38.98 13.04 -14.63
C ASP D 38 39.76 12.43 -13.47
N ALA D 39 40.65 13.24 -12.90
CA ALA D 39 41.50 12.82 -11.79
C ALA D 39 41.67 13.99 -10.82
N SER D 40 42.49 13.78 -9.80
CA SER D 40 42.75 14.81 -8.79
C SER D 40 43.74 15.85 -9.33
N ASP D 46 43.97 17.38 -13.74
CA ASP D 46 44.46 16.09 -14.22
C ASP D 46 43.43 15.45 -15.14
N TYR D 47 43.90 14.61 -16.07
CA TYR D 47 43.00 13.96 -17.02
C TYR D 47 43.41 12.49 -17.14
N THR D 48 42.45 11.62 -17.45
CA THR D 48 42.68 10.19 -17.53
C THR D 48 41.88 9.57 -18.67
N LEU D 49 42.50 8.59 -19.35
CA LEU D 49 41.88 7.88 -20.46
C LEU D 49 41.82 6.38 -20.18
N THR D 50 40.68 5.77 -20.48
CA THR D 50 40.48 4.34 -20.34
C THR D 50 40.47 3.69 -21.73
N LEU D 51 41.17 2.57 -21.86
CA LEU D 51 41.33 1.88 -23.14
C LEU D 51 41.02 0.40 -22.95
N ARG D 52 40.94 -0.34 -24.07
CA ARG D 52 40.66 -1.77 -24.02
C ARG D 52 41.29 -2.48 -25.22
N LYS D 53 42.28 -3.33 -24.95
CA LYS D 53 42.89 -4.21 -25.94
C LYS D 53 43.60 -5.34 -25.21
N GLY D 54 43.70 -6.49 -25.89
CA GLY D 54 44.23 -7.69 -25.28
C GLY D 54 43.25 -8.40 -24.38
N GLY D 55 41.96 -8.12 -24.51
CA GLY D 55 40.93 -8.66 -23.65
C GLY D 55 40.86 -8.05 -22.26
N ASN D 56 41.68 -7.05 -21.97
CA ASN D 56 41.75 -6.45 -20.65
C ASN D 56 41.32 -4.98 -20.72
N ASN D 57 41.14 -4.39 -19.55
CA ASN D 57 40.80 -2.98 -19.41
C ASN D 57 42.04 -2.24 -18.94
N LYS D 58 42.65 -1.46 -19.82
CA LYS D 58 43.91 -0.78 -19.57
C LYS D 58 43.68 0.70 -19.30
N LEU D 59 44.69 1.35 -18.73
CA LEU D 59 44.57 2.73 -18.26
C LEU D 59 45.87 3.50 -18.51
N ILE D 60 45.76 4.67 -19.13
CA ILE D 60 46.88 5.57 -19.35
C ILE D 60 46.47 6.95 -18.82
N LYS D 61 47.41 7.66 -18.20
CA LYS D 61 47.15 8.98 -17.63
C LYS D 61 47.78 10.08 -18.47
N ILE D 62 47.16 11.26 -18.45
CA ILE D 62 47.61 12.43 -19.20
C ILE D 62 47.82 13.58 -18.21
N PHE D 63 49.07 14.00 -18.06
CA PHE D 63 49.44 15.11 -17.19
C PHE D 63 49.20 16.44 -17.91
N HIS D 64 48.60 17.40 -17.20
CA HIS D 64 48.27 18.70 -17.78
C HIS D 64 49.28 19.79 -17.41
N ARG D 65 50.57 19.41 -17.37
CA ARG D 65 51.68 20.31 -17.08
C ARG D 65 52.39 20.74 -18.37
N ASP D 66 53.08 21.88 -18.29
CA ASP D 66 53.85 22.48 -19.37
C ASP D 66 52.97 23.10 -20.45
N GLY D 67 51.70 23.38 -20.15
CA GLY D 67 50.78 23.93 -21.12
C GLY D 67 50.62 23.08 -22.37
N LYS D 68 50.79 21.77 -22.25
CA LYS D 68 50.75 20.86 -23.38
C LYS D 68 50.18 19.53 -22.90
N TYR D 69 49.88 18.65 -23.85
CA TYR D 69 49.35 17.33 -23.55
C TYR D 69 50.10 16.29 -24.37
N GLY D 70 50.06 15.05 -23.90
CA GLY D 70 50.73 13.96 -24.59
C GLY D 70 50.98 12.75 -23.70
N PHE D 71 51.05 11.56 -24.30
CA PHE D 71 51.35 10.34 -23.54
C PHE D 71 52.84 10.09 -23.40
N SER D 72 53.53 9.88 -24.51
CA SER D 72 54.88 9.35 -24.53
C SER D 72 55.93 10.41 -24.18
N ASP D 73 57.20 9.98 -24.20
CA ASP D 73 58.31 10.90 -23.90
C ASP D 73 58.42 12.02 -24.91
N PRO D 74 58.54 11.76 -26.23
CA PRO D 74 58.60 12.90 -27.15
C PRO D 74 57.21 13.51 -27.28
N LEU D 75 57.03 14.65 -26.65
CA LEU D 75 55.74 15.34 -26.74
C LEU D 75 55.51 15.80 -28.16
N THR D 76 54.46 15.28 -28.79
CA THR D 76 54.19 15.53 -30.20
C THR D 76 52.75 16.00 -30.41
N PHE D 77 52.10 16.47 -29.35
CA PHE D 77 50.76 17.02 -29.42
C PHE D 77 50.72 18.20 -28.45
N SER D 78 49.62 18.95 -28.49
CA SER D 78 49.48 20.07 -27.56
C SER D 78 48.01 20.46 -27.39
N SER D 79 47.13 19.47 -27.22
CA SER D 79 45.71 19.72 -27.04
C SER D 79 45.04 18.42 -26.60
N VAL D 80 43.77 18.53 -26.23
CA VAL D 80 43.05 17.40 -25.64
C VAL D 80 42.60 16.43 -26.72
N VAL D 81 41.80 16.91 -27.69
CA VAL D 81 41.14 16.01 -28.63
C VAL D 81 42.03 15.69 -29.83
N GLU D 82 43.24 16.23 -29.89
CA GLU D 82 44.20 15.86 -30.91
C GLU D 82 45.25 14.90 -30.37
N LEU D 83 45.03 14.40 -29.15
CA LEU D 83 45.87 13.35 -28.56
C LEU D 83 45.35 11.95 -28.84
N ILE D 84 44.03 11.78 -28.95
CA ILE D 84 43.46 10.46 -29.23
C ILE D 84 43.69 10.06 -30.68
N ASN D 85 43.64 11.02 -31.60
CA ASN D 85 43.57 10.74 -33.03
C ASN D 85 44.85 10.14 -33.61
N HIS D 86 46.00 10.31 -32.94
CA HIS D 86 47.26 9.86 -33.52
C HIS D 86 47.30 8.35 -33.66
N TYR D 87 47.09 7.62 -32.56
CA TYR D 87 47.08 6.17 -32.63
C TYR D 87 45.86 5.66 -33.37
N ARG D 88 44.85 6.51 -33.50
CA ARG D 88 43.67 6.23 -34.31
C ARG D 88 44.07 6.06 -35.78
N ASN D 89 45.08 6.80 -36.22
CA ASN D 89 45.60 6.70 -37.58
C ASN D 89 46.80 5.75 -37.60
N LEU D 99 52.54 -3.47 -30.32
CA LEU D 99 51.30 -3.84 -31.00
C LEU D 99 50.26 -2.74 -30.81
N ASP D 100 50.54 -1.57 -31.37
CA ASP D 100 49.62 -0.43 -31.26
C ASP D 100 48.49 -0.58 -32.27
N VAL D 101 47.41 -1.22 -31.82
CA VAL D 101 46.25 -1.44 -32.67
C VAL D 101 45.36 -0.21 -32.61
N LYS D 102 44.56 0.01 -33.66
CA LYS D 102 43.81 1.24 -33.81
C LYS D 102 42.60 1.26 -32.88
N LEU D 103 42.13 2.48 -32.58
CA LEU D 103 40.90 2.62 -31.81
C LEU D 103 39.69 2.54 -32.73
N LEU D 104 38.68 1.80 -32.29
CA LEU D 104 37.51 1.47 -33.11
C LEU D 104 36.25 2.19 -32.65
N TYR D 105 35.74 1.87 -31.46
CA TYR D 105 34.40 2.30 -31.05
C TYR D 105 34.43 3.42 -30.03
N PRO D 106 33.66 4.49 -30.24
CA PRO D 106 33.48 5.50 -29.18
C PRO D 106 32.26 5.18 -28.31
N VAL D 107 32.20 5.83 -27.15
CA VAL D 107 31.07 5.72 -26.23
C VAL D 107 30.33 7.06 -26.23
N SER D 108 29.06 7.04 -26.62
CA SER D 108 28.32 8.27 -26.89
C SER D 108 27.77 8.91 -25.62
N LYS D 109 27.24 10.13 -25.79
CA LYS D 109 26.56 10.88 -24.74
C LYS D 109 25.12 11.21 -25.12
N TYR D 110 24.92 12.03 -26.14
CA TYR D 110 23.57 12.40 -26.60
C TYR D 110 23.00 11.28 -27.45
N GLN D 111 22.36 10.32 -26.77
CA GLN D 111 21.71 9.20 -27.44
C GLN D 111 20.64 8.65 -26.52
N GLN D 112 19.62 9.49 -26.28
CA GLN D 112 18.45 9.14 -25.49
C GLN D 112 18.81 8.86 -24.03
N GLU D 122 10.65 17.84 -27.59
CA GLU D 122 11.66 18.67 -26.94
C GLU D 122 12.30 17.95 -25.76
N ALA D 123 11.47 17.52 -24.81
CA ALA D 123 11.93 16.89 -23.58
C ALA D 123 11.59 15.41 -23.58
N VAL D 124 12.50 14.61 -23.02
CA VAL D 124 12.22 13.20 -22.78
C VAL D 124 12.54 12.90 -21.32
N GLY D 125 11.66 13.29 -20.41
CA GLY D 125 11.82 12.94 -19.00
C GLY D 125 10.60 12.39 -18.30
N LYS D 126 9.44 12.40 -18.96
CA LYS D 126 8.22 11.94 -18.34
C LYS D 126 7.90 10.48 -18.66
N LYS D 127 8.50 9.96 -19.72
CA LYS D 127 8.37 8.56 -20.10
C LYS D 127 9.21 7.64 -19.23
N LEU D 128 10.20 8.20 -18.53
CA LEU D 128 11.14 7.42 -17.74
C LEU D 128 10.50 6.71 -16.55
N HIS D 129 9.31 7.13 -16.14
CA HIS D 129 8.71 6.52 -14.95
C HIS D 129 7.99 5.22 -15.27
N GLU D 130 7.40 5.12 -16.46
CA GLU D 130 6.81 3.86 -16.92
C GLU D 130 7.80 2.98 -17.68
N TYR D 131 8.98 3.50 -18.04
CA TYR D 131 10.03 2.61 -18.54
C TYR D 131 10.52 1.68 -17.44
N ASN D 132 10.44 2.14 -16.19
CA ASN D 132 10.89 1.38 -15.03
C ASN D 132 9.87 0.37 -14.53
N THR D 133 8.58 0.61 -14.75
CA THR D 133 7.55 -0.35 -14.32
C THR D 133 7.80 -1.74 -14.93
N GLN D 134 8.28 -1.78 -16.17
CA GLN D 134 8.62 -3.06 -16.77
C GLN D 134 9.78 -3.71 -16.04
N PHE D 135 10.82 -2.93 -15.73
CA PHE D 135 11.98 -3.45 -15.01
C PHE D 135 11.60 -3.98 -13.63
N GLN D 136 10.87 -3.17 -12.84
CA GLN D 136 10.56 -3.55 -11.47
C GLN D 136 9.62 -4.75 -11.39
N GLU D 137 8.52 -4.71 -12.15
CA GLU D 137 7.53 -5.77 -12.06
C GLU D 137 7.95 -7.06 -12.77
N LYS D 138 8.98 -7.02 -13.60
CA LYS D 138 9.56 -8.25 -14.12
C LYS D 138 10.75 -8.70 -13.30
N SER D 139 11.43 -7.77 -12.62
CA SER D 139 12.39 -8.16 -11.59
C SER D 139 11.67 -8.88 -10.46
N ARG D 140 10.53 -8.33 -10.02
CA ARG D 140 9.70 -9.05 -9.04
C ARG D 140 9.25 -10.40 -9.59
N GLU D 141 8.82 -10.43 -10.85
CA GLU D 141 8.39 -11.68 -11.46
C GLU D 141 9.53 -12.69 -11.50
N TYR D 142 10.76 -12.22 -11.72
CA TYR D 142 11.92 -13.11 -11.72
C TYR D 142 12.28 -13.56 -10.31
N ASP D 143 12.14 -12.67 -9.32
CA ASP D 143 12.44 -13.03 -7.94
C ASP D 143 11.49 -14.11 -7.42
N ARG D 144 10.22 -14.03 -7.83
CA ARG D 144 9.26 -15.08 -7.45
C ARG D 144 9.69 -16.44 -7.96
N LEU D 145 10.27 -16.47 -9.17
CA LEU D 145 10.69 -17.74 -9.75
C LEU D 145 11.93 -18.29 -9.05
N TYR D 146 12.88 -17.40 -8.70
CA TYR D 146 14.09 -17.85 -8.02
C TYR D 146 13.77 -18.35 -6.62
N GLU D 147 12.74 -17.80 -5.98
CA GLU D 147 12.28 -18.34 -4.69
C GLU D 147 11.75 -19.76 -4.89
N GLU D 148 10.90 -19.96 -5.89
CA GLU D 148 10.37 -21.27 -6.19
C GLU D 148 11.39 -22.14 -6.93
N TYR D 149 12.58 -21.59 -7.22
CA TYR D 149 13.68 -22.38 -7.77
C TYR D 149 14.61 -22.93 -6.69
N THR D 150 15.10 -22.06 -5.79
CA THR D 150 16.01 -22.50 -4.73
C THR D 150 15.34 -23.48 -3.78
N ARG D 151 14.12 -23.15 -3.34
CA ARG D 151 13.40 -24.08 -2.46
C ARG D 151 13.10 -25.38 -3.18
N THR D 152 12.77 -25.30 -4.48
CA THR D 152 12.54 -26.50 -5.27
C THR D 152 13.81 -27.33 -5.38
N SER D 153 14.96 -26.68 -5.52
CA SER D 153 16.23 -27.40 -5.61
C SER D 153 16.50 -28.18 -4.32
N GLN D 154 16.24 -27.56 -3.17
CA GLN D 154 16.49 -28.23 -1.90
C GLN D 154 15.64 -29.49 -1.75
N GLU D 155 14.34 -29.39 -2.06
CA GLU D 155 13.45 -30.53 -1.88
C GLU D 155 13.86 -31.69 -2.78
N ILE D 156 14.41 -31.40 -3.95
CA ILE D 156 14.88 -32.47 -4.84
C ILE D 156 16.10 -33.16 -4.25
N GLN D 157 17.07 -32.38 -3.78
CA GLN D 157 18.27 -32.95 -3.16
C GLN D 157 17.90 -33.71 -1.90
N MET D 158 16.90 -33.22 -1.15
CA MET D 158 16.42 -33.93 0.02
C MET D 158 15.84 -35.30 -0.34
N LYS D 159 15.01 -35.34 -1.39
CA LYS D 159 14.38 -36.60 -1.77
C LYS D 159 15.39 -37.63 -2.28
N ARG D 160 16.47 -37.15 -2.91
CA ARG D 160 17.52 -38.05 -3.40
C ARG D 160 18.18 -38.81 -2.25
N THR D 161 18.48 -38.13 -1.15
CA THR D 161 19.13 -38.79 -0.03
C THR D 161 18.19 -39.77 0.65
N ALA D 162 16.90 -39.44 0.72
CA ALA D 162 15.93 -40.34 1.33
C ALA D 162 15.82 -41.64 0.52
N ILE D 163 15.93 -41.55 -0.80
CA ILE D 163 15.91 -42.75 -1.64
C ILE D 163 17.13 -43.62 -1.34
N GLU D 164 18.32 -43.00 -1.28
CA GLU D 164 19.51 -43.75 -0.91
C GLU D 164 19.38 -44.34 0.49
N ALA D 165 18.69 -43.63 1.38
CA ALA D 165 18.41 -44.18 2.72
C ALA D 165 17.43 -45.34 2.63
N PHE D 166 16.38 -45.20 1.81
CA PHE D 166 15.45 -46.31 1.60
C PHE D 166 16.14 -47.54 1.04
N ASN D 167 17.08 -47.34 0.11
CA ASN D 167 17.77 -48.48 -0.51
C ASN D 167 18.57 -49.26 0.53
N GLU D 168 19.36 -48.56 1.35
CA GLU D 168 20.12 -49.25 2.38
C GLU D 168 19.22 -49.83 3.46
N THR D 169 18.08 -49.19 3.73
CA THR D 169 17.12 -49.73 4.68
C THR D 169 16.57 -51.07 4.21
N ILE D 170 16.13 -51.13 2.95
CA ILE D 170 15.56 -52.37 2.41
C ILE D 170 16.59 -53.48 2.40
N LYS D 171 17.85 -53.14 2.07
CA LYS D 171 18.91 -54.14 2.08
C LYS D 171 19.04 -54.80 3.45
N ILE D 172 18.90 -54.01 4.52
CA ILE D 172 18.95 -54.56 5.87
C ILE D 172 17.70 -55.40 6.14
N PHE D 173 16.53 -54.89 5.73
CA PHE D 173 15.31 -55.65 5.89
C PHE D 173 15.33 -56.92 5.03
N GLU D 174 16.06 -56.90 3.91
CA GLU D 174 16.17 -58.08 3.08
C GLU D 174 17.18 -59.09 3.61
N GLU D 175 18.27 -58.61 4.22
CA GLU D 175 19.20 -59.52 4.89
C GLU D 175 18.59 -60.13 6.15
N GLN D 176 17.53 -59.52 6.69
CA GLN D 176 16.80 -60.17 7.77
C GLN D 176 16.03 -61.38 7.24
N CYS D 177 15.45 -61.24 6.05
CA CYS D 177 14.81 -62.40 5.40
C CYS D 177 15.83 -63.48 5.10
N GLN D 178 17.05 -63.09 4.69
CA GLN D 178 18.11 -64.06 4.45
C GLN D 178 18.39 -64.86 5.71
N THR D 179 18.48 -64.17 6.85
CA THR D 179 18.69 -64.85 8.12
C THR D 179 17.44 -65.64 8.55
N GLN D 180 16.25 -65.16 8.17
CA GLN D 180 15.02 -65.84 8.57
C GLN D 180 14.91 -67.22 7.91
N GLU D 181 14.87 -67.27 6.58
CA GLU D 181 14.75 -68.55 5.89
C GLU D 181 15.93 -69.47 6.20
N ARG D 182 17.10 -68.91 6.49
CA ARG D 182 18.27 -69.72 6.77
C ARG D 182 18.14 -70.43 8.11
N TYR D 183 17.81 -69.69 9.17
CA TYR D 183 17.74 -70.28 10.51
C TYR D 183 16.45 -71.06 10.72
N SER D 184 15.33 -70.55 10.23
CA SER D 184 14.04 -71.17 10.54
C SER D 184 13.84 -72.50 9.82
N LYS D 185 14.39 -72.64 8.61
CA LYS D 185 14.17 -73.85 7.83
C LYS D 185 14.65 -75.09 8.56
N GLU D 186 15.76 -74.99 9.28
CA GLU D 186 16.28 -76.13 10.02
C GLU D 186 15.34 -76.56 11.13
N TYR D 187 14.63 -75.60 11.73
CA TYR D 187 13.72 -75.86 12.83
C TYR D 187 12.30 -76.17 12.37
N ILE D 188 11.86 -75.53 11.27
CA ILE D 188 10.53 -75.78 10.74
C ILE D 188 10.42 -77.22 10.24
N GLU D 189 11.44 -77.71 9.53
CA GLU D 189 11.42 -79.09 9.05
C GLU D 189 11.55 -80.09 10.19
N LYS D 190 12.05 -79.65 11.35
CA LYS D 190 12.10 -80.55 12.50
C LYS D 190 10.72 -80.74 13.11
N PHE D 191 9.89 -79.69 13.10
CA PHE D 191 8.51 -79.81 13.52
C PHE D 191 7.65 -80.59 12.51
N LYS D 192 8.06 -80.66 11.24
CA LYS D 192 7.38 -81.56 10.32
C LYS D 192 7.52 -83.01 10.76
N ARG D 193 8.72 -83.40 11.18
CA ARG D 193 8.94 -84.77 11.66
C ARG D 193 8.27 -85.00 13.00
N GLU D 194 8.31 -84.02 13.90
CA GLU D 194 7.64 -84.10 15.20
C GLU D 194 6.44 -83.15 15.16
N GLY D 195 5.29 -83.68 14.74
CA GLY D 195 4.10 -82.92 14.43
C GLY D 195 3.71 -81.83 15.41
N ASN D 196 3.67 -80.58 14.94
CA ASN D 196 3.28 -79.43 15.74
C ASN D 196 3.03 -78.25 14.81
N GLU D 197 1.82 -78.17 14.25
CA GLU D 197 1.52 -77.17 13.23
C GLU D 197 1.40 -75.77 13.82
N LYS D 198 0.63 -75.62 14.90
CA LYS D 198 0.32 -74.32 15.48
C LYS D 198 1.50 -73.74 16.27
N GLU D 199 2.70 -74.16 15.91
CA GLU D 199 3.97 -73.60 16.33
C GLU D 199 4.73 -72.98 15.18
N ILE D 200 4.66 -73.61 14.01
CA ILE D 200 5.14 -72.99 12.77
C ILE D 200 4.28 -71.78 12.42
N GLN D 201 2.98 -71.84 12.72
CA GLN D 201 2.09 -70.72 12.43
C GLN D 201 2.59 -69.42 13.07
N ARG D 202 3.12 -69.50 14.29
CA ARG D 202 3.71 -68.32 14.91
C ARG D 202 4.87 -67.79 14.07
N ILE D 203 5.70 -68.69 13.56
CA ILE D 203 6.84 -68.28 12.73
C ILE D 203 6.35 -67.73 11.41
N MET D 204 5.35 -68.36 10.80
CA MET D 204 4.83 -67.90 9.52
C MET D 204 4.17 -66.53 9.67
N HIS D 205 3.43 -66.32 10.75
CA HIS D 205 2.81 -65.03 11.00
C HIS D 205 3.85 -63.94 11.18
N ASN D 206 5.00 -64.28 11.78
CA ASN D 206 6.09 -63.32 11.93
C ASN D 206 6.79 -63.09 10.59
N TYR D 207 7.07 -64.17 9.86
CA TYR D 207 7.62 -64.05 8.52
C TYR D 207 6.71 -63.21 7.61
N ASP D 208 5.40 -63.37 7.75
CA ASP D 208 4.47 -62.58 6.95
C ASP D 208 4.61 -61.09 7.26
N LYS D 209 4.65 -60.74 8.55
CA LYS D 209 4.80 -59.33 8.92
C LYS D 209 6.11 -58.75 8.39
N LEU D 210 7.20 -59.51 8.50
CA LEU D 210 8.46 -59.07 7.92
C LEU D 210 8.34 -58.91 6.41
N LYS D 211 7.78 -59.92 5.75
CA LYS D 211 7.61 -59.87 4.30
C LYS D 211 6.60 -58.79 3.91
N SER D 212 5.57 -58.58 4.73
CA SER D 212 4.59 -57.53 4.46
C SER D 212 5.17 -56.14 4.68
N ARG D 213 6.07 -55.99 5.66
CA ARG D 213 6.66 -54.68 5.92
C ARG D 213 7.53 -54.23 4.75
N ILE D 214 8.23 -55.17 4.10
CA ILE D 214 9.07 -54.82 2.96
C ILE D 214 8.22 -54.29 1.81
N SER D 215 7.06 -54.92 1.58
CA SER D 215 6.17 -54.43 0.52
C SER D 215 5.65 -53.03 0.84
N GLU D 216 5.45 -52.72 2.12
CA GLU D 216 5.01 -51.39 2.50
C GLU D 216 6.12 -50.36 2.35
N ILE D 217 7.37 -50.76 2.62
CA ILE D 217 8.49 -49.83 2.51
C ILE D 217 8.80 -49.51 1.05
N ILE D 218 8.88 -50.55 0.21
CA ILE D 218 9.19 -50.35 -1.20
C ILE D 218 8.13 -49.48 -1.86
N ASP D 219 6.86 -49.68 -1.48
CA ASP D 219 5.79 -48.84 -2.00
C ASP D 219 6.00 -47.38 -1.67
N SER D 220 6.57 -47.09 -0.49
CA SER D 220 6.85 -45.71 -0.11
C SER D 220 8.05 -45.15 -0.87
N ARG D 221 9.10 -45.96 -1.08
CA ARG D 221 10.27 -45.48 -1.81
C ARG D 221 9.92 -45.21 -3.26
N ARG D 222 9.08 -46.05 -3.86
CA ARG D 222 8.65 -45.83 -5.23
C ARG D 222 7.71 -44.62 -5.31
N ARG D 223 6.86 -44.43 -4.30
CA ARG D 223 6.03 -43.24 -4.25
C ARG D 223 6.89 -41.99 -4.16
N LEU D 224 8.00 -42.06 -3.42
CA LEU D 224 8.93 -40.93 -3.37
C LEU D 224 9.63 -40.73 -4.71
N GLU D 225 9.90 -41.81 -5.43
CA GLU D 225 10.46 -41.69 -6.77
C GLU D 225 9.46 -41.05 -7.73
N GLU D 226 8.15 -41.26 -7.50
CA GLU D 226 7.15 -40.55 -8.29
C GLU D 226 7.17 -39.06 -7.97
N ASP D 227 7.27 -38.71 -6.69
CA ASP D 227 7.39 -37.31 -6.31
C ASP D 227 8.70 -36.71 -6.77
N LEU D 228 9.71 -37.53 -7.02
CA LEU D 228 10.99 -37.04 -7.53
C LEU D 228 10.83 -36.49 -8.95
N LYS D 229 10.27 -37.29 -9.84
CA LYS D 229 10.15 -36.88 -11.24
C LYS D 229 9.02 -35.88 -11.48
N LYS D 230 8.01 -35.84 -10.61
CA LYS D 230 6.97 -34.82 -10.77
C LYS D 230 7.49 -33.45 -10.35
N GLN D 231 8.44 -33.40 -9.41
CA GLN D 231 9.08 -32.14 -9.03
C GLN D 231 10.26 -31.82 -9.93
N ALA D 232 11.02 -32.84 -10.34
CA ALA D 232 12.12 -32.61 -11.28
C ALA D 232 11.62 -32.07 -12.61
N ALA D 233 10.39 -32.41 -13.00
CA ALA D 233 9.80 -31.85 -14.20
C ALA D 233 9.47 -30.37 -14.00
N GLU D 234 8.85 -30.04 -12.86
CA GLU D 234 8.56 -28.64 -12.55
C GLU D 234 9.84 -27.84 -12.36
N TYR D 235 10.89 -28.48 -11.86
CA TYR D 235 12.17 -27.80 -11.67
C TYR D 235 12.71 -27.24 -12.98
N ARG D 236 12.62 -28.01 -14.06
CA ARG D 236 13.13 -27.54 -15.35
C ARG D 236 12.27 -26.42 -15.92
N GLU D 237 10.95 -26.46 -15.69
CA GLU D 237 10.08 -25.38 -16.15
C GLU D 237 10.46 -24.05 -15.52
N ILE D 238 10.90 -24.07 -14.26
CA ILE D 238 11.36 -22.85 -13.62
C ILE D 238 12.63 -22.34 -14.31
N ASP D 239 13.56 -23.26 -14.60
CA ASP D 239 14.78 -22.87 -15.31
C ASP D 239 14.45 -22.37 -16.72
N LYS D 240 13.52 -23.05 -17.40
CA LYS D 240 13.08 -22.60 -18.73
C LYS D 240 12.50 -21.19 -18.67
N ARG D 241 11.54 -20.97 -17.77
CA ARG D 241 10.89 -19.67 -17.66
C ARG D 241 11.85 -18.59 -17.17
N MET D 242 12.86 -18.97 -16.39
CA MET D 242 13.85 -17.98 -15.94
C MET D 242 14.75 -17.52 -17.08
N ASN D 243 15.20 -18.46 -17.92
CA ASN D 243 16.08 -18.11 -19.04
C ASN D 243 15.40 -17.17 -20.03
N SER D 244 14.08 -17.16 -20.08
CA SER D 244 13.36 -16.31 -21.03
C SER D 244 13.24 -14.86 -20.54
N ILE D 245 13.08 -14.67 -19.23
CA ILE D 245 12.76 -13.32 -18.73
C ILE D 245 14.00 -12.47 -18.52
N LYS D 246 15.12 -13.08 -18.15
CA LYS D 246 16.32 -12.31 -17.80
C LYS D 246 16.88 -11.44 -18.93
N PRO D 247 17.01 -11.92 -20.18
CA PRO D 247 17.65 -11.08 -21.21
C PRO D 247 17.07 -9.68 -21.37
N ASP D 248 15.76 -9.51 -21.24
CA ASP D 248 15.18 -8.18 -21.37
C ASP D 248 15.62 -7.27 -20.23
N LEU D 249 15.75 -7.84 -19.02
CA LEU D 249 16.14 -7.05 -17.85
C LEU D 249 17.52 -6.43 -18.03
N ILE D 250 18.42 -7.10 -18.75
CA ILE D 250 19.76 -6.58 -18.93
C ILE D 250 19.74 -5.34 -19.82
N GLN D 251 18.78 -5.28 -20.75
CA GLN D 251 18.61 -4.11 -21.60
C GLN D 251 17.61 -3.10 -21.03
N LEU D 252 16.72 -3.53 -20.14
CA LEU D 252 15.93 -2.57 -19.39
C LEU D 252 16.82 -1.71 -18.49
N ARG D 253 18.03 -2.18 -18.19
CA ARG D 253 19.02 -1.33 -17.54
C ARG D 253 19.39 -0.17 -18.45
N LYS D 254 19.49 -0.40 -19.76
CA LYS D 254 19.84 0.66 -20.69
C LYS D 254 18.73 1.69 -20.82
N THR D 255 17.46 1.28 -20.73
CA THR D 255 16.36 2.21 -20.72
C THR D 255 16.21 2.92 -19.38
N ARG D 256 16.96 2.52 -18.37
CA ARG D 256 16.99 3.19 -17.07
C ARG D 256 18.26 4.03 -16.90
N ASP D 257 18.88 4.46 -17.99
CA ASP D 257 20.11 5.24 -17.99
C ASP D 257 20.00 6.41 -18.97
N GLN D 258 18.83 7.04 -19.02
CA GLN D 258 18.57 8.15 -19.94
C GLN D 258 18.22 9.39 -19.15
N TYR D 259 19.09 10.40 -19.19
CA TYR D 259 18.79 11.70 -18.59
C TYR D 259 19.66 12.76 -19.26
N LEU D 260 19.29 14.02 -19.03
CA LEU D 260 20.21 15.14 -19.21
C LEU D 260 20.94 15.36 -17.89
N MET D 261 20.29 16.06 -16.96
CA MET D 261 20.68 16.13 -15.55
C MET D 261 19.61 16.83 -14.73
N TRP D 262 18.55 16.10 -14.37
CA TRP D 262 17.50 16.61 -13.49
C TRP D 262 17.61 15.89 -12.14
N LEU D 263 17.85 16.66 -11.08
CA LEU D 263 18.15 16.11 -9.76
C LEU D 263 16.94 16.07 -8.84
N THR D 264 15.75 15.84 -9.39
CA THR D 264 14.54 15.69 -8.56
C THR D 264 13.46 15.01 -9.38
N GLN D 265 13.01 13.84 -8.93
CA GLN D 265 11.90 13.13 -9.56
C GLN D 265 11.19 12.30 -8.51
N LYS D 266 10.02 11.79 -8.88
CA LYS D 266 9.17 11.02 -7.96
C LYS D 266 8.75 11.85 -6.76
C10 YO4 E . -36.03 -7.90 -20.72
C14 YO4 E . -36.35 -8.44 -18.27
C19 YO4 E . -31.20 -10.79 -19.18
C20 YO4 E . -30.20 -11.76 -19.17
C22 YO4 E . -29.51 -14.16 -19.29
C23 YO4 E . -31.89 -13.44 -19.40
C1 YO4 E . -35.33 -17.05 -18.46
C11 YO4 E . -36.95 -7.77 -19.50
C12 YO4 E . -38.28 -8.45 -19.82
C13 YO4 E . -37.22 -6.29 -19.23
C15 YO4 E . -35.00 -7.79 -17.97
C16 YO4 E . -31.86 -8.43 -19.06
C17 YO4 E . -31.49 -6.97 -18.94
C18 YO4 E . -30.84 -9.37 -19.06
C2 YO4 E . -35.02 -16.09 -17.39
C21 YO4 E . -30.56 -13.08 -19.29
C24 YO4 E . -34.25 -13.94 -16.65
C25 YO4 E . -34.46 -14.32 -15.34
C26 YO4 E . -34.95 -15.58 -15.04
C27 YO4 E . -35.22 -16.46 -16.06
C3 YO4 E . -34.53 -14.81 -17.69
C4 YO4 E . -34.31 -13.05 -19.52
C5 YO4 E . -34.76 -12.88 -20.99
C6 YO4 E . -32.89 -12.50 -19.40
C7 YO4 E . -32.55 -11.15 -19.30
C8 YO4 E . -33.14 -8.86 -19.18
C9 YO4 E . -34.64 -7.34 -20.40
N1 YO4 E . -34.34 -14.44 -19.04
N2 YO4 E . -34.22 -8.02 -19.19
O1 YO4 E . -35.08 -18.22 -18.30
O2 YO4 E . -35.92 -16.63 -19.60
O3 YO4 E . -33.45 -10.16 -19.27
O4 YO4 E . -29.67 -9.02 -18.97
N1 YOR F . -44.06 4.18 -14.98
N3 YOR F . -39.66 3.63 -15.51
C4 YOR F . -41.24 2.58 -11.10
C5 YOR F . -41.45 1.74 -12.19
C6 YOR F . -41.89 2.27 -13.39
C7 YOR F . -42.12 3.63 -13.50
C8 YOR F . -42.60 4.22 -14.80
C10 YOR F . -43.06 3.18 -16.83
C13 YOR F . -42.30 0.97 -20.38
C15 YOR F . -42.48 -0.53 -20.10
C17 YOR F . -40.70 3.27 -16.37
C20 YOR F . -37.49 4.08 -13.82
C21 YOR F . -36.73 6.26 -12.86
C22 YOR F . -36.19 7.38 -12.24
C24 YOR F . -37.75 8.79 -13.36
C26 YOR F . -37.80 6.40 -13.75
C1 YOR F . -42.17 5.94 -12.54
C2 YOR F . -41.92 4.47 -12.42
C3 YOR F . -41.48 3.94 -11.21
C9 YOR F . -44.32 3.60 -16.17
O1 YOR F . -45.43 3.40 -16.61
C11 YOR F . -42.80 2.53 -18.03
C12 YOR F . -41.49 2.25 -18.40
N2 YOR F . -41.22 1.59 -19.61
C14 YOR F . -41.87 0.56 -21.80
O2 YOR F . -42.53 -0.70 -21.53
C16 YOR F . -40.44 2.61 -17.58
C18 YOR F . -39.30 4.90 -15.25
O3 YOR F . -39.87 5.84 -15.77
C19 YOR F . -38.20 5.10 -14.29
S YOR F . -36.29 4.56 -12.72
C23 YOR F . -36.70 8.64 -12.49
C25 YOR F . -38.30 7.69 -13.99
C27 YOR F . -42.00 3.54 -16.00
C13 YNZ G . -22.57 7.63 -19.84
C17 YNZ G . -21.96 9.73 -21.01
C16 YNZ G . -24.36 9.17 -20.60
C15 YNZ G . -23.03 7.85 -22.26
C11 YNZ G . -21.18 6.28 -18.72
C12 YNZ G . -22.27 6.11 -17.93
C1 YNZ G . -12.47 3.01 -21.73
C10 YNZ G . -19.94 4.94 -16.10
C14 YNZ G . -22.98 8.59 -20.93
C2 YNZ G . -12.19 3.04 -20.20
C3 YNZ G . -13.63 3.11 -19.63
C4 YNZ G . -13.67 3.97 -21.86
C5 YNZ G . -14.50 3.57 -23.05
C6 YNZ G . -15.67 4.39 -20.37
C7 YNZ G . -17.54 4.70 -18.82
C8 YNZ G . -19.86 5.63 -18.55
C9 YNZ G . -19.28 5.06 -17.45
N1 YNZ G . -14.44 3.87 -20.60
N2 YNZ G . -15.38 2.56 -22.96
N3 YNZ G . -16.26 4.22 -19.16
N4 YNZ G . -18.07 4.57 -17.65
N5 YNZ G . -21.40 7.11 -19.74
O1 YNZ G . -14.36 4.17 -24.11
O2 YNZ G . -16.22 4.99 -21.26
S1 YNZ G . -18.69 5.52 -19.86
S2 YNZ G . -23.58 7.10 -18.57
C10 YO4 H . 25.91 10.03 12.12
C14 YO4 H . 28.41 9.98 11.95
C19 YO4 H . 27.63 11.15 17.63
C20 YO4 H . 27.74 11.79 18.86
C22 YO4 H . 28.11 13.82 20.24
C23 YO4 H . 28.12 13.86 17.74
C1 YO4 H . 30.37 17.81 15.64
C11 YO4 H . 27.10 9.76 11.21
C12 YO4 H . 27.05 10.70 10.00
C13 YO4 H . 27.08 8.32 10.70
C15 YO4 H . 28.45 9.01 13.13
C16 YO4 H . 27.26 9.10 16.31
C17 YO4 H . 26.99 7.62 16.26
C18 YO4 H . 27.36 9.70 17.57
C2 YO4 H . 31.10 16.53 15.74
C21 YO4 H . 27.98 13.13 18.91
C24 YO4 H . 31.15 14.14 15.85
C25 YO4 H . 32.52 14.17 15.93
C26 YO4 H . 33.19 15.38 15.92
C27 YO4 H . 32.49 16.56 15.82
C3 YO4 H . 30.41 15.31 15.76
C4 YO4 H . 28.18 14.16 15.29
C5 YO4 H . 26.78 14.52 14.78
C6 YO4 H . 28.01 13.25 16.50
C7 YO4 H . 27.76 11.87 16.44
C8 YO4 H . 27.39 9.87 15.21
C9 YO4 H . 25.99 9.11 13.33
N1 YO4 H . 29.02 15.31 15.67
N2 YO4 H . 27.29 9.34 13.95
O1 YO4 H . 30.74 18.78 16.28
O2 YO4 H . 29.30 17.91 14.83
O3 YO4 H . 27.63 11.19 15.28
O4 YO4 H . 27.25 9.04 18.59
N1 YOR I . 29.73 -0.14 0.46
N3 YOR I . 28.78 -0.76 4.78
C4 YOR I . 33.37 -0.57 4.02
C5 YOR I . 32.57 0.55 4.01
C6 YOR I . 31.37 0.53 3.30
C7 YOR I . 31.01 -0.60 2.61
C8 YOR I . 29.69 -0.64 1.85
C10 YOR I . 28.05 0.97 1.61
C13 YOR I . 25.25 3.89 3.01
C15 YOR I . 25.62 5.14 3.83
C17 YOR I . 28.16 0.10 3.87
C20 YOR I . 30.16 -2.30 6.69
C21 YOR I . 30.27 -4.79 6.84
C22 YOR I . 30.44 -6.16 7.07
C24 YOR I . 29.06 -6.65 5.17
C26 YOR I . 29.50 -4.36 5.76
C1 YOR I . 31.41 -2.96 1.87
C2 YOR I . 31.82 -1.73 2.62
C3 YOR I . 33.00 -1.70 3.33
C9 YOR I . 28.75 0.77 0.34
O1 YOR I . 28.51 1.39 -0.69
C11 YOR I . 27.00 1.81 2.01
C12 YOR I . 26.54 1.79 3.32
N2 YOR I . 25.49 2.64 3.72
C14 YOR I . 23.79 4.38 3.14
O2 YOR I . 24.35 5.68 3.41
C16 YOR I . 27.13 0.94 4.25
C18 YOR I . 28.73 -2.11 4.70
O3 YOR I . 28.11 -2.64 3.80
C19 YOR I . 29.45 -2.89 5.72
S YOR I . 30.91 -3.42 7.73
C23 YOR I . 29.84 -7.07 6.24
C25 YOR I . 28.89 -5.31 4.92
C27 YOR I . 28.62 0.13 2.57
C13 YNZ J . 21.37 -8.43 19.47
C17 YNZ J . 19.46 -10.01 19.47
C16 YNZ J . 20.59 -9.42 17.32
C15 YNZ J . 19.21 -7.72 18.49
C11 YNZ J . 22.56 -7.91 21.29
C12 YNZ J . 23.53 -7.67 20.38
C1 YNZ J . 19.33 -6.46 30.37
C10 YNZ J . 25.21 -7.81 23.07
C14 YNZ J . 20.17 -8.89 18.70
C2 YNZ J . 20.79 -6.79 30.74
C3 YNZ J . 21.48 -6.87 29.35
C4 YNZ J . 19.13 -7.23 29.06
C5 YNZ J . 18.04 -6.55 28.26
C6 YNZ J . 20.66 -7.39 27.04
C7 YNZ J . 22.32 -7.47 25.24
C8 YNZ J . 22.69 -7.74 22.77
C9 YNZ J . 23.79 -7.71 23.56
N1 YNZ J . 20.43 -7.19 28.36
N2 YNZ J . 18.26 -5.34 27.72
N3 YNZ J . 21.93 -7.30 26.58
N4 YNZ J . 23.55 -7.55 24.85
N5 YNZ J . 21.42 -8.32 20.76
O1 YNZ J . 16.97 -7.10 28.11
O2 YNZ J . 19.73 -7.65 26.29
S1 YNZ J . 21.28 -7.59 23.82
S2 YNZ J . 22.88 -8.00 18.78
#